data_9CTL
#
_entry.id   9CTL
#
_cell.length_a   1.00
_cell.length_b   1.00
_cell.length_c   1.00
_cell.angle_alpha   90.00
_cell.angle_beta   90.00
_cell.angle_gamma   90.00
#
_symmetry.space_group_name_H-M   'P 1'
#
loop_
_entity.id
_entity.type
_entity.pdbx_description
1 polymer 'Polyketide synthase 2'
2 non-polymer 'MALONYL-COENZYME A'
3 non-polymer 'NADP NICOTINAMIDE-ADENINE-DINUCLEOTIDE PHOSPHATE'
#
_entity_poly.entity_id   1
_entity_poly.type   'polypeptide(L)'
_entity_poly.pdbx_seq_one_letter_code
;MAPQEQASSSQQDDAPPKTPNVVEPYKGEVAICGLSGRYPESANVGELEYNLFNKIDMVTIDNRRWEPGYLGTPERMGKV
KTITDFDAEFFGVHTKGAQTMDPMLRNLLEVVYEAIVDAGESLESMKGTRTGVYIGVSNNEVDTAYMKNWTDDDAYMVQG
CHHSMYPNWISFFFDFSGPSTAYNTACSTSLVCLDAAERHLRMGVIDNAIVGGSNFIYRPATTKLFMGMNFLGSSTCKAF
DESGDGFVRGEVASAILLKKADTAKRVYCTLVGSMLNNDGNQTNGILYPNSEAQEQLMTDIYSTHKIDANEVKYFECHGT
GTQAGDPNETRAICNAVCKGKKDPLLIGSIKSNLGHGETASGINGISKVIITMHSRQIPPNLHFKNPNPKIPGLFDGRLK
VVTETTPFDGGLIAINSFGMGGTNAHAIFRSFDKRAEPHPASDKPRLFTYCARTEEGLQKIFEEAHKHASNVEFHALCQE
SANTKPKSLPYRGATILNAEGEYTEIQKCPSKAREVWFVYSGMGSQWVGMGRSLMALDVFRQSIEETAAILSPFGVDLMS
LLMDGTEDKLKEIMPPFICINAIQLALTDLLNSMGIVPDGLVGHSLGEVGCAYADGCLTRREAILSAFWRAKAVIDCEVK
PGKMAAVELTWEEAKRLCPPGVVAACHNSQDSVTISGGAQEMTKFMAELSAQGVTVKEVNSNNISYHSSFMTEPAAYLKK
GLEKEIVPKPRSKKWISTSIPEERWGNPEAQTADASYQANNLLSSVLFYEGLQKIPSNAIAIEIAPAGLLQSVIKKSLGQ
DCTIVALQKRKSPNNLEVFFSALGKCYSHGVPMNPLGLYPAVQFPVSIDTPMLSSMVSEAWDHSAKWRVPLVEEFEYGSG
SSSDNVIDIDLSEDSPENYLLEHAVDGRMLFPATGTLVLAWKTLAKLKGVEFEQLGVQMTNVQIHQALFLNPGGKTTVSV
SVMPITGEFQVRDGESLISSGVITSSEGRLLETDQHMKKGSVLDGKPDKELLFTKEIYREFLLRGYEYGAAFQGIQRASL
DATDTDIRWDGRWISYLDTVLQMYLLSKPGTHQALPTLLESVTIDPRVHPAQPPEGTTEFQVLPGKWDPVLQIAAAGGVE
IRSCHSIRASRRLNHDPPILEDFAFAPYVDPRPSDRSAAAVTPALRDYADACFEFSRQGMKRWLENDKNNVLPNKEEIKE
ALAMANKHASTPQAASNFASAKATLEALVNNKNGHRLPNHGLFEMLDIAFSEPLEGDYWDRLRMKLHDVRTYLWDDPIIA
ALESPDIVKLVMETVSDNVNQQVMEILEVGAARGPYYRQAIPKALEYFSIKDWQYTVADQGFVEDAAEFPVKMMQFDPLD
PANFPAELTESCDLLVLKWNLQMQVDLDAAITEFSKMIKPGGFLLVLENGTRLSTFFPIKAIVSASLGGKGGPEGDRAMG
CFYTDAQWSALFARHGFEQIMHIPDGIAVSMFLLRKPFEPSVAPIIINVDDLECSWLEEVQARCAELQDSHKDSRLWLVA
NTELSGVLGFLRSLVWEFGSEKLRCIQIDDATAGPNPPKISADSADFKELVRKDLAYNVFKNGKWGTYRGFVISDADRQK
ERPSEYVYADWLSAGDMSSLRWFDSPLKTGHNNGMLGSKMAHKLETETCSVYYAGLNLRDIILANGTIQRDILPEETFFK
EGVLGVEFSGRNSSGKRVMGLCPPPALATTVKCPVSSLWSVPDQWTLEEAATVPLAYATAYYCLVSEGGVQKGATVFIHA
GASVVGQASIAVALSYNCEIFTLTKNSDETALLKSMYPQLNDRNFCSSEDCSFEKYIRKETKGSGVDVVINTLRGKFLKA
SRRLLSKKGKFVDIGFKVDSNTQIAYYTREHPDLRFQLDALLESQGPEWTRLFDLVQAGIHSGVVKPLKRAVYSMDKIVD
AFKTVEAEREAGKIVIKIRDEERQKVCPTPRTSFPAIHRTCFHPDKSHILVGGMGGMGLETAHWMVLRGAKKLILTSRYG
ITTGYQARKIAFFKQLGVEVEVLALSVNTRKAADKVFEHALKMGPVGGIFNMAMVLYNDDFLKMNREQFLKPLESKITMT
MLLDDKSREKPVRDTLDHFVMFSSLIVSGGHLGQANYAFGSTVLEKICERRKRDGLPVTTPQWASIADVGTVALMGTGNE
TIICRKYPQRFFNVLSVFDFMMSSDNVVTISYVLVEKSMGVAAGEESMVDQVLRAVGKVLGIKDVSSVDGDKEFIDMGVD
(4HH)LMSVEIKQALERDAGLVISTKDTQLMTFNTLRSMVKGSHVHHHHHH
;
_entity_poly.pdbx_strand_id   A,B
#
loop_
_chem_comp.id
_chem_comp.type
_chem_comp.name
_chem_comp.formula
MLC non-polymer 'MALONYL-COENZYME A' 'C24 H38 N7 O19 P3 S'
NAP non-polymer 'NADP NICOTINAMIDE-ADENINE-DINUCLEOTIDE PHOSPHATE' 'C21 H28 N7 O17 P3'
#
# COMPACT_ATOMS: atom_id res chain seq x y z
N PRO A 16 -0.58 -29.30 -51.75
CA PRO A 16 -0.50 -29.48 -50.29
C PRO A 16 0.90 -29.86 -49.80
N PRO A 17 1.60 -30.75 -50.50
CA PRO A 17 2.97 -31.08 -50.09
C PRO A 17 3.86 -29.84 -50.06
N LYS A 18 4.76 -29.80 -49.09
CA LYS A 18 5.66 -28.68 -48.88
C LYS A 18 7.06 -29.04 -49.34
N THR A 19 7.66 -28.18 -50.15
CA THR A 19 8.99 -28.44 -50.67
C THR A 19 10.03 -28.18 -49.59
N PRO A 20 10.87 -29.16 -49.24
CA PRO A 20 11.89 -28.92 -48.21
C PRO A 20 12.86 -27.83 -48.63
N ASN A 21 13.33 -27.07 -47.65
CA ASN A 21 14.36 -26.06 -47.89
C ASN A 21 15.72 -26.74 -48.02
N VAL A 22 16.59 -26.12 -48.82
CA VAL A 22 17.92 -26.67 -49.08
C VAL A 22 18.84 -26.11 -48.00
N VAL A 23 18.87 -26.79 -46.86
CA VAL A 23 19.74 -26.41 -45.75
C VAL A 23 21.12 -26.98 -46.04
N GLU A 24 22.00 -26.15 -46.60
CA GLU A 24 23.34 -26.55 -46.98
C GLU A 24 24.35 -25.60 -46.35
N PRO A 25 25.50 -26.11 -45.90
CA PRO A 25 26.50 -25.21 -45.30
C PRO A 25 26.92 -24.12 -46.29
N TYR A 26 27.14 -22.92 -45.76
CA TYR A 26 27.56 -21.76 -46.55
C TYR A 26 29.03 -21.51 -46.31
N LYS A 27 29.78 -21.28 -47.39
CA LYS A 27 31.22 -21.08 -47.32
C LYS A 27 31.66 -19.70 -47.82
N GLY A 28 30.72 -18.84 -48.23
CA GLY A 28 31.06 -17.52 -48.71
C GLY A 28 31.26 -16.54 -47.58
N GLU A 29 31.34 -15.27 -47.96
CA GLU A 29 31.60 -14.19 -47.01
C GLU A 29 30.29 -13.67 -46.42
N VAL A 30 30.40 -13.15 -45.20
CA VAL A 30 29.27 -12.53 -44.49
C VAL A 30 29.56 -11.05 -44.37
N ALA A 31 28.63 -10.22 -44.83
CA ALA A 31 28.81 -8.78 -44.91
C ALA A 31 27.80 -8.08 -44.02
N ILE A 32 28.28 -7.12 -43.23
CA ILE A 32 27.41 -6.24 -42.45
C ILE A 32 26.94 -5.12 -43.37
N CYS A 33 25.64 -5.01 -43.56
CA CYS A 33 25.08 -4.14 -44.58
C CYS A 33 24.45 -2.87 -44.01
N GLY A 34 23.67 -2.98 -42.94
CA GLY A 34 22.98 -1.84 -42.37
C GLY A 34 23.25 -1.71 -40.89
N LEU A 35 23.28 -0.46 -40.44
CA LEU A 35 23.49 -0.13 -39.03
C LEU A 35 22.58 1.03 -38.65
N SER A 36 22.04 0.95 -37.44
CA SER A 36 21.20 2.01 -36.90
C SER A 36 21.14 1.84 -35.39
N GLY A 37 20.73 2.91 -34.71
CA GLY A 37 20.62 2.86 -33.27
C GLY A 37 20.56 4.23 -32.65
N ARG A 38 20.00 4.27 -31.44
CA ARG A 38 19.99 5.46 -30.62
C ARG A 38 21.15 5.37 -29.62
N TYR A 39 21.89 6.45 -29.48
CA TYR A 39 23.03 6.52 -28.59
C TYR A 39 22.91 7.76 -27.71
N PRO A 40 23.56 7.78 -26.56
CA PRO A 40 23.42 8.93 -25.66
C PRO A 40 23.78 10.23 -26.37
N GLU A 41 22.89 11.22 -26.23
CA GLU A 41 23.07 12.52 -26.87
C GLU A 41 23.29 12.35 -28.37
N SER A 42 22.56 11.41 -28.97
CA SER A 42 22.67 11.17 -30.41
C SER A 42 21.38 10.50 -30.86
N ALA A 43 20.59 11.20 -31.66
CA ALA A 43 19.32 10.66 -32.15
C ALA A 43 19.51 9.64 -33.26
N ASN A 44 20.70 9.52 -33.83
CA ASN A 44 20.94 8.58 -34.92
C ASN A 44 22.44 8.34 -35.03
N VAL A 45 22.82 7.55 -36.02
CA VAL A 45 24.23 7.22 -36.21
C VAL A 45 25.02 8.45 -36.62
N GLY A 46 24.43 9.31 -37.43
CA GLY A 46 25.15 10.51 -37.87
C GLY A 46 25.54 11.40 -36.71
N GLU A 47 24.62 11.62 -35.78
CA GLU A 47 24.94 12.43 -34.60
C GLU A 47 26.03 11.77 -33.77
N LEU A 48 25.95 10.45 -33.61
CA LEU A 48 27.00 9.73 -32.87
C LEU A 48 28.35 9.92 -33.55
N GLU A 49 28.40 9.79 -34.87
CA GLU A 49 29.66 9.96 -35.60
C GLU A 49 30.20 11.38 -35.40
N TYR A 50 29.33 12.38 -35.51
CA TYR A 50 29.77 13.76 -35.34
C TYR A 50 30.33 13.98 -33.94
N ASN A 51 29.62 13.48 -32.92
CA ASN A 51 30.07 13.67 -31.54
C ASN A 51 31.40 12.97 -31.28
N LEU A 52 31.56 11.74 -31.80
CA LEU A 52 32.81 11.02 -31.59
C LEU A 52 33.98 11.75 -32.24
N PHE A 53 33.80 12.23 -33.46
CA PHE A 53 34.88 12.87 -34.21
C PHE A 53 35.15 14.30 -33.78
N ASN A 54 34.32 14.87 -32.91
CA ASN A 54 34.54 16.21 -32.36
C ASN A 54 34.86 16.18 -30.87
N LYS A 55 35.22 15.02 -30.34
CA LYS A 55 35.57 14.89 -28.92
C LYS A 55 34.46 15.43 -28.02
N ILE A 56 33.23 15.07 -28.34
CA ILE A 56 32.06 15.50 -27.58
C ILE A 56 31.69 14.38 -26.62
N ASP A 57 31.64 14.70 -25.33
CA ASP A 57 31.26 13.73 -24.31
C ASP A 57 29.75 13.57 -24.29
N MET A 58 29.30 12.33 -24.44
CA MET A 58 27.86 12.03 -24.51
C MET A 58 27.24 11.75 -23.15
N VAL A 59 28.04 11.73 -22.08
CA VAL A 59 27.52 11.49 -20.73
C VAL A 59 27.27 12.85 -20.10
N THR A 60 26.00 13.17 -19.86
CA THR A 60 25.58 14.46 -19.35
C THR A 60 24.89 14.29 -18.01
N ILE A 61 24.58 15.43 -17.39
CA ILE A 61 23.92 15.48 -16.09
C ILE A 61 22.63 16.28 -16.23
N ASP A 62 21.50 15.63 -15.98
CA ASP A 62 20.19 16.28 -16.01
C ASP A 62 19.20 15.34 -15.33
N ASN A 63 17.92 15.66 -15.42
CA ASN A 63 16.85 14.92 -14.77
C ASN A 63 15.99 14.16 -15.77
N ARG A 64 16.60 13.66 -16.86
CA ARG A 64 15.84 12.90 -17.85
C ARG A 64 15.26 11.63 -17.23
N ARG A 65 16.05 10.91 -16.44
CA ARG A 65 15.60 9.70 -15.77
C ARG A 65 15.30 9.95 -14.29
N TRP A 66 16.23 10.56 -13.56
CA TRP A 66 16.01 10.92 -12.17
C TRP A 66 16.94 12.06 -11.81
N GLU A 67 16.74 12.62 -10.63
CA GLU A 67 17.50 13.79 -10.22
C GLU A 67 18.99 13.44 -10.14
N PRO A 68 19.88 14.40 -10.43
CA PRO A 68 21.32 14.11 -10.38
C PRO A 68 21.80 13.85 -8.96
N GLY A 69 21.52 12.66 -8.44
CA GLY A 69 21.91 12.32 -7.09
C GLY A 69 20.83 11.55 -6.35
N TYR A 70 19.72 11.26 -7.03
CA TYR A 70 18.62 10.54 -6.41
C TYR A 70 19.13 9.19 -5.87
N LEU A 71 18.84 8.93 -4.60
CA LEU A 71 19.33 7.75 -3.90
C LEU A 71 20.86 7.68 -3.89
N GLY A 72 21.53 8.81 -4.05
CA GLY A 72 22.98 8.85 -4.02
C GLY A 72 23.66 8.31 -5.26
N THR A 73 22.92 8.06 -6.34
CA THR A 73 23.53 7.52 -7.55
C THR A 73 24.40 8.58 -8.21
N PRO A 74 25.38 8.16 -9.02
CA PRO A 74 26.24 9.15 -9.68
C PRO A 74 25.43 10.08 -10.56
N GLU A 75 25.82 11.35 -10.55
CA GLU A 75 25.06 12.36 -11.29
C GLU A 75 25.11 12.13 -12.79
N ARG A 76 26.28 11.77 -13.31
CA ARG A 76 26.46 11.67 -14.76
C ARG A 76 26.02 10.30 -15.27
N MET A 77 25.38 10.31 -16.44
CA MET A 77 24.91 9.07 -17.05
C MET A 77 24.80 9.27 -18.55
N GLY A 78 24.75 8.15 -19.27
CA GLY A 78 24.54 8.17 -20.71
C GLY A 78 23.11 7.85 -21.07
N LYS A 79 22.35 8.86 -21.48
CA LYS A 79 20.91 8.72 -21.73
C LYS A 79 20.59 9.14 -23.15
N VAL A 80 19.72 8.38 -23.80
CA VAL A 80 19.27 8.70 -25.16
C VAL A 80 18.41 9.95 -25.09
N LYS A 81 18.15 10.56 -26.25
CA LYS A 81 17.41 11.81 -26.28
C LYS A 81 16.01 11.64 -25.71
N THR A 82 15.27 10.63 -26.20
CA THR A 82 13.90 10.41 -25.76
C THR A 82 13.56 8.94 -25.90
N ILE A 83 12.64 8.47 -25.05
CA ILE A 83 12.16 7.10 -25.11
C ILE A 83 10.64 7.09 -25.05
N THR A 84 10.02 8.27 -25.20
CA THR A 84 8.58 8.41 -25.15
C THR A 84 7.95 8.49 -26.53
N ASP A 85 8.72 8.29 -27.60
CA ASP A 85 8.26 8.43 -28.96
C ASP A 85 8.22 7.08 -29.65
N PHE A 86 7.19 6.87 -30.47
CA PHE A 86 7.05 5.63 -31.23
C PHE A 86 5.96 5.80 -32.26
N ASP A 87 6.18 5.20 -33.44
CA ASP A 87 5.20 5.23 -34.53
C ASP A 87 4.40 3.92 -34.48
N ALA A 88 3.40 3.90 -33.59
CA ALA A 88 2.61 2.69 -33.38
C ALA A 88 1.87 2.29 -34.64
N GLU A 89 1.27 3.25 -35.33
CA GLU A 89 0.46 2.92 -36.51
C GLU A 89 1.29 2.26 -37.59
N PHE A 90 2.55 2.66 -37.75
CA PHE A 90 3.38 2.10 -38.82
C PHE A 90 3.58 0.60 -38.62
N PHE A 91 3.84 0.17 -37.39
CA PHE A 91 4.13 -1.23 -37.10
C PHE A 91 2.88 -2.07 -36.87
N GLY A 92 1.69 -1.49 -37.04
CA GLY A 92 0.47 -2.24 -36.83
C GLY A 92 0.25 -2.65 -35.40
N VAL A 93 0.56 -1.77 -34.45
CA VAL A 93 0.34 -2.02 -33.03
C VAL A 93 -0.65 -0.98 -32.52
N HIS A 94 -1.69 -1.46 -31.84
CA HIS A 94 -2.78 -0.62 -31.37
C HIS A 94 -2.32 0.20 -30.15
N THR A 95 -3.16 1.17 -29.78
CA THR A 95 -2.82 2.05 -28.66
C THR A 95 -2.66 1.26 -27.36
N LYS A 96 -3.56 0.32 -27.10
CA LYS A 96 -3.48 -0.47 -25.87
C LYS A 96 -2.19 -1.26 -25.81
N GLY A 97 -1.81 -1.90 -26.91
CA GLY A 97 -0.57 -2.66 -26.92
C GLY A 97 0.65 -1.77 -26.83
N ALA A 98 0.64 -0.65 -27.57
CA ALA A 98 1.79 0.26 -27.55
C ALA A 98 2.01 0.83 -26.16
N GLN A 99 0.93 1.21 -25.47
CA GLN A 99 1.08 1.75 -24.12
C GLN A 99 1.68 0.71 -23.19
N THR A 100 1.23 -0.53 -23.27
CA THR A 100 1.78 -1.62 -22.47
C THR A 100 2.91 -2.34 -23.20
N MET A 101 3.88 -1.57 -23.69
CA MET A 101 5.02 -2.11 -24.40
C MET A 101 6.29 -1.43 -23.90
N ASP A 102 7.36 -2.20 -23.80
CA ASP A 102 8.62 -1.66 -23.31
C ASP A 102 9.14 -0.59 -24.28
N PRO A 103 9.53 0.59 -23.79
CA PRO A 103 10.14 1.57 -24.69
C PRO A 103 11.35 1.03 -25.42
N MET A 104 12.12 0.14 -24.79
CA MET A 104 13.26 -0.47 -25.47
C MET A 104 12.82 -1.22 -26.72
N LEU A 105 11.73 -1.97 -26.63
CA LEU A 105 11.23 -2.70 -27.78
C LEU A 105 10.81 -1.74 -28.89
N ARG A 106 10.12 -0.65 -28.53
CA ARG A 106 9.67 0.30 -29.53
C ARG A 106 10.84 0.94 -30.26
N ASN A 107 11.83 1.42 -29.51
CA ASN A 107 13.01 2.03 -30.13
C ASN A 107 13.76 1.00 -30.97
N LEU A 108 13.86 -0.24 -30.48
CA LEU A 108 14.54 -1.28 -31.24
C LEU A 108 13.83 -1.55 -32.56
N LEU A 109 12.50 -1.61 -32.55
CA LEU A 109 11.76 -1.83 -33.79
C LEU A 109 12.03 -0.71 -34.79
N GLU A 110 11.99 0.54 -34.32
CA GLU A 110 12.30 1.67 -35.20
C GLU A 110 13.72 1.57 -35.73
N VAL A 111 14.67 1.24 -34.85
CA VAL A 111 16.07 1.16 -35.26
C VAL A 111 16.26 0.01 -36.25
N VAL A 112 15.58 -1.12 -36.03
CA VAL A 112 15.70 -2.24 -36.95
C VAL A 112 15.21 -1.85 -38.34
N TYR A 113 14.07 -1.15 -38.41
CA TYR A 113 13.58 -0.69 -39.69
C TYR A 113 14.56 0.29 -40.35
N GLU A 114 15.13 1.20 -39.56
CA GLU A 114 16.09 2.14 -40.10
C GLU A 114 17.32 1.42 -40.64
N ALA A 115 17.82 0.43 -39.91
CA ALA A 115 18.96 -0.35 -40.38
C ALA A 115 18.62 -1.11 -41.65
N ILE A 116 17.42 -1.68 -41.73
CA ILE A 116 17.02 -2.40 -42.93
C ILE A 116 17.00 -1.46 -44.13
N VAL A 117 16.45 -0.26 -43.95
CA VAL A 117 16.43 0.70 -45.04
C VAL A 117 17.85 1.14 -45.38
N ASP A 118 18.72 1.25 -44.37
CA ASP A 118 20.08 1.71 -44.62
C ASP A 118 20.84 0.76 -45.53
N ALA A 119 20.60 -0.54 -45.37
CA ALA A 119 21.30 -1.57 -46.16
C ALA A 119 20.79 -1.67 -47.59
N GLY A 120 19.98 -0.71 -48.05
CA GLY A 120 19.41 -0.78 -49.37
C GLY A 120 18.22 -1.70 -49.48
N GLU A 121 17.66 -2.14 -48.35
CA GLU A 121 16.55 -3.09 -48.33
C GLU A 121 15.25 -2.37 -47.99
N SER A 122 14.14 -3.08 -48.20
CA SER A 122 12.81 -2.50 -48.06
C SER A 122 11.87 -3.54 -47.47
N LEU A 123 10.68 -3.09 -47.08
CA LEU A 123 9.72 -3.98 -46.44
C LEU A 123 9.31 -5.12 -47.36
N GLU A 124 9.07 -4.82 -48.64
CA GLU A 124 8.66 -5.87 -49.57
C GLU A 124 9.78 -6.83 -49.87
N SER A 125 11.03 -6.34 -49.93
CA SER A 125 12.14 -7.20 -50.31
C SER A 125 12.49 -8.19 -49.21
N MET A 126 12.48 -7.75 -47.95
CA MET A 126 12.79 -8.63 -46.81
C MET A 126 11.61 -9.46 -46.34
N LYS A 127 10.41 -9.24 -46.89
CA LYS A 127 9.26 -10.01 -46.46
C LYS A 127 9.37 -11.44 -46.99
N GLY A 128 9.20 -12.42 -46.09
CA GLY A 128 9.26 -13.81 -46.47
C GLY A 128 10.64 -14.40 -46.58
N THR A 129 11.68 -13.62 -46.34
CA THR A 129 13.04 -14.12 -46.43
C THR A 129 13.40 -14.95 -45.20
N ARG A 130 14.41 -15.80 -45.36
CA ARG A 130 14.90 -16.66 -44.28
C ARG A 130 15.89 -15.86 -43.43
N THR A 131 15.34 -14.95 -42.64
CA THR A 131 16.11 -14.06 -41.79
C THR A 131 15.90 -14.42 -40.32
N GLY A 132 16.98 -14.47 -39.57
CA GLY A 132 16.93 -14.72 -38.14
C GLY A 132 17.15 -13.45 -37.34
N VAL A 133 16.50 -13.36 -36.19
CA VAL A 133 16.57 -12.20 -35.32
C VAL A 133 17.24 -12.63 -34.02
N TYR A 134 18.24 -11.88 -33.59
CA TYR A 134 19.10 -12.24 -32.46
C TYR A 134 19.23 -11.06 -31.50
N ILE A 135 18.10 -10.48 -31.11
CA ILE A 135 18.13 -9.38 -30.17
C ILE A 135 18.73 -9.83 -28.84
N GLY A 136 19.54 -8.97 -28.23
CA GLY A 136 20.07 -9.22 -26.91
C GLY A 136 19.59 -8.19 -25.92
N VAL A 137 18.74 -8.60 -24.99
CA VAL A 137 18.18 -7.71 -23.97
C VAL A 137 18.16 -8.44 -22.63
N SER A 138 18.49 -7.72 -21.57
CA SER A 138 18.52 -8.31 -20.23
C SER A 138 17.71 -7.46 -19.25
N ASN A 139 17.62 -6.16 -19.50
CA ASN A 139 16.91 -5.28 -18.58
C ASN A 139 15.42 -5.62 -18.58
N ASN A 140 14.86 -5.80 -17.39
CA ASN A 140 13.43 -6.07 -17.23
C ASN A 140 12.82 -5.20 -16.12
N GLU A 141 13.35 -3.99 -15.95
CA GLU A 141 12.82 -3.07 -14.95
C GLU A 141 11.47 -2.49 -15.33
N VAL A 142 11.08 -2.62 -16.60
CA VAL A 142 9.77 -2.10 -17.03
C VAL A 142 8.62 -2.93 -16.46
N ASP A 143 8.90 -4.12 -15.92
CA ASP A 143 7.84 -4.98 -15.41
C ASP A 143 7.38 -4.54 -14.03
N THR A 144 8.32 -4.25 -13.12
CA THR A 144 7.94 -3.92 -11.76
C THR A 144 7.12 -2.64 -11.71
N ALA A 145 7.51 -1.63 -12.49
CA ALA A 145 6.78 -0.37 -12.48
C ALA A 145 5.35 -0.56 -12.98
N TYR A 146 5.18 -1.31 -14.05
CA TYR A 146 3.85 -1.53 -14.60
C TYR A 146 3.02 -2.48 -13.75
N MET A 147 3.66 -3.30 -12.91
CA MET A 147 2.95 -4.25 -12.07
C MET A 147 2.65 -3.69 -10.68
N LYS A 148 3.29 -2.60 -10.29
CA LYS A 148 3.01 -2.02 -8.97
C LYS A 148 1.55 -1.61 -8.85
N ASN A 149 0.97 -1.11 -9.93
CA ASN A 149 -0.44 -0.69 -9.93
C ASN A 149 -1.18 -1.42 -11.04
N TRP A 150 -0.99 -2.75 -11.12
CA TRP A 150 -1.59 -3.53 -12.18
C TRP A 150 -3.10 -3.38 -12.17
N THR A 151 -3.67 -3.17 -13.36
CA THR A 151 -5.12 -3.11 -13.54
C THR A 151 -5.48 -3.88 -14.80
N ASP A 152 -6.77 -4.13 -14.98
CA ASP A 152 -7.23 -4.79 -16.19
C ASP A 152 -6.81 -3.98 -17.41
N ASP A 153 -6.68 -4.68 -18.55
CA ASP A 153 -6.19 -4.21 -19.84
C ASP A 153 -4.66 -4.17 -19.88
N ASP A 154 -3.98 -4.47 -18.78
CA ASP A 154 -2.53 -4.55 -18.75
C ASP A 154 -2.01 -5.93 -19.14
N ALA A 155 -2.92 -6.86 -19.46
CA ALA A 155 -2.51 -8.20 -19.84
C ALA A 155 -1.66 -8.20 -21.11
N TYR A 156 -1.77 -7.17 -21.93
CA TYR A 156 -1.05 -7.13 -23.20
C TYR A 156 0.45 -6.98 -23.02
N MET A 157 0.92 -6.75 -21.79
CA MET A 157 2.35 -6.75 -21.51
C MET A 157 3.02 -8.06 -21.90
N VAL A 158 2.30 -9.17 -21.80
CA VAL A 158 2.90 -10.46 -22.16
C VAL A 158 3.41 -10.43 -23.60
N GLN A 159 2.65 -9.82 -24.50
CA GLN A 159 3.04 -9.71 -25.91
C GLN A 159 3.81 -8.43 -26.21
N GLY A 160 3.99 -7.56 -25.22
CA GLY A 160 4.73 -6.32 -25.43
C GLY A 160 5.78 -6.05 -24.37
N CYS A 161 5.85 -6.92 -23.36
CA CYS A 161 6.78 -6.76 -22.25
C CYS A 161 7.76 -7.90 -22.09
N HIS A 162 7.40 -9.12 -22.49
CA HIS A 162 8.28 -10.26 -22.32
C HIS A 162 9.52 -10.11 -23.21
N HIS A 163 10.67 -10.46 -22.66
CA HIS A 163 11.92 -10.34 -23.41
C HIS A 163 11.90 -11.19 -24.67
N SER A 164 11.18 -12.31 -24.65
CA SER A 164 11.11 -13.17 -25.82
C SER A 164 10.36 -12.52 -26.98
N MET A 165 9.62 -11.43 -26.74
CA MET A 165 8.87 -10.77 -27.80
C MET A 165 9.68 -9.72 -28.55
N TYR A 166 10.91 -9.42 -28.10
CA TYR A 166 11.73 -8.46 -28.85
C TYR A 166 12.04 -8.99 -30.24
N PRO A 167 12.76 -10.09 -30.40
CA PRO A 167 12.98 -10.61 -31.77
C PRO A 167 11.71 -11.11 -32.43
N ASN A 168 10.78 -11.68 -31.65
CA ASN A 168 9.56 -12.24 -32.24
C ASN A 168 8.75 -11.17 -32.96
N TRP A 169 8.60 -10.00 -32.33
CA TRP A 169 7.88 -8.91 -32.97
C TRP A 169 8.56 -8.50 -34.27
N ILE A 170 9.89 -8.44 -34.26
CA ILE A 170 10.63 -8.14 -35.49
C ILE A 170 10.33 -9.20 -36.55
N SER A 171 10.32 -10.47 -36.15
CA SER A 171 9.95 -11.52 -37.08
C SER A 171 8.51 -11.36 -37.53
N PHE A 172 7.61 -11.00 -36.62
CA PHE A 172 6.19 -10.89 -36.96
C PHE A 172 5.94 -9.73 -37.91
N PHE A 173 6.49 -8.55 -37.58
CA PHE A 173 6.23 -7.36 -38.40
C PHE A 173 6.85 -7.50 -39.78
N PHE A 174 8.13 -7.86 -39.84
CA PHE A 174 8.82 -7.98 -41.12
C PHE A 174 8.58 -9.32 -41.80
N ASP A 175 7.86 -10.24 -41.15
CA ASP A 175 7.49 -11.52 -41.75
C ASP A 175 8.69 -12.43 -41.96
N PHE A 176 9.68 -12.35 -41.07
CA PHE A 176 10.82 -13.25 -41.15
C PHE A 176 10.40 -14.67 -40.73
N SER A 177 11.11 -15.65 -41.27
CA SER A 177 10.82 -17.06 -41.02
C SER A 177 12.10 -17.80 -40.65
N GLY A 178 12.88 -17.21 -39.75
CA GLY A 178 14.11 -17.80 -39.28
C GLY A 178 14.19 -17.79 -37.77
N PRO A 179 15.19 -18.48 -37.21
CA PRO A 179 15.35 -18.52 -35.76
C PRO A 179 15.36 -17.14 -35.12
N SER A 180 14.35 -16.84 -34.32
CA SER A 180 14.25 -15.57 -33.59
C SER A 180 14.40 -15.87 -32.11
N THR A 181 15.53 -15.47 -31.53
CA THR A 181 15.87 -15.80 -30.15
C THR A 181 16.38 -14.56 -29.44
N ALA A 182 16.17 -14.54 -28.12
CA ALA A 182 16.65 -13.47 -27.25
C ALA A 182 17.79 -14.00 -26.39
N TYR A 183 18.86 -13.22 -26.29
CA TYR A 183 20.06 -13.62 -25.57
C TYR A 183 20.31 -12.69 -24.40
N ASN A 184 20.95 -13.23 -23.36
CA ASN A 184 21.33 -12.46 -22.17
C ASN A 184 22.67 -13.01 -21.69
N THR A 185 23.75 -12.39 -22.13
CA THR A 185 25.11 -12.77 -21.74
C THR A 185 25.82 -11.61 -21.04
N ALA A 186 25.05 -10.79 -20.31
CA ALA A 186 25.62 -9.68 -19.56
C ALA A 186 26.17 -8.62 -20.51
N CYS A 187 27.36 -8.07 -20.19
CA CYS A 187 27.91 -6.98 -20.98
C CYS A 187 28.38 -7.42 -22.36
N SER A 188 28.45 -8.73 -22.64
CA SER A 188 28.95 -9.24 -23.90
C SER A 188 27.86 -10.02 -24.65
N THR A 189 26.60 -9.61 -24.50
CA THR A 189 25.51 -10.29 -25.18
C THR A 189 25.48 -9.95 -26.67
N SER A 190 25.80 -8.70 -27.02
CA SER A 190 25.68 -8.26 -28.40
C SER A 190 26.59 -9.07 -29.32
N LEU A 191 27.78 -9.46 -28.84
CA LEU A 191 28.67 -10.27 -29.66
C LEU A 191 28.27 -11.73 -29.67
N VAL A 192 27.65 -12.23 -28.58
CA VAL A 192 27.14 -13.59 -28.60
C VAL A 192 26.02 -13.72 -29.63
N CYS A 193 25.19 -12.69 -29.76
CA CYS A 193 24.19 -12.68 -30.82
C CYS A 193 24.85 -12.72 -32.19
N LEU A 194 25.95 -11.97 -32.36
CA LEU A 194 26.68 -12.03 -33.62
C LEU A 194 27.23 -13.43 -33.87
N ASP A 195 27.77 -14.08 -32.82
CA ASP A 195 28.26 -15.43 -32.97
C ASP A 195 27.14 -16.39 -33.39
N ALA A 196 25.97 -16.25 -32.76
CA ALA A 196 24.84 -17.11 -33.12
C ALA A 196 24.43 -16.87 -34.57
N ALA A 197 24.39 -15.60 -34.99
CA ALA A 197 24.05 -15.30 -36.38
C ALA A 197 25.08 -15.90 -37.34
N GLU A 198 26.37 -15.78 -37.01
CA GLU A 198 27.39 -16.41 -37.84
C GLU A 198 27.20 -17.93 -37.86
N ARG A 199 26.90 -18.52 -36.71
CA ARG A 199 26.68 -19.96 -36.67
C ARG A 199 25.51 -20.36 -37.57
N HIS A 200 24.40 -19.63 -37.48
CA HIS A 200 23.23 -20.01 -38.26
C HIS A 200 23.38 -19.69 -39.74
N LEU A 201 24.19 -18.69 -40.09
CA LEU A 201 24.36 -18.33 -41.50
C LEU A 201 25.24 -19.32 -42.24
N ARG A 202 26.25 -19.88 -41.55
CA ARG A 202 27.23 -20.74 -42.20
C ARG A 202 26.75 -22.18 -42.40
N MET A 203 25.54 -22.50 -41.95
CA MET A 203 24.96 -23.83 -42.11
C MET A 203 23.81 -23.87 -43.10
N GLY A 204 23.11 -22.75 -43.30
CA GLY A 204 22.13 -22.64 -44.36
C GLY A 204 20.69 -22.39 -43.92
N VAL A 205 20.42 -22.23 -42.63
CA VAL A 205 19.04 -21.99 -42.20
C VAL A 205 18.57 -20.61 -42.62
N ILE A 206 19.44 -19.60 -42.51
CA ILE A 206 19.07 -18.23 -42.81
C ILE A 206 20.04 -17.66 -43.84
N ASP A 207 19.61 -16.57 -44.48
CA ASP A 207 20.45 -15.79 -45.37
C ASP A 207 20.78 -14.41 -44.84
N ASN A 208 20.03 -13.91 -43.86
CA ASN A 208 20.26 -12.61 -43.26
C ASN A 208 20.13 -12.74 -41.75
N ALA A 209 20.57 -11.69 -41.04
CA ALA A 209 20.47 -11.66 -39.59
C ALA A 209 20.21 -10.22 -39.15
N ILE A 210 19.50 -10.07 -38.04
CA ILE A 210 19.10 -8.76 -37.52
C ILE A 210 19.71 -8.58 -36.14
N VAL A 211 20.93 -9.10 -35.95
CA VAL A 211 21.63 -8.96 -34.68
C VAL A 211 21.56 -7.52 -34.21
N GLY A 212 21.25 -7.34 -32.95
CA GLY A 212 21.16 -6.01 -32.37
C GLY A 212 21.25 -6.07 -30.86
N GLY A 213 20.63 -5.08 -30.21
CA GLY A 213 20.64 -5.01 -28.76
C GLY A 213 20.18 -3.67 -28.24
N SER A 214 19.41 -3.68 -27.16
CA SER A 214 18.89 -2.47 -26.54
C SER A 214 19.07 -2.53 -25.04
N ASN A 215 19.27 -1.35 -24.44
CA ASN A 215 19.44 -1.27 -22.98
C ASN A 215 19.10 0.15 -22.54
N PHE A 216 18.02 0.28 -21.77
CA PHE A 216 17.63 1.56 -21.19
C PHE A 216 17.57 1.42 -19.67
N ILE A 217 17.89 2.50 -18.98
CA ILE A 217 17.92 2.53 -17.52
C ILE A 217 16.65 3.20 -17.03
N TYR A 218 15.88 2.47 -16.20
CA TYR A 218 14.65 2.99 -15.62
C TYR A 218 14.71 3.07 -14.11
N ARG A 219 15.06 1.98 -13.43
CA ARG A 219 15.06 1.94 -11.98
C ARG A 219 16.26 2.71 -11.43
N PRO A 220 16.06 3.64 -10.49
CA PRO A 220 17.21 4.30 -9.85
C PRO A 220 17.92 3.44 -8.82
N ALA A 221 17.34 2.29 -8.45
CA ALA A 221 17.95 1.41 -7.46
C ALA A 221 18.98 0.46 -8.06
N THR A 222 18.87 0.14 -9.35
CA THR A 222 19.85 -0.73 -9.98
C THR A 222 21.24 -0.09 -9.95
N THR A 223 21.31 1.22 -10.17
CA THR A 223 22.58 1.92 -10.05
C THR A 223 23.14 1.77 -8.65
N LYS A 224 22.28 1.81 -7.63
CA LYS A 224 22.74 1.56 -6.27
C LYS A 224 23.29 0.15 -6.13
N LEU A 225 22.63 -0.83 -6.77
CA LEU A 225 23.16 -2.18 -6.76
C LEU A 225 24.56 -2.24 -7.35
N PHE A 226 24.76 -1.59 -8.49
CA PHE A 226 26.07 -1.60 -9.13
C PHE A 226 27.10 -0.85 -8.30
N MET A 227 26.70 0.21 -7.59
CA MET A 227 27.64 0.91 -6.72
C MET A 227 28.10 0.01 -5.57
N GLY A 228 27.18 -0.75 -4.97
CA GLY A 228 27.54 -1.58 -3.84
C GLY A 228 28.62 -2.60 -4.16
N MET A 229 28.79 -2.93 -5.45
CA MET A 229 29.85 -3.83 -5.89
C MET A 229 31.10 -3.11 -6.35
N ASN A 230 31.14 -1.79 -6.26
CA ASN A 230 32.25 -0.99 -6.74
C ASN A 230 32.38 -1.03 -8.27
N PHE A 231 31.33 -1.44 -8.97
CA PHE A 231 31.38 -1.47 -10.43
C PHE A 231 31.57 -0.07 -11.00
N LEU A 232 30.82 0.90 -10.50
CA LEU A 232 30.80 2.23 -11.06
C LEU A 232 31.87 3.11 -10.42
N GLY A 233 32.38 4.07 -11.20
CA GLY A 233 33.36 5.02 -10.74
C GLY A 233 32.75 6.37 -10.44
N SER A 234 33.63 7.35 -10.21
CA SER A 234 33.19 8.70 -9.88
C SER A 234 32.91 9.51 -11.14
N SER A 235 33.90 9.63 -12.02
CA SER A 235 33.80 10.42 -13.23
C SER A 235 33.52 9.51 -14.43
N THR A 236 33.57 10.09 -15.62
CA THR A 236 33.35 9.31 -16.83
C THR A 236 34.43 8.26 -16.99
N CYS A 237 34.09 7.19 -17.71
CA CYS A 237 35.02 6.08 -17.92
C CYS A 237 36.37 6.59 -18.39
N LYS A 238 37.40 6.37 -17.56
CA LYS A 238 38.76 6.77 -17.88
C LYS A 238 39.52 5.57 -18.46
N ALA A 239 39.13 5.20 -19.68
CA ALA A 239 39.71 4.03 -20.33
C ALA A 239 41.22 4.21 -20.47
N PHE A 240 41.97 3.19 -20.06
CA PHE A 240 43.42 3.17 -20.15
C PHE A 240 44.07 4.29 -19.35
N ASP A 241 43.34 4.87 -18.39
CA ASP A 241 43.85 5.95 -17.55
C ASP A 241 44.21 5.41 -16.18
N GLU A 242 45.32 5.91 -15.62
CA GLU A 242 45.76 5.44 -14.31
C GLU A 242 44.75 5.74 -13.22
N SER A 243 43.92 6.75 -13.40
CA SER A 243 42.95 7.16 -12.39
C SER A 243 41.59 6.47 -12.56
N GLY A 244 41.46 5.58 -13.55
CA GLY A 244 40.21 4.87 -13.75
C GLY A 244 39.78 4.10 -12.52
N ASP A 245 38.50 4.23 -12.14
CA ASP A 245 37.99 3.55 -10.96
C ASP A 245 36.60 2.94 -11.19
N GLY A 246 36.14 2.85 -12.43
CA GLY A 246 34.83 2.29 -12.71
C GLY A 246 34.30 2.83 -14.01
N PHE A 247 33.03 2.54 -14.26
CA PHE A 247 32.35 2.93 -15.49
C PHE A 247 31.06 3.67 -15.15
N VAL A 248 30.47 4.27 -16.18
CA VAL A 248 29.21 5.00 -16.08
C VAL A 248 28.20 4.33 -17.01
N ARG A 249 27.01 4.07 -16.49
CA ARG A 249 25.99 3.37 -17.25
C ARG A 249 25.53 4.20 -18.44
N GLY A 250 25.11 3.50 -19.51
CA GLY A 250 24.66 4.16 -20.72
C GLY A 250 23.43 3.48 -21.27
N GLU A 251 22.87 4.09 -22.33
CA GLU A 251 21.68 3.60 -22.98
C GLU A 251 21.91 3.45 -24.47
N VAL A 252 21.38 2.37 -25.05
CA VAL A 252 21.54 2.08 -26.47
C VAL A 252 20.32 1.34 -26.97
N ALA A 253 20.01 1.55 -28.25
CA ALA A 253 18.92 0.86 -28.94
C ALA A 253 19.37 0.44 -30.33
N SER A 254 20.58 -0.11 -30.44
CA SER A 254 21.22 -0.32 -31.73
C SER A 254 20.84 -1.65 -32.35
N ALA A 255 21.05 -1.75 -33.66
CA ALA A 255 20.80 -2.97 -34.41
C ALA A 255 21.61 -2.92 -35.71
N ILE A 256 21.94 -4.11 -36.22
CA ILE A 256 22.66 -4.24 -37.48
C ILE A 256 22.01 -5.34 -38.31
N LEU A 257 22.27 -5.29 -39.61
CA LEU A 257 21.77 -6.28 -40.56
C LEU A 257 22.94 -6.94 -41.26
N LEU A 258 22.99 -8.27 -41.20
CA LEU A 258 24.02 -9.06 -41.84
C LEU A 258 23.42 -9.82 -43.02
N LYS A 259 24.16 -9.85 -44.13
CA LYS A 259 23.73 -10.57 -45.32
C LYS A 259 24.95 -11.20 -45.98
N LYS A 260 24.68 -12.23 -46.79
CA LYS A 260 25.74 -12.83 -47.60
C LYS A 260 26.32 -11.80 -48.55
N ALA A 261 27.65 -11.77 -48.64
CA ALA A 261 28.31 -10.73 -49.42
C ALA A 261 27.87 -10.73 -50.88
N ASP A 262 27.50 -11.89 -51.41
CA ASP A 262 27.13 -11.99 -52.81
C ASP A 262 25.79 -11.34 -53.11
N THR A 263 24.89 -11.26 -52.12
CA THR A 263 23.55 -10.71 -52.30
C THR A 263 23.35 -9.39 -51.59
N ALA A 264 24.43 -8.71 -51.17
CA ALA A 264 24.32 -7.48 -50.42
C ALA A 264 24.43 -6.28 -51.36
N LYS A 265 23.50 -5.34 -51.22
CA LYS A 265 23.52 -4.10 -51.99
C LYS A 265 24.39 -3.02 -51.36
N ARG A 266 24.82 -3.22 -50.11
CA ARG A 266 25.73 -2.30 -49.44
C ARG A 266 26.52 -3.11 -48.42
N VAL A 267 27.84 -2.95 -48.42
CA VAL A 267 28.73 -3.72 -47.56
C VAL A 267 29.61 -2.72 -46.80
N TYR A 268 29.28 -2.48 -45.53
CA TYR A 268 30.19 -1.73 -44.68
C TYR A 268 31.49 -2.48 -44.47
N CYS A 269 31.41 -3.79 -44.32
CA CYS A 269 32.59 -4.61 -44.03
C CYS A 269 32.20 -6.08 -44.15
N THR A 270 33.15 -6.95 -43.83
CA THR A 270 32.95 -8.39 -43.86
C THR A 270 33.29 -8.98 -42.50
N LEU A 271 32.46 -9.94 -42.07
CA LEU A 271 32.67 -10.60 -40.78
C LEU A 271 33.62 -11.77 -40.99
N VAL A 272 34.89 -11.57 -40.66
CA VAL A 272 35.87 -12.64 -40.79
C VAL A 272 35.52 -13.80 -39.88
N GLY A 273 35.14 -13.51 -38.64
CA GLY A 273 34.76 -14.54 -37.71
C GLY A 273 34.63 -14.05 -36.28
N SER A 274 33.75 -14.69 -35.51
CA SER A 274 33.55 -14.36 -34.11
C SER A 274 33.54 -15.65 -33.29
N MET A 275 34.02 -15.56 -32.06
CA MET A 275 34.12 -16.73 -31.21
C MET A 275 33.87 -16.31 -29.76
N LEU A 276 33.48 -17.29 -28.95
CA LEU A 276 33.14 -17.07 -27.55
C LEU A 276 33.82 -18.12 -26.69
N ASN A 277 34.06 -17.79 -25.43
CA ASN A 277 34.67 -18.71 -24.48
C ASN A 277 34.33 -18.23 -23.07
N ASN A 278 34.70 -19.06 -22.09
CA ASN A 278 34.44 -18.77 -20.69
C ASN A 278 35.74 -18.86 -19.90
N ASP A 279 35.73 -18.25 -18.71
CA ASP A 279 36.92 -18.19 -17.87
C ASP A 279 37.09 -19.44 -17.01
N GLY A 280 36.02 -19.93 -16.41
CA GLY A 280 36.08 -21.10 -15.55
C GLY A 280 36.16 -20.73 -14.09
N ASN A 281 36.73 -21.66 -13.32
CA ASN A 281 36.86 -21.50 -11.87
C ASN A 281 38.14 -20.71 -11.58
N GLN A 282 38.02 -19.40 -11.54
CA GLN A 282 39.13 -18.54 -11.18
C GLN A 282 39.10 -18.25 -9.68
N THR A 283 40.27 -18.12 -9.09
CA THR A 283 40.39 -17.92 -7.65
C THR A 283 40.10 -16.49 -7.23
N ASN A 284 40.03 -15.55 -8.16
CA ASN A 284 39.83 -14.14 -7.86
C ASN A 284 38.36 -13.75 -7.84
N GLY A 285 37.45 -14.71 -7.87
CA GLY A 285 36.03 -14.44 -7.83
C GLY A 285 35.38 -14.55 -9.21
N ILE A 286 34.07 -14.76 -9.19
CA ILE A 286 33.33 -14.88 -10.44
C ILE A 286 33.35 -13.56 -11.21
N LEU A 287 33.31 -12.43 -10.49
CA LEU A 287 33.34 -11.11 -11.10
C LEU A 287 34.77 -10.62 -11.28
N TYR A 288 35.62 -11.43 -11.92
CA TYR A 288 37.01 -11.05 -12.15
C TYR A 288 37.40 -11.47 -13.56
N PRO A 289 37.93 -10.56 -14.37
CA PRO A 289 38.36 -10.94 -15.72
C PRO A 289 39.50 -11.94 -15.67
N ASN A 290 39.50 -12.85 -16.63
CA ASN A 290 40.54 -13.88 -16.76
C ASN A 290 41.38 -13.54 -17.99
N SER A 291 42.59 -13.03 -17.75
CA SER A 291 43.47 -12.68 -18.86
C SER A 291 43.80 -13.89 -19.72
N GLU A 292 44.04 -15.03 -19.07
CA GLU A 292 44.36 -16.24 -19.82
C GLU A 292 43.21 -16.65 -20.74
N ALA A 293 41.98 -16.58 -20.23
CA ALA A 293 40.83 -16.97 -21.04
C ALA A 293 40.69 -16.06 -22.25
N GLN A 294 40.83 -14.76 -22.06
CA GLN A 294 40.74 -13.83 -23.19
C GLN A 294 41.88 -14.06 -24.18
N GLU A 295 43.09 -14.27 -23.66
CA GLU A 295 44.23 -14.53 -24.55
C GLU A 295 44.02 -15.81 -25.35
N GLN A 296 43.52 -16.87 -24.69
CA GLN A 296 43.26 -18.11 -25.41
C GLN A 296 42.17 -17.90 -26.46
N LEU A 297 41.13 -17.15 -26.12
CA LEU A 297 40.08 -16.88 -27.10
C LEU A 297 40.63 -16.14 -28.30
N MET A 298 41.47 -15.13 -28.07
CA MET A 298 42.08 -14.41 -29.18
C MET A 298 42.96 -15.34 -30.01
N THR A 299 43.78 -16.14 -29.36
CA THR A 299 44.66 -17.06 -30.09
C THR A 299 43.84 -18.03 -30.93
N ASP A 300 42.76 -18.56 -30.36
CA ASP A 300 41.94 -19.53 -31.09
C ASP A 300 41.29 -18.89 -32.31
N ILE A 301 40.73 -17.69 -32.15
CA ILE A 301 40.00 -17.06 -33.26
C ILE A 301 40.96 -16.66 -34.36
N TYR A 302 42.14 -16.15 -34.01
CA TYR A 302 43.12 -15.77 -35.03
C TYR A 302 43.80 -16.97 -35.67
N SER A 303 43.77 -18.13 -35.02
CA SER A 303 44.39 -19.33 -35.58
C SER A 303 43.40 -20.15 -36.41
N THR A 304 42.13 -20.20 -35.99
CA THR A 304 41.15 -20.96 -36.74
C THR A 304 40.95 -20.39 -38.14
N HIS A 305 40.92 -19.07 -38.26
CA HIS A 305 40.75 -18.40 -39.55
C HIS A 305 42.07 -18.10 -40.24
N LYS A 306 43.20 -18.51 -39.64
CA LYS A 306 44.52 -18.27 -40.23
C LYS A 306 44.79 -16.78 -40.45
N ILE A 307 44.18 -15.94 -39.61
CA ILE A 307 44.35 -14.50 -39.73
C ILE A 307 45.66 -14.11 -39.06
N ASP A 308 46.52 -13.40 -39.80
CA ASP A 308 47.77 -12.90 -39.23
C ASP A 308 47.44 -11.80 -38.24
N ALA A 309 47.66 -12.09 -36.96
CA ALA A 309 47.31 -11.13 -35.91
C ALA A 309 48.06 -9.80 -36.06
N ASN A 310 49.22 -9.81 -36.73
CA ASN A 310 49.97 -8.59 -36.96
C ASN A 310 49.30 -7.67 -37.96
N GLU A 311 48.27 -8.15 -38.67
CA GLU A 311 47.59 -7.34 -39.68
C GLU A 311 46.54 -6.41 -39.08
N VAL A 312 46.19 -6.58 -37.80
CA VAL A 312 45.15 -5.75 -37.19
C VAL A 312 45.65 -4.31 -37.14
N LYS A 313 44.83 -3.39 -37.64
CA LYS A 313 45.16 -1.97 -37.64
C LYS A 313 44.61 -1.26 -36.41
N TYR A 314 43.33 -1.48 -36.10
CA TYR A 314 42.69 -0.87 -34.94
C TYR A 314 42.08 -1.97 -34.09
N PHE A 315 42.05 -1.72 -32.78
CA PHE A 315 41.55 -2.68 -31.80
C PHE A 315 40.52 -1.99 -30.92
N GLU A 316 39.25 -2.35 -31.10
CA GLU A 316 38.16 -1.81 -30.28
C GLU A 316 38.14 -2.61 -28.99
N CYS A 317 38.82 -2.11 -27.97
CA CYS A 317 38.93 -2.80 -26.69
C CYS A 317 37.68 -2.58 -25.85
N HIS A 318 37.46 -3.51 -24.91
CA HIS A 318 36.37 -3.40 -23.95
C HIS A 318 36.86 -2.58 -22.75
N GLY A 319 37.02 -1.28 -22.99
CA GLY A 319 37.59 -0.38 -22.00
C GLY A 319 36.60 0.07 -20.95
N THR A 320 36.29 -0.82 -20.00
CA THR A 320 35.37 -0.46 -18.93
C THR A 320 35.94 0.65 -18.06
N GLY A 321 37.25 0.75 -17.97
CA GLY A 321 37.90 1.76 -17.17
C GLY A 321 38.23 1.36 -15.74
N THR A 322 37.97 0.10 -15.37
CA THR A 322 38.28 -0.36 -14.03
C THR A 322 39.76 -0.66 -13.89
N GLN A 323 40.22 -0.73 -12.64
CA GLN A 323 41.61 -1.05 -12.35
C GLN A 323 41.94 -2.53 -12.53
N ALA A 324 40.93 -3.40 -12.60
CA ALA A 324 41.15 -4.82 -12.77
C ALA A 324 40.79 -5.33 -14.16
N GLY A 325 40.10 -4.54 -14.97
CA GLY A 325 39.71 -4.97 -16.30
C GLY A 325 40.67 -4.54 -17.38
N ASP A 326 41.03 -3.25 -17.38
CA ASP A 326 41.93 -2.74 -18.43
C ASP A 326 43.29 -3.43 -18.41
N PRO A 327 43.96 -3.59 -17.27
CA PRO A 327 45.28 -4.24 -17.31
C PRO A 327 45.24 -5.65 -17.89
N ASN A 328 44.24 -6.45 -17.51
CA ASN A 328 44.16 -7.82 -18.01
C ASN A 328 43.85 -7.85 -19.49
N GLU A 329 42.92 -7.01 -19.94
CA GLU A 329 42.58 -6.97 -21.36
C GLU A 329 43.79 -6.54 -22.19
N THR A 330 44.51 -5.51 -21.72
CA THR A 330 45.69 -5.05 -22.44
C THR A 330 46.77 -6.13 -22.47
N ARG A 331 46.96 -6.84 -21.36
CA ARG A 331 47.95 -7.91 -21.33
C ARG A 331 47.59 -9.01 -22.32
N ALA A 332 46.31 -9.40 -22.36
CA ALA A 332 45.89 -10.42 -23.32
C ALA A 332 46.08 -9.96 -24.75
N ILE A 333 45.74 -8.69 -25.03
CA ILE A 333 45.92 -8.17 -26.38
C ILE A 333 47.39 -8.15 -26.75
N CYS A 334 48.25 -7.73 -25.82
CA CYS A 334 49.68 -7.69 -26.10
C CYS A 334 50.23 -9.09 -26.36
N ASN A 335 49.77 -10.08 -25.60
CA ASN A 335 50.30 -11.44 -25.74
C ASN A 335 49.78 -12.12 -27.00
N ALA A 336 48.58 -11.77 -27.45
CA ALA A 336 47.92 -12.48 -28.54
C ALA A 336 48.06 -11.78 -29.89
N VAL A 337 47.96 -10.45 -29.93
CA VAL A 337 47.91 -9.73 -31.19
C VAL A 337 49.14 -8.86 -31.43
N CYS A 338 49.86 -8.45 -30.39
CA CYS A 338 51.03 -7.61 -30.55
C CYS A 338 52.32 -8.42 -30.69
N LYS A 339 52.23 -9.75 -30.71
CA LYS A 339 53.42 -10.58 -30.86
C LYS A 339 53.84 -10.59 -32.32
N GLY A 340 54.95 -9.93 -32.62
CA GLY A 340 55.46 -9.80 -33.97
C GLY A 340 55.17 -8.47 -34.63
N LYS A 341 54.25 -7.68 -34.09
CA LYS A 341 53.98 -6.36 -34.65
C LYS A 341 55.22 -5.48 -34.56
N LYS A 342 55.56 -4.82 -35.66
CA LYS A 342 56.71 -3.92 -35.71
C LYS A 342 56.33 -2.47 -35.46
N ASP A 343 55.06 -2.17 -35.28
CA ASP A 343 54.58 -0.82 -35.03
C ASP A 343 53.56 -0.86 -33.90
N PRO A 344 53.36 0.25 -33.21
CA PRO A 344 52.36 0.27 -32.13
C PRO A 344 50.97 -0.07 -32.67
N LEU A 345 50.22 -0.82 -31.86
CA LEU A 345 48.86 -1.23 -32.21
C LEU A 345 47.88 -0.24 -31.61
N LEU A 346 47.08 0.39 -32.46
CA LEU A 346 46.16 1.44 -32.02
C LEU A 346 44.96 0.80 -31.33
N ILE A 347 44.85 1.02 -30.02
CA ILE A 347 43.73 0.51 -29.24
C ILE A 347 42.77 1.67 -28.98
N GLY A 348 41.53 1.32 -28.64
CA GLY A 348 40.54 2.33 -28.31
C GLY A 348 39.26 1.68 -27.85
N SER A 349 38.36 2.52 -27.34
CA SER A 349 37.07 2.06 -26.85
C SER A 349 36.06 3.18 -26.99
N ILE A 350 34.79 2.80 -27.02
CA ILE A 350 33.69 3.77 -27.10
C ILE A 350 33.05 4.04 -25.75
N LYS A 351 33.55 3.41 -24.68
CA LYS A 351 32.99 3.61 -23.36
C LYS A 351 33.41 4.94 -22.74
N SER A 352 34.57 5.48 -23.13
CA SER A 352 34.98 6.79 -22.67
C SER A 352 34.20 7.92 -23.34
N ASN A 353 33.50 7.64 -24.43
CA ASN A 353 32.72 8.65 -25.13
C ASN A 353 31.27 8.70 -24.67
N LEU A 354 30.64 7.53 -24.48
CA LEU A 354 29.24 7.47 -24.11
C LEU A 354 28.99 6.64 -22.85
N GLY A 355 30.05 6.10 -22.23
CA GLY A 355 29.89 5.28 -21.06
C GLY A 355 29.67 3.81 -21.38
N HIS A 356 29.26 3.07 -20.36
CA HIS A 356 29.08 1.63 -20.44
C HIS A 356 27.62 1.33 -20.72
N GLY A 357 27.35 0.68 -21.84
CA GLY A 357 25.99 0.33 -22.24
C GLY A 357 25.44 -0.94 -21.63
N GLU A 358 26.22 -1.60 -20.77
CA GLU A 358 25.80 -2.84 -20.12
C GLU A 358 25.50 -3.88 -21.19
N THR A 359 24.23 -4.28 -21.37
CA THR A 359 23.92 -5.33 -22.33
C THR A 359 24.03 -4.87 -23.78
N ALA A 360 24.44 -3.62 -24.03
CA ALA A 360 24.60 -3.09 -25.38
C ALA A 360 26.00 -2.55 -25.60
N SER A 361 27.00 -3.11 -24.91
CA SER A 361 28.37 -2.69 -25.13
C SER A 361 28.92 -3.24 -26.44
N GLY A 362 28.63 -4.50 -26.76
CA GLY A 362 29.12 -5.09 -27.99
C GLY A 362 28.57 -4.39 -29.22
N ILE A 363 27.28 -4.07 -29.20
CA ILE A 363 26.68 -3.34 -30.32
C ILE A 363 27.30 -1.96 -30.44
N ASN A 364 27.64 -1.33 -29.32
CA ASN A 364 28.32 -0.04 -29.36
C ASN A 364 29.68 -0.17 -30.02
N GLY A 365 30.45 -1.19 -29.65
CA GLY A 365 31.72 -1.41 -30.31
C GLY A 365 31.58 -1.69 -31.79
N ILE A 366 30.55 -2.46 -32.15
CA ILE A 366 30.28 -2.72 -33.56
C ILE A 366 29.96 -1.41 -34.29
N SER A 367 29.15 -0.55 -33.67
CA SER A 367 28.81 0.71 -34.29
C SER A 367 30.04 1.58 -34.50
N LYS A 368 30.92 1.66 -33.50
CA LYS A 368 32.14 2.45 -33.66
C LYS A 368 33.03 1.87 -34.75
N VAL A 369 33.15 0.54 -34.80
CA VAL A 369 33.97 -0.10 -35.82
C VAL A 369 33.43 0.21 -37.20
N ILE A 370 32.11 0.14 -37.37
CA ILE A 370 31.51 0.45 -38.66
C ILE A 370 31.73 1.92 -39.00
N ILE A 371 31.57 2.81 -38.03
CA ILE A 371 31.81 4.23 -38.26
C ILE A 371 33.26 4.44 -38.68
N THR A 372 34.20 3.78 -38.00
CA THR A 372 35.61 3.93 -38.34
C THR A 372 35.89 3.43 -39.75
N MET A 373 35.30 2.29 -40.12
CA MET A 373 35.54 1.69 -41.42
C MET A 373 34.66 2.28 -42.52
N HIS A 374 33.70 3.13 -42.17
CA HIS A 374 32.93 3.87 -43.16
C HIS A 374 33.53 5.25 -43.43
N SER A 375 33.76 6.03 -42.38
CA SER A 375 34.46 7.29 -42.50
C SER A 375 35.96 7.11 -42.72
N ARG A 376 36.49 5.90 -42.50
CA ARG A 376 37.90 5.59 -42.69
C ARG A 376 38.79 6.37 -41.74
N GLN A 377 38.24 6.84 -40.61
CA GLN A 377 39.00 7.56 -39.60
C GLN A 377 38.66 6.99 -38.23
N ILE A 378 39.68 6.82 -37.40
CA ILE A 378 39.50 6.25 -36.06
C ILE A 378 39.01 7.36 -35.13
N PRO A 379 37.84 7.21 -34.50
CA PRO A 379 37.36 8.26 -33.61
C PRO A 379 38.32 8.47 -32.46
N PRO A 380 38.46 9.71 -31.97
CA PRO A 380 39.35 9.96 -30.83
C PRO A 380 38.85 9.28 -29.57
N ASN A 381 39.78 8.97 -28.67
CA ASN A 381 39.47 8.43 -27.35
C ASN A 381 39.59 9.54 -26.32
N LEU A 382 38.59 9.64 -25.44
CA LEU A 382 38.50 10.72 -24.47
C LEU A 382 39.01 10.28 -23.11
N HIS A 383 39.51 11.25 -22.35
CA HIS A 383 39.89 11.10 -20.94
C HIS A 383 41.17 10.30 -20.74
N PHE A 384 41.94 10.05 -21.80
CA PHE A 384 43.22 9.35 -21.67
C PHE A 384 44.31 10.40 -21.47
N LYS A 385 44.54 10.76 -20.21
CA LYS A 385 45.54 11.77 -19.88
C LYS A 385 46.89 11.15 -19.54
N ASN A 386 46.92 10.27 -18.54
CA ASN A 386 48.14 9.63 -18.09
C ASN A 386 48.01 8.13 -18.29
N PRO A 387 48.96 7.48 -18.97
CA PRO A 387 48.84 6.03 -19.17
C PRO A 387 48.85 5.27 -17.85
N ASN A 388 48.10 4.18 -17.81
CA ASN A 388 48.03 3.38 -16.60
C ASN A 388 49.39 2.76 -16.31
N PRO A 389 49.95 2.96 -15.12
CA PRO A 389 51.26 2.33 -14.82
C PRO A 389 51.22 0.82 -14.84
N LYS A 390 50.05 0.20 -14.67
CA LYS A 390 49.94 -1.24 -14.70
C LYS A 390 49.81 -1.81 -16.11
N ILE A 391 49.81 -0.96 -17.13
CA ILE A 391 49.72 -1.39 -18.52
C ILE A 391 51.08 -1.17 -19.17
N PRO A 392 52.02 -2.12 -19.05
CA PRO A 392 53.35 -1.90 -19.62
C PRO A 392 53.36 -1.72 -21.13
N GLY A 393 52.31 -2.17 -21.82
CA GLY A 393 52.27 -2.04 -23.27
C GLY A 393 52.26 -0.60 -23.75
N LEU A 394 51.81 0.33 -22.90
CA LEU A 394 51.76 1.73 -23.28
C LEU A 394 53.11 2.42 -23.18
N PHE A 395 54.07 1.82 -22.49
CA PHE A 395 55.41 2.39 -22.37
C PHE A 395 56.45 1.69 -23.23
N ASP A 396 56.20 0.44 -23.63
CA ASP A 396 57.12 -0.30 -24.49
C ASP A 396 56.86 -0.04 -25.97
N GLY A 397 55.85 0.74 -26.32
CA GLY A 397 55.53 1.03 -27.70
C GLY A 397 54.65 0.00 -28.38
N ARG A 398 54.26 -1.06 -27.67
CA ARG A 398 53.39 -2.07 -28.28
C ARG A 398 51.96 -1.56 -28.41
N LEU A 399 51.49 -0.78 -27.44
CA LEU A 399 50.14 -0.24 -27.44
C LEU A 399 50.19 1.28 -27.55
N LYS A 400 49.14 1.84 -28.16
CA LYS A 400 49.05 3.28 -28.35
C LYS A 400 47.57 3.65 -28.44
N VAL A 401 47.05 4.29 -27.38
CA VAL A 401 45.66 4.71 -27.38
C VAL A 401 45.48 5.82 -28.42
N VAL A 402 44.44 5.69 -29.23
CA VAL A 402 44.15 6.69 -30.26
C VAL A 402 43.43 7.86 -29.63
N THR A 403 44.21 8.87 -29.20
CA THR A 403 43.65 10.05 -28.55
C THR A 403 43.17 11.09 -29.54
N GLU A 404 43.46 10.94 -30.83
CA GLU A 404 43.02 11.88 -31.84
C GLU A 404 42.70 11.13 -33.13
N THR A 405 41.96 11.79 -34.01
CA THR A 405 41.55 11.17 -35.27
C THR A 405 42.76 10.63 -36.01
N THR A 406 42.73 9.32 -36.28
CA THR A 406 43.82 8.64 -36.97
C THR A 406 43.33 8.10 -38.30
N PRO A 407 44.05 8.32 -39.40
CA PRO A 407 43.56 7.85 -40.72
C PRO A 407 43.69 6.35 -40.96
N PHE A 408 42.71 5.60 -40.48
CA PHE A 408 42.64 4.17 -40.75
C PHE A 408 42.44 3.95 -42.24
N ASP A 409 43.44 3.37 -42.91
CA ASP A 409 43.35 3.19 -44.35
C ASP A 409 42.57 1.93 -44.70
N GLY A 410 42.92 0.80 -44.09
CA GLY A 410 42.24 -0.45 -44.37
C GLY A 410 42.90 -1.63 -43.69
N GLY A 411 42.17 -2.74 -43.60
CA GLY A 411 42.69 -3.93 -42.95
C GLY A 411 41.67 -4.61 -42.06
N LEU A 412 42.13 -5.13 -40.92
CA LEU A 412 41.28 -5.85 -39.99
C LEU A 412 41.11 -5.05 -38.71
N ILE A 413 39.91 -5.09 -38.15
CA ILE A 413 39.61 -4.47 -36.86
C ILE A 413 39.00 -5.52 -35.95
N ALA A 414 39.52 -5.60 -34.72
CA ALA A 414 39.09 -6.60 -33.75
C ALA A 414 38.31 -5.93 -32.64
N ILE A 415 37.26 -6.60 -32.17
CA ILE A 415 36.40 -6.11 -31.10
C ILE A 415 36.30 -7.17 -30.03
N ASN A 416 36.43 -6.76 -28.77
CA ASN A 416 36.26 -7.63 -27.63
C ASN A 416 35.00 -7.26 -26.85
N SER A 417 34.46 -8.24 -26.14
CA SER A 417 33.30 -8.02 -25.27
C SER A 417 33.39 -9.02 -24.13
N PHE A 418 33.88 -8.57 -22.98
CA PHE A 418 34.05 -9.42 -21.81
C PHE A 418 32.86 -9.20 -20.89
N GLY A 419 31.87 -10.06 -20.99
CA GLY A 419 30.71 -9.96 -20.12
C GLY A 419 31.04 -10.35 -18.70
N MET A 420 30.41 -9.67 -17.75
CA MET A 420 30.59 -10.01 -16.35
C MET A 420 30.16 -11.45 -16.10
N GLY A 421 30.97 -12.16 -15.32
CA GLY A 421 30.81 -13.59 -15.11
C GLY A 421 31.83 -14.45 -15.81
N GLY A 422 32.63 -13.87 -16.72
CA GLY A 422 33.68 -14.60 -17.38
C GLY A 422 33.38 -15.08 -18.79
N THR A 423 32.24 -14.68 -19.36
CA THR A 423 31.86 -15.10 -20.72
C THR A 423 32.39 -14.07 -21.70
N ASN A 424 33.56 -14.33 -22.26
CA ASN A 424 34.20 -13.41 -23.19
C ASN A 424 33.69 -13.62 -24.61
N ALA A 425 34.05 -12.68 -25.48
CA ALA A 425 33.67 -12.76 -26.89
C ALA A 425 34.66 -11.93 -27.71
N HIS A 426 35.01 -12.46 -28.89
CA HIS A 426 35.90 -11.78 -29.82
C HIS A 426 35.33 -11.87 -31.23
N ALA A 427 35.58 -10.82 -32.02
CA ALA A 427 35.13 -10.80 -33.40
C ALA A 427 36.12 -9.98 -34.23
N ILE A 428 36.22 -10.32 -35.51
CA ILE A 428 37.13 -9.66 -36.44
C ILE A 428 36.34 -9.23 -37.66
N PHE A 429 36.57 -7.99 -38.10
CA PHE A 429 35.91 -7.43 -39.28
C PHE A 429 36.96 -7.00 -40.29
N ARG A 430 36.74 -7.33 -41.55
CA ARG A 430 37.64 -6.93 -42.64
C ARG A 430 36.99 -5.79 -43.41
N SER A 431 37.75 -4.70 -43.56
CA SER A 431 37.22 -3.51 -44.22
C SER A 431 36.91 -3.79 -45.69
N PHE A 432 35.87 -3.13 -46.19
CA PHE A 432 35.45 -3.26 -47.58
C PHE A 432 36.02 -2.09 -48.37
N ASP A 433 36.91 -2.38 -49.31
CA ASP A 433 37.65 -1.37 -50.06
C ASP A 433 37.11 -1.37 -51.50
N LYS A 434 36.09 -0.57 -51.73
CA LYS A 434 35.48 -0.40 -53.06
C LYS A 434 35.24 1.08 -53.32
N ARG A 435 36.28 1.89 -53.12
CA ARG A 435 36.15 3.34 -53.27
C ARG A 435 35.39 3.70 -54.53
N ALA A 436 34.59 4.76 -54.43
CA ALA A 436 33.65 5.11 -55.50
C ALA A 436 34.39 5.54 -56.76
N GLU A 437 33.79 5.21 -57.90
CA GLU A 437 34.24 5.69 -59.20
C GLU A 437 33.13 6.53 -59.83
N PRO A 438 33.48 7.55 -60.62
CA PRO A 438 32.44 8.43 -61.17
C PRO A 438 31.45 7.66 -62.04
N HIS A 439 30.18 8.06 -61.95
CA HIS A 439 29.10 7.56 -62.77
C HIS A 439 28.81 8.53 -63.91
N PRO A 440 28.30 8.07 -65.05
CA PRO A 440 27.91 9.03 -66.10
C PRO A 440 26.91 10.06 -65.61
N ALA A 441 26.04 9.68 -64.67
CA ALA A 441 25.14 10.61 -64.02
C ALA A 441 25.90 11.37 -62.94
N SER A 442 25.17 12.04 -62.04
CA SER A 442 25.67 12.88 -60.96
C SER A 442 26.06 14.27 -61.46
N ASP A 443 25.95 14.55 -62.75
CA ASP A 443 26.12 15.89 -63.29
C ASP A 443 24.95 16.34 -64.15
N LYS A 444 23.93 15.49 -64.32
CA LYS A 444 22.75 15.79 -65.09
C LYS A 444 21.52 15.70 -64.19
N PRO A 445 20.41 16.33 -64.56
CA PRO A 445 19.22 16.28 -63.72
C PRO A 445 18.75 14.84 -63.50
N ARG A 446 18.33 14.55 -62.26
CA ARG A 446 17.82 13.25 -61.90
C ARG A 446 16.58 13.42 -61.05
N LEU A 447 15.68 12.44 -61.10
CA LEU A 447 14.43 12.48 -60.37
C LEU A 447 14.56 11.56 -59.15
N PHE A 448 14.69 12.16 -57.98
CA PHE A 448 14.79 11.42 -56.73
C PHE A 448 13.40 11.28 -56.13
N THR A 449 12.89 10.05 -56.09
CA THR A 449 11.58 9.76 -55.54
C THR A 449 11.72 8.93 -54.27
N TYR A 450 10.92 9.26 -53.25
CA TYR A 450 11.00 8.59 -51.98
C TYR A 450 9.66 8.72 -51.25
N CYS A 451 9.56 8.06 -50.11
CA CYS A 451 8.36 8.10 -49.29
C CYS A 451 8.76 8.10 -47.82
N ALA A 452 7.86 8.61 -46.98
CA ALA A 452 8.13 8.71 -45.55
C ALA A 452 6.79 8.76 -44.81
N ARG A 453 6.88 8.93 -43.49
CA ARG A 453 5.68 8.98 -42.65
C ARG A 453 5.19 10.40 -42.41
N THR A 454 6.07 11.40 -42.49
CA THR A 454 5.71 12.78 -42.21
C THR A 454 6.26 13.69 -43.30
N GLU A 455 5.59 14.82 -43.49
CA GLU A 455 6.04 15.80 -44.48
C GLU A 455 7.41 16.35 -44.13
N GLU A 456 7.63 16.67 -42.84
CA GLU A 456 8.93 17.19 -42.43
C GLU A 456 10.03 16.16 -42.67
N GLY A 457 9.75 14.89 -42.37
CA GLY A 457 10.74 13.86 -42.62
C GLY A 457 11.12 13.76 -44.09
N LEU A 458 10.11 13.81 -44.97
CA LEU A 458 10.40 13.76 -46.40
C LEU A 458 11.17 15.00 -46.86
N GLN A 459 10.85 16.17 -46.28
CA GLN A 459 11.60 17.37 -46.61
C GLN A 459 13.06 17.23 -46.20
N LYS A 460 13.32 16.68 -45.01
CA LYS A 460 14.70 16.43 -44.60
C LYS A 460 15.37 15.44 -45.52
N ILE A 461 14.63 14.41 -45.95
CA ILE A 461 15.19 13.42 -46.86
C ILE A 461 15.62 14.08 -48.17
N PHE A 462 14.76 14.95 -48.72
CA PHE A 462 15.11 15.66 -49.94
C PHE A 462 16.30 16.58 -49.73
N GLU A 463 16.38 17.25 -48.57
CA GLU A 463 17.54 18.08 -48.29
C GLU A 463 18.83 17.26 -48.29
N GLU A 464 18.79 16.08 -47.67
CA GLU A 464 19.96 15.21 -47.67
C GLU A 464 20.28 14.74 -49.08
N ALA A 465 19.25 14.40 -49.86
CA ALA A 465 19.49 13.98 -51.24
C ALA A 465 20.15 15.10 -52.04
N HIS A 466 19.69 16.34 -51.86
CA HIS A 466 20.34 17.46 -52.51
C HIS A 466 21.79 17.60 -52.05
N LYS A 467 22.04 17.37 -50.75
CA LYS A 467 23.41 17.41 -50.26
C LYS A 467 24.29 16.40 -50.96
N HIS A 468 23.72 15.26 -51.37
CA HIS A 468 24.44 14.21 -52.08
C HIS A 468 23.98 14.09 -53.52
N ALA A 469 23.72 15.24 -54.17
CA ALA A 469 23.27 15.24 -55.55
C ALA A 469 24.31 14.65 -56.49
N SER A 470 25.58 14.63 -56.08
CA SER A 470 26.66 14.12 -56.93
C SER A 470 26.92 12.63 -56.73
N ASN A 471 26.13 11.96 -55.91
CA ASN A 471 26.29 10.53 -55.64
C ASN A 471 25.13 9.76 -56.26
N VAL A 472 25.47 8.79 -57.11
CA VAL A 472 24.45 7.95 -57.74
C VAL A 472 24.21 6.68 -56.93
N GLU A 473 25.24 6.16 -56.26
CA GLU A 473 25.05 4.99 -55.40
C GLU A 473 24.08 5.30 -54.27
N PHE A 474 24.19 6.50 -53.69
CA PHE A 474 23.25 6.90 -52.66
C PHE A 474 21.82 6.95 -53.21
N HIS A 475 21.67 7.47 -54.43
CA HIS A 475 20.35 7.47 -55.06
C HIS A 475 19.82 6.06 -55.25
N ALA A 476 20.69 5.13 -55.69
CA ALA A 476 20.27 3.75 -55.86
C ALA A 476 19.83 3.14 -54.53
N LEU A 477 20.60 3.38 -53.46
CA LEU A 477 20.23 2.84 -52.16
C LEU A 477 18.88 3.39 -51.71
N CYS A 478 18.65 4.69 -51.91
CA CYS A 478 17.35 5.26 -51.57
C CYS A 478 16.25 4.65 -52.42
N GLN A 479 16.51 4.45 -53.72
CA GLN A 479 15.48 3.94 -54.61
C GLN A 479 15.10 2.50 -54.29
N GLU A 480 16.04 1.72 -53.75
CA GLU A 480 15.73 0.32 -53.44
C GLU A 480 14.59 0.22 -52.44
N SER A 481 14.36 1.27 -51.63
CA SER A 481 13.27 1.30 -50.66
C SER A 481 12.35 2.48 -50.90
N ALA A 482 12.33 3.04 -52.11
CA ALA A 482 11.47 4.16 -52.44
C ALA A 482 10.14 3.73 -53.06
N ASN A 483 9.90 2.43 -53.22
CA ASN A 483 8.68 1.92 -53.83
C ASN A 483 7.77 1.23 -52.82
N THR A 484 7.95 1.51 -51.53
CA THR A 484 7.10 0.92 -50.52
C THR A 484 5.65 1.37 -50.72
N LYS A 485 4.72 0.50 -50.35
CA LYS A 485 3.31 0.79 -50.55
C LYS A 485 2.89 2.01 -49.73
N PRO A 486 1.88 2.75 -50.17
CA PRO A 486 1.44 3.94 -49.41
C PRO A 486 1.00 3.62 -47.99
N LYS A 487 0.58 2.38 -47.73
CA LYS A 487 0.11 2.03 -46.38
C LYS A 487 1.20 2.25 -45.35
N SER A 488 2.43 1.79 -45.65
CA SER A 488 3.52 1.91 -44.71
C SER A 488 4.03 3.35 -44.63
N LEU A 489 4.19 4.00 -45.78
CA LEU A 489 4.76 5.35 -45.86
C LEU A 489 3.80 6.21 -46.68
N PRO A 490 2.75 6.76 -46.06
CA PRO A 490 1.74 7.48 -46.83
C PRO A 490 2.25 8.73 -47.54
N TYR A 491 3.32 9.36 -47.05
CA TYR A 491 3.81 10.61 -47.63
C TYR A 491 4.77 10.27 -48.77
N ARG A 492 4.30 10.45 -50.00
CA ARG A 492 5.09 10.22 -51.19
C ARG A 492 5.57 11.56 -51.76
N GLY A 493 6.83 11.62 -52.16
CA GLY A 493 7.40 12.85 -52.65
C GLY A 493 8.44 12.61 -53.73
N ALA A 494 8.78 13.69 -54.43
CA ALA A 494 9.75 13.63 -55.51
C ALA A 494 10.41 14.99 -55.66
N THR A 495 11.71 14.98 -55.96
CA THR A 495 12.46 16.20 -56.19
C THR A 495 13.52 15.93 -57.26
N ILE A 496 13.90 16.97 -57.98
CA ILE A 496 14.88 16.87 -59.06
C ILE A 496 16.22 17.35 -58.54
N LEU A 497 17.20 16.45 -58.51
CA LEU A 497 18.57 16.80 -58.17
C LEU A 497 19.31 17.29 -59.41
N ASN A 498 20.22 18.24 -59.20
CA ASN A 498 20.98 18.83 -60.30
C ASN A 498 20.04 19.47 -61.33
N ALA A 499 19.10 20.28 -60.83
CA ALA A 499 18.08 20.92 -61.65
C ALA A 499 18.35 22.40 -61.76
N GLU A 500 18.10 22.97 -62.94
CA GLU A 500 18.23 24.42 -63.11
C GLU A 500 17.21 25.15 -62.26
N GLY A 501 15.98 24.64 -62.21
CA GLY A 501 14.92 25.22 -61.38
C GLY A 501 14.53 24.24 -60.29
N GLU A 502 14.40 24.76 -59.06
CA GLU A 502 14.06 23.92 -57.92
C GLU A 502 12.67 23.31 -58.09
N TYR A 503 12.56 22.02 -57.81
CA TYR A 503 11.28 21.33 -57.84
C TYR A 503 11.20 20.39 -56.63
N THR A 504 10.01 20.33 -56.03
CA THR A 504 9.80 19.46 -54.87
C THR A 504 8.30 19.31 -54.66
N GLU A 505 7.85 18.05 -54.57
CA GLU A 505 6.45 17.74 -54.35
C GLU A 505 6.33 16.69 -53.26
N ILE A 506 5.38 16.89 -52.35
CA ILE A 506 5.09 15.95 -51.26
C ILE A 506 3.58 15.90 -51.09
N GLN A 507 3.02 14.70 -51.18
CA GLN A 507 1.58 14.50 -51.03
C GLN A 507 1.31 13.25 -50.22
N LYS A 508 0.18 13.25 -49.51
CA LYS A 508 -0.28 12.09 -48.76
C LYS A 508 -1.15 11.23 -49.65
N CYS A 509 -0.70 10.00 -49.93
CA CYS A 509 -1.41 9.10 -50.83
C CYS A 509 -2.19 8.07 -50.03
N PRO A 510 -3.50 7.92 -50.22
CA PRO A 510 -4.25 6.93 -49.47
C PRO A 510 -3.70 5.51 -49.68
N SER A 511 -4.17 4.60 -48.83
CA SER A 511 -3.72 3.21 -48.92
C SER A 511 -4.10 2.59 -50.26
N LYS A 512 -5.32 2.87 -50.74
CA LYS A 512 -5.75 2.31 -52.01
C LYS A 512 -4.84 2.78 -53.13
N ALA A 513 -4.56 1.88 -54.07
CA ALA A 513 -3.68 2.16 -55.19
C ALA A 513 -4.52 2.53 -56.41
N ARG A 514 -4.18 3.65 -57.03
CA ARG A 514 -4.88 4.12 -58.21
C ARG A 514 -4.29 3.49 -59.48
N GLU A 515 -5.10 3.47 -60.53
CA GLU A 515 -4.73 2.83 -61.77
C GLU A 515 -4.01 3.82 -62.69
N VAL A 516 -2.99 3.33 -63.40
CA VAL A 516 -2.20 4.13 -64.32
C VAL A 516 -2.74 3.93 -65.73
N TRP A 517 -3.05 5.04 -66.40
CA TRP A 517 -3.58 5.01 -67.76
C TRP A 517 -2.69 5.87 -68.65
N PHE A 518 -2.28 5.32 -69.78
CA PHE A 518 -1.49 6.06 -70.77
C PHE A 518 -2.42 6.62 -71.82
N VAL A 519 -2.49 7.95 -71.90
CA VAL A 519 -3.32 8.64 -72.88
C VAL A 519 -2.40 9.20 -73.95
N TYR A 520 -2.62 8.78 -75.20
CA TYR A 520 -1.80 9.20 -76.32
C TYR A 520 -2.55 10.22 -77.16
N SER A 521 -1.91 11.35 -77.44
CA SER A 521 -2.52 12.41 -78.23
C SER A 521 -2.30 12.16 -79.71
N GLY A 522 -3.13 12.80 -80.52
CA GLY A 522 -3.06 12.65 -81.96
C GLY A 522 -2.33 13.80 -82.64
N MET A 523 -2.98 14.39 -83.64
CA MET A 523 -2.38 15.47 -84.41
C MET A 523 -2.54 16.80 -83.67
N GLY A 524 -1.66 17.75 -84.02
CA GLY A 524 -1.69 19.07 -83.44
C GLY A 524 -0.64 19.34 -82.39
N SER A 525 0.01 18.29 -81.87
CA SER A 525 1.07 18.44 -80.89
C SER A 525 2.40 18.82 -81.53
N GLN A 526 2.40 19.13 -82.82
CA GLN A 526 3.64 19.51 -83.49
C GLN A 526 4.07 20.91 -83.10
N TRP A 527 5.38 21.11 -83.05
CA TRP A 527 5.97 22.43 -82.81
C TRP A 527 7.47 22.33 -83.04
N VAL A 528 8.12 23.48 -83.13
CA VAL A 528 9.55 23.53 -83.42
C VAL A 528 10.31 23.23 -82.14
N GLY A 529 11.21 22.25 -82.21
CA GLY A 529 11.96 21.81 -81.06
C GLY A 529 11.32 20.69 -80.27
N MET A 530 10.27 20.07 -80.80
CA MET A 530 9.61 18.97 -80.10
C MET A 530 10.59 17.85 -79.80
N GLY A 531 10.77 17.56 -78.52
CA GLY A 531 11.68 16.51 -78.09
C GLY A 531 13.14 16.88 -78.13
N ARG A 532 13.47 18.12 -78.48
CA ARG A 532 14.88 18.51 -78.59
C ARG A 532 15.58 18.43 -77.23
N SER A 533 14.92 18.92 -76.17
CA SER A 533 15.54 18.90 -74.85
C SER A 533 15.66 17.48 -74.32
N LEU A 534 14.66 16.63 -74.58
CA LEU A 534 14.68 15.26 -74.09
C LEU A 534 15.83 14.44 -74.68
N MET A 535 16.55 14.99 -75.66
CA MET A 535 17.72 14.30 -76.19
C MET A 535 18.82 14.15 -75.14
N ALA A 536 18.74 14.91 -74.04
CA ALA A 536 19.70 14.74 -72.95
C ALA A 536 19.67 13.32 -72.42
N LEU A 537 18.47 12.75 -72.28
CA LEU A 537 18.34 11.37 -71.83
C LEU A 537 18.90 10.43 -72.88
N ASP A 538 19.69 9.45 -72.44
CA ASP A 538 20.29 8.50 -73.38
C ASP A 538 19.22 7.65 -74.06
N VAL A 539 18.23 7.17 -73.30
CA VAL A 539 17.23 6.28 -73.86
C VAL A 539 16.42 6.99 -74.93
N PHE A 540 16.01 8.24 -74.68
CA PHE A 540 15.22 8.97 -75.66
C PHE A 540 15.98 9.13 -76.97
N ARG A 541 17.26 9.52 -76.88
CA ARG A 541 18.07 9.67 -78.09
C ARG A 541 18.23 8.33 -78.80
N GLN A 542 18.47 7.26 -78.03
CA GLN A 542 18.63 5.95 -78.64
C GLN A 542 17.36 5.53 -79.38
N SER A 543 16.19 5.73 -78.76
CA SER A 543 14.93 5.37 -79.41
C SER A 543 14.73 6.15 -80.70
N ILE A 544 15.01 7.45 -80.67
CA ILE A 544 14.86 8.26 -81.88
C ILE A 544 15.82 7.78 -82.96
N GLU A 545 17.07 7.50 -82.58
CA GLU A 545 18.04 7.01 -83.55
C GLU A 545 17.59 5.68 -84.16
N GLU A 546 17.09 4.76 -83.32
CA GLU A 546 16.62 3.48 -83.83
C GLU A 546 15.36 3.62 -84.66
N THR A 547 14.63 4.73 -84.52
CA THR A 547 13.50 4.98 -85.41
C THR A 547 13.95 5.67 -86.69
N ALA A 548 14.92 6.58 -86.60
CA ALA A 548 15.43 7.24 -87.80
C ALA A 548 16.10 6.23 -88.73
N ALA A 549 16.84 5.27 -88.17
CA ALA A 549 17.46 4.23 -88.99
C ALA A 549 16.39 3.44 -89.74
N ILE A 550 15.27 3.15 -89.09
CA ILE A 550 14.19 2.41 -89.73
C ILE A 550 13.61 3.21 -90.89
N LEU A 551 13.38 4.51 -90.67
CA LEU A 551 12.68 5.33 -91.64
C LEU A 551 13.60 5.93 -92.69
N SER A 552 14.92 5.81 -92.53
CA SER A 552 15.83 6.37 -93.52
C SER A 552 15.65 5.75 -94.90
N PRO A 553 15.56 4.43 -95.07
CA PRO A 553 15.45 3.87 -96.42
C PRO A 553 14.21 4.34 -97.18
N PHE A 554 13.22 4.92 -96.50
CA PHE A 554 12.00 5.38 -97.13
C PHE A 554 12.05 6.85 -97.50
N GLY A 555 13.22 7.48 -97.41
CA GLY A 555 13.36 8.87 -97.81
C GLY A 555 13.03 9.88 -96.73
N VAL A 556 13.03 9.50 -95.47
CA VAL A 556 12.73 10.39 -94.36
C VAL A 556 13.93 10.39 -93.42
N ASP A 557 14.49 11.57 -93.18
CA ASP A 557 15.62 11.76 -92.26
C ASP A 557 15.02 12.31 -90.97
N LEU A 558 14.52 11.41 -90.13
CA LEU A 558 13.82 11.83 -88.91
C LEU A 558 14.68 12.78 -88.08
N MET A 559 15.99 12.52 -88.01
CA MET A 559 16.86 13.34 -87.17
C MET A 559 16.88 14.78 -87.67
N SER A 560 16.96 14.99 -88.98
CA SER A 560 16.99 16.34 -89.52
C SER A 560 15.69 17.08 -89.23
N LEU A 561 14.55 16.40 -89.41
CA LEU A 561 13.27 17.06 -89.16
C LEU A 561 13.08 17.38 -87.68
N LEU A 562 13.62 16.55 -86.79
CA LEU A 562 13.41 16.76 -85.36
C LEU A 562 14.32 17.83 -84.77
N MET A 563 15.57 17.91 -85.24
CA MET A 563 16.55 18.83 -84.68
C MET A 563 16.58 20.16 -85.42
N ASP A 564 16.83 20.15 -86.72
CA ASP A 564 16.91 21.37 -87.52
C ASP A 564 15.64 21.62 -88.32
N GLY A 565 14.57 20.89 -88.06
CA GLY A 565 13.32 21.14 -88.75
C GLY A 565 12.77 22.51 -88.43
N THR A 566 12.08 23.09 -89.40
CA THR A 566 11.52 24.44 -89.28
C THR A 566 10.00 24.37 -89.42
N GLU A 567 9.36 25.50 -89.14
CA GLU A 567 7.90 25.55 -89.20
C GLU A 567 7.39 25.19 -90.59
N ASP A 568 8.07 25.67 -91.63
CA ASP A 568 7.66 25.33 -92.99
C ASP A 568 7.73 23.83 -93.22
N LYS A 569 8.79 23.18 -92.72
CA LYS A 569 8.90 21.74 -92.85
C LYS A 569 7.75 21.04 -92.14
N LEU A 570 7.41 21.49 -90.92
CA LEU A 570 6.31 20.88 -90.18
C LEU A 570 4.95 21.23 -90.75
N LYS A 571 4.87 22.19 -91.69
CA LYS A 571 3.59 22.47 -92.34
C LYS A 571 3.20 21.35 -93.29
N GLU A 572 4.16 20.58 -93.78
CA GLU A 572 3.88 19.46 -94.66
C GLU A 572 3.15 18.36 -93.88
N ILE A 573 2.77 17.30 -94.60
CA ILE A 573 1.99 16.24 -93.98
C ILE A 573 2.90 15.20 -93.32
N MET A 574 3.97 14.79 -94.02
CA MET A 574 4.79 13.69 -93.51
C MET A 574 5.50 14.06 -92.22
N PRO A 575 6.27 15.15 -92.14
CA PRO A 575 7.14 15.37 -90.97
C PRO A 575 6.35 15.41 -89.67
N PRO A 576 5.17 16.04 -89.65
CA PRO A 576 4.39 16.02 -88.40
C PRO A 576 4.05 14.60 -87.93
N PHE A 577 3.46 13.79 -88.80
CA PHE A 577 3.12 12.42 -88.41
C PHE A 577 4.35 11.67 -87.93
N ILE A 578 5.46 11.78 -88.66
CA ILE A 578 6.67 11.05 -88.29
C ILE A 578 7.18 11.51 -86.94
N CYS A 579 7.26 12.83 -86.74
CA CYS A 579 7.83 13.35 -85.49
C CYS A 579 6.95 13.00 -84.29
N ILE A 580 5.63 13.18 -84.42
CA ILE A 580 4.74 12.89 -83.30
C ILE A 580 4.83 11.43 -82.91
N ASN A 581 4.80 10.52 -83.89
CA ASN A 581 4.94 9.11 -83.58
C ASN A 581 6.28 8.82 -82.92
N ALA A 582 7.36 9.41 -83.44
CA ALA A 582 8.67 9.18 -82.86
C ALA A 582 8.73 9.65 -81.41
N ILE A 583 8.15 10.82 -81.12
CA ILE A 583 8.14 11.32 -79.75
C ILE A 583 7.34 10.38 -78.85
N GLN A 584 6.17 9.95 -79.31
CA GLN A 584 5.35 9.06 -78.50
C GLN A 584 6.05 7.74 -78.24
N LEU A 585 6.66 7.15 -79.27
CA LEU A 585 7.38 5.89 -79.07
C LEU A 585 8.56 6.07 -78.14
N ALA A 586 9.31 7.17 -78.29
CA ALA A 586 10.45 7.41 -77.41
C ALA A 586 10.00 7.59 -75.97
N LEU A 587 8.91 8.34 -75.75
CA LEU A 587 8.39 8.51 -74.40
C LEU A 587 7.93 7.17 -73.84
N THR A 588 7.30 6.34 -74.67
CA THR A 588 6.91 5.00 -74.22
C THR A 588 8.14 4.19 -73.84
N ASP A 589 9.20 4.26 -74.64
CA ASP A 589 10.43 3.56 -74.29
C ASP A 589 11.01 4.09 -73.00
N LEU A 590 11.00 5.40 -72.81
CA LEU A 590 11.41 5.98 -71.54
C LEU A 590 10.62 5.35 -70.40
N LEU A 591 9.29 5.50 -70.44
CA LEU A 591 8.44 5.01 -69.34
C LEU A 591 8.71 3.54 -69.06
N ASN A 592 8.82 2.71 -70.10
CA ASN A 592 9.08 1.30 -69.90
C ASN A 592 10.40 1.07 -69.18
N SER A 593 11.44 1.83 -69.56
CA SER A 593 12.73 1.69 -68.90
C SER A 593 12.63 2.07 -67.43
N MET A 594 11.88 3.13 -67.11
CA MET A 594 11.73 3.54 -65.71
C MET A 594 10.93 2.53 -64.89
N GLY A 595 10.16 1.66 -65.53
CA GLY A 595 9.41 0.66 -64.82
C GLY A 595 8.01 1.06 -64.46
N ILE A 596 7.29 1.72 -65.38
CA ILE A 596 5.89 2.05 -65.21
C ILE A 596 5.08 1.13 -66.12
N VAL A 597 4.23 0.31 -65.51
CA VAL A 597 3.33 -0.58 -66.23
C VAL A 597 1.97 0.10 -66.31
N PRO A 598 1.42 0.37 -67.50
CA PRO A 598 0.12 1.05 -67.58
C PRO A 598 -1.03 0.08 -67.36
N ASP A 599 -1.86 0.38 -66.36
CA ASP A 599 -3.06 -0.43 -66.14
C ASP A 599 -4.06 -0.27 -67.28
N GLY A 600 -3.96 0.79 -68.07
CA GLY A 600 -4.84 0.98 -69.21
C GLY A 600 -4.17 1.86 -70.24
N LEU A 601 -4.63 1.72 -71.48
CA LEU A 601 -4.09 2.49 -72.59
C LEU A 601 -5.23 2.99 -73.47
N VAL A 602 -5.27 4.30 -73.68
CA VAL A 602 -6.23 4.93 -74.58
C VAL A 602 -5.48 5.94 -75.43
N GLY A 603 -6.00 6.22 -76.61
CA GLY A 603 -5.33 7.13 -77.52
C GLY A 603 -6.29 7.69 -78.55
N HIS A 604 -5.99 8.91 -79.00
CA HIS A 604 -6.73 9.54 -80.08
C HIS A 604 -6.18 9.08 -81.42
N SER A 605 -6.91 9.39 -82.48
CA SER A 605 -6.46 9.04 -83.83
C SER A 605 -5.04 9.53 -84.06
N LEU A 606 -4.22 8.68 -84.66
CA LEU A 606 -2.78 8.81 -84.86
C LEU A 606 -2.03 8.54 -83.55
N GLY A 607 -2.72 8.41 -82.42
CA GLY A 607 -2.10 7.95 -81.20
C GLY A 607 -2.41 6.49 -80.95
N GLU A 608 -3.31 5.93 -81.77
CA GLU A 608 -3.65 4.52 -81.64
C GLU A 608 -2.46 3.63 -81.95
N VAL A 609 -1.63 4.00 -82.92
CA VAL A 609 -0.42 3.23 -83.21
C VAL A 609 0.49 3.23 -81.98
N GLY A 610 0.63 4.38 -81.32
CA GLY A 610 1.42 4.42 -80.11
C GLY A 610 0.83 3.56 -79.01
N CYS A 611 -0.50 3.55 -78.89
CA CYS A 611 -1.15 2.66 -77.94
C CYS A 611 -0.84 1.21 -78.25
N ALA A 612 -0.89 0.84 -79.54
CA ALA A 612 -0.58 -0.52 -79.93
C ALA A 612 0.85 -0.88 -79.59
N TYR A 613 1.80 0.03 -79.86
CA TYR A 613 3.20 -0.23 -79.53
C TYR A 613 3.39 -0.43 -78.04
N ALA A 614 2.78 0.46 -77.23
CA ALA A 614 2.91 0.35 -75.78
C ALA A 614 2.19 -0.86 -75.22
N ASP A 615 1.18 -1.38 -75.94
CA ASP A 615 0.41 -2.53 -75.48
C ASP A 615 1.04 -3.85 -75.88
N GLY A 616 2.12 -3.84 -76.65
CA GLY A 616 2.75 -5.05 -77.11
C GLY A 616 2.13 -5.67 -78.34
N CYS A 617 1.05 -5.09 -78.86
CA CYS A 617 0.41 -5.62 -80.06
C CYS A 617 1.19 -5.29 -81.32
N LEU A 618 1.99 -4.23 -81.31
CA LEU A 618 2.77 -3.79 -82.45
C LEU A 618 4.23 -3.61 -82.03
N THR A 619 5.09 -3.33 -83.02
CA THR A 619 6.51 -3.13 -82.82
C THR A 619 6.90 -1.74 -83.29
N ARG A 620 8.14 -1.35 -82.96
CA ARG A 620 8.64 -0.04 -83.37
C ARG A 620 8.59 0.12 -84.89
N ARG A 621 9.06 -0.91 -85.61
CA ARG A 621 9.00 -0.86 -87.07
C ARG A 621 7.56 -0.77 -87.57
N GLU A 622 6.68 -1.58 -86.99
CA GLU A 622 5.30 -1.62 -87.44
C GLU A 622 4.61 -0.28 -87.18
N ALA A 623 4.80 0.30 -86.00
CA ALA A 623 4.12 1.54 -85.65
C ALA A 623 4.62 2.71 -86.49
N ILE A 624 5.96 2.84 -86.62
CA ILE A 624 6.50 3.96 -87.37
C ILE A 624 6.10 3.86 -88.84
N LEU A 625 6.14 2.66 -89.41
CA LEU A 625 5.75 2.49 -90.80
C LEU A 625 4.25 2.69 -90.99
N SER A 626 3.46 2.33 -89.98
CA SER A 626 2.02 2.58 -90.06
C SER A 626 1.72 4.07 -90.17
N ALA A 627 2.39 4.88 -89.34
CA ALA A 627 2.23 6.32 -89.45
C ALA A 627 2.77 6.83 -90.77
N PHE A 628 3.91 6.30 -91.22
CA PHE A 628 4.45 6.70 -92.51
C PHE A 628 3.48 6.36 -93.63
N TRP A 629 2.89 5.17 -93.59
CA TRP A 629 1.92 4.79 -94.62
C TRP A 629 0.68 5.66 -94.55
N ARG A 630 0.22 5.99 -93.34
CA ARG A 630 -0.93 6.88 -93.20
C ARG A 630 -0.66 8.22 -93.86
N ALA A 631 0.47 8.84 -93.54
CA ALA A 631 0.80 10.13 -94.14
C ALA A 631 0.97 10.01 -95.64
N LYS A 632 1.64 8.95 -96.10
CA LYS A 632 1.86 8.78 -97.53
C LYS A 632 0.54 8.64 -98.28
N ALA A 633 -0.39 7.84 -97.73
CA ALA A 633 -1.68 7.68 -98.39
C ALA A 633 -2.45 9.00 -98.43
N VAL A 634 -2.39 9.77 -97.35
CA VAL A 634 -3.10 11.04 -97.32
C VAL A 634 -2.54 12.01 -98.35
N ILE A 635 -1.21 12.10 -98.44
CA ILE A 635 -0.59 13.11 -99.31
C ILE A 635 -0.67 12.70 -100.78
N ASP A 636 -0.30 11.45 -101.10
CA ASP A 636 -0.17 11.07 -102.49
C ASP A 636 -1.51 11.16 -103.22
N CYS A 637 -2.58 10.70 -102.60
CA CYS A 637 -3.90 10.79 -103.22
C CYS A 637 -4.34 12.26 -103.27
N GLU A 638 -4.99 12.62 -104.38
CA GLU A 638 -5.47 13.99 -104.57
C GLU A 638 -6.79 14.20 -103.85
N VAL A 639 -6.75 14.03 -102.52
CA VAL A 639 -7.93 14.27 -101.71
C VAL A 639 -8.31 15.73 -101.82
N LYS A 640 -9.59 15.98 -102.05
CA LYS A 640 -10.05 17.35 -102.20
C LYS A 640 -9.77 18.13 -100.92
N PRO A 641 -9.41 19.41 -101.01
CA PRO A 641 -9.09 20.16 -99.80
C PRO A 641 -10.24 20.14 -98.82
N GLY A 642 -9.90 19.95 -97.55
CA GLY A 642 -10.88 19.92 -96.48
C GLY A 642 -10.34 20.62 -95.25
N LYS A 643 -11.16 20.66 -94.22
CA LYS A 643 -10.80 21.32 -92.97
C LYS A 643 -11.40 20.53 -91.82
N MET A 644 -11.08 20.97 -90.60
CA MET A 644 -11.71 20.45 -89.38
C MET A 644 -11.71 21.54 -88.33
N ALA A 645 -12.51 21.33 -87.28
CA ALA A 645 -12.57 22.26 -86.17
C ALA A 645 -13.32 21.61 -85.02
N ALA A 646 -12.91 21.92 -83.80
CA ALA A 646 -13.58 21.42 -82.59
C ALA A 646 -14.63 22.44 -82.16
N VAL A 647 -15.90 22.07 -82.34
CA VAL A 647 -17.01 22.91 -81.93
C VAL A 647 -17.48 22.47 -80.56
N GLU A 648 -18.20 23.35 -79.87
CA GLU A 648 -18.69 23.09 -78.53
C GLU A 648 -20.01 22.35 -78.52
N LEU A 649 -20.58 22.03 -79.67
CA LEU A 649 -21.84 21.31 -79.72
C LEU A 649 -21.68 19.91 -79.14
N THR A 650 -22.77 19.40 -78.57
CA THR A 650 -22.78 18.05 -78.05
C THR A 650 -22.82 17.03 -79.17
N TRP A 651 -22.52 15.77 -78.83
CA TRP A 651 -22.45 14.72 -79.85
C TRP A 651 -23.77 14.59 -80.59
N GLU A 652 -24.89 14.46 -79.86
CA GLU A 652 -26.18 14.32 -80.52
C GLU A 652 -26.54 15.58 -81.29
N GLU A 653 -26.24 16.75 -80.74
CA GLU A 653 -26.53 18.00 -81.44
C GLU A 653 -25.75 18.09 -82.75
N ALA A 654 -24.47 17.72 -82.72
CA ALA A 654 -23.67 17.73 -83.94
C ALA A 654 -24.20 16.72 -84.94
N LYS A 655 -24.59 15.53 -84.48
CA LYS A 655 -25.10 14.51 -85.38
C LYS A 655 -26.39 14.97 -86.05
N ARG A 656 -27.25 15.67 -85.30
CA ARG A 656 -28.52 16.12 -85.86
C ARG A 656 -28.34 17.32 -86.79
N LEU A 657 -27.42 18.22 -86.45
CA LEU A 657 -27.31 19.51 -87.13
C LEU A 657 -26.37 19.51 -88.32
N CYS A 658 -25.62 18.43 -88.54
CA CYS A 658 -24.63 18.43 -89.61
C CYS A 658 -25.30 18.11 -90.95
N PRO A 659 -25.24 18.99 -91.95
CA PRO A 659 -25.79 18.65 -93.27
C PRO A 659 -24.87 17.71 -94.01
N PRO A 660 -25.31 17.17 -95.15
CA PRO A 660 -24.44 16.29 -95.93
C PRO A 660 -23.16 17.01 -96.36
N GLY A 661 -22.06 16.25 -96.39
CA GLY A 661 -20.76 16.77 -96.78
C GLY A 661 -19.87 17.15 -95.62
N VAL A 662 -20.44 17.38 -94.44
CA VAL A 662 -19.68 17.68 -93.23
C VAL A 662 -20.19 16.76 -92.13
N VAL A 663 -19.26 16.07 -91.47
CA VAL A 663 -19.60 15.08 -90.45
C VAL A 663 -18.77 15.36 -89.20
N ALA A 664 -19.02 14.58 -88.16
CA ALA A 664 -18.31 14.69 -86.90
C ALA A 664 -17.18 13.66 -86.88
N ALA A 665 -15.95 14.14 -86.72
CA ALA A 665 -14.79 13.26 -86.79
C ALA A 665 -14.54 12.56 -85.46
N CYS A 666 -14.29 13.34 -84.39
CA CYS A 666 -13.93 12.79 -83.10
C CYS A 666 -14.84 13.36 -82.02
N HIS A 667 -15.23 12.51 -81.08
CA HIS A 667 -16.01 12.91 -79.91
C HIS A 667 -15.04 13.20 -78.78
N ASN A 668 -14.58 14.45 -78.70
CA ASN A 668 -13.52 14.79 -77.76
C ASN A 668 -13.98 14.63 -76.32
N SER A 669 -15.01 15.38 -75.92
CA SER A 669 -15.49 15.36 -74.55
C SER A 669 -17.00 15.53 -74.54
N GLN A 670 -17.56 15.82 -73.36
CA GLN A 670 -19.00 15.93 -73.22
C GLN A 670 -19.56 17.06 -74.09
N ASP A 671 -18.79 18.12 -74.31
CA ASP A 671 -19.28 19.29 -75.02
C ASP A 671 -18.30 19.78 -76.07
N SER A 672 -17.50 18.87 -76.64
CA SER A 672 -16.54 19.22 -77.69
C SER A 672 -16.53 18.10 -78.71
N VAL A 673 -16.87 18.44 -79.95
CA VAL A 673 -16.91 17.48 -81.05
C VAL A 673 -16.22 18.10 -82.25
N THR A 674 -15.44 17.30 -82.97
CA THR A 674 -14.71 17.76 -84.14
C THR A 674 -15.56 17.56 -85.39
N ILE A 675 -15.81 18.65 -86.11
CA ILE A 675 -16.53 18.60 -87.39
C ILE A 675 -15.49 18.71 -88.51
N SER A 676 -15.58 17.81 -89.48
CA SER A 676 -14.67 17.80 -90.62
C SER A 676 -15.48 17.66 -91.90
N GLY A 677 -14.99 18.27 -92.97
CA GLY A 677 -15.68 18.22 -94.23
C GLY A 677 -14.95 19.03 -95.28
N GLY A 678 -15.63 19.23 -96.41
CA GLY A 678 -15.05 19.99 -97.50
C GLY A 678 -14.91 21.46 -97.16
N ALA A 679 -14.02 22.12 -97.91
CA ALA A 679 -13.67 23.50 -97.59
C ALA A 679 -14.89 24.41 -97.64
N GLN A 680 -15.64 24.36 -98.75
CA GLN A 680 -16.77 25.27 -98.91
C GLN A 680 -17.87 24.96 -97.91
N GLU A 681 -18.27 23.69 -97.82
CA GLU A 681 -19.31 23.33 -96.87
C GLU A 681 -18.88 23.62 -95.44
N MET A 682 -17.61 23.37 -95.12
CA MET A 682 -17.12 23.67 -93.78
C MET A 682 -17.19 25.16 -93.50
N THR A 683 -16.76 25.99 -94.45
CA THR A 683 -16.82 27.43 -94.23
C THR A 683 -18.25 27.88 -94.00
N LYS A 684 -19.20 27.31 -94.76
CA LYS A 684 -20.60 27.62 -94.53
C LYS A 684 -21.03 27.21 -93.13
N PHE A 685 -20.57 26.04 -92.68
CA PHE A 685 -20.87 25.60 -91.31
C PHE A 685 -20.29 26.58 -90.29
N MET A 686 -19.07 27.06 -90.53
CA MET A 686 -18.46 27.99 -89.59
C MET A 686 -19.27 29.28 -89.51
N ALA A 687 -19.71 29.80 -90.65
CA ALA A 687 -20.53 31.01 -90.65
C ALA A 687 -21.85 30.78 -89.92
N GLU A 688 -22.49 29.65 -90.19
CA GLU A 688 -23.78 29.36 -89.54
C GLU A 688 -23.61 29.23 -88.03
N LEU A 689 -22.59 28.47 -87.60
CA LEU A 689 -22.38 28.28 -86.17
C LEU A 689 -21.98 29.57 -85.48
N SER A 690 -21.10 30.35 -86.11
CA SER A 690 -20.70 31.63 -85.52
C SER A 690 -21.86 32.63 -85.48
N ALA A 691 -22.84 32.47 -86.37
CA ALA A 691 -24.00 33.36 -86.33
C ALA A 691 -24.75 33.22 -85.01
N GLN A 692 -24.93 31.98 -84.56
CA GLN A 692 -25.55 31.73 -83.26
C GLN A 692 -24.48 31.71 -82.17
N GLY A 693 -24.90 31.42 -80.94
CA GLY A 693 -23.96 31.38 -79.84
C GLY A 693 -23.30 30.03 -79.67
N VAL A 694 -22.11 29.86 -80.24
CA VAL A 694 -21.38 28.61 -80.16
C VAL A 694 -19.89 28.93 -80.34
N THR A 695 -19.06 28.20 -79.62
CA THR A 695 -17.61 28.37 -79.68
C THR A 695 -17.04 27.33 -80.63
N VAL A 696 -16.45 27.80 -81.73
CA VAL A 696 -15.86 26.94 -82.74
C VAL A 696 -14.38 27.28 -82.86
N LYS A 697 -13.53 26.25 -82.75
CA LYS A 697 -12.09 26.42 -82.81
C LYS A 697 -11.53 25.52 -83.91
N GLU A 698 -10.78 26.12 -84.84
CA GLU A 698 -10.22 25.39 -85.97
C GLU A 698 -8.93 24.71 -85.56
N VAL A 699 -8.75 23.47 -86.04
CA VAL A 699 -7.59 22.66 -85.72
C VAL A 699 -6.75 22.50 -86.98
N ASN A 700 -5.44 22.62 -86.82
CA ASN A 700 -4.50 22.54 -87.95
C ASN A 700 -4.39 21.09 -88.38
N SER A 701 -5.13 20.73 -89.44
CA SER A 701 -5.11 19.38 -89.99
C SER A 701 -4.46 19.33 -91.36
N ASN A 702 -3.66 20.34 -91.70
CA ASN A 702 -3.01 20.42 -93.02
C ASN A 702 -4.05 20.38 -94.14
N ASN A 703 -5.20 21.02 -93.90
CA ASN A 703 -6.28 21.10 -94.88
C ASN A 703 -6.75 19.70 -95.32
N ILE A 704 -6.89 18.81 -94.34
CA ILE A 704 -7.39 17.45 -94.58
C ILE A 704 -8.52 17.18 -93.61
N SER A 705 -9.62 16.60 -94.11
CA SER A 705 -10.78 16.27 -93.30
C SER A 705 -10.70 14.78 -92.95
N TYR A 706 -10.11 14.48 -91.81
CA TYR A 706 -9.94 13.10 -91.39
C TYR A 706 -11.25 12.53 -90.87
N HIS A 707 -11.35 11.19 -90.91
CA HIS A 707 -12.49 10.46 -90.37
C HIS A 707 -13.80 10.93 -91.03
N SER A 708 -13.81 10.93 -92.36
CA SER A 708 -14.99 11.28 -93.13
C SER A 708 -15.06 10.40 -94.36
N SER A 709 -16.10 10.60 -95.17
CA SER A 709 -16.25 9.82 -96.39
C SER A 709 -15.07 10.04 -97.34
N PHE A 710 -14.44 11.22 -97.27
CA PHE A 710 -13.30 11.50 -98.15
C PHE A 710 -12.15 10.52 -97.91
N MET A 711 -12.12 9.87 -96.75
CA MET A 711 -11.06 8.94 -96.40
C MET A 711 -11.33 7.51 -96.89
N THR A 712 -12.39 7.31 -97.67
CA THR A 712 -12.69 5.98 -98.19
C THR A 712 -11.54 5.47 -99.05
N GLU A 713 -11.13 6.25 -100.04
CA GLU A 713 -10.04 5.81 -100.92
C GLU A 713 -8.72 5.67 -100.17
N PRO A 714 -8.27 6.65 -99.37
CA PRO A 714 -7.00 6.45 -98.64
C PRO A 714 -7.01 5.24 -97.72
N ALA A 715 -8.13 4.96 -97.03
CA ALA A 715 -8.16 3.86 -96.09
C ALA A 715 -7.90 2.53 -96.78
N ALA A 716 -8.57 2.31 -97.93
CA ALA A 716 -8.33 1.07 -98.68
C ALA A 716 -6.87 0.97 -99.11
N TYR A 717 -6.30 2.08 -99.59
CA TYR A 717 -4.89 2.10 -99.92
C TYR A 717 -4.06 1.70 -98.72
N LEU A 718 -4.34 2.31 -97.56
CA LEU A 718 -3.61 1.96 -96.34
C LEU A 718 -3.69 0.47 -96.07
N LYS A 719 -4.87 -0.12 -96.23
CA LYS A 719 -5.02 -1.56 -96.05
C LYS A 719 -4.09 -2.32 -96.97
N LYS A 720 -4.13 -2.00 -98.27
CA LYS A 720 -3.22 -2.65 -99.21
C LYS A 720 -1.77 -2.33 -98.88
N GLY A 721 -1.51 -1.14 -98.35
CA GLY A 721 -0.15 -0.79 -97.98
C GLY A 721 0.37 -1.59 -96.81
N LEU A 722 -0.49 -1.88 -95.83
CA LEU A 722 -0.10 -2.49 -94.58
C LEU A 722 -0.43 -3.98 -94.48
N GLU A 723 -1.07 -4.56 -95.49
CA GLU A 723 -1.38 -5.99 -95.43
C GLU A 723 -0.11 -6.84 -95.40
N LYS A 724 0.94 -6.38 -96.08
CA LYS A 724 2.18 -7.13 -96.19
C LYS A 724 3.20 -6.77 -95.11
N GLU A 725 2.87 -5.87 -94.19
CA GLU A 725 3.81 -5.41 -93.18
C GLU A 725 3.35 -5.68 -91.76
N ILE A 726 2.07 -5.44 -91.44
CA ILE A 726 1.58 -5.53 -90.07
C ILE A 726 1.16 -6.97 -89.81
N VAL A 727 1.92 -7.68 -88.99
CA VAL A 727 1.54 -9.04 -88.60
C VAL A 727 0.38 -8.96 -87.60
N PRO A 728 -0.64 -9.82 -87.68
CA PRO A 728 -1.74 -9.75 -86.72
C PRO A 728 -1.34 -10.32 -85.37
N LYS A 729 -1.62 -9.57 -84.31
CA LYS A 729 -1.34 -9.99 -82.95
C LYS A 729 -2.54 -9.65 -82.08
N PRO A 730 -2.73 -10.37 -80.97
CA PRO A 730 -3.89 -10.10 -80.12
C PRO A 730 -3.80 -8.73 -79.44
N ARG A 731 -4.97 -8.17 -79.13
CA ARG A 731 -5.08 -6.91 -78.43
C ARG A 731 -5.52 -7.18 -77.00
N SER A 732 -4.74 -6.70 -76.04
CA SER A 732 -5.07 -6.89 -74.63
C SER A 732 -6.23 -5.98 -74.23
N LYS A 733 -6.91 -6.39 -73.16
CA LYS A 733 -8.05 -5.62 -72.67
C LYS A 733 -7.64 -4.29 -72.05
N LYS A 734 -6.37 -4.14 -71.69
CA LYS A 734 -5.90 -2.85 -71.17
C LYS A 734 -6.08 -1.75 -72.20
N TRP A 735 -5.74 -2.04 -73.45
CA TRP A 735 -5.86 -1.05 -74.52
C TRP A 735 -7.31 -0.86 -74.89
N ILE A 736 -7.81 0.36 -74.72
CA ILE A 736 -9.21 0.68 -75.02
C ILE A 736 -9.29 1.24 -76.43
N SER A 737 -10.04 0.56 -77.29
CA SER A 737 -10.19 1.02 -78.66
C SER A 737 -11.02 2.30 -78.71
N THR A 738 -10.62 3.22 -79.58
CA THR A 738 -11.32 4.49 -79.78
C THR A 738 -11.76 4.66 -81.23
N SER A 739 -11.87 3.54 -81.96
CA SER A 739 -12.36 3.55 -83.33
C SER A 739 -13.51 2.60 -83.58
N ILE A 740 -13.76 1.63 -82.71
CA ILE A 740 -14.81 0.65 -82.86
C ILE A 740 -15.83 0.87 -81.73
N PRO A 741 -17.13 0.88 -82.02
CA PRO A 741 -18.10 1.09 -80.94
C PRO A 741 -18.00 0.01 -79.87
N GLU A 742 -18.37 0.38 -78.65
CA GLU A 742 -18.29 -0.54 -77.52
C GLU A 742 -19.00 -1.86 -77.83
N GLU A 743 -20.18 -1.79 -78.45
CA GLU A 743 -20.96 -2.99 -78.70
C GLU A 743 -20.32 -3.90 -79.74
N ARG A 744 -19.34 -3.41 -80.50
CA ARG A 744 -18.68 -4.20 -81.52
C ARG A 744 -17.27 -4.64 -81.10
N TRP A 745 -16.91 -4.47 -79.83
CA TRP A 745 -15.58 -4.89 -79.40
C TRP A 745 -15.41 -6.39 -79.49
N GLY A 746 -16.50 -7.15 -79.31
CA GLY A 746 -16.42 -8.60 -79.36
C GLY A 746 -16.31 -9.20 -80.74
N ASN A 747 -16.50 -8.39 -81.78
CA ASN A 747 -16.42 -8.88 -83.14
C ASN A 747 -14.97 -9.23 -83.51
N PRO A 748 -14.77 -10.12 -84.48
CA PRO A 748 -13.41 -10.54 -84.82
C PRO A 748 -12.50 -9.40 -85.26
N GLU A 749 -13.05 -8.38 -85.92
CA GLU A 749 -12.22 -7.28 -86.38
C GLU A 749 -11.52 -6.57 -85.22
N ALA A 750 -12.15 -6.55 -84.05
CA ALA A 750 -11.58 -5.92 -82.86
C ALA A 750 -10.79 -6.92 -82.03
N GLN A 751 -9.86 -7.64 -82.68
CA GLN A 751 -9.04 -8.64 -82.00
C GLN A 751 -7.56 -8.41 -82.28
N THR A 752 -7.24 -7.90 -83.47
CA THR A 752 -5.86 -7.66 -83.87
C THR A 752 -5.74 -6.27 -84.48
N ALA A 753 -4.57 -5.67 -84.28
CA ALA A 753 -4.27 -4.35 -84.85
C ALA A 753 -3.56 -4.50 -86.19
N ASP A 754 -4.21 -5.21 -87.10
CA ASP A 754 -3.67 -5.46 -88.43
C ASP A 754 -3.96 -4.24 -89.31
N ALA A 755 -3.72 -4.39 -90.62
CA ALA A 755 -3.99 -3.30 -91.55
C ALA A 755 -5.46 -2.90 -91.52
N SER A 756 -6.35 -3.86 -91.28
CA SER A 756 -7.77 -3.54 -91.22
C SER A 756 -8.07 -2.58 -90.06
N TYR A 757 -7.47 -2.81 -88.90
CA TYR A 757 -7.69 -1.92 -87.76
C TYR A 757 -7.19 -0.52 -88.06
N GLN A 758 -6.01 -0.40 -88.65
CA GLN A 758 -5.48 0.92 -89.00
C GLN A 758 -6.38 1.62 -90.01
N ALA A 759 -6.84 0.90 -91.02
CA ALA A 759 -7.73 1.51 -92.01
C ALA A 759 -9.04 1.96 -91.37
N ASN A 760 -9.62 1.14 -90.51
CA ASN A 760 -10.86 1.51 -89.84
C ASN A 760 -10.65 2.73 -88.96
N ASN A 761 -9.54 2.78 -88.22
CA ASN A 761 -9.26 3.95 -87.38
C ASN A 761 -9.10 5.19 -88.24
N LEU A 762 -8.38 5.07 -89.36
CA LEU A 762 -8.19 6.20 -90.25
C LEU A 762 -9.47 6.62 -90.96
N LEU A 763 -10.45 5.71 -91.05
CA LEU A 763 -11.70 5.97 -91.76
C LEU A 763 -12.84 6.32 -90.82
N SER A 764 -13.14 5.44 -89.87
CA SER A 764 -14.29 5.63 -89.00
C SER A 764 -14.05 6.79 -88.04
N SER A 765 -15.09 7.15 -87.31
CA SER A 765 -15.00 8.23 -86.34
C SER A 765 -14.15 7.81 -85.15
N VAL A 766 -13.90 8.78 -84.26
CA VAL A 766 -13.12 8.55 -83.05
C VAL A 766 -14.06 8.72 -81.87
N LEU A 767 -14.33 7.62 -81.16
CA LEU A 767 -15.19 7.65 -79.97
C LEU A 767 -14.29 7.77 -78.75
N PHE A 768 -13.87 9.00 -78.47
CA PHE A 768 -12.96 9.25 -77.36
C PHE A 768 -13.70 9.38 -76.03
N TYR A 769 -14.91 9.92 -76.05
CA TYR A 769 -15.65 10.09 -74.80
C TYR A 769 -15.96 8.75 -74.15
N GLU A 770 -16.32 7.75 -74.97
CA GLU A 770 -16.61 6.42 -74.41
C GLU A 770 -15.36 5.82 -73.77
N GLY A 771 -14.22 5.92 -74.45
CA GLY A 771 -12.99 5.41 -73.87
C GLY A 771 -12.61 6.12 -72.58
N LEU A 772 -12.80 7.44 -72.56
CA LEU A 772 -12.58 8.19 -71.33
C LEU A 772 -13.61 7.87 -70.26
N GLN A 773 -14.80 7.42 -70.66
CA GLN A 773 -15.79 6.98 -69.68
C GLN A 773 -15.35 5.69 -69.01
N LYS A 774 -14.79 4.75 -69.78
CA LYS A 774 -14.39 3.46 -69.23
C LYS A 774 -13.30 3.61 -68.18
N ILE A 775 -12.60 4.74 -68.15
CA ILE A 775 -11.55 4.99 -67.18
C ILE A 775 -12.17 5.10 -65.80
N PRO A 776 -11.50 4.63 -64.73
CA PRO A 776 -12.07 4.78 -63.38
C PRO A 776 -12.23 6.24 -62.98
N SER A 777 -12.80 6.45 -61.79
CA SER A 777 -13.07 7.80 -61.30
C SER A 777 -11.87 8.45 -60.62
N ASN A 778 -10.78 7.70 -60.38
CA ASN A 778 -9.60 8.24 -59.72
C ASN A 778 -8.32 7.76 -60.39
N ALA A 779 -8.38 7.47 -61.68
CA ALA A 779 -7.21 6.98 -62.39
C ALA A 779 -6.20 8.10 -62.62
N ILE A 780 -4.93 7.73 -62.62
CA ILE A 780 -3.84 8.67 -62.90
C ILE A 780 -3.51 8.50 -64.38
N ALA A 781 -4.11 9.35 -65.21
CA ALA A 781 -3.91 9.29 -66.65
C ALA A 781 -2.75 10.19 -67.05
N ILE A 782 -1.75 9.60 -67.70
CA ILE A 782 -0.57 10.32 -68.17
C ILE A 782 -0.72 10.59 -69.65
N GLU A 783 -0.60 11.86 -70.05
CA GLU A 783 -0.73 12.25 -71.45
C GLU A 783 0.64 12.15 -72.10
N ILE A 784 0.85 11.12 -72.91
CA ILE A 784 2.11 10.91 -73.61
C ILE A 784 1.99 11.56 -74.98
N ALA A 785 2.70 12.66 -75.18
CA ALA A 785 2.67 13.39 -76.44
C ALA A 785 3.73 14.48 -76.45
N PRO A 786 4.05 15.05 -77.61
CA PRO A 786 5.02 16.17 -77.62
C PRO A 786 4.55 17.35 -76.78
N ALA A 787 3.25 17.52 -76.59
CA ALA A 787 2.71 18.60 -75.77
C ALA A 787 1.41 18.13 -75.15
N GLY A 788 1.03 18.80 -74.06
CA GLY A 788 -0.23 18.50 -73.39
C GLY A 788 -1.42 19.04 -74.15
N LEU A 789 -1.69 18.46 -75.33
CA LEU A 789 -2.73 18.98 -76.21
C LEU A 789 -4.10 18.83 -75.59
N LEU A 790 -4.44 17.62 -75.13
CA LEU A 790 -5.78 17.30 -74.65
C LEU A 790 -5.90 17.42 -73.14
N GLN A 791 -5.12 18.30 -72.52
CA GLN A 791 -5.20 18.47 -71.07
C GLN A 791 -6.60 18.92 -70.66
N SER A 792 -7.13 19.97 -71.29
CA SER A 792 -8.46 20.45 -70.96
C SER A 792 -9.52 19.42 -71.31
N VAL A 793 -9.42 18.82 -72.50
CA VAL A 793 -10.41 17.84 -72.93
C VAL A 793 -10.42 16.64 -71.99
N ILE A 794 -9.23 16.13 -71.65
CA ILE A 794 -9.15 14.97 -70.77
C ILE A 794 -9.67 15.31 -69.39
N LYS A 795 -9.29 16.48 -68.86
CA LYS A 795 -9.71 16.85 -67.51
C LYS A 795 -11.22 16.98 -67.42
N LYS A 796 -11.84 17.62 -68.42
CA LYS A 796 -13.29 17.78 -68.42
C LYS A 796 -13.98 16.43 -68.52
N SER A 797 -13.47 15.53 -69.37
CA SER A 797 -14.14 14.26 -69.59
C SER A 797 -14.03 13.34 -68.39
N LEU A 798 -12.87 13.30 -67.74
CA LEU A 798 -12.66 12.34 -66.66
C LEU A 798 -13.48 12.70 -65.43
N GLY A 799 -13.23 13.85 -64.85
CA GLY A 799 -13.92 14.28 -63.65
C GLY A 799 -13.02 15.12 -62.77
N GLN A 800 -13.29 15.05 -61.47
CA GLN A 800 -12.58 15.85 -60.48
C GLN A 800 -11.58 15.05 -59.66
N ASP A 801 -11.77 13.75 -59.52
CA ASP A 801 -10.93 12.92 -58.67
C ASP A 801 -9.78 12.25 -59.43
N CYS A 802 -9.63 12.54 -60.72
CA CYS A 802 -8.60 11.91 -61.55
C CYS A 802 -7.42 12.86 -61.67
N THR A 803 -6.25 12.37 -61.30
CA THR A 803 -5.01 13.14 -61.47
C THR A 803 -4.62 13.15 -62.95
N ILE A 804 -4.18 14.31 -63.42
CA ILE A 804 -3.79 14.48 -64.82
C ILE A 804 -2.43 15.16 -64.88
N VAL A 805 -1.55 14.62 -65.71
CA VAL A 805 -0.19 15.14 -65.86
C VAL A 805 0.20 15.07 -67.32
N ALA A 806 0.98 16.06 -67.76
CA ALA A 806 1.50 16.12 -69.12
C ALA A 806 3.01 15.98 -69.09
N LEU A 807 3.55 15.09 -69.92
CA LEU A 807 4.97 14.83 -69.94
C LEU A 807 5.77 15.89 -70.69
N GLN A 808 5.11 16.76 -71.45
CA GLN A 808 5.79 17.79 -72.22
C GLN A 808 4.94 19.06 -72.24
N LYS A 809 5.61 20.18 -72.45
CA LYS A 809 4.95 21.49 -72.54
C LYS A 809 5.43 22.21 -73.79
N ARG A 810 4.49 22.85 -74.49
CA ARG A 810 4.79 23.50 -75.74
C ARG A 810 5.70 24.72 -75.53
N LYS A 811 6.70 24.86 -76.39
CA LYS A 811 7.62 25.99 -76.36
C LYS A 811 8.23 26.17 -74.98
N SER A 812 8.37 25.08 -74.23
CA SER A 812 8.96 25.17 -72.90
C SER A 812 10.46 25.44 -73.02
N PRO A 813 11.02 26.33 -72.17
CA PRO A 813 12.48 26.52 -72.21
C PRO A 813 13.26 25.26 -71.89
N ASN A 814 12.68 24.34 -71.12
CA ASN A 814 13.32 23.08 -70.80
C ASN A 814 12.25 22.02 -70.62
N ASN A 815 12.27 21.00 -71.48
CA ASN A 815 11.28 19.93 -71.41
C ASN A 815 11.71 18.79 -70.51
N LEU A 816 13.02 18.58 -70.34
CA LEU A 816 13.48 17.52 -69.45
C LEU A 816 12.99 17.76 -68.02
N GLU A 817 13.09 19.01 -67.54
CA GLU A 817 12.59 19.32 -66.21
C GLU A 817 11.07 19.14 -66.14
N VAL A 818 10.35 19.52 -67.20
CA VAL A 818 8.92 19.31 -67.24
C VAL A 818 8.60 17.83 -67.16
N PHE A 819 9.34 17.01 -67.92
CA PHE A 819 9.12 15.57 -67.89
C PHE A 819 9.39 14.99 -66.51
N PHE A 820 10.48 15.42 -65.88
CA PHE A 820 10.79 14.92 -64.53
C PHE A 820 9.74 15.38 -63.52
N SER A 821 9.32 16.64 -63.61
CA SER A 821 8.28 17.13 -62.70
C SER A 821 6.98 16.38 -62.90
N ALA A 822 6.62 16.09 -64.15
CA ALA A 822 5.39 15.34 -64.42
C ALA A 822 5.42 13.98 -63.76
N LEU A 823 6.53 13.25 -63.90
CA LEU A 823 6.64 11.93 -63.29
C LEU A 823 6.76 12.02 -61.79
N GLY A 824 7.38 13.07 -61.27
CA GLY A 824 7.39 13.27 -59.83
C GLY A 824 6.00 13.47 -59.27
N LYS A 825 5.15 14.22 -59.98
CA LYS A 825 3.76 14.34 -59.59
C LYS A 825 3.06 12.98 -59.67
N CYS A 826 3.33 12.22 -60.72
CA CYS A 826 2.70 10.90 -60.86
C CYS A 826 3.09 9.99 -59.70
N TYR A 827 4.38 9.98 -59.33
CA TYR A 827 4.81 9.15 -58.20
C TYR A 827 4.18 9.63 -56.90
N SER A 828 4.09 10.95 -56.71
CA SER A 828 3.56 11.47 -55.45
C SER A 828 2.13 10.98 -55.21
N HIS A 829 1.41 10.64 -56.27
CA HIS A 829 0.03 10.17 -56.15
C HIS A 829 -0.07 8.65 -56.11
N GLY A 830 1.06 7.93 -56.07
CA GLY A 830 1.04 6.51 -55.82
C GLY A 830 1.16 5.62 -57.03
N VAL A 831 2.13 5.89 -57.90
CA VAL A 831 2.45 5.01 -59.02
C VAL A 831 3.91 4.60 -58.87
N PRO A 832 4.21 3.30 -58.77
CA PRO A 832 5.61 2.88 -58.65
C PRO A 832 6.38 3.14 -59.93
N MET A 833 7.69 3.34 -59.78
CA MET A 833 8.53 3.66 -60.93
C MET A 833 9.98 3.72 -60.45
N ASN A 834 10.90 3.60 -61.40
CA ASN A 834 12.35 3.56 -61.13
C ASN A 834 13.05 4.65 -61.93
N PRO A 835 13.34 5.80 -61.31
CA PRO A 835 13.99 6.88 -62.07
C PRO A 835 15.36 6.50 -62.60
N LEU A 836 16.03 5.53 -61.99
CA LEU A 836 17.38 5.15 -62.37
C LEU A 836 17.41 4.21 -63.58
N GLY A 837 16.26 3.85 -64.13
CA GLY A 837 16.23 3.01 -65.31
C GLY A 837 16.66 3.70 -66.59
N LEU A 838 16.77 5.02 -66.58
CA LEU A 838 17.27 5.77 -67.73
C LEU A 838 18.79 5.85 -67.77
N TYR A 839 19.48 5.36 -66.75
CA TYR A 839 20.92 5.45 -66.66
C TYR A 839 21.50 4.06 -66.41
N PRO A 840 22.77 3.85 -66.71
CA PRO A 840 23.37 2.54 -66.50
C PRO A 840 23.21 2.08 -65.06
N ALA A 841 22.89 0.80 -64.89
CA ALA A 841 22.63 0.27 -63.56
C ALA A 841 23.88 0.33 -62.69
N VAL A 842 23.70 0.68 -61.43
CA VAL A 842 24.80 0.75 -60.48
C VAL A 842 25.17 -0.66 -60.05
N GLN A 843 26.47 -0.94 -60.05
CA GLN A 843 26.97 -2.26 -59.67
C GLN A 843 26.98 -2.40 -58.16
N PHE A 844 26.27 -3.42 -57.64
CA PHE A 844 26.23 -3.66 -56.21
C PHE A 844 27.24 -4.72 -55.81
N PRO A 845 27.78 -4.66 -54.58
CA PRO A 845 27.51 -3.68 -53.51
C PRO A 845 28.10 -2.31 -53.84
N VAL A 846 27.52 -1.24 -53.28
CA VAL A 846 27.94 0.11 -53.60
C VAL A 846 29.27 0.42 -52.94
N SER A 847 29.89 1.52 -53.36
CA SER A 847 31.16 1.93 -52.77
C SER A 847 30.99 2.29 -51.30
N ILE A 848 32.06 2.10 -50.53
CA ILE A 848 32.02 2.41 -49.10
C ILE A 848 31.87 3.90 -48.82
N ASP A 849 31.99 4.75 -49.84
CA ASP A 849 31.82 6.19 -49.67
C ASP A 849 30.36 6.63 -49.69
N THR A 850 29.43 5.71 -49.92
CA THR A 850 28.02 6.08 -49.95
C THR A 850 27.57 6.51 -48.56
N PRO A 851 26.94 7.68 -48.41
CA PRO A 851 26.48 8.12 -47.09
C PRO A 851 25.48 7.13 -46.50
N MET A 852 25.15 7.35 -45.22
CA MET A 852 24.23 6.49 -44.50
C MET A 852 22.80 6.98 -44.67
N LEU A 853 21.90 6.05 -44.92
CA LEU A 853 20.48 6.36 -45.04
C LEU A 853 19.71 6.20 -43.73
N SER A 854 20.36 5.66 -42.68
CA SER A 854 19.66 5.43 -41.42
C SER A 854 19.26 6.75 -40.77
N SER A 855 20.13 7.75 -40.84
CA SER A 855 19.84 9.02 -40.17
C SER A 855 18.57 9.66 -40.73
N MET A 856 18.40 9.61 -42.05
CA MET A 856 17.22 10.23 -42.67
C MET A 856 15.94 9.58 -42.15
N VAL A 857 15.90 8.25 -42.11
CA VAL A 857 14.70 7.56 -41.65
C VAL A 857 14.49 7.82 -40.16
N SER A 858 15.57 7.91 -39.39
CA SER A 858 15.43 8.13 -37.95
C SER A 858 14.76 9.45 -37.65
N GLU A 859 15.10 10.50 -38.40
CA GLU A 859 14.51 11.82 -38.20
C GLU A 859 13.25 12.04 -39.05
N ALA A 860 12.79 11.02 -39.77
CA ALA A 860 11.62 11.11 -40.62
C ALA A 860 10.50 10.20 -40.12
N TRP A 861 10.32 10.15 -38.81
CA TRP A 861 9.28 9.35 -38.18
C TRP A 861 8.10 10.22 -37.78
N ASP A 862 6.97 9.56 -37.49
CA ASP A 862 5.78 10.21 -36.98
C ASP A 862 5.73 9.94 -35.48
N HIS A 863 6.09 10.95 -34.69
CA HIS A 863 6.23 10.83 -33.24
C HIS A 863 5.35 11.83 -32.52
N SER A 864 4.17 12.10 -33.07
CA SER A 864 3.26 13.04 -32.43
C SER A 864 2.79 12.54 -31.06
N ALA A 865 2.48 11.25 -30.96
CA ALA A 865 1.95 10.69 -29.73
C ALA A 865 3.07 10.34 -28.76
N LYS A 866 2.80 10.55 -27.47
CA LYS A 866 3.72 10.19 -26.40
C LYS A 866 3.14 9.03 -25.60
N TRP A 867 3.92 7.98 -25.43
CA TRP A 867 3.47 6.76 -24.77
C TRP A 867 4.02 6.69 -23.35
N ARG A 868 3.48 5.74 -22.59
CA ARG A 868 3.87 5.58 -21.19
C ARG A 868 5.34 5.17 -21.11
N VAL A 869 6.01 5.70 -20.08
CA VAL A 869 7.40 5.33 -19.78
C VAL A 869 7.49 5.07 -18.29
N PRO A 870 8.34 4.15 -17.83
CA PRO A 870 8.45 3.92 -16.39
C PRO A 870 8.84 5.18 -15.65
N LEU A 871 8.26 5.37 -14.47
CA LEU A 871 8.52 6.53 -13.63
C LEU A 871 9.19 6.08 -12.33
N VAL A 872 9.99 6.98 -11.77
CA VAL A 872 10.73 6.65 -10.55
C VAL A 872 9.78 6.32 -9.42
N GLU A 873 8.65 7.04 -9.35
CA GLU A 873 7.70 6.81 -8.26
C GLU A 873 7.13 5.40 -8.28
N GLU A 874 7.15 4.72 -9.42
CA GLU A 874 6.65 3.35 -9.50
C GLU A 874 7.65 2.32 -9.00
N PHE A 875 8.92 2.69 -8.84
CA PHE A 875 9.94 1.76 -8.39
C PHE A 875 10.10 1.74 -6.87
N GLU A 876 9.42 2.62 -6.15
CA GLU A 876 9.51 2.71 -4.70
C GLU A 876 8.22 2.22 -4.07
N TYR A 877 8.34 1.33 -3.10
CA TYR A 877 7.17 0.78 -2.41
C TYR A 877 7.60 -0.15 -1.28
N SER A 883 -5.33 2.08 3.22
CA SER A 883 -4.16 1.43 3.78
C SER A 883 -4.47 -0.04 4.09
N ASP A 884 -5.60 -0.28 4.74
CA ASP A 884 -6.07 -1.63 5.02
C ASP A 884 -6.84 -2.14 3.80
N ASN A 885 -7.66 -3.16 4.00
CA ASN A 885 -8.34 -3.87 2.91
C ASN A 885 -8.81 -2.94 1.80
N VAL A 886 -8.46 -3.28 0.56
CA VAL A 886 -8.95 -2.58 -0.62
C VAL A 886 -9.94 -3.52 -1.32
N ILE A 887 -11.20 -3.09 -1.39
CA ILE A 887 -12.27 -3.92 -1.92
C ILE A 887 -12.55 -3.50 -3.35
N ASP A 888 -12.67 -4.48 -4.24
CA ASP A 888 -12.98 -4.25 -5.65
C ASP A 888 -14.38 -4.79 -5.92
N ILE A 889 -15.24 -3.92 -6.44
CA ILE A 889 -16.62 -4.29 -6.76
C ILE A 889 -16.71 -4.41 -8.28
N ASP A 890 -16.81 -5.64 -8.77
CA ASP A 890 -16.84 -5.93 -10.20
C ASP A 890 -18.29 -5.91 -10.67
N LEU A 891 -18.68 -4.81 -11.30
CA LEU A 891 -20.03 -4.64 -11.84
C LEU A 891 -20.07 -5.10 -13.30
N SER A 892 -19.83 -6.39 -13.49
CA SER A 892 -19.71 -7.00 -14.81
C SER A 892 -20.95 -7.82 -15.10
N GLU A 893 -20.98 -8.41 -16.30
CA GLU A 893 -22.19 -9.09 -16.78
C GLU A 893 -22.60 -10.24 -15.87
N ASP A 894 -21.63 -11.07 -15.45
CA ASP A 894 -21.94 -12.27 -14.67
C ASP A 894 -21.25 -12.27 -13.31
N SER A 895 -20.69 -11.14 -12.89
CA SER A 895 -20.01 -11.09 -11.61
C SER A 895 -21.02 -11.30 -10.48
N PRO A 896 -20.62 -11.96 -9.40
CA PRO A 896 -21.58 -12.28 -8.34
C PRO A 896 -22.19 -11.07 -7.65
N GLU A 897 -21.53 -9.90 -7.73
CA GLU A 897 -22.07 -8.67 -7.14
C GLU A 897 -22.65 -7.75 -8.19
N ASN A 898 -23.17 -8.30 -9.28
CA ASN A 898 -23.92 -7.52 -10.26
C ASN A 898 -25.30 -7.11 -9.77
N TYR A 899 -25.79 -7.72 -8.68
CA TYR A 899 -27.06 -7.32 -8.11
C TYR A 899 -27.02 -5.90 -7.54
N LEU A 900 -25.83 -5.33 -7.36
CA LEU A 900 -25.69 -3.99 -6.81
C LEU A 900 -26.09 -2.90 -7.79
N LEU A 901 -26.25 -3.22 -9.08
CA LEU A 901 -26.76 -2.27 -10.04
C LEU A 901 -28.28 -2.15 -9.98
N GLU A 902 -28.95 -2.99 -9.19
CA GLU A 902 -30.38 -2.95 -9.01
C GLU A 902 -30.79 -2.04 -7.85
N HIS A 903 -29.96 -1.06 -7.51
CA HIS A 903 -30.21 -0.13 -6.43
C HIS A 903 -29.95 1.28 -6.97
N ALA A 904 -31.02 1.96 -7.38
CA ALA A 904 -30.89 3.29 -7.98
C ALA A 904 -31.77 4.28 -7.24
N VAL A 905 -31.39 5.55 -7.31
CA VAL A 905 -32.13 6.65 -6.72
C VAL A 905 -32.31 7.70 -7.81
N ASP A 906 -33.54 7.85 -8.30
CA ASP A 906 -33.83 8.78 -9.41
C ASP A 906 -32.94 8.47 -10.62
N GLY A 907 -32.84 7.20 -10.97
CA GLY A 907 -32.06 6.79 -12.13
C GLY A 907 -30.62 6.45 -11.85
N ARG A 908 -29.93 7.30 -11.10
CA ARG A 908 -28.52 7.06 -10.79
C ARG A 908 -28.38 5.76 -10.01
N MET A 909 -27.41 4.94 -10.42
CA MET A 909 -27.09 3.74 -9.66
C MET A 909 -26.19 4.12 -8.48
N LEU A 910 -26.50 3.58 -7.30
CA LEU A 910 -25.83 3.97 -6.08
C LEU A 910 -25.43 2.75 -5.28
N PHE A 911 -24.31 2.88 -4.57
CA PHE A 911 -23.91 1.87 -3.61
C PHE A 911 -24.74 2.06 -2.34
N PRO A 912 -25.39 1.02 -1.83
CA PRO A 912 -26.29 1.20 -0.69
C PRO A 912 -25.58 1.83 0.49
N ALA A 913 -26.29 2.71 1.19
CA ALA A 913 -25.72 3.34 2.37
C ALA A 913 -25.24 2.30 3.37
N THR A 914 -26.05 1.26 3.60
CA THR A 914 -25.63 0.12 4.40
C THR A 914 -24.92 -0.92 3.53
N GLY A 915 -23.96 -0.45 2.74
CA GLY A 915 -23.10 -1.33 1.97
C GLY A 915 -21.66 -1.13 2.40
N THR A 916 -21.34 0.07 2.85
CA THR A 916 -20.06 0.32 3.47
C THR A 916 -19.98 -0.28 4.86
N LEU A 917 -21.13 -0.50 5.50
CA LEU A 917 -21.14 -1.23 6.77
C LEU A 917 -20.61 -2.64 6.60
N VAL A 918 -21.03 -3.32 5.53
CA VAL A 918 -20.55 -4.67 5.27
C VAL A 918 -19.07 -4.64 4.91
N LEU A 919 -18.65 -3.66 4.12
CA LEU A 919 -17.23 -3.54 3.78
C LEU A 919 -16.39 -3.34 5.04
N ALA A 920 -16.83 -2.44 5.92
CA ALA A 920 -16.14 -2.29 7.20
C ALA A 920 -16.25 -3.56 8.03
N TRP A 921 -17.41 -4.20 8.01
CA TRP A 921 -17.60 -5.44 8.75
C TRP A 921 -16.64 -6.52 8.25
N LYS A 922 -16.57 -6.69 6.93
CA LYS A 922 -15.66 -7.70 6.37
C LYS A 922 -14.21 -7.34 6.62
N THR A 923 -13.88 -6.04 6.57
CA THR A 923 -12.50 -5.63 6.79
C THR A 923 -12.05 -5.94 8.21
N LEU A 924 -12.88 -5.59 9.20
CA LEU A 924 -12.49 -5.85 10.58
C LEU A 924 -12.28 -7.33 10.84
N ALA A 925 -13.18 -8.17 10.33
CA ALA A 925 -13.00 -9.61 10.47
C ALA A 925 -11.71 -10.07 9.81
N LYS A 926 -11.39 -9.50 8.65
CA LYS A 926 -10.15 -9.87 7.97
C LYS A 926 -8.94 -9.51 8.82
N LEU A 927 -8.95 -8.34 9.46
CA LEU A 927 -7.84 -7.98 10.34
C LEU A 927 -7.72 -8.96 11.49
N LYS A 928 -8.84 -9.34 12.09
CA LYS A 928 -8.82 -10.32 13.18
C LYS A 928 -8.48 -11.72 12.70
N GLY A 929 -8.53 -11.97 11.39
CA GLY A 929 -8.26 -13.28 10.85
C GLY A 929 -9.42 -14.24 10.91
N VAL A 930 -10.56 -13.83 11.48
CA VAL A 930 -11.72 -14.69 11.59
C VAL A 930 -12.60 -14.49 10.37
N GLU A 931 -13.49 -15.45 10.13
CA GLU A 931 -14.44 -15.33 9.04
C GLU A 931 -15.51 -14.29 9.40
N PHE A 932 -15.85 -13.45 8.42
CA PHE A 932 -16.72 -12.31 8.72
C PHE A 932 -18.10 -12.74 9.19
N GLU A 933 -18.56 -13.91 8.79
CA GLU A 933 -19.86 -14.40 9.20
C GLU A 933 -19.84 -15.11 10.56
N GLN A 934 -18.69 -15.14 11.22
CA GLN A 934 -18.58 -15.62 12.58
C GLN A 934 -18.21 -14.51 13.55
N LEU A 935 -18.31 -13.25 13.14
CA LEU A 935 -17.93 -12.11 13.95
C LEU A 935 -19.14 -11.21 14.16
N GLY A 936 -19.41 -10.87 15.42
CA GLY A 936 -20.48 -9.95 15.74
C GLY A 936 -19.96 -8.55 15.97
N VAL A 937 -20.34 -7.63 15.09
CA VAL A 937 -19.80 -6.27 15.11
C VAL A 937 -20.90 -5.31 15.55
N GLN A 938 -20.48 -4.08 15.86
CA GLN A 938 -21.40 -3.00 16.18
C GLN A 938 -20.80 -1.70 15.67
N MET A 939 -21.46 -1.08 14.69
CA MET A 939 -21.03 0.19 14.14
C MET A 939 -21.83 1.30 14.78
N THR A 940 -21.14 2.34 15.26
CA THR A 940 -21.76 3.45 15.97
C THR A 940 -21.42 4.76 15.28
N ASN A 941 -22.41 5.64 15.17
CA ASN A 941 -22.24 6.96 14.59
C ASN A 941 -21.57 6.86 13.22
N VAL A 942 -22.21 6.12 12.33
CA VAL A 942 -21.71 5.95 10.96
C VAL A 942 -22.13 7.16 10.14
N GLN A 943 -21.16 7.93 9.69
CA GLN A 943 -21.41 9.12 8.89
C GLN A 943 -21.26 8.78 7.41
N ILE A 944 -22.26 9.13 6.62
CA ILE A 944 -22.22 8.96 5.17
C ILE A 944 -21.96 10.33 4.57
N HIS A 945 -20.76 10.53 4.04
CA HIS A 945 -20.36 11.83 3.53
C HIS A 945 -20.67 12.02 2.06
N GLN A 946 -20.58 10.95 1.25
CA GLN A 946 -20.83 11.04 -0.17
C GLN A 946 -21.64 9.83 -0.60
N ALA A 947 -21.92 9.75 -1.91
CA ALA A 947 -22.62 8.64 -2.51
C ALA A 947 -21.71 8.00 -3.54
N LEU A 948 -21.44 6.71 -3.36
CA LEU A 948 -20.56 5.98 -4.27
C LEU A 948 -21.35 5.58 -5.51
N PHE A 949 -21.12 6.28 -6.61
CA PHE A 949 -21.88 6.08 -7.84
C PHE A 949 -21.35 4.85 -8.56
N LEU A 950 -22.14 3.78 -8.59
CA LEU A 950 -21.76 2.59 -9.33
C LEU A 950 -21.87 2.86 -10.83
N ASN A 951 -21.13 2.08 -11.60
CA ASN A 951 -21.15 2.20 -13.05
C ASN A 951 -21.23 0.82 -13.69
N PRO A 952 -22.20 0.55 -14.55
CA PRO A 952 -22.32 -0.79 -15.14
C PRO A 952 -21.09 -1.14 -15.94
N GLY A 953 -20.71 -2.42 -15.90
CA GLY A 953 -19.53 -2.86 -16.63
C GLY A 953 -18.27 -2.16 -16.21
N GLY A 954 -18.21 -1.65 -14.98
CA GLY A 954 -17.04 -0.96 -14.50
C GLY A 954 -16.57 -1.55 -13.19
N LYS A 955 -15.35 -1.18 -12.82
CA LYS A 955 -14.73 -1.65 -11.59
C LYS A 955 -14.54 -0.46 -10.66
N THR A 956 -15.08 -0.57 -9.45
CA THR A 956 -14.95 0.46 -8.43
C THR A 956 -14.06 -0.08 -7.31
N THR A 957 -13.00 0.67 -6.99
CA THR A 957 -12.06 0.29 -5.95
C THR A 957 -12.21 1.25 -4.78
N VAL A 958 -12.49 0.71 -3.60
CA VAL A 958 -12.68 1.50 -2.39
C VAL A 958 -11.72 0.97 -1.33
N SER A 959 -11.13 1.89 -0.57
CA SER A 959 -10.19 1.56 0.49
C SER A 959 -10.89 1.68 1.83
N VAL A 960 -10.81 0.62 2.64
CA VAL A 960 -11.35 0.62 3.99
C VAL A 960 -10.17 0.59 4.96
N SER A 961 -10.14 1.55 5.88
CA SER A 961 -9.07 1.67 6.86
C SER A 961 -9.70 1.61 8.25
N VAL A 962 -9.25 0.66 9.06
CA VAL A 962 -9.77 0.44 10.41
C VAL A 962 -8.63 0.59 11.39
N MET A 963 -8.82 1.43 12.40
CA MET A 963 -7.81 1.59 13.43
C MET A 963 -7.80 0.37 14.35
N PRO A 964 -6.63 -0.25 14.59
CA PRO A 964 -6.61 -1.55 15.28
C PRO A 964 -7.42 -1.61 16.57
N ILE A 965 -7.13 -0.74 17.54
CA ILE A 965 -7.68 -0.93 18.88
C ILE A 965 -8.97 -0.16 19.08
N THR A 966 -9.07 1.06 18.57
CA THR A 966 -10.24 1.90 18.82
C THR A 966 -11.40 1.62 17.88
N GLY A 967 -11.14 1.08 16.69
CA GLY A 967 -12.20 0.71 15.78
C GLY A 967 -12.60 1.78 14.79
N GLU A 968 -12.04 2.98 14.88
CA GLU A 968 -12.33 4.01 13.90
C GLU A 968 -12.09 3.49 12.50
N PHE A 969 -13.14 3.49 11.67
CA PHE A 969 -13.04 2.97 10.31
C PHE A 969 -13.33 4.07 9.30
N GLN A 970 -12.96 3.79 8.06
CA GLN A 970 -13.05 4.80 6.99
C GLN A 970 -13.19 4.06 5.67
N VAL A 971 -14.35 4.17 5.02
CA VAL A 971 -14.53 3.68 3.66
C VAL A 971 -14.35 4.87 2.74
N ARG A 972 -13.29 4.86 1.94
CA ARG A 972 -12.87 6.01 1.16
C ARG A 972 -12.52 5.55 -0.25
N ASP A 973 -13.15 6.16 -1.24
CA ASP A 973 -12.89 5.88 -2.64
C ASP A 973 -11.88 6.91 -3.13
N GLY A 974 -10.71 6.45 -3.54
CA GLY A 974 -9.65 7.36 -3.90
C GLY A 974 -9.23 8.21 -2.71
N GLU A 975 -9.36 9.53 -2.84
CA GLU A 975 -9.07 10.45 -1.74
C GLU A 975 -10.33 11.16 -1.24
N SER A 976 -11.49 10.55 -1.43
CA SER A 976 -12.76 11.11 -0.98
C SER A 976 -13.41 10.14 -0.01
N LEU A 977 -13.87 10.67 1.11
CA LEU A 977 -14.52 9.85 2.13
C LEU A 977 -15.96 9.55 1.73
N ILE A 978 -16.35 8.27 1.81
CA ILE A 978 -17.72 7.87 1.58
C ILE A 978 -18.43 7.47 2.87
N SER A 979 -17.70 6.97 3.86
CA SER A 979 -18.31 6.53 5.11
C SER A 979 -17.27 6.63 6.22
N SER A 980 -17.74 6.98 7.42
CA SER A 980 -16.87 7.10 8.58
C SER A 980 -17.65 6.68 9.81
N GLY A 981 -16.94 6.22 10.83
CA GLY A 981 -17.59 5.78 12.05
C GLY A 981 -16.64 4.96 12.90
N VAL A 982 -17.22 4.20 13.82
CA VAL A 982 -16.47 3.34 14.73
C VAL A 982 -17.07 1.95 14.67
N ILE A 983 -16.26 0.95 14.35
CA ILE A 983 -16.69 -0.45 14.29
C ILE A 983 -16.04 -1.18 15.45
N THR A 984 -16.86 -1.87 16.24
CA THR A 984 -16.38 -2.61 17.40
C THR A 984 -16.96 -4.01 17.37
N SER A 985 -16.09 -5.01 17.53
CA SER A 985 -16.53 -6.39 17.61
C SER A 985 -16.68 -6.80 19.07
N SER A 986 -17.37 -7.92 19.28
CA SER A 986 -17.57 -8.43 20.63
C SER A 986 -17.96 -9.90 20.54
N GLU A 987 -17.84 -10.58 21.68
CA GLU A 987 -18.25 -11.97 21.80
C GLU A 987 -19.55 -12.16 22.56
N GLY A 988 -20.00 -11.14 23.29
CA GLY A 988 -21.25 -11.22 24.01
C GLY A 988 -22.43 -10.82 23.16
N ARG A 989 -23.57 -10.64 23.82
CA ARG A 989 -24.80 -10.27 23.13
C ARG A 989 -24.81 -8.76 22.91
N LEU A 990 -24.71 -8.34 21.65
CA LEU A 990 -24.77 -6.92 21.31
C LEU A 990 -26.18 -6.45 21.00
N LEU A 991 -27.01 -7.33 20.42
CA LEU A 991 -28.34 -6.93 20.01
C LEU A 991 -29.19 -6.56 21.23
N GLU A 992 -29.90 -5.43 21.12
CA GLU A 992 -30.76 -5.00 22.21
C GLU A 992 -32.11 -5.70 22.16
N THR A 993 -32.86 -5.53 21.06
CA THR A 993 -34.15 -6.17 20.94
C THR A 993 -33.99 -7.67 20.80
N ASP A 994 -35.05 -8.39 21.17
CA ASP A 994 -35.06 -9.85 21.09
C ASP A 994 -35.63 -10.37 19.77
N GLN A 995 -35.54 -9.57 18.71
CA GLN A 995 -36.16 -9.98 17.45
C GLN A 995 -35.46 -11.19 16.85
N HIS A 996 -34.16 -11.36 17.10
CA HIS A 996 -33.44 -12.50 16.54
C HIS A 996 -34.00 -13.82 17.02
N MET A 997 -34.76 -13.82 18.11
CA MET A 997 -35.37 -15.04 18.62
C MET A 997 -36.73 -15.34 18.00
N LYS A 998 -37.40 -14.34 17.44
CA LYS A 998 -38.69 -14.57 16.82
C LYS A 998 -38.53 -15.50 15.63
N LYS A 999 -39.45 -16.46 15.51
CA LYS A 999 -39.34 -17.53 14.52
C LYS A 999 -40.31 -17.34 13.36
N GLY A 1000 -41.61 -17.25 13.65
CA GLY A 1000 -42.62 -17.18 12.61
C GLY A 1000 -42.90 -15.77 12.16
N SER A 1001 -43.95 -15.63 11.36
CA SER A 1001 -44.42 -14.34 10.88
C SER A 1001 -45.80 -14.08 11.49
N VAL A 1002 -45.94 -12.97 12.21
CA VAL A 1002 -47.20 -12.64 12.84
C VAL A 1002 -48.27 -12.21 11.85
N LEU A 1003 -47.90 -11.99 10.59
CA LEU A 1003 -48.84 -11.57 9.56
C LEU A 1003 -49.41 -12.79 8.83
N ASP A 1004 -50.09 -13.65 9.60
CA ASP A 1004 -50.68 -14.87 9.09
C ASP A 1004 -52.16 -14.87 9.38
N GLY A 1005 -52.97 -15.20 8.37
CA GLY A 1005 -54.40 -15.20 8.50
C GLY A 1005 -55.06 -13.85 8.34
N LYS A 1006 -54.28 -12.79 8.11
CA LYS A 1006 -54.84 -11.46 7.95
C LYS A 1006 -55.50 -11.32 6.57
N PRO A 1007 -56.52 -10.48 6.45
CA PRO A 1007 -57.12 -10.24 5.12
C PRO A 1007 -56.14 -9.52 4.20
N ASP A 1008 -56.41 -9.64 2.91
CA ASP A 1008 -55.56 -8.98 1.91
C ASP A 1008 -55.68 -7.46 1.96
N LYS A 1009 -56.69 -6.92 2.62
CA LYS A 1009 -56.82 -5.48 2.77
C LYS A 1009 -56.19 -4.96 4.05
N GLU A 1010 -55.55 -5.82 4.84
CA GLU A 1010 -54.82 -5.40 6.04
C GLU A 1010 -53.34 -5.74 5.93
N LEU A 1011 -52.83 -5.91 4.71
CA LEU A 1011 -51.45 -6.31 4.49
C LEU A 1011 -50.87 -5.52 3.32
N LEU A 1012 -49.56 -5.29 3.37
CA LEU A 1012 -48.82 -4.69 2.27
C LEU A 1012 -47.91 -5.75 1.66
N PHE A 1013 -48.04 -5.94 0.35
CA PHE A 1013 -47.22 -6.89 -0.38
C PHE A 1013 -46.09 -6.15 -1.10
N THR A 1014 -45.16 -6.93 -1.66
CA THR A 1014 -43.96 -6.33 -2.23
C THR A 1014 -44.30 -5.34 -3.34
N LYS A 1015 -45.35 -5.61 -4.12
CA LYS A 1015 -45.75 -4.65 -5.15
C LYS A 1015 -46.19 -3.33 -4.50
N GLU A 1016 -46.95 -3.42 -3.40
CA GLU A 1016 -47.45 -2.23 -2.73
C GLU A 1016 -46.36 -1.53 -1.93
N ILE A 1017 -45.47 -2.30 -1.30
CA ILE A 1017 -44.40 -1.71 -0.52
C ILE A 1017 -43.48 -0.88 -1.41
N TYR A 1018 -43.12 -1.43 -2.56
CA TYR A 1018 -42.13 -0.79 -3.43
C TYR A 1018 -42.77 0.14 -4.45
N ARG A 1019 -44.10 0.22 -4.50
CA ARG A 1019 -44.74 1.34 -5.17
C ARG A 1019 -44.59 2.62 -4.36
N GLU A 1020 -44.62 2.51 -3.03
CA GLU A 1020 -44.44 3.68 -2.19
C GLU A 1020 -43.01 4.21 -2.29
N PHE A 1021 -42.02 3.32 -2.27
CA PHE A 1021 -40.63 3.75 -2.39
C PHE A 1021 -40.39 4.38 -3.76
N LEU A 1022 -40.93 3.76 -4.82
CA LEU A 1022 -40.71 4.30 -6.16
C LEU A 1022 -41.23 5.73 -6.27
N LEU A 1023 -42.39 6.01 -5.67
CA LEU A 1023 -42.93 7.35 -5.70
C LEU A 1023 -42.00 8.37 -5.05
N ARG A 1024 -41.10 7.92 -4.18
CA ARG A 1024 -40.15 8.80 -3.51
C ARG A 1024 -38.78 8.81 -4.18
N GLY A 1025 -38.61 8.06 -5.26
CA GLY A 1025 -37.36 8.04 -5.99
C GLY A 1025 -36.49 6.82 -5.76
N TYR A 1026 -36.80 6.01 -4.77
CA TYR A 1026 -36.02 4.80 -4.50
C TYR A 1026 -36.46 3.70 -5.45
N GLU A 1027 -35.63 3.40 -6.44
CA GLU A 1027 -35.92 2.38 -7.43
C GLU A 1027 -35.11 1.13 -7.08
N TYR A 1028 -35.78 0.12 -6.53
CA TYR A 1028 -35.14 -1.12 -6.13
C TYR A 1028 -35.51 -2.22 -7.12
N GLY A 1029 -34.49 -2.91 -7.65
CA GLY A 1029 -34.72 -4.05 -8.49
C GLY A 1029 -35.06 -5.29 -7.68
N ALA A 1030 -35.30 -6.39 -8.40
CA ALA A 1030 -35.76 -7.60 -7.74
C ALA A 1030 -34.79 -8.08 -6.66
N ALA A 1031 -33.50 -7.76 -6.80
CA ALA A 1031 -32.54 -8.20 -5.80
C ALA A 1031 -32.75 -7.50 -4.46
N PHE A 1032 -33.08 -6.21 -4.50
CA PHE A 1032 -33.20 -5.39 -3.30
C PHE A 1032 -34.62 -5.36 -2.76
N GLN A 1033 -35.56 -6.09 -3.36
CA GLN A 1033 -36.94 -6.12 -2.89
C GLN A 1033 -37.09 -7.22 -1.85
N GLY A 1034 -36.57 -6.93 -0.65
CA GLY A 1034 -36.53 -7.93 0.40
C GLY A 1034 -37.80 -8.02 1.22
N ILE A 1035 -38.46 -6.90 1.48
CA ILE A 1035 -39.65 -6.92 2.33
C ILE A 1035 -40.79 -7.56 1.53
N GLN A 1036 -41.10 -8.81 1.84
CA GLN A 1036 -42.10 -9.56 1.09
C GLN A 1036 -43.51 -9.37 1.60
N ARG A 1037 -43.68 -8.78 2.79
CA ARG A 1037 -45.01 -8.55 3.32
C ARG A 1037 -44.87 -7.73 4.60
N ALA A 1038 -45.89 -6.91 4.88
CA ALA A 1038 -45.86 -6.04 6.05
C ALA A 1038 -47.28 -5.67 6.43
N SER A 1039 -47.43 -5.16 7.65
CA SER A 1039 -48.70 -4.66 8.14
C SER A 1039 -48.92 -3.22 7.68
N LEU A 1040 -50.16 -2.75 7.83
CA LEU A 1040 -50.49 -1.40 7.40
C LEU A 1040 -49.62 -0.36 8.11
N ASP A 1041 -49.32 -0.60 9.38
CA ASP A 1041 -48.44 0.29 10.13
C ASP A 1041 -46.98 0.12 9.74
N ALA A 1042 -46.64 -0.92 8.98
CA ALA A 1042 -45.27 -1.28 8.63
C ALA A 1042 -44.44 -1.66 9.84
N THR A 1043 -45.08 -1.91 10.99
CA THR A 1043 -44.33 -2.34 12.17
C THR A 1043 -43.85 -3.78 12.03
N ASP A 1044 -44.72 -4.66 11.54
CA ASP A 1044 -44.36 -6.06 11.32
C ASP A 1044 -44.12 -6.30 9.84
N THR A 1045 -43.07 -7.05 9.53
CA THR A 1045 -42.70 -7.31 8.14
C THR A 1045 -42.12 -8.70 8.03
N ASP A 1046 -42.09 -9.21 6.80
CA ASP A 1046 -41.42 -10.47 6.47
C ASP A 1046 -40.26 -10.13 5.54
N ILE A 1047 -39.04 -10.30 6.03
CA ILE A 1047 -37.83 -9.90 5.32
C ILE A 1047 -37.18 -11.15 4.73
N ARG A 1048 -36.81 -11.05 3.45
CA ARG A 1048 -36.23 -12.19 2.75
C ARG A 1048 -34.74 -12.32 3.06
N TRP A 1049 -34.28 -13.55 3.23
CA TRP A 1049 -32.88 -13.86 3.50
C TRP A 1049 -32.34 -14.67 2.33
N ASP A 1050 -31.47 -14.06 1.53
CA ASP A 1050 -30.91 -14.70 0.34
C ASP A 1050 -29.40 -14.87 0.42
N GLY A 1051 -28.79 -14.59 1.57
CA GLY A 1051 -27.36 -14.77 1.73
C GLY A 1051 -26.51 -13.60 1.29
N ARG A 1052 -27.10 -12.57 0.72
CA ARG A 1052 -26.37 -11.38 0.31
C ARG A 1052 -26.57 -10.31 1.37
N TRP A 1053 -25.48 -9.91 2.03
CA TRP A 1053 -25.59 -9.06 3.21
C TRP A 1053 -25.86 -7.61 2.86
N ILE A 1054 -25.33 -7.11 1.73
CA ILE A 1054 -25.63 -5.74 1.35
C ILE A 1054 -27.12 -5.58 1.06
N SER A 1055 -27.72 -6.57 0.40
CA SER A 1055 -29.16 -6.54 0.19
C SER A 1055 -29.91 -6.61 1.52
N TYR A 1056 -29.51 -7.54 2.39
CA TYR A 1056 -30.25 -7.74 3.63
C TYR A 1056 -30.21 -6.48 4.50
N LEU A 1057 -29.04 -5.87 4.65
CA LEU A 1057 -28.95 -4.66 5.45
C LEU A 1057 -29.79 -3.53 4.86
N ASP A 1058 -29.80 -3.40 3.54
CA ASP A 1058 -30.63 -2.38 2.92
C ASP A 1058 -32.11 -2.63 3.18
N THR A 1059 -32.54 -3.89 3.09
CA THR A 1059 -33.94 -4.20 3.33
C THR A 1059 -34.34 -4.00 4.78
N VAL A 1060 -33.38 -4.05 5.71
CA VAL A 1060 -33.69 -3.70 7.10
C VAL A 1060 -33.71 -2.19 7.30
N LEU A 1061 -32.97 -1.44 6.48
CA LEU A 1061 -33.10 0.01 6.48
C LEU A 1061 -34.36 0.48 5.78
N GLN A 1062 -34.88 -0.32 4.85
CA GLN A 1062 -36.15 0.03 4.21
C GLN A 1062 -37.29 0.06 5.22
N MET A 1063 -37.22 -0.78 6.26
CA MET A 1063 -38.25 -0.76 7.28
C MET A 1063 -38.32 0.59 7.97
N TYR A 1064 -37.16 1.17 8.28
CA TYR A 1064 -37.16 2.53 8.83
C TYR A 1064 -37.75 3.52 7.83
N LEU A 1065 -37.36 3.40 6.56
CA LEU A 1065 -37.92 4.28 5.54
C LEU A 1065 -39.43 4.06 5.41
N LEU A 1066 -39.87 2.80 5.45
CA LEU A 1066 -41.29 2.50 5.37
C LEU A 1066 -42.06 3.00 6.59
N SER A 1067 -41.36 3.38 7.66
CA SER A 1067 -41.99 3.88 8.87
C SER A 1067 -42.14 5.39 8.90
N LYS A 1068 -41.70 6.09 7.84
CA LYS A 1068 -41.79 7.55 7.77
C LYS A 1068 -42.48 7.92 6.46
N PRO A 1069 -43.79 7.73 6.38
CA PRO A 1069 -44.50 8.06 5.13
C PRO A 1069 -44.32 9.53 4.76
N GLY A 1070 -44.26 9.78 3.46
CA GLY A 1070 -44.08 11.14 2.99
C GLY A 1070 -43.97 11.17 1.49
N THR A 1071 -43.50 12.30 0.98
CA THR A 1071 -43.31 12.50 -0.46
C THR A 1071 -41.88 12.81 -0.85
N HIS A 1072 -41.08 13.38 0.05
CA HIS A 1072 -39.73 13.79 -0.29
C HIS A 1072 -38.78 12.59 -0.29
N GLN A 1073 -37.61 12.79 -0.87
CA GLN A 1073 -36.55 11.79 -0.90
C GLN A 1073 -35.58 12.08 0.23
N ALA A 1074 -35.41 11.10 1.12
CA ALA A 1074 -34.56 11.24 2.29
C ALA A 1074 -33.27 10.46 2.07
N LEU A 1075 -32.14 11.15 2.17
CA LEU A 1075 -30.84 10.51 2.01
C LEU A 1075 -30.22 10.27 3.38
N PRO A 1076 -29.98 9.02 3.78
CA PRO A 1076 -29.40 8.80 5.11
C PRO A 1076 -28.07 9.51 5.25
N THR A 1077 -27.85 10.07 6.44
CA THR A 1077 -26.63 10.81 6.74
C THR A 1077 -25.94 10.37 8.03
N LEU A 1078 -26.63 9.64 8.91
CA LEU A 1078 -26.02 9.22 10.17
C LEU A 1078 -26.81 8.04 10.71
N LEU A 1079 -26.12 6.91 10.89
CA LEU A 1079 -26.69 5.74 11.54
C LEU A 1079 -26.05 5.63 12.93
N GLU A 1080 -26.82 5.94 13.96
CA GLU A 1080 -26.26 6.00 15.31
C GLU A 1080 -25.71 4.66 15.75
N SER A 1081 -26.42 3.58 15.44
CA SER A 1081 -25.95 2.25 15.81
C SER A 1081 -26.41 1.24 14.77
N VAL A 1082 -25.54 0.29 14.46
CA VAL A 1082 -25.85 -0.81 13.55
C VAL A 1082 -25.20 -2.05 14.14
N THR A 1083 -26.01 -3.00 14.59
CA THR A 1083 -25.51 -4.23 15.21
C THR A 1083 -25.78 -5.40 14.27
N ILE A 1084 -24.72 -6.11 13.91
CA ILE A 1084 -24.81 -7.30 13.07
C ILE A 1084 -24.24 -8.46 13.86
N ASP A 1085 -25.05 -9.50 14.06
CA ASP A 1085 -24.67 -10.68 14.84
C ASP A 1085 -24.99 -11.92 14.03
N PRO A 1086 -24.11 -12.33 13.11
CA PRO A 1086 -24.40 -13.49 12.27
C PRO A 1086 -24.57 -14.77 13.05
N ARG A 1087 -24.08 -14.84 14.28
CA ARG A 1087 -24.18 -16.07 15.06
C ARG A 1087 -25.63 -16.42 15.32
N VAL A 1088 -26.47 -15.42 15.62
CA VAL A 1088 -27.90 -15.64 15.77
C VAL A 1088 -28.65 -15.56 14.45
N HIS A 1089 -27.96 -15.23 13.37
CA HIS A 1089 -28.56 -15.11 12.04
C HIS A 1089 -28.59 -16.47 11.35
N PRO A 1090 -29.62 -16.79 10.57
CA PRO A 1090 -29.62 -18.06 9.84
C PRO A 1090 -28.46 -18.14 8.86
N ALA A 1091 -27.98 -19.35 8.63
CA ALA A 1091 -26.85 -19.56 7.74
C ALA A 1091 -27.25 -19.28 6.29
N GLN A 1092 -26.23 -19.13 5.44
CA GLN A 1092 -26.49 -18.82 4.04
C GLN A 1092 -27.32 -19.93 3.41
N PRO A 1093 -28.28 -19.59 2.53
CA PRO A 1093 -29.11 -20.63 1.94
C PRO A 1093 -28.27 -21.63 1.17
N PRO A 1094 -28.69 -22.90 1.10
CA PRO A 1094 -27.96 -23.87 0.28
C PRO A 1094 -27.69 -23.35 -1.13
N GLU A 1095 -26.65 -23.88 -1.77
CA GLU A 1095 -26.29 -23.43 -3.10
C GLU A 1095 -27.43 -23.68 -4.09
N GLY A 1096 -27.64 -22.73 -5.00
CA GLY A 1096 -28.66 -22.88 -6.02
C GLY A 1096 -30.08 -22.80 -5.51
N THR A 1097 -30.30 -22.21 -4.35
CA THR A 1097 -31.64 -22.09 -3.81
C THR A 1097 -32.48 -21.14 -4.66
N THR A 1098 -33.73 -21.52 -4.90
CA THR A 1098 -34.68 -20.70 -5.64
C THR A 1098 -35.68 -19.99 -4.74
N GLU A 1099 -36.20 -20.68 -3.73
CA GLU A 1099 -37.10 -20.09 -2.75
C GLU A 1099 -36.31 -19.83 -1.47
N PHE A 1100 -36.33 -18.60 -1.01
CA PHE A 1100 -35.62 -18.20 0.20
C PHE A 1100 -36.59 -18.01 1.36
N GLN A 1101 -36.06 -18.13 2.57
CA GLN A 1101 -36.89 -17.98 3.76
C GLN A 1101 -37.12 -16.51 4.07
N VAL A 1102 -38.19 -16.25 4.81
CA VAL A 1102 -38.56 -14.90 5.23
C VAL A 1102 -38.36 -14.81 6.74
N LEU A 1103 -37.57 -13.84 7.17
CA LEU A 1103 -37.30 -13.63 8.59
C LEU A 1103 -38.21 -12.54 9.12
N PRO A 1104 -38.90 -12.74 10.24
CA PRO A 1104 -39.76 -11.66 10.77
C PRO A 1104 -38.94 -10.43 11.12
N GLY A 1105 -39.52 -9.27 10.83
CA GLY A 1105 -38.90 -8.02 11.18
C GLY A 1105 -39.86 -7.16 11.97
N LYS A 1106 -39.30 -6.23 12.74
CA LYS A 1106 -40.11 -5.35 13.58
C LYS A 1106 -39.50 -3.97 13.62
N TRP A 1107 -40.37 -2.96 13.66
CA TRP A 1107 -39.97 -1.57 13.81
C TRP A 1107 -40.42 -1.09 15.17
N ASP A 1108 -39.49 -0.51 15.94
CA ASP A 1108 -39.77 -0.06 17.29
C ASP A 1108 -39.80 1.46 17.34
N PRO A 1109 -40.97 2.10 17.35
CA PRO A 1109 -40.99 3.56 17.38
C PRO A 1109 -40.46 4.14 18.67
N VAL A 1110 -40.59 3.43 19.79
CA VAL A 1110 -40.14 3.95 21.07
C VAL A 1110 -38.63 4.15 21.06
N LEU A 1111 -37.89 3.15 20.59
CA LEU A 1111 -36.43 3.22 20.53
C LEU A 1111 -35.91 3.52 19.14
N GLN A 1112 -36.77 3.52 18.12
CA GLN A 1112 -36.34 3.78 16.74
C GLN A 1112 -35.33 2.74 16.29
N ILE A 1113 -35.71 1.46 16.41
CA ILE A 1113 -34.86 0.35 16.02
C ILE A 1113 -35.58 -0.46 14.94
N ALA A 1114 -34.91 -0.68 13.83
CA ALA A 1114 -35.39 -1.58 12.79
C ALA A 1114 -34.62 -2.89 12.92
N ALA A 1115 -35.28 -3.92 13.44
CA ALA A 1115 -34.64 -5.18 13.77
C ALA A 1115 -35.26 -6.31 12.96
N ALA A 1116 -34.42 -7.12 12.34
CA ALA A 1116 -34.87 -8.30 11.62
C ALA A 1116 -33.72 -9.30 11.60
N GLY A 1117 -33.98 -10.52 12.06
CA GLY A 1117 -32.91 -11.49 12.17
C GLY A 1117 -31.84 -11.01 13.14
N GLY A 1118 -30.59 -11.10 12.72
CA GLY A 1118 -29.46 -10.74 13.57
C GLY A 1118 -28.96 -9.33 13.34
N VAL A 1119 -29.77 -8.49 12.73
CA VAL A 1119 -29.39 -7.12 12.39
C VAL A 1119 -30.26 -6.15 13.17
N GLU A 1120 -29.71 -4.97 13.46
CA GLU A 1120 -30.44 -3.92 14.15
C GLU A 1120 -29.87 -2.58 13.73
N ILE A 1121 -30.73 -1.70 13.21
CA ILE A 1121 -30.35 -0.35 12.84
C ILE A 1121 -31.12 0.60 13.75
N ARG A 1122 -30.39 1.52 14.40
CA ARG A 1122 -30.95 2.38 15.42
C ARG A 1122 -30.75 3.84 15.05
N SER A 1123 -31.82 4.62 15.12
CA SER A 1123 -31.77 6.07 15.00
C SER A 1123 -31.01 6.50 13.74
N CYS A 1124 -31.57 6.14 12.59
CA CYS A 1124 -31.03 6.59 11.32
C CYS A 1124 -31.54 7.99 11.02
N HIS A 1125 -30.62 8.90 10.71
CA HIS A 1125 -30.95 10.28 10.40
C HIS A 1125 -30.73 10.54 8.91
N SER A 1126 -31.70 11.21 8.30
CA SER A 1126 -31.70 11.44 6.87
C SER A 1126 -31.79 12.94 6.58
N ILE A 1127 -31.34 13.32 5.39
CA ILE A 1127 -31.33 14.70 4.94
C ILE A 1127 -32.15 14.77 3.66
N ARG A 1128 -33.03 15.77 3.58
CA ARG A 1128 -33.85 15.94 2.40
C ARG A 1128 -32.96 16.13 1.17
N ALA A 1129 -33.32 15.43 0.09
CA ALA A 1129 -32.57 15.49 -1.16
C ALA A 1129 -33.49 16.01 -2.26
N SER A 1130 -32.98 16.94 -3.06
CA SER A 1130 -33.74 17.44 -4.20
C SER A 1130 -33.89 16.33 -5.23
N ARG A 1131 -35.12 16.06 -5.63
CA ARG A 1131 -35.39 14.99 -6.56
C ARG A 1131 -35.00 15.43 -7.96
N ARG A 1132 -34.03 14.74 -8.56
CA ARG A 1132 -33.57 15.05 -9.90
C ARG A 1132 -34.46 14.36 -10.93
N LEU A 1133 -34.56 14.97 -12.11
CA LEU A 1133 -35.42 14.47 -13.16
C LEU A 1133 -34.68 13.46 -14.01
N ASN A 1134 -35.19 12.24 -14.08
CA ASN A 1134 -34.55 11.20 -14.88
C ASN A 1134 -34.52 11.57 -16.35
N HIS A 1135 -35.60 12.16 -16.85
CA HIS A 1135 -35.77 12.50 -18.25
C HIS A 1135 -35.59 14.00 -18.44
N ASP A 1136 -35.82 14.46 -19.67
CA ASP A 1136 -35.79 15.89 -19.95
C ASP A 1136 -37.13 16.51 -19.57
N PRO A 1137 -37.17 17.84 -19.45
CA PRO A 1137 -38.39 18.48 -18.97
C PRO A 1137 -39.57 18.15 -19.87
N PRO A 1138 -40.77 18.07 -19.31
CA PRO A 1138 -41.95 17.77 -20.13
C PRO A 1138 -42.28 18.91 -21.08
N ILE A 1139 -42.99 18.56 -22.14
CA ILE A 1139 -43.41 19.52 -23.15
C ILE A 1139 -44.87 19.85 -22.88
N LEU A 1140 -45.12 21.06 -22.38
CA LEU A 1140 -46.48 21.49 -22.09
C LEU A 1140 -47.06 22.25 -23.28
N GLU A 1141 -48.28 21.91 -23.66
CA GLU A 1141 -48.95 22.52 -24.79
C GLU A 1141 -50.36 22.94 -24.37
N ASP A 1142 -50.94 23.82 -25.18
CA ASP A 1142 -52.30 24.32 -24.96
C ASP A 1142 -53.16 23.81 -26.11
N PHE A 1143 -53.96 22.78 -25.84
CA PHE A 1143 -54.82 22.19 -26.86
C PHE A 1143 -55.95 23.16 -27.16
N ALA A 1144 -55.78 23.97 -28.20
CA ALA A 1144 -56.71 25.04 -28.53
C ALA A 1144 -57.07 24.99 -30.00
N PHE A 1145 -58.11 25.74 -30.36
CA PHE A 1145 -58.61 25.80 -31.72
C PHE A 1145 -57.91 26.93 -32.48
N ALA A 1146 -57.63 26.69 -33.75
CA ALA A 1146 -56.90 27.65 -34.58
C ALA A 1146 -57.54 27.77 -35.96
N PRO A 1147 -58.00 28.95 -36.37
CA PRO A 1147 -58.61 29.07 -37.70
C PRO A 1147 -57.59 28.85 -38.81
N TYR A 1148 -58.11 28.49 -39.98
CA TYR A 1148 -57.28 28.22 -41.14
C TYR A 1148 -56.92 29.49 -41.90
N VAL A 1149 -57.93 30.24 -42.34
CA VAL A 1149 -57.75 31.36 -43.26
C VAL A 1149 -58.15 32.65 -42.56
N ASP A 1150 -57.35 33.70 -42.78
CA ASP A 1150 -57.65 35.04 -42.32
C ASP A 1150 -58.02 35.08 -40.83
N PRO A 1151 -57.16 34.56 -39.96
CA PRO A 1151 -57.47 34.58 -38.53
C PRO A 1151 -57.63 36.00 -38.00
N ARG A 1152 -58.57 36.17 -37.08
CA ARG A 1152 -58.76 37.44 -36.41
C ARG A 1152 -57.68 37.65 -35.36
N PRO A 1153 -57.49 38.89 -34.90
CA PRO A 1153 -56.42 39.15 -33.93
C PRO A 1153 -56.54 38.33 -32.67
N SER A 1154 -57.74 37.90 -32.28
CA SER A 1154 -57.92 37.13 -31.06
C SER A 1154 -57.67 35.64 -31.25
N ASP A 1155 -57.43 35.18 -32.48
CA ASP A 1155 -57.20 33.77 -32.73
C ASP A 1155 -55.73 33.42 -32.56
N ARG A 1156 -55.47 32.13 -32.33
CA ARG A 1156 -54.11 31.67 -32.08
C ARG A 1156 -53.31 31.44 -33.35
N SER A 1157 -53.95 31.37 -34.51
CA SER A 1157 -53.24 31.28 -35.77
C SER A 1157 -52.97 32.65 -36.38
N ALA A 1158 -53.35 33.73 -35.71
CA ALA A 1158 -53.11 35.06 -36.21
C ALA A 1158 -51.64 35.46 -36.00
N ALA A 1159 -51.18 36.37 -36.86
CA ALA A 1159 -49.82 36.88 -36.74
C ALA A 1159 -49.67 37.62 -35.42
N ALA A 1160 -48.51 37.43 -34.78
CA ALA A 1160 -48.24 38.02 -33.46
C ALA A 1160 -47.68 39.43 -33.61
N VAL A 1161 -48.49 40.30 -34.20
CA VAL A 1161 -48.11 41.69 -34.40
C VAL A 1161 -48.59 42.50 -33.20
N THR A 1162 -47.66 42.89 -32.34
CA THR A 1162 -47.97 43.74 -31.22
C THR A 1162 -48.02 45.20 -31.65
N PRO A 1163 -48.61 46.08 -30.84
CA PRO A 1163 -48.57 47.51 -31.18
C PRO A 1163 -47.16 48.04 -31.36
N ALA A 1164 -46.20 47.54 -30.57
CA ALA A 1164 -44.82 47.95 -30.73
C ALA A 1164 -44.28 47.57 -32.11
N LEU A 1165 -44.57 46.35 -32.57
CA LEU A 1165 -44.09 45.92 -33.87
C LEU A 1165 -44.67 46.78 -34.98
N ARG A 1166 -45.95 47.11 -34.91
CA ARG A 1166 -46.56 47.96 -35.93
C ARG A 1166 -45.90 49.33 -35.99
N ASP A 1167 -45.24 49.76 -34.90
CA ASP A 1167 -44.47 51.00 -34.93
C ASP A 1167 -43.12 50.79 -35.59
N TYR A 1168 -42.42 49.72 -35.20
CA TYR A 1168 -41.13 49.42 -35.83
C TYR A 1168 -41.28 49.24 -37.33
N ALA A 1169 -42.39 48.64 -37.75
CA ALA A 1169 -42.65 48.50 -39.18
C ALA A 1169 -42.81 49.86 -39.84
N ASP A 1170 -43.55 50.77 -39.21
CA ASP A 1170 -43.70 52.11 -39.76
C ASP A 1170 -42.38 52.86 -39.76
N ALA A 1171 -41.62 52.77 -38.66
CA ALA A 1171 -40.34 53.45 -38.59
C ALA A 1171 -39.40 52.96 -39.68
N CYS A 1172 -39.35 51.64 -39.89
CA CYS A 1172 -38.54 51.10 -40.97
C CYS A 1172 -39.04 51.59 -42.33
N PHE A 1173 -40.37 51.65 -42.51
CA PHE A 1173 -40.92 52.09 -43.78
C PHE A 1173 -40.48 53.53 -44.08
N GLU A 1174 -40.60 54.42 -43.10
CA GLU A 1174 -40.17 55.80 -43.31
C GLU A 1174 -38.68 55.88 -43.57
N PHE A 1175 -37.89 55.12 -42.79
CA PHE A 1175 -36.44 55.12 -43.00
C PHE A 1175 -36.10 54.59 -44.38
N SER A 1176 -36.77 53.52 -44.83
CA SER A 1176 -36.51 52.98 -46.15
C SER A 1176 -36.91 53.98 -47.24
N ARG A 1177 -38.10 54.58 -47.10
CA ARG A 1177 -38.59 55.49 -48.12
C ARG A 1177 -37.63 56.65 -48.33
N GLN A 1178 -37.28 57.34 -47.24
CA GLN A 1178 -36.42 58.51 -47.37
C GLN A 1178 -35.00 58.13 -47.73
N GLY A 1179 -34.54 56.97 -47.29
CA GLY A 1179 -33.22 56.52 -47.68
C GLY A 1179 -33.07 56.39 -49.18
N MET A 1180 -34.10 55.88 -49.84
CA MET A 1180 -34.08 55.77 -51.30
C MET A 1180 -34.02 57.16 -51.92
N LYS A 1181 -34.79 58.11 -51.40
CA LYS A 1181 -34.70 59.48 -51.85
C LYS A 1181 -33.27 60.00 -51.73
N ARG A 1182 -32.63 59.72 -50.59
CA ARG A 1182 -31.22 60.09 -50.43
C ARG A 1182 -30.35 59.39 -51.46
N TRP A 1183 -30.64 58.12 -51.74
CA TRP A 1183 -29.88 57.38 -52.74
C TRP A 1183 -30.00 58.04 -54.11
N LEU A 1184 -31.21 58.37 -54.53
CA LEU A 1184 -31.41 58.88 -55.88
C LEU A 1184 -30.68 60.21 -56.08
N GLU A 1185 -30.87 61.14 -55.14
CA GLU A 1185 -30.25 62.46 -55.30
C GLU A 1185 -28.72 62.38 -55.22
N ASN A 1186 -28.20 61.57 -54.28
CA ASN A 1186 -26.74 61.46 -54.15
C ASN A 1186 -26.13 60.60 -55.24
N ASP A 1187 -26.92 59.79 -55.94
CA ASP A 1187 -26.38 58.94 -56.99
C ASP A 1187 -26.05 59.79 -58.22
N LYS A 1188 -25.06 60.66 -58.10
CA LYS A 1188 -24.60 61.48 -59.21
C LYS A 1188 -23.63 60.75 -60.13
N ASN A 1189 -23.09 59.61 -59.69
CA ASN A 1189 -22.20 58.80 -60.51
C ASN A 1189 -22.92 57.72 -61.31
N ASN A 1190 -24.24 57.58 -61.12
CA ASN A 1190 -25.01 56.56 -61.82
C ASN A 1190 -24.42 55.18 -61.58
N VAL A 1191 -24.07 54.90 -60.32
CA VAL A 1191 -23.51 53.62 -59.94
C VAL A 1191 -24.55 52.85 -59.14
N LEU A 1192 -25.82 53.11 -59.43
CA LEU A 1192 -26.94 52.53 -58.69
C LEU A 1192 -27.89 51.86 -59.68
N PRO A 1193 -27.50 50.72 -60.24
CA PRO A 1193 -28.41 49.99 -61.14
C PRO A 1193 -29.74 49.68 -60.47
N ASN A 1194 -30.74 49.33 -61.28
CA ASN A 1194 -32.13 49.24 -60.81
C ASN A 1194 -32.63 50.62 -60.35
N LYS A 1195 -32.01 51.68 -60.87
CA LYS A 1195 -32.41 53.03 -60.49
C LYS A 1195 -33.86 53.29 -60.84
N GLU A 1196 -34.30 52.87 -62.02
CA GLU A 1196 -35.70 52.98 -62.37
C GLU A 1196 -36.56 52.20 -61.38
N GLU A 1197 -36.08 51.04 -60.95
CA GLU A 1197 -36.81 50.25 -59.97
C GLU A 1197 -36.90 50.98 -58.63
N ILE A 1198 -35.80 51.61 -58.21
CA ILE A 1198 -35.82 52.40 -56.98
C ILE A 1198 -36.81 53.56 -57.11
N LYS A 1199 -36.80 54.24 -58.26
CA LYS A 1199 -37.75 55.32 -58.47
C LYS A 1199 -39.18 54.81 -58.38
N GLU A 1200 -39.46 53.66 -58.99
CA GLU A 1200 -40.78 53.07 -58.89
C GLU A 1200 -41.11 52.75 -57.44
N ALA A 1201 -40.16 52.19 -56.70
CA ALA A 1201 -40.37 51.88 -55.29
C ALA A 1201 -40.61 53.14 -54.47
N LEU A 1202 -39.85 54.21 -54.75
CA LEU A 1202 -40.08 55.46 -54.05
C LEU A 1202 -41.44 56.05 -54.40
N ALA A 1203 -41.90 55.84 -55.63
CA ALA A 1203 -43.18 56.40 -56.05
C ALA A 1203 -44.34 55.79 -55.28
N MET A 1204 -44.40 54.45 -55.23
CA MET A 1204 -45.51 53.81 -54.55
C MET A 1204 -45.52 54.14 -53.06
N ALA A 1205 -44.35 54.15 -52.42
CA ALA A 1205 -44.30 54.54 -51.01
C ALA A 1205 -44.92 55.92 -50.83
N ASN A 1206 -44.65 56.84 -51.75
CA ASN A 1206 -45.29 58.15 -51.72
C ASN A 1206 -46.80 58.02 -51.90
N LYS A 1207 -47.23 57.12 -52.80
CA LYS A 1207 -48.67 56.95 -53.03
C LYS A 1207 -49.38 56.54 -51.75
N HIS A 1208 -48.80 55.60 -51.01
CA HIS A 1208 -49.39 55.09 -49.78
C HIS A 1208 -48.79 55.75 -48.53
N ALA A 1209 -47.86 56.68 -48.71
CA ALA A 1209 -47.23 57.39 -47.59
C ALA A 1209 -48.25 57.86 -46.57
N ASN A 1217 -36.52 64.27 -42.27
CA ASN A 1217 -35.26 64.10 -42.97
C ASN A 1217 -34.58 62.80 -42.55
N PHE A 1218 -33.62 62.35 -43.36
CA PHE A 1218 -32.95 61.08 -43.08
C PHE A 1218 -32.34 61.06 -41.69
N ALA A 1219 -31.92 62.21 -41.18
CA ALA A 1219 -31.43 62.28 -39.81
C ALA A 1219 -32.53 61.91 -38.82
N SER A 1220 -33.74 62.44 -39.04
CA SER A 1220 -34.85 62.10 -38.16
C SER A 1220 -35.21 60.63 -38.26
N ALA A 1221 -35.20 60.08 -39.48
CA ALA A 1221 -35.54 58.67 -39.66
C ALA A 1221 -34.65 57.78 -38.80
N LYS A 1222 -33.33 58.01 -38.85
CA LYS A 1222 -32.44 57.28 -37.97
C LYS A 1222 -32.70 57.64 -36.51
N ALA A 1223 -33.10 58.87 -36.23
CA ALA A 1223 -33.38 59.27 -34.86
C ALA A 1223 -34.53 58.47 -34.28
N THR A 1224 -35.63 58.34 -35.04
CA THR A 1224 -36.79 57.60 -34.54
C THR A 1224 -36.43 56.15 -34.24
N LEU A 1225 -35.74 55.50 -35.18
CA LEU A 1225 -35.36 54.11 -34.97
C LEU A 1225 -34.41 53.97 -33.79
N GLU A 1226 -33.39 54.83 -33.72
CA GLU A 1226 -32.43 54.76 -32.62
C GLU A 1226 -33.13 54.95 -31.29
N ALA A 1227 -34.13 55.83 -31.23
CA ALA A 1227 -34.92 55.96 -30.02
C ALA A 1227 -35.64 54.66 -29.69
N LEU A 1228 -36.23 54.01 -30.70
CA LEU A 1228 -36.89 52.74 -30.48
C LEU A 1228 -35.89 51.68 -30.01
N VAL A 1229 -34.72 51.62 -30.65
CA VAL A 1229 -33.75 50.58 -30.34
C VAL A 1229 -33.16 50.78 -28.95
N ASN A 1230 -32.68 51.99 -28.68
CA ASN A 1230 -31.97 52.24 -27.43
C ASN A 1230 -32.90 52.29 -26.21
N ASN A 1231 -34.21 52.37 -26.41
CA ASN A 1231 -35.14 52.40 -25.30
C ASN A 1231 -35.26 51.02 -24.67
N LYS A 1232 -35.36 50.99 -23.34
CA LYS A 1232 -35.47 49.75 -22.57
C LYS A 1232 -36.70 49.82 -21.66
N ASN A 1233 -37.84 50.20 -22.23
CA ASN A 1233 -39.08 50.38 -21.49
C ASN A 1233 -39.85 49.08 -21.30
N GLY A 1234 -39.20 47.93 -21.38
CA GLY A 1234 -39.90 46.66 -21.27
C GLY A 1234 -40.50 46.23 -22.59
N HIS A 1235 -41.27 47.10 -23.23
CA HIS A 1235 -41.75 46.86 -24.59
C HIS A 1235 -40.56 47.01 -25.52
N ARG A 1236 -39.95 45.88 -25.86
CA ARG A 1236 -38.68 45.89 -26.58
C ARG A 1236 -38.67 44.69 -27.52
N LEU A 1237 -38.65 44.96 -28.82
CA LEU A 1237 -38.57 43.89 -29.78
C LEU A 1237 -37.30 43.09 -29.57
N PRO A 1238 -37.31 41.78 -29.81
CA PRO A 1238 -36.13 40.97 -29.48
C PRO A 1238 -34.86 41.47 -30.15
N ASN A 1239 -34.96 41.94 -31.40
CA ASN A 1239 -33.82 42.53 -32.08
C ASN A 1239 -34.36 43.40 -33.22
N HIS A 1240 -33.50 44.29 -33.69
CA HIS A 1240 -33.84 45.20 -34.78
C HIS A 1240 -32.89 44.90 -35.94
N GLY A 1241 -33.30 43.99 -36.81
CA GLY A 1241 -32.48 43.57 -37.93
C GLY A 1241 -32.69 44.41 -39.16
N LEU A 1242 -33.95 44.72 -39.47
CA LEU A 1242 -34.24 45.51 -40.67
C LEU A 1242 -33.59 46.88 -40.58
N PHE A 1243 -33.67 47.54 -39.42
CA PHE A 1243 -32.99 48.81 -39.25
C PHE A 1243 -31.48 48.64 -39.39
N GLU A 1244 -30.91 47.67 -38.69
CA GLU A 1244 -29.47 47.45 -38.77
C GLU A 1244 -29.03 47.23 -40.21
N MET A 1245 -29.68 46.28 -40.89
CA MET A 1245 -29.28 45.97 -42.26
C MET A 1245 -29.55 47.13 -43.22
N LEU A 1246 -30.65 47.85 -43.04
CA LEU A 1246 -30.93 49.00 -43.88
C LEU A 1246 -29.86 50.08 -43.71
N ASP A 1247 -29.40 50.29 -42.48
CA ASP A 1247 -28.39 51.31 -42.23
C ASP A 1247 -27.12 51.02 -43.02
N ILE A 1248 -26.71 49.75 -43.07
CA ILE A 1248 -25.54 49.39 -43.86
C ILE A 1248 -25.79 49.66 -45.33
N ALA A 1249 -27.02 49.41 -45.81
CA ALA A 1249 -27.33 49.60 -47.22
C ALA A 1249 -27.17 51.07 -47.62
N PHE A 1250 -27.68 51.98 -46.81
CA PHE A 1250 -27.68 53.40 -47.17
C PHE A 1250 -26.40 54.10 -46.76
N SER A 1251 -25.87 53.78 -45.57
CA SER A 1251 -24.67 54.47 -45.09
C SER A 1251 -23.44 54.17 -45.92
N GLU A 1252 -23.45 53.07 -46.68
CA GLU A 1252 -22.27 52.71 -47.46
C GLU A 1252 -22.00 53.79 -48.50
N PRO A 1253 -20.74 54.20 -48.70
CA PRO A 1253 -20.45 55.25 -49.68
C PRO A 1253 -20.79 54.82 -51.10
N LEU A 1254 -21.13 55.80 -51.93
CA LEU A 1254 -21.40 55.58 -53.35
C LEU A 1254 -20.13 55.87 -54.13
N GLU A 1255 -19.43 54.82 -54.55
CA GLU A 1255 -18.15 54.96 -55.23
C GLU A 1255 -17.89 53.67 -56.02
N GLY A 1256 -16.64 53.50 -56.47
CA GLY A 1256 -16.31 52.34 -57.25
C GLY A 1256 -16.42 51.06 -56.44
N ASP A 1257 -16.76 49.96 -57.13
CA ASP A 1257 -16.94 48.66 -56.50
C ASP A 1257 -17.94 48.75 -55.35
N TYR A 1258 -19.01 49.51 -55.59
CA TYR A 1258 -20.02 49.72 -54.55
C TYR A 1258 -20.92 48.50 -54.41
N TRP A 1259 -21.61 48.14 -55.49
CA TRP A 1259 -22.59 47.06 -55.41
C TRP A 1259 -21.93 45.73 -55.06
N ASP A 1260 -20.78 45.43 -55.67
CA ASP A 1260 -20.08 44.20 -55.33
C ASP A 1260 -19.69 44.17 -53.86
N ARG A 1261 -19.16 45.27 -53.35
CA ARG A 1261 -18.83 45.34 -51.93
C ARG A 1261 -20.08 45.28 -51.08
N LEU A 1262 -21.10 46.08 -51.42
CA LEU A 1262 -22.30 46.14 -50.59
C LEU A 1262 -23.08 44.84 -50.67
N ARG A 1263 -23.12 44.20 -51.84
CA ARG A 1263 -23.70 42.86 -51.91
C ARG A 1263 -23.02 41.93 -50.92
N MET A 1264 -21.70 41.96 -50.86
CA MET A 1264 -20.98 41.13 -49.89
C MET A 1264 -21.31 41.54 -48.47
N LYS A 1265 -21.42 42.84 -48.21
CA LYS A 1265 -21.72 43.31 -46.86
C LYS A 1265 -23.05 42.77 -46.37
N LEU A 1266 -24.11 42.92 -47.18
CA LEU A 1266 -25.41 42.42 -46.76
C LEU A 1266 -25.43 40.90 -46.66
N HIS A 1267 -24.71 40.21 -47.55
CA HIS A 1267 -24.61 38.76 -47.45
C HIS A 1267 -23.85 38.33 -46.22
N ASP A 1268 -23.18 39.26 -45.54
CA ASP A 1268 -22.51 38.96 -44.27
C ASP A 1268 -23.40 39.21 -43.06
N VAL A 1269 -24.49 39.97 -43.23
CA VAL A 1269 -25.43 40.22 -42.14
C VAL A 1269 -26.80 39.67 -42.49
N ARG A 1270 -26.84 38.76 -43.47
CA ARG A 1270 -28.11 38.18 -43.90
C ARG A 1270 -28.95 37.70 -42.72
N THR A 1271 -28.30 37.31 -41.62
CA THR A 1271 -29.03 36.79 -40.47
C THR A 1271 -30.01 37.82 -39.91
N TYR A 1272 -29.69 39.12 -40.05
CA TYR A 1272 -30.59 40.14 -39.52
C TYR A 1272 -31.96 40.06 -40.18
N LEU A 1273 -32.00 39.91 -41.50
CA LEU A 1273 -33.28 39.78 -42.18
C LEU A 1273 -34.02 38.53 -41.73
N TRP A 1274 -33.30 37.41 -41.57
CA TRP A 1274 -33.94 36.18 -41.16
C TRP A 1274 -34.55 36.30 -39.77
N ASP A 1275 -33.76 36.76 -38.81
CA ASP A 1275 -34.21 36.89 -37.41
C ASP A 1275 -34.56 38.35 -37.15
N ASP A 1276 -35.77 38.72 -37.58
CA ASP A 1276 -36.28 40.07 -37.37
C ASP A 1276 -37.74 39.95 -36.95
N PRO A 1277 -38.19 40.83 -36.04
CA PRO A 1277 -39.60 40.75 -35.60
C PRO A 1277 -40.59 40.79 -36.76
N ILE A 1278 -40.34 41.62 -37.77
CA ILE A 1278 -41.26 41.68 -38.92
C ILE A 1278 -41.28 40.34 -39.64
N ILE A 1279 -40.11 39.76 -39.88
CA ILE A 1279 -40.05 38.49 -40.59
C ILE A 1279 -40.50 37.34 -39.69
N ALA A 1280 -40.26 37.44 -38.39
CA ALA A 1280 -40.59 36.36 -37.46
C ALA A 1280 -42.04 36.39 -37.01
N ALA A 1281 -42.81 37.41 -37.40
CA ALA A 1281 -44.22 37.45 -37.01
C ALA A 1281 -44.98 36.25 -37.55
N LEU A 1282 -44.74 35.90 -38.82
CA LEU A 1282 -45.34 34.73 -39.42
C LEU A 1282 -44.57 33.45 -39.13
N GLU A 1283 -43.36 33.55 -38.58
CA GLU A 1283 -42.57 32.40 -38.19
C GLU A 1283 -42.69 32.09 -36.70
N SER A 1284 -43.76 32.54 -36.07
CA SER A 1284 -43.95 32.29 -34.65
C SER A 1284 -44.16 30.80 -34.42
N PRO A 1285 -43.83 30.31 -33.23
CA PRO A 1285 -43.99 28.87 -32.97
C PRO A 1285 -45.41 28.38 -33.19
N ASP A 1286 -46.41 29.20 -32.92
CA ASP A 1286 -47.80 28.77 -33.07
C ASP A 1286 -48.12 28.49 -34.54
N ILE A 1287 -47.79 29.42 -35.43
CA ILE A 1287 -48.14 29.26 -36.83
C ILE A 1287 -47.32 28.12 -37.45
N VAL A 1288 -46.04 28.06 -37.14
CA VAL A 1288 -45.19 27.01 -37.72
C VAL A 1288 -45.69 25.64 -37.32
N LYS A 1289 -46.04 25.46 -36.05
CA LYS A 1289 -46.59 24.19 -35.61
C LYS A 1289 -47.93 23.91 -36.25
N LEU A 1290 -48.77 24.94 -36.39
CA LEU A 1290 -50.08 24.74 -37.02
C LEU A 1290 -49.92 24.24 -38.45
N VAL A 1291 -49.01 24.83 -39.21
CA VAL A 1291 -48.83 24.41 -40.60
C VAL A 1291 -48.24 23.02 -40.67
N MET A 1292 -47.15 22.78 -39.94
CA MET A 1292 -46.45 21.51 -40.08
C MET A 1292 -47.31 20.34 -39.63
N GLU A 1293 -48.00 20.49 -38.49
CA GLU A 1293 -48.84 19.41 -38.00
C GLU A 1293 -50.12 19.26 -38.81
N THR A 1294 -50.69 20.36 -39.28
CA THR A 1294 -51.86 20.27 -40.14
C THR A 1294 -51.55 19.48 -41.40
N VAL A 1295 -50.38 19.71 -41.98
CA VAL A 1295 -49.95 18.91 -43.13
C VAL A 1295 -49.77 17.46 -42.73
N SER A 1296 -49.14 17.22 -41.57
CA SER A 1296 -48.87 15.84 -41.15
C SER A 1296 -50.15 15.06 -40.99
N ASP A 1297 -51.21 15.70 -40.45
CA ASP A 1297 -52.48 15.01 -40.29
C ASP A 1297 -53.08 14.56 -41.61
N ASN A 1298 -52.67 15.18 -42.72
CA ASN A 1298 -53.28 14.91 -44.02
C ASN A 1298 -52.43 14.05 -44.94
N VAL A 1299 -51.10 14.04 -44.76
CA VAL A 1299 -50.27 13.12 -45.52
C VAL A 1299 -50.48 11.71 -45.00
N ASN A 1300 -50.76 10.78 -45.90
CA ASN A 1300 -51.17 9.42 -45.54
C ASN A 1300 -50.01 8.43 -45.66
N GLN A 1301 -48.80 8.87 -45.37
CA GLN A 1301 -47.62 8.02 -45.36
C GLN A 1301 -47.10 7.89 -43.93
N GLN A 1302 -45.96 7.22 -43.78
CA GLN A 1302 -45.26 7.14 -42.51
C GLN A 1302 -44.15 8.16 -42.38
N VAL A 1303 -43.54 8.56 -43.50
CA VAL A 1303 -42.47 9.55 -43.53
C VAL A 1303 -42.99 10.79 -44.22
N MET A 1304 -42.84 11.95 -43.57
CA MET A 1304 -43.24 13.22 -44.13
C MET A 1304 -42.08 13.80 -44.94
N GLU A 1305 -42.30 14.01 -46.23
CA GLU A 1305 -41.27 14.51 -47.12
C GLU A 1305 -41.47 15.99 -47.33
N ILE A 1306 -40.44 16.78 -47.03
CA ILE A 1306 -40.48 18.23 -47.18
C ILE A 1306 -39.37 18.63 -48.14
N LEU A 1307 -39.58 19.76 -48.82
CA LEU A 1307 -38.61 20.24 -49.80
C LEU A 1307 -38.67 21.77 -49.81
N GLU A 1308 -37.60 22.40 -49.36
CA GLU A 1308 -37.51 23.86 -49.29
C GLU A 1308 -36.63 24.33 -50.45
N VAL A 1309 -37.26 24.76 -51.52
CA VAL A 1309 -36.55 25.22 -52.71
C VAL A 1309 -36.07 26.65 -52.47
N GLY A 1310 -34.79 26.90 -52.73
CA GLY A 1310 -34.22 28.20 -52.51
C GLY A 1310 -33.97 28.46 -51.04
N ALA A 1311 -33.15 27.63 -50.41
CA ALA A 1311 -32.90 27.68 -48.98
C ALA A 1311 -31.78 28.62 -48.60
N ALA A 1312 -31.11 29.24 -49.57
CA ALA A 1312 -30.01 30.15 -49.26
C ALA A 1312 -30.47 31.58 -49.06
N ARG A 1313 -31.51 32.00 -49.78
CA ARG A 1313 -32.01 33.37 -49.66
C ARG A 1313 -33.08 33.47 -48.57
N GLY A 1314 -34.17 32.71 -48.72
CA GLY A 1314 -35.17 32.61 -47.68
C GLY A 1314 -35.17 31.23 -47.06
N PRO A 1315 -34.65 31.10 -45.84
CA PRO A 1315 -34.67 29.80 -45.17
C PRO A 1315 -35.91 29.58 -44.32
N TYR A 1316 -36.33 28.32 -44.26
CA TYR A 1316 -37.43 27.90 -43.41
C TYR A 1316 -37.08 26.75 -42.49
N TYR A 1317 -36.08 25.93 -42.84
CA TYR A 1317 -35.68 24.83 -41.97
C TYR A 1317 -35.29 25.33 -40.60
N ARG A 1318 -34.61 26.48 -40.53
CA ARG A 1318 -34.18 27.01 -39.24
C ARG A 1318 -35.35 27.36 -38.36
N GLN A 1319 -36.56 27.47 -38.92
CA GLN A 1319 -37.77 27.69 -38.16
C GLN A 1319 -38.66 26.46 -38.07
N ALA A 1320 -38.88 25.76 -39.18
CA ALA A 1320 -39.76 24.60 -39.16
C ALA A 1320 -39.21 23.51 -38.26
N ILE A 1321 -37.90 23.28 -38.31
CA ILE A 1321 -37.29 22.16 -37.60
C ILE A 1321 -37.36 22.38 -36.09
N PRO A 1322 -36.78 23.46 -35.55
CA PRO A 1322 -36.75 23.61 -34.09
C PRO A 1322 -38.09 23.93 -33.47
N LYS A 1323 -39.08 24.38 -34.24
CA LYS A 1323 -40.34 24.83 -33.68
C LYS A 1323 -41.47 23.83 -33.85
N ALA A 1324 -41.52 23.11 -34.97
CA ALA A 1324 -42.61 22.17 -35.21
C ALA A 1324 -42.15 20.74 -35.45
N LEU A 1325 -41.12 20.53 -36.26
CA LEU A 1325 -40.74 19.18 -36.65
C LEU A 1325 -39.97 18.44 -35.56
N GLU A 1326 -39.40 19.16 -34.59
CA GLU A 1326 -38.68 18.51 -33.52
C GLU A 1326 -39.60 17.97 -32.43
N TYR A 1327 -40.90 18.24 -32.53
CA TYR A 1327 -41.89 17.75 -31.57
C TYR A 1327 -42.63 16.52 -32.07
N PHE A 1328 -42.22 15.95 -33.19
CA PHE A 1328 -42.93 14.83 -33.78
C PHE A 1328 -42.59 13.54 -33.04
N SER A 1329 -43.61 12.73 -32.80
CA SER A 1329 -43.45 11.42 -32.17
C SER A 1329 -44.09 10.30 -32.97
N ILE A 1330 -45.22 10.57 -33.60
CA ILE A 1330 -45.95 9.53 -34.31
C ILE A 1330 -45.57 9.46 -35.78
N LYS A 1331 -45.21 10.58 -36.38
CA LYS A 1331 -44.92 10.67 -37.80
C LYS A 1331 -43.47 11.07 -38.01
N ASP A 1332 -42.79 10.33 -38.88
CA ASP A 1332 -41.42 10.68 -39.25
C ASP A 1332 -41.43 11.73 -40.35
N TRP A 1333 -40.35 12.50 -40.43
CA TRP A 1333 -40.23 13.58 -41.41
C TRP A 1333 -38.87 13.54 -42.08
N GLN A 1334 -38.85 13.94 -43.35
CA GLN A 1334 -37.62 14.06 -44.11
C GLN A 1334 -37.58 15.45 -44.72
N TYR A 1335 -36.50 16.19 -44.46
CA TYR A 1335 -36.35 17.55 -44.92
C TYR A 1335 -35.23 17.63 -45.96
N THR A 1336 -35.49 18.33 -47.05
CA THR A 1336 -34.55 18.44 -48.16
C THR A 1336 -34.48 19.89 -48.60
N VAL A 1337 -33.38 20.56 -48.25
CA VAL A 1337 -33.12 21.92 -48.69
C VAL A 1337 -32.42 21.86 -50.04
N ALA A 1338 -32.68 22.84 -50.89
CA ALA A 1338 -32.09 22.89 -52.22
C ALA A 1338 -31.83 24.34 -52.60
N ASP A 1339 -30.84 24.52 -53.47
CA ASP A 1339 -30.49 25.84 -53.98
C ASP A 1339 -29.46 25.65 -55.10
N GLN A 1340 -29.05 26.78 -55.68
CA GLN A 1340 -28.00 26.73 -56.70
C GLN A 1340 -26.71 26.16 -56.13
N GLY A 1341 -26.37 26.54 -54.89
CA GLY A 1341 -25.14 26.10 -54.28
C GLY A 1341 -25.32 25.44 -52.93
N PHE A 1342 -24.21 25.22 -52.23
CA PHE A 1342 -24.23 24.58 -50.92
C PHE A 1342 -24.84 25.54 -49.90
N VAL A 1343 -25.84 25.04 -49.17
CA VAL A 1343 -26.52 25.83 -48.13
C VAL A 1343 -25.62 25.81 -46.90
N GLU A 1344 -24.91 26.91 -46.65
CA GLU A 1344 -23.96 26.96 -45.56
C GLU A 1344 -24.64 26.82 -44.21
N ASP A 1345 -25.75 27.53 -43.99
CA ASP A 1345 -26.37 27.56 -42.68
C ASP A 1345 -27.09 26.27 -42.34
N ALA A 1346 -27.38 25.43 -43.34
CA ALA A 1346 -28.09 24.17 -43.13
C ALA A 1346 -27.16 23.03 -42.76
N ALA A 1347 -25.86 23.29 -42.60
CA ALA A 1347 -24.92 22.21 -42.30
C ALA A 1347 -25.20 21.58 -40.94
N GLU A 1348 -25.80 22.32 -40.02
CA GLU A 1348 -26.01 21.86 -38.66
C GLU A 1348 -27.41 21.31 -38.43
N PHE A 1349 -28.25 21.25 -39.47
CA PHE A 1349 -29.61 20.78 -39.32
C PHE A 1349 -29.79 19.41 -39.98
N PRO A 1350 -30.68 18.56 -39.46
CA PRO A 1350 -30.87 17.24 -40.07
C PRO A 1350 -31.58 17.32 -41.41
N VAL A 1351 -30.92 17.92 -42.40
CA VAL A 1351 -31.50 18.13 -43.72
C VAL A 1351 -30.57 17.59 -44.79
N LYS A 1352 -31.14 17.30 -45.94
CA LYS A 1352 -30.40 16.86 -47.11
C LYS A 1352 -30.31 18.01 -48.10
N MET A 1353 -29.09 18.29 -48.57
CA MET A 1353 -28.84 19.41 -49.45
C MET A 1353 -28.72 18.92 -50.89
N MET A 1354 -29.61 19.41 -51.76
CA MET A 1354 -29.56 19.11 -53.18
C MET A 1354 -28.97 20.30 -53.93
N GLN A 1355 -28.89 20.17 -55.25
CA GLN A 1355 -28.26 21.22 -56.07
C GLN A 1355 -29.00 21.33 -57.39
N PHE A 1356 -29.56 22.49 -57.67
CA PHE A 1356 -30.06 22.84 -58.99
C PHE A 1356 -30.45 24.32 -58.96
N ASP A 1357 -30.92 24.82 -60.10
CA ASP A 1357 -31.22 26.24 -60.23
C ASP A 1357 -32.64 26.51 -59.75
N PRO A 1358 -32.83 27.27 -58.66
CA PRO A 1358 -34.20 27.56 -58.21
C PRO A 1358 -34.85 28.71 -58.97
N LEU A 1359 -34.02 29.64 -59.45
CA LEU A 1359 -34.52 30.85 -60.10
C LEU A 1359 -34.88 30.64 -61.57
N ASP A 1360 -34.67 29.44 -62.10
CA ASP A 1360 -34.97 29.17 -63.51
C ASP A 1360 -35.70 27.84 -63.66
N PRO A 1361 -37.00 27.85 -63.94
CA PRO A 1361 -37.70 26.58 -64.22
C PRO A 1361 -37.19 25.94 -65.50
N ALA A 1362 -37.73 24.78 -65.86
CA ALA A 1362 -37.38 24.00 -67.04
C ALA A 1362 -36.05 23.29 -66.85
N ASN A 1363 -35.33 23.52 -65.75
CA ASN A 1363 -34.11 22.80 -65.44
C ASN A 1363 -34.21 22.06 -64.11
N PHE A 1364 -35.41 21.98 -63.54
CA PHE A 1364 -35.61 21.26 -62.31
C PHE A 1364 -35.35 19.78 -62.56
N PRO A 1365 -34.48 19.12 -61.79
CA PRO A 1365 -34.19 17.71 -62.07
C PRO A 1365 -35.46 16.86 -62.13
N ALA A 1366 -35.52 15.97 -63.12
CA ALA A 1366 -36.66 15.09 -63.27
C ALA A 1366 -36.80 14.12 -62.11
N GLU A 1367 -35.77 13.96 -61.29
CA GLU A 1367 -35.84 13.13 -60.09
C GLU A 1367 -36.73 13.71 -59.01
N LEU A 1368 -37.34 14.87 -59.24
CA LEU A 1368 -38.17 15.54 -58.25
C LEU A 1368 -39.65 15.45 -58.59
N THR A 1369 -40.04 14.52 -59.44
CA THR A 1369 -41.45 14.32 -59.77
C THR A 1369 -42.10 13.46 -58.69
N GLU A 1370 -43.19 13.95 -58.11
CA GLU A 1370 -43.87 13.26 -57.02
C GLU A 1370 -42.88 12.91 -55.91
N SER A 1371 -42.14 13.92 -55.46
CA SER A 1371 -41.02 13.72 -54.55
C SER A 1371 -41.25 14.23 -53.14
N CYS A 1372 -42.08 15.26 -52.96
CA CYS A 1372 -42.25 15.89 -51.66
C CYS A 1372 -43.72 16.02 -51.32
N ASP A 1373 -44.06 15.70 -50.07
CA ASP A 1373 -45.43 15.89 -49.59
C ASP A 1373 -45.73 17.36 -49.35
N LEU A 1374 -44.72 18.12 -48.91
CA LEU A 1374 -44.85 19.55 -48.69
C LEU A 1374 -43.71 20.27 -49.38
N LEU A 1375 -44.04 21.35 -50.08
CA LEU A 1375 -43.05 22.17 -50.76
C LEU A 1375 -43.10 23.57 -50.16
N VAL A 1376 -41.95 24.07 -49.72
CA VAL A 1376 -41.83 25.37 -49.08
C VAL A 1376 -41.06 26.29 -50.02
N LEU A 1377 -41.64 27.45 -50.32
CA LEU A 1377 -41.09 28.39 -51.28
C LEU A 1377 -40.94 29.77 -50.65
N LYS A 1378 -40.34 29.81 -49.47
CA LYS A 1378 -40.12 31.07 -48.77
C LYS A 1378 -39.28 32.01 -49.64
N TRP A 1379 -39.87 33.11 -50.08
CA TRP A 1379 -39.17 34.12 -50.88
C TRP A 1379 -38.54 33.50 -52.12
N ASN A 1380 -39.32 32.70 -52.83
CA ASN A 1380 -38.85 32.07 -54.06
C ASN A 1380 -39.65 32.51 -55.28
N LEU A 1381 -40.98 32.47 -55.21
CA LEU A 1381 -41.80 32.87 -56.35
C LEU A 1381 -41.70 34.35 -56.67
N GLN A 1382 -41.14 35.16 -55.76
CA GLN A 1382 -40.89 36.56 -56.06
C GLN A 1382 -39.62 36.77 -56.87
N MET A 1383 -38.80 35.74 -57.06
CA MET A 1383 -37.59 35.82 -57.85
C MET A 1383 -37.73 35.20 -59.23
N GLN A 1384 -38.87 34.55 -59.52
CA GLN A 1384 -39.07 33.88 -60.79
C GLN A 1384 -39.53 34.90 -61.83
N VAL A 1385 -38.88 34.87 -62.99
CA VAL A 1385 -39.29 35.77 -64.07
C VAL A 1385 -40.66 35.38 -64.61
N ASP A 1386 -40.91 34.08 -64.77
CA ASP A 1386 -42.17 33.56 -65.28
C ASP A 1386 -42.85 32.77 -64.15
N LEU A 1387 -43.90 33.35 -63.57
CA LEU A 1387 -44.57 32.70 -62.45
C LEU A 1387 -45.34 31.47 -62.90
N ASP A 1388 -46.11 31.58 -63.98
CA ASP A 1388 -46.92 30.45 -64.42
C ASP A 1388 -46.05 29.25 -64.77
N ALA A 1389 -44.94 29.48 -65.47
CA ALA A 1389 -44.02 28.38 -65.75
C ALA A 1389 -43.44 27.81 -64.47
N ALA A 1390 -43.05 28.68 -63.53
CA ALA A 1390 -42.48 28.21 -62.28
C ALA A 1390 -43.50 27.42 -61.47
N ILE A 1391 -44.72 27.95 -61.34
CA ILE A 1391 -45.74 27.27 -60.55
C ILE A 1391 -46.12 25.95 -61.21
N THR A 1392 -46.23 25.95 -62.54
CA THR A 1392 -46.57 24.70 -63.24
C THR A 1392 -45.50 23.65 -63.01
N GLU A 1393 -44.22 24.04 -63.09
CA GLU A 1393 -43.14 23.09 -62.85
C GLU A 1393 -43.04 22.73 -61.38
N PHE A 1394 -43.32 23.67 -60.48
CA PHE A 1394 -43.28 23.37 -59.05
C PHE A 1394 -44.39 22.40 -58.67
N SER A 1395 -45.58 22.56 -59.26
CA SER A 1395 -46.71 21.70 -58.89
C SER A 1395 -46.45 20.24 -59.23
N LYS A 1396 -45.48 19.94 -60.09
CA LYS A 1396 -45.20 18.55 -60.42
C LYS A 1396 -44.47 17.84 -59.28
N MET A 1397 -43.67 18.58 -58.50
CA MET A 1397 -42.97 17.99 -57.38
C MET A 1397 -43.89 17.60 -56.23
N ILE A 1398 -45.14 18.04 -56.26
CA ILE A 1398 -46.08 17.75 -55.18
C ILE A 1398 -46.68 16.37 -55.42
N LYS A 1399 -46.63 15.52 -54.39
CA LYS A 1399 -47.27 14.22 -54.47
C LYS A 1399 -48.78 14.40 -54.53
N PRO A 1400 -49.51 13.38 -55.01
CA PRO A 1400 -50.97 13.53 -55.10
C PRO A 1400 -51.58 13.70 -53.72
N GLY A 1401 -52.12 14.88 -53.45
CA GLY A 1401 -52.58 15.24 -52.13
C GLY A 1401 -51.57 16.00 -51.30
N GLY A 1402 -50.46 16.43 -51.88
CA GLY A 1402 -49.46 17.18 -51.15
C GLY A 1402 -49.83 18.64 -51.01
N PHE A 1403 -49.01 19.36 -50.26
CA PHE A 1403 -49.25 20.76 -49.94
C PHE A 1403 -48.11 21.63 -50.45
N LEU A 1404 -48.43 22.90 -50.69
CA LEU A 1404 -47.46 23.90 -51.11
C LEU A 1404 -47.54 25.07 -50.15
N LEU A 1405 -46.42 25.43 -49.55
CA LEU A 1405 -46.33 26.54 -48.61
C LEU A 1405 -45.54 27.67 -49.25
N VAL A 1406 -46.15 28.85 -49.33
CA VAL A 1406 -45.55 30.00 -49.99
C VAL A 1406 -45.58 31.18 -49.03
N LEU A 1407 -44.43 31.81 -48.81
CA LEU A 1407 -44.31 33.01 -48.01
C LEU A 1407 -43.73 34.11 -48.89
N GLU A 1408 -44.50 35.20 -49.07
CA GLU A 1408 -44.08 36.29 -49.94
C GLU A 1408 -44.54 37.62 -49.35
N ASN A 1409 -43.85 38.69 -49.75
CA ASN A 1409 -44.26 40.02 -49.36
C ASN A 1409 -45.58 40.37 -50.04
N GLY A 1410 -46.54 40.87 -49.26
CA GLY A 1410 -47.85 41.17 -49.79
C GLY A 1410 -48.33 42.58 -49.48
N THR A 1411 -47.67 43.24 -48.54
CA THR A 1411 -48.04 44.59 -48.16
C THR A 1411 -46.76 45.40 -47.92
N ARG A 1412 -46.86 46.71 -48.13
CA ARG A 1412 -45.72 47.61 -47.97
C ARG A 1412 -44.51 47.06 -48.73
N LEU A 1413 -44.73 46.85 -50.03
CA LEU A 1413 -43.73 46.22 -50.87
C LEU A 1413 -42.48 47.06 -51.06
N SER A 1414 -42.52 48.33 -50.68
CA SER A 1414 -41.39 49.24 -50.84
C SER A 1414 -40.51 49.31 -49.60
N THR A 1415 -40.76 48.48 -48.59
CA THR A 1415 -40.00 48.53 -47.35
C THR A 1415 -38.71 47.72 -47.44
N PHE A 1416 -38.81 46.45 -47.84
CA PHE A 1416 -37.64 45.60 -48.00
C PHE A 1416 -36.97 45.76 -49.35
N PHE A 1417 -37.57 46.50 -50.27
CA PHE A 1417 -36.99 46.65 -51.61
C PHE A 1417 -35.57 47.18 -51.59
N PRO A 1418 -35.22 48.19 -50.79
CA PRO A 1418 -33.84 48.70 -50.82
C PRO A 1418 -32.80 47.61 -50.61
N ILE A 1419 -33.09 46.65 -49.74
CA ILE A 1419 -32.16 45.54 -49.53
C ILE A 1419 -32.13 44.65 -50.76
N LYS A 1420 -33.29 44.35 -51.35
CA LYS A 1420 -33.34 43.47 -52.50
C LYS A 1420 -32.81 44.13 -53.77
N ALA A 1421 -32.86 45.47 -53.84
CA ALA A 1421 -32.34 46.15 -55.02
C ALA A 1421 -30.86 45.85 -55.23
N ILE A 1422 -30.10 45.74 -54.15
CA ILE A 1422 -28.65 45.58 -54.22
C ILE A 1422 -28.22 44.18 -53.79
N VAL A 1423 -29.17 43.26 -53.64
CA VAL A 1423 -28.84 41.89 -53.26
C VAL A 1423 -29.33 40.96 -54.36
N SER A 1424 -30.11 41.50 -55.29
CA SER A 1424 -30.62 40.77 -56.43
C SER A 1424 -29.95 41.27 -57.71
N ALA A 1425 -29.69 40.34 -58.63
CA ALA A 1425 -28.98 40.67 -59.85
C ALA A 1425 -29.92 41.16 -60.94
N SER A 1426 -30.89 40.33 -61.32
CA SER A 1426 -31.82 40.62 -62.41
C SER A 1426 -33.18 40.92 -61.78
N LEU A 1427 -33.40 42.19 -61.44
CA LEU A 1427 -34.69 42.60 -60.87
C LEU A 1427 -35.68 42.88 -62.00
N GLY A 1428 -36.06 41.80 -62.67
CA GLY A 1428 -37.06 41.87 -63.71
C GLY A 1428 -37.91 40.62 -63.74
N GLY A 1429 -39.23 40.79 -63.62
CA GLY A 1429 -40.14 39.68 -63.62
C GLY A 1429 -41.40 39.97 -64.40
N LYS A 1430 -41.71 39.14 -65.39
CA LYS A 1430 -42.89 39.35 -66.20
C LYS A 1430 -44.13 39.29 -65.34
N GLY A 1431 -45.10 40.15 -65.64
CA GLY A 1431 -46.36 40.16 -64.92
C GLY A 1431 -47.28 39.06 -65.41
N GLY A 1432 -48.56 39.39 -65.62
CA GLY A 1432 -49.50 38.43 -66.11
C GLY A 1432 -50.94 38.89 -65.93
N PRO A 1433 -51.89 37.96 -66.06
CA PRO A 1433 -53.30 38.34 -65.90
C PRO A 1433 -53.60 38.98 -64.56
N GLU A 1434 -52.91 38.56 -63.50
CA GLU A 1434 -53.16 39.11 -62.17
C GLU A 1434 -52.62 40.52 -62.01
N GLY A 1435 -51.86 41.02 -62.98
CA GLY A 1435 -51.32 42.35 -62.93
C GLY A 1435 -49.87 42.35 -63.36
N ASP A 1436 -49.17 43.42 -63.02
CA ASP A 1436 -47.75 43.57 -63.30
C ASP A 1436 -46.97 43.55 -62.00
N ARG A 1437 -45.93 42.72 -61.94
CA ARG A 1437 -45.15 42.59 -60.73
C ARG A 1437 -44.65 43.95 -60.26
N ALA A 1438 -44.88 44.25 -58.99
CA ALA A 1438 -44.36 45.48 -58.42
C ALA A 1438 -42.84 45.52 -58.58
N MET A 1439 -42.32 46.69 -58.92
CA MET A 1439 -40.95 46.78 -59.41
C MET A 1439 -40.79 45.76 -60.54
N GLY A 1440 -40.12 44.65 -60.25
CA GLY A 1440 -40.11 43.52 -61.16
C GLY A 1440 -40.10 42.20 -60.42
N CYS A 1441 -40.26 42.25 -59.08
CA CYS A 1441 -40.10 41.05 -58.27
C CYS A 1441 -41.09 40.96 -57.11
N PHE A 1442 -42.23 41.65 -57.19
CA PHE A 1442 -43.17 41.67 -56.07
C PHE A 1442 -44.61 41.67 -56.58
N TYR A 1443 -45.42 40.78 -56.02
CA TYR A 1443 -46.86 40.78 -56.21
C TYR A 1443 -47.55 41.13 -54.91
N THR A 1444 -48.67 41.86 -55.01
CA THR A 1444 -49.44 42.21 -53.84
C THR A 1444 -50.22 41.00 -53.35
N ASP A 1445 -50.51 40.99 -52.04
CA ASP A 1445 -51.16 39.84 -51.42
C ASP A 1445 -52.42 39.44 -52.18
N ALA A 1446 -53.26 40.42 -52.51
CA ALA A 1446 -54.48 40.11 -53.28
C ALA A 1446 -54.14 39.48 -54.61
N GLN A 1447 -53.11 40.00 -55.29
CA GLN A 1447 -52.69 39.41 -56.56
C GLN A 1447 -52.08 38.04 -56.36
N TRP A 1448 -51.37 37.83 -55.25
CA TRP A 1448 -50.81 36.51 -54.96
C TRP A 1448 -51.92 35.47 -54.84
N SER A 1449 -52.97 35.79 -54.09
CA SER A 1449 -54.06 34.83 -53.90
C SER A 1449 -54.76 34.52 -55.21
N ALA A 1450 -55.04 35.56 -56.01
CA ALA A 1450 -55.69 35.34 -57.30
C ALA A 1450 -54.83 34.49 -58.21
N LEU A 1451 -53.51 34.74 -58.21
CA LEU A 1451 -52.62 33.97 -59.07
C LEU A 1451 -52.66 32.49 -58.72
N PHE A 1452 -52.61 32.17 -57.43
CA PHE A 1452 -52.66 30.77 -57.02
C PHE A 1452 -54.01 30.15 -57.36
N ALA A 1453 -55.10 30.87 -57.12
CA ALA A 1453 -56.42 30.33 -57.41
C ALA A 1453 -56.59 30.06 -58.90
N ARG A 1454 -55.93 30.84 -59.75
CA ARG A 1454 -56.10 30.68 -61.19
C ARG A 1454 -55.57 29.33 -61.68
N HIS A 1455 -54.59 28.76 -60.99
CA HIS A 1455 -54.02 27.47 -61.37
C HIS A 1455 -54.70 26.30 -60.66
N GLY A 1456 -55.96 26.45 -60.26
CA GLY A 1456 -56.66 25.36 -59.62
C GLY A 1456 -56.01 24.93 -58.33
N PHE A 1457 -55.70 25.88 -57.45
CA PHE A 1457 -55.13 25.59 -56.15
C PHE A 1457 -56.14 25.98 -55.07
N GLU A 1458 -56.44 25.04 -54.17
CA GLU A 1458 -57.36 25.32 -53.08
C GLU A 1458 -56.61 25.97 -51.93
N GLN A 1459 -57.19 27.05 -51.39
CA GLN A 1459 -56.55 27.82 -50.32
C GLN A 1459 -56.86 27.15 -48.99
N ILE A 1460 -55.98 26.24 -48.58
CA ILE A 1460 -56.17 25.54 -47.31
C ILE A 1460 -56.02 26.50 -46.15
N MET A 1461 -55.00 27.34 -46.18
CA MET A 1461 -54.76 28.32 -45.13
C MET A 1461 -54.20 29.60 -45.74
N HIS A 1462 -54.46 30.71 -45.07
CA HIS A 1462 -53.97 32.02 -45.51
C HIS A 1462 -53.90 32.93 -44.30
N ILE A 1463 -52.70 33.28 -43.89
CA ILE A 1463 -52.47 34.10 -42.70
C ILE A 1463 -51.72 35.36 -43.14
N PRO A 1464 -52.43 36.46 -43.38
CA PRO A 1464 -51.76 37.71 -43.75
C PRO A 1464 -51.17 38.39 -42.52
N ASP A 1465 -49.86 38.68 -42.57
CA ASP A 1465 -49.23 39.38 -41.47
C ASP A 1465 -49.84 40.75 -41.26
N GLY A 1466 -50.11 41.46 -42.36
CA GLY A 1466 -50.67 42.81 -42.31
C GLY A 1466 -49.62 43.89 -42.41
N ILE A 1467 -48.45 43.66 -41.82
CA ILE A 1467 -47.37 44.64 -41.86
C ILE A 1467 -46.34 44.34 -42.95
N ALA A 1468 -46.24 43.09 -43.40
CA ALA A 1468 -45.23 42.75 -44.41
C ALA A 1468 -45.56 41.42 -45.10
N VAL A 1469 -45.00 40.32 -44.59
CA VAL A 1469 -45.08 39.05 -45.28
C VAL A 1469 -46.51 38.51 -45.23
N SER A 1470 -46.77 37.53 -46.09
CA SER A 1470 -48.02 36.79 -46.08
C SER A 1470 -47.70 35.32 -46.33
N MET A 1471 -48.61 34.45 -45.90
CA MET A 1471 -48.41 33.01 -45.98
C MET A 1471 -49.62 32.35 -46.60
N PHE A 1472 -49.38 31.44 -47.54
CA PHE A 1472 -50.42 30.65 -48.18
C PHE A 1472 -50.04 29.18 -48.10
N LEU A 1473 -51.00 28.35 -47.70
CA LEU A 1473 -50.87 26.90 -47.76
C LEU A 1473 -51.92 26.38 -48.74
N LEU A 1474 -51.48 25.71 -49.80
CA LEU A 1474 -52.35 25.31 -50.89
C LEU A 1474 -52.16 23.83 -51.20
N ARG A 1475 -53.23 23.20 -51.65
CA ARG A 1475 -53.16 21.84 -52.16
C ARG A 1475 -54.18 21.71 -53.29
N LYS A 1476 -53.90 20.79 -54.20
CA LYS A 1476 -54.72 20.67 -55.41
C LYS A 1476 -56.12 20.21 -55.04
N PRO A 1477 -57.16 20.69 -55.74
CA PRO A 1477 -58.52 20.23 -55.43
C PRO A 1477 -58.66 18.73 -55.62
N PHE A 1478 -59.53 18.14 -54.81
CA PHE A 1478 -59.81 16.72 -54.86
C PHE A 1478 -61.19 16.52 -55.48
N GLU A 1479 -61.25 15.78 -56.58
CA GLU A 1479 -62.50 15.51 -57.29
C GLU A 1479 -62.91 14.06 -57.04
N PRO A 1480 -63.90 13.79 -56.19
CA PRO A 1480 -64.28 12.40 -55.95
C PRO A 1480 -64.86 11.75 -57.20
N SER A 1481 -64.59 10.44 -57.32
CA SER A 1481 -65.24 9.63 -58.35
C SER A 1481 -66.42 8.85 -57.80
N VAL A 1482 -66.51 8.68 -56.49
CA VAL A 1482 -67.61 8.00 -55.83
C VAL A 1482 -68.16 8.92 -54.76
N ALA A 1483 -69.48 8.92 -54.60
CA ALA A 1483 -70.12 9.85 -53.68
C ALA A 1483 -69.61 9.62 -52.26
N PRO A 1484 -69.23 10.66 -51.52
CA PRO A 1484 -68.75 10.46 -50.15
C PRO A 1484 -69.86 9.93 -49.25
N ILE A 1485 -69.44 9.19 -48.22
CA ILE A 1485 -70.35 8.60 -47.25
C ILE A 1485 -70.32 9.46 -45.99
N ILE A 1486 -71.50 9.86 -45.52
CA ILE A 1486 -71.65 10.71 -44.35
C ILE A 1486 -72.34 9.90 -43.26
N ILE A 1487 -71.75 9.88 -42.07
CA ILE A 1487 -72.35 9.26 -40.90
C ILE A 1487 -72.35 10.29 -39.78
N ASN A 1488 -73.50 10.51 -39.17
CA ASN A 1488 -73.65 11.49 -38.10
C ASN A 1488 -73.35 10.82 -36.77
N VAL A 1489 -72.39 11.37 -36.03
CA VAL A 1489 -71.95 10.78 -34.78
C VAL A 1489 -72.32 11.70 -33.62
N ASP A 1490 -73.40 12.46 -33.78
CA ASP A 1490 -73.81 13.38 -32.72
C ASP A 1490 -74.17 12.63 -31.45
N ASP A 1491 -74.90 11.52 -31.58
CA ASP A 1491 -75.41 10.82 -30.41
C ASP A 1491 -74.27 10.40 -29.49
N LEU A 1492 -74.41 10.72 -28.20
CA LEU A 1492 -73.45 10.33 -27.20
C LEU A 1492 -73.75 8.97 -26.58
N GLU A 1493 -74.91 8.39 -26.87
CA GLU A 1493 -75.19 7.02 -26.49
C GLU A 1493 -74.63 6.01 -27.48
N CYS A 1494 -74.01 6.48 -28.57
CA CYS A 1494 -73.38 5.62 -29.55
C CYS A 1494 -74.39 4.69 -30.21
N SER A 1495 -75.46 5.28 -30.76
CA SER A 1495 -76.41 4.56 -31.57
C SER A 1495 -75.92 4.37 -33.00
N TRP A 1496 -74.70 4.81 -33.30
CA TRP A 1496 -74.11 4.72 -34.62
C TRP A 1496 -72.94 3.75 -34.67
N LEU A 1497 -72.58 3.14 -33.53
CA LEU A 1497 -71.41 2.28 -33.50
C LEU A 1497 -71.51 1.15 -34.51
N GLU A 1498 -72.72 0.69 -34.81
CA GLU A 1498 -72.88 -0.39 -35.78
C GLU A 1498 -72.65 0.11 -37.20
N GLU A 1499 -73.19 1.28 -37.53
CA GLU A 1499 -73.04 1.81 -38.88
C GLU A 1499 -71.58 2.14 -39.19
N VAL A 1500 -70.89 2.80 -38.25
CA VAL A 1500 -69.49 3.13 -38.47
C VAL A 1500 -68.65 1.86 -38.60
N GLN A 1501 -68.93 0.87 -37.75
CA GLN A 1501 -68.17 -0.37 -37.81
C GLN A 1501 -68.32 -1.05 -39.17
N ALA A 1502 -69.54 -1.10 -39.69
CA ALA A 1502 -69.77 -1.72 -40.99
C ALA A 1502 -69.05 -0.95 -42.09
N ARG A 1503 -69.21 0.37 -42.12
CA ARG A 1503 -68.57 1.18 -43.16
C ARG A 1503 -67.07 1.28 -42.97
N CYS A 1504 -66.57 1.15 -41.73
CA CYS A 1504 -65.13 1.11 -41.51
C CYS A 1504 -64.51 -0.20 -41.97
N ALA A 1505 -65.29 -1.28 -42.00
CA ALA A 1505 -64.77 -2.55 -42.47
C ALA A 1505 -64.58 -2.58 -43.97
N GLU A 1506 -65.41 -1.85 -44.72
CA GLU A 1506 -65.34 -1.83 -46.18
C GLU A 1506 -64.44 -0.72 -46.71
N LEU A 1507 -63.46 -0.28 -45.92
CA LEU A 1507 -62.56 0.77 -46.37
C LEU A 1507 -61.49 0.22 -47.31
N GLN A 1508 -60.90 -0.94 -46.96
CA GLN A 1508 -59.80 -1.52 -47.74
C GLN A 1508 -60.29 -2.38 -48.89
N ASP A 1509 -61.53 -2.16 -49.36
CA ASP A 1509 -62.04 -2.87 -50.53
C ASP A 1509 -62.79 -1.95 -51.47
N SER A 1510 -62.62 -0.63 -51.32
CA SER A 1510 -63.32 0.36 -52.13
C SER A 1510 -62.31 1.18 -52.93
N HIS A 1511 -62.83 2.09 -53.75
CA HIS A 1511 -61.98 2.91 -54.59
C HIS A 1511 -61.13 3.84 -53.74
N LYS A 1512 -59.95 4.20 -54.26
CA LYS A 1512 -59.05 5.08 -53.52
C LYS A 1512 -59.65 6.44 -53.27
N ASP A 1513 -60.67 6.84 -54.03
CA ASP A 1513 -61.30 8.15 -53.90
C ASP A 1513 -62.51 8.12 -52.99
N SER A 1514 -62.82 6.98 -52.36
CA SER A 1514 -63.92 6.91 -51.42
C SER A 1514 -63.50 7.47 -50.07
N ARG A 1515 -64.42 8.18 -49.42
CA ARG A 1515 -64.16 8.82 -48.14
C ARG A 1515 -65.29 8.52 -47.17
N LEU A 1516 -64.93 8.42 -45.89
CA LEU A 1516 -65.88 8.26 -44.81
C LEU A 1516 -65.86 9.53 -43.97
N TRP A 1517 -66.97 10.27 -43.97
CA TRP A 1517 -67.07 11.54 -43.28
C TRP A 1517 -67.88 11.35 -42.00
N LEU A 1518 -67.19 11.38 -40.86
CA LEU A 1518 -67.86 11.36 -39.56
C LEU A 1518 -68.19 12.79 -39.18
N VAL A 1519 -69.47 13.12 -39.13
CA VAL A 1519 -69.95 14.49 -39.00
C VAL A 1519 -70.66 14.64 -37.66
N ALA A 1520 -70.33 15.72 -36.94
CA ALA A 1520 -70.98 16.06 -35.69
C ALA A 1520 -71.40 17.52 -35.74
N ASN A 1521 -72.65 17.79 -35.39
CA ASN A 1521 -73.21 19.14 -35.39
C ASN A 1521 -73.49 19.64 -33.97
N THR A 1522 -72.74 19.15 -32.99
CA THR A 1522 -72.95 19.51 -31.60
C THR A 1522 -71.63 19.84 -30.94
N GLU A 1523 -71.69 20.73 -29.94
CA GLU A 1523 -70.47 21.07 -29.19
C GLU A 1523 -69.90 19.85 -28.51
N LEU A 1524 -70.75 19.02 -27.91
CA LEU A 1524 -70.31 17.81 -27.21
C LEU A 1524 -70.33 16.65 -28.20
N SER A 1525 -69.14 16.24 -28.64
CA SER A 1525 -69.00 15.09 -29.51
C SER A 1525 -67.52 14.73 -29.60
N GLY A 1526 -67.23 13.43 -29.60
CA GLY A 1526 -65.86 12.97 -29.57
C GLY A 1526 -65.31 12.59 -30.93
N VAL A 1527 -65.92 13.11 -31.99
CA VAL A 1527 -65.52 12.72 -33.34
C VAL A 1527 -64.04 13.03 -33.57
N LEU A 1528 -63.55 14.13 -33.01
CA LEU A 1528 -62.17 14.54 -33.30
C LEU A 1528 -61.17 13.55 -32.75
N GLY A 1529 -61.29 13.19 -31.46
CA GLY A 1529 -60.41 12.17 -30.91
C GLY A 1529 -60.80 10.77 -31.29
N PHE A 1530 -62.07 10.55 -31.64
CA PHE A 1530 -62.50 9.24 -32.13
C PHE A 1530 -61.83 8.92 -33.46
N LEU A 1531 -61.81 9.89 -34.39
CA LEU A 1531 -61.20 9.64 -35.69
C LEU A 1531 -59.71 9.35 -35.55
N ARG A 1532 -59.01 10.14 -34.73
CA ARG A 1532 -57.57 9.95 -34.60
C ARG A 1532 -57.23 8.51 -34.27
N SER A 1533 -58.02 7.87 -33.42
CA SER A 1533 -57.77 6.47 -33.07
C SER A 1533 -58.18 5.53 -34.20
N LEU A 1534 -59.24 5.85 -34.94
CA LEU A 1534 -59.60 5.04 -36.10
C LEU A 1534 -58.51 5.11 -37.17
N VAL A 1535 -57.93 6.30 -37.36
CA VAL A 1535 -56.87 6.45 -38.36
C VAL A 1535 -55.70 5.53 -38.05
N TRP A 1536 -55.53 5.15 -36.78
CA TRP A 1536 -54.40 4.31 -36.41
C TRP A 1536 -54.55 2.88 -36.92
N GLU A 1537 -55.77 2.45 -37.27
CA GLU A 1537 -55.99 1.10 -37.76
C GLU A 1537 -56.65 1.04 -39.12
N PHE A 1538 -57.09 2.17 -39.68
CA PHE A 1538 -57.69 2.20 -41.00
C PHE A 1538 -56.98 3.15 -41.95
N GLY A 1539 -55.91 3.81 -41.51
CA GLY A 1539 -55.20 4.77 -42.33
C GLY A 1539 -55.98 6.05 -42.53
N SER A 1540 -55.24 7.11 -42.84
CA SER A 1540 -55.79 8.44 -43.03
C SER A 1540 -56.24 8.69 -44.45
N GLU A 1541 -56.23 7.67 -45.31
CA GLU A 1541 -56.57 7.86 -46.71
C GLU A 1541 -58.04 8.20 -46.90
N LYS A 1542 -58.92 7.55 -46.13
CA LYS A 1542 -60.36 7.66 -46.36
C LYS A 1542 -61.16 8.20 -45.18
N LEU A 1543 -60.57 8.25 -43.98
CA LEU A 1543 -61.30 8.77 -42.82
C LEU A 1543 -61.21 10.28 -42.78
N ARG A 1544 -62.35 10.94 -42.58
CA ARG A 1544 -62.40 12.39 -42.48
C ARG A 1544 -63.47 12.77 -41.47
N CYS A 1545 -63.32 13.96 -40.87
CA CYS A 1545 -64.18 14.41 -39.80
C CYS A 1545 -64.64 15.84 -40.06
N ILE A 1546 -65.81 16.16 -39.53
CA ILE A 1546 -66.36 17.51 -39.54
C ILE A 1546 -67.11 17.73 -38.23
N GLN A 1547 -66.74 18.78 -37.50
CA GLN A 1547 -67.43 19.15 -36.28
C GLN A 1547 -67.84 20.61 -36.35
N ILE A 1548 -69.10 20.88 -36.03
CA ILE A 1548 -69.64 22.23 -35.99
C ILE A 1548 -70.01 22.53 -34.55
N ASP A 1549 -69.36 23.53 -33.96
CA ASP A 1549 -69.66 23.92 -32.58
C ASP A 1549 -70.86 24.86 -32.59
N ASP A 1550 -71.99 24.37 -32.09
CA ASP A 1550 -73.22 25.17 -32.12
C ASP A 1550 -73.07 26.44 -31.31
N ALA A 1551 -72.43 26.35 -30.13
CA ALA A 1551 -72.38 27.49 -29.23
C ALA A 1551 -71.69 28.69 -29.86
N THR A 1552 -70.55 28.46 -30.52
CA THR A 1552 -69.75 29.53 -31.08
C THR A 1552 -69.90 29.69 -32.59
N ALA A 1553 -70.71 28.84 -33.23
CA ALA A 1553 -70.96 29.02 -34.66
C ALA A 1553 -71.56 30.38 -34.90
N GLY A 1554 -71.03 31.10 -35.90
CA GLY A 1554 -71.46 32.45 -36.18
C GLY A 1554 -72.92 32.52 -36.56
N PRO A 1555 -73.39 33.72 -36.92
CA PRO A 1555 -74.79 33.85 -37.35
C PRO A 1555 -75.13 33.02 -38.57
N ASN A 1556 -74.14 32.66 -39.39
CA ASN A 1556 -74.37 31.84 -40.57
C ASN A 1556 -73.74 30.46 -40.37
N PRO A 1557 -74.37 29.58 -39.59
CA PRO A 1557 -73.77 28.28 -39.33
C PRO A 1557 -73.66 27.47 -40.61
N PRO A 1558 -72.64 26.62 -40.74
CA PRO A 1558 -72.55 25.75 -41.93
C PRO A 1558 -73.73 24.79 -41.99
N LYS A 1559 -73.95 24.26 -43.19
CA LYS A 1559 -75.07 23.39 -43.49
C LYS A 1559 -74.59 22.08 -44.11
N ILE A 1560 -73.62 21.44 -43.45
CA ILE A 1560 -73.05 20.21 -43.97
C ILE A 1560 -74.10 19.12 -43.92
N SER A 1561 -74.65 18.75 -45.08
CA SER A 1561 -75.66 17.70 -45.15
C SER A 1561 -75.64 17.16 -46.58
N ALA A 1562 -75.00 16.01 -46.77
CA ALA A 1562 -74.97 15.34 -48.06
C ALA A 1562 -74.64 16.31 -49.19
N ASP A 1563 -75.58 16.52 -50.12
CA ASP A 1563 -75.36 17.39 -51.27
C ASP A 1563 -75.69 18.84 -50.89
N SER A 1564 -74.83 19.39 -50.05
CA SER A 1564 -74.94 20.78 -49.60
C SER A 1564 -73.97 21.65 -50.40
N ALA A 1565 -73.88 22.92 -50.02
CA ALA A 1565 -72.93 23.84 -50.64
C ALA A 1565 -71.63 23.91 -49.84
N ASP A 1566 -71.73 24.06 -48.52
CA ASP A 1566 -70.54 24.11 -47.68
C ASP A 1566 -69.78 22.79 -47.73
N PHE A 1567 -70.50 21.67 -47.75
CA PHE A 1567 -69.83 20.37 -47.74
C PHE A 1567 -68.94 20.20 -48.95
N LYS A 1568 -69.44 20.55 -50.14
CA LYS A 1568 -68.65 20.36 -51.35
C LYS A 1568 -67.35 21.15 -51.27
N GLU A 1569 -67.40 22.37 -50.72
CA GLU A 1569 -66.18 23.11 -50.48
C GLU A 1569 -65.23 22.34 -49.56
N LEU A 1570 -65.78 21.47 -48.70
CA LEU A 1570 -64.95 20.67 -47.81
C LEU A 1570 -64.52 19.35 -48.45
N VAL A 1571 -65.32 18.81 -49.37
CA VAL A 1571 -64.89 17.61 -50.10
C VAL A 1571 -63.84 17.91 -51.13
N ARG A 1572 -63.60 19.19 -51.43
CA ARG A 1572 -62.55 19.57 -52.38
C ARG A 1572 -61.20 19.74 -51.69
N LYS A 1573 -61.17 20.32 -50.49
CA LYS A 1573 -59.92 20.42 -49.75
C LYS A 1573 -59.52 19.08 -49.16
N ASP A 1574 -60.48 18.25 -48.79
CA ASP A 1574 -60.20 16.90 -48.33
C ASP A 1574 -59.25 16.91 -47.13
N LEU A 1575 -59.58 17.74 -46.14
CA LEU A 1575 -58.81 17.83 -44.92
C LEU A 1575 -59.34 16.83 -43.90
N ALA A 1576 -58.40 16.20 -43.18
CA ALA A 1576 -58.78 15.12 -42.25
C ALA A 1576 -59.73 15.65 -41.17
N TYR A 1577 -59.39 16.78 -40.57
CA TYR A 1577 -60.18 17.34 -39.47
C TYR A 1577 -60.63 18.75 -39.86
N ASN A 1578 -61.94 18.96 -39.85
CA ASN A 1578 -62.53 20.27 -40.08
C ASN A 1578 -63.39 20.62 -38.87
N VAL A 1579 -63.09 21.74 -38.23
CA VAL A 1579 -63.81 22.18 -37.05
C VAL A 1579 -64.26 23.62 -37.29
N PHE A 1580 -65.57 23.83 -37.25
CA PHE A 1580 -66.14 25.17 -37.35
C PHE A 1580 -66.46 25.65 -35.94
N LYS A 1581 -65.61 26.53 -35.43
CA LYS A 1581 -65.77 27.10 -34.10
C LYS A 1581 -65.31 28.54 -34.13
N ASN A 1582 -65.98 29.39 -33.36
CA ASN A 1582 -65.71 30.82 -33.33
C ASN A 1582 -65.99 31.48 -34.68
N GLY A 1583 -66.79 30.83 -35.53
CA GLY A 1583 -67.20 31.42 -36.78
C GLY A 1583 -66.31 31.10 -37.98
N LYS A 1584 -65.22 30.38 -37.79
CA LYS A 1584 -64.30 30.07 -38.87
C LYS A 1584 -63.92 28.60 -38.83
N TRP A 1585 -63.65 28.04 -40.00
CA TRP A 1585 -63.14 26.68 -40.07
C TRP A 1585 -61.69 26.64 -39.56
N GLY A 1586 -61.41 25.64 -38.74
CA GLY A 1586 -60.08 25.48 -38.21
C GLY A 1586 -59.87 24.08 -37.70
N THR A 1587 -58.85 23.93 -36.85
CA THR A 1587 -58.50 22.62 -36.31
C THR A 1587 -57.96 22.80 -34.90
N TYR A 1588 -58.01 21.72 -34.12
CA TYR A 1588 -57.50 21.73 -32.76
C TYR A 1588 -56.02 21.34 -32.79
N ARG A 1589 -55.17 22.21 -32.24
CA ARG A 1589 -53.74 21.99 -32.24
C ARG A 1589 -53.18 22.25 -30.85
N GLY A 1590 -52.15 21.50 -30.50
CA GLY A 1590 -51.47 21.70 -29.24
C GLY A 1590 -50.33 22.68 -29.38
N PHE A 1591 -50.52 23.90 -28.88
CA PHE A 1591 -49.52 24.95 -29.02
C PHE A 1591 -48.60 24.93 -27.80
N VAL A 1592 -47.30 24.84 -28.05
CA VAL A 1592 -46.35 24.65 -26.96
C VAL A 1592 -46.37 25.86 -26.03
N ILE A 1593 -46.16 25.59 -24.75
CA ILE A 1593 -46.05 26.63 -23.73
C ILE A 1593 -44.58 26.78 -23.38
N SER A 1594 -44.05 27.99 -23.54
CA SER A 1594 -42.64 28.22 -23.27
C SER A 1594 -42.32 27.97 -21.81
N ASP A 1595 -41.10 27.48 -21.55
CA ASP A 1595 -40.68 27.24 -20.18
C ASP A 1595 -40.66 28.53 -19.36
N ALA A 1596 -40.61 29.70 -20.01
CA ALA A 1596 -40.63 30.95 -19.28
C ALA A 1596 -42.02 31.26 -18.73
N ASP A 1597 -43.07 30.80 -19.41
CA ASP A 1597 -44.43 31.05 -18.94
C ASP A 1597 -44.76 30.24 -17.70
N ARG A 1598 -44.04 29.14 -17.44
CA ARG A 1598 -44.31 28.37 -16.23
CA ARG A 1598 -44.27 28.36 -16.23
C ARG A 1598 -43.99 29.16 -14.98
N GLN A 1599 -43.07 30.11 -15.04
CA GLN A 1599 -42.72 30.96 -13.92
C GLN A 1599 -43.17 32.40 -14.12
N LYS A 1600 -44.14 32.61 -15.02
CA LYS A 1600 -44.69 33.95 -15.22
C LYS A 1600 -45.31 34.45 -13.93
N GLU A 1601 -45.01 35.70 -13.59
CA GLU A 1601 -45.50 36.31 -12.36
C GLU A 1601 -46.72 37.17 -12.66
N ARG A 1602 -47.75 37.05 -11.85
CA ARG A 1602 -48.99 37.78 -12.00
C ARG A 1602 -49.32 38.46 -10.69
N PRO A 1603 -50.10 39.53 -10.71
CA PRO A 1603 -50.49 40.18 -9.46
C PRO A 1603 -51.24 39.21 -8.55
N SER A 1604 -50.92 39.28 -7.25
CA SER A 1604 -51.58 38.43 -6.26
C SER A 1604 -51.67 39.21 -4.96
N GLU A 1605 -52.83 39.12 -4.30
CA GLU A 1605 -53.04 39.90 -3.08
C GLU A 1605 -52.13 39.42 -1.96
N TYR A 1606 -51.99 38.10 -1.80
CA TYR A 1606 -51.14 37.50 -0.78
C TYR A 1606 -50.01 36.73 -1.46
N VAL A 1607 -48.78 37.04 -1.08
CA VAL A 1607 -47.60 36.36 -1.61
C VAL A 1607 -46.63 36.10 -0.47
N TYR A 1608 -45.67 35.22 -0.72
CA TYR A 1608 -44.63 34.90 0.24
C TYR A 1608 -43.39 34.45 -0.52
N ALA A 1609 -42.24 34.58 0.12
CA ALA A 1609 -40.96 34.33 -0.53
C ALA A 1609 -40.52 32.89 -0.28
N ASP A 1610 -40.18 32.19 -1.37
CA ASP A 1610 -39.66 30.84 -1.31
C ASP A 1610 -38.57 30.71 -2.38
N TRP A 1611 -38.00 29.51 -2.49
CA TRP A 1611 -36.97 29.23 -3.46
C TRP A 1611 -37.50 28.26 -4.51
N LEU A 1612 -37.16 28.53 -5.78
CA LEU A 1612 -37.51 27.59 -6.85
C LEU A 1612 -36.69 26.31 -6.74
N SER A 1613 -35.40 26.44 -6.44
CA SER A 1613 -34.51 25.31 -6.28
C SER A 1613 -33.81 25.41 -4.93
N ALA A 1614 -33.93 24.36 -4.13
CA ALA A 1614 -33.36 24.38 -2.79
C ALA A 1614 -31.85 24.54 -2.87
N GLY A 1615 -31.30 25.30 -1.92
CA GLY A 1615 -29.87 25.55 -1.85
C GLY A 1615 -29.37 26.67 -2.73
N ASP A 1616 -30.25 27.33 -3.49
CA ASP A 1616 -29.88 28.42 -4.38
C ASP A 1616 -30.53 29.70 -3.88
N MET A 1617 -29.72 30.69 -3.49
CA MET A 1617 -30.25 31.97 -3.08
C MET A 1617 -30.61 32.87 -4.26
N SER A 1618 -30.17 32.53 -5.47
CA SER A 1618 -30.55 33.27 -6.66
C SER A 1618 -31.89 32.81 -7.21
N SER A 1619 -32.47 31.76 -6.64
CA SER A 1619 -33.76 31.23 -7.09
C SER A 1619 -34.92 31.71 -6.22
N LEU A 1620 -34.68 32.66 -5.31
CA LEU A 1620 -35.74 33.15 -4.46
C LEU A 1620 -36.76 33.93 -5.28
N ARG A 1621 -38.03 33.57 -5.14
CA ARG A 1621 -39.12 34.24 -5.82
C ARG A 1621 -40.25 34.46 -4.83
N TRP A 1622 -41.30 35.14 -5.29
CA TRP A 1622 -42.50 35.35 -4.50
C TRP A 1622 -43.62 34.50 -5.08
N PHE A 1623 -44.13 33.57 -4.28
CA PHE A 1623 -45.20 32.68 -4.68
C PHE A 1623 -46.50 33.10 -4.02
N ASP A 1624 -47.60 32.57 -4.55
CA ASP A 1624 -48.91 32.83 -3.94
C ASP A 1624 -48.94 32.28 -2.52
N SER A 1625 -49.50 33.06 -1.61
CA SER A 1625 -49.58 32.63 -0.23
C SER A 1625 -50.91 31.94 0.03
N PRO A 1626 -50.93 30.81 0.74
CA PRO A 1626 -52.21 30.16 1.07
C PRO A 1626 -53.09 31.00 1.98
N LEU A 1627 -52.59 32.13 2.49
CA LEU A 1627 -53.40 32.99 3.35
C LEU A 1627 -54.57 33.62 2.60
N LYS A 1628 -54.58 33.56 1.27
CA LYS A 1628 -55.77 33.99 0.53
C LYS A 1628 -56.99 33.20 0.96
N THR A 1629 -56.79 31.97 1.42
CA THR A 1629 -57.86 31.16 1.99
C THR A 1629 -58.10 31.45 3.46
N GLY A 1630 -57.32 32.35 4.06
CA GLY A 1630 -57.46 32.72 5.45
C GLY A 1630 -56.54 31.95 6.38
N HIS A 1631 -56.22 30.71 6.04
CA HIS A 1631 -55.37 29.87 6.87
C HIS A 1631 -53.98 29.73 6.25
N ASN A 1632 -53.14 28.93 6.89
CA ASN A 1632 -51.75 28.78 6.48
C ASN A 1632 -51.46 27.30 6.31
N ASN A 1633 -50.79 26.94 5.21
CA ASN A 1633 -50.46 25.55 4.96
C ASN A 1633 -49.59 25.01 6.09
N GLY A 1634 -49.72 23.71 6.35
CA GLY A 1634 -48.92 23.07 7.37
C GLY A 1634 -49.65 22.96 8.69
N MET A 1635 -50.95 22.71 8.63
CA MET A 1635 -51.77 22.50 9.82
C MET A 1635 -51.96 21.02 10.14
N LEU A 1636 -50.93 20.21 9.91
CA LEU A 1636 -51.01 18.77 10.07
C LEU A 1636 -50.02 18.31 11.13
N GLY A 1637 -50.42 17.29 11.90
CA GLY A 1637 -49.53 16.69 12.89
C GLY A 1637 -49.39 17.51 14.16
N SER A 1638 -48.16 17.87 14.50
CA SER A 1638 -47.93 18.59 15.74
C SER A 1638 -48.54 19.98 15.71
N LYS A 1639 -48.63 20.60 14.53
CA LYS A 1639 -49.25 21.91 14.43
C LYS A 1639 -50.73 21.88 14.77
N MET A 1640 -51.34 20.70 14.83
CA MET A 1640 -52.73 20.56 15.24
C MET A 1640 -52.92 20.54 16.76
N ALA A 1641 -51.85 20.33 17.52
CA ALA A 1641 -51.97 20.22 18.97
C ALA A 1641 -51.97 21.59 19.65
N HIS A 1642 -51.14 22.51 19.19
CA HIS A 1642 -51.04 23.84 19.80
C HIS A 1642 -52.06 24.75 19.13
N LYS A 1643 -53.16 25.04 19.84
CA LYS A 1643 -54.22 25.89 19.30
C LYS A 1643 -53.98 27.35 19.69
N LEU A 1644 -52.82 27.86 19.28
CA LEU A 1644 -52.44 29.22 19.62
C LEU A 1644 -53.44 30.21 19.02
N GLU A 1645 -53.70 31.29 19.76
CA GLU A 1645 -54.54 32.36 19.27
C GLU A 1645 -53.71 33.30 18.42
N THR A 1646 -54.11 33.52 17.17
CA THR A 1646 -53.32 34.23 16.20
C THR A 1646 -54.05 35.48 15.73
N GLU A 1647 -53.28 36.55 15.50
CA GLU A 1647 -53.78 37.80 14.97
C GLU A 1647 -53.24 37.97 13.55
N THR A 1648 -54.13 38.21 12.59
CA THR A 1648 -53.74 38.37 11.21
C THR A 1648 -53.23 39.79 10.99
N CYS A 1649 -51.95 39.91 10.63
CA CYS A 1649 -51.29 41.20 10.49
C CYS A 1649 -50.85 41.41 9.04
N SER A 1650 -50.96 42.64 8.58
CA SER A 1650 -50.51 43.02 7.24
C SER A 1650 -49.06 43.47 7.34
N VAL A 1651 -48.14 42.65 6.85
CA VAL A 1651 -46.71 42.93 7.00
C VAL A 1651 -46.34 44.15 6.16
N TYR A 1652 -45.62 45.08 6.76
CA TYR A 1652 -45.08 46.25 6.07
C TYR A 1652 -43.59 46.16 5.83
N TYR A 1653 -42.83 45.71 6.83
CA TYR A 1653 -41.40 45.47 6.70
C TYR A 1653 -41.09 44.09 7.25
N ALA A 1654 -40.16 43.40 6.62
CA ALA A 1654 -39.72 42.08 7.05
C ALA A 1654 -38.22 42.11 7.26
N GLY A 1655 -37.78 41.74 8.45
CA GLY A 1655 -36.35 41.72 8.74
C GLY A 1655 -35.72 40.42 8.26
N LEU A 1656 -34.54 40.55 7.66
CA LEU A 1656 -33.77 39.41 7.20
C LEU A 1656 -32.71 39.08 8.25
N ASN A 1657 -32.76 37.87 8.77
CA ASN A 1657 -31.79 37.38 9.73
C ASN A 1657 -30.83 36.41 9.05
N LEU A 1658 -29.79 36.03 9.77
CA LEU A 1658 -28.87 35.02 9.26
C LEU A 1658 -29.48 33.63 9.30
N ARG A 1659 -30.57 33.44 10.03
CA ARG A 1659 -31.26 32.15 10.00
C ARG A 1659 -31.85 31.87 8.63
N ASP A 1660 -32.37 32.91 7.97
CA ASP A 1660 -32.96 32.72 6.65
C ASP A 1660 -31.90 32.43 5.60
N ILE A 1661 -30.76 33.14 5.66
CA ILE A 1661 -29.71 32.92 4.67
C ILE A 1661 -29.16 31.51 4.78
N ILE A 1662 -29.03 31.00 6.01
CA ILE A 1662 -28.51 29.65 6.20
C ILE A 1662 -29.44 28.64 5.55
N LEU A 1663 -30.76 28.81 5.74
CA LEU A 1663 -31.71 27.91 5.11
C LEU A 1663 -31.75 28.11 3.60
N ALA A 1664 -31.72 29.36 3.14
CA ALA A 1664 -31.88 29.64 1.72
C ALA A 1664 -30.74 29.06 0.91
N ASN A 1665 -29.52 29.16 1.40
CA ASN A 1665 -28.34 28.75 0.64
C ASN A 1665 -28.00 27.27 0.84
N GLY A 1666 -28.84 26.52 1.53
CA GLY A 1666 -28.65 25.10 1.69
C GLY A 1666 -27.70 24.69 2.79
N THR A 1667 -27.20 25.63 3.58
CA THR A 1667 -26.32 25.26 4.68
C THR A 1667 -27.01 24.35 5.68
N ILE A 1668 -28.33 24.49 5.82
CA ILE A 1668 -29.12 23.66 6.72
C ILE A 1668 -30.43 23.32 6.03
N GLN A 1669 -30.87 22.08 6.20
CA GLN A 1669 -32.13 21.65 5.60
C GLN A 1669 -33.31 22.07 6.46
N ARG A 1670 -34.49 22.06 5.84
CA ARG A 1670 -35.71 22.42 6.55
C ARG A 1670 -35.99 21.49 7.72
N ASP A 1671 -35.43 20.27 7.70
CA ASP A 1671 -35.75 19.28 8.71
C ASP A 1671 -35.11 19.56 10.06
N ILE A 1672 -34.14 20.48 10.12
CA ILE A 1672 -33.57 20.83 11.42
C ILE A 1672 -34.47 21.77 12.20
N LEU A 1673 -35.39 22.45 11.53
CA LEU A 1673 -36.29 23.37 12.20
C LEU A 1673 -37.32 22.61 13.04
N PRO A 1674 -37.99 23.30 13.96
CA PRO A 1674 -39.05 22.64 14.74
C PRO A 1674 -39.98 21.83 13.85
N GLU A 1675 -40.42 20.68 14.37
CA GLU A 1675 -41.23 19.76 13.57
C GLU A 1675 -42.56 20.36 13.17
N GLU A 1676 -43.00 21.45 13.82
CA GLU A 1676 -44.26 22.09 13.46
C GLU A 1676 -44.20 22.80 12.13
N THR A 1677 -43.01 22.99 11.55
CA THR A 1677 -42.84 23.71 10.30
C THR A 1677 -42.57 22.79 9.12
N PHE A 1678 -42.72 21.48 9.30
CA PHE A 1678 -42.38 20.54 8.23
C PHE A 1678 -43.28 20.73 7.02
N PHE A 1679 -44.58 20.94 7.24
CA PHE A 1679 -45.54 21.05 6.16
C PHE A 1679 -45.89 22.49 5.81
N LYS A 1680 -45.19 23.46 6.39
CA LYS A 1680 -45.44 24.85 6.05
C LYS A 1680 -44.99 25.14 4.63
N GLU A 1681 -45.64 26.13 4.02
CA GLU A 1681 -45.32 26.48 2.63
C GLU A 1681 -43.89 26.96 2.49
N GLY A 1682 -43.38 27.67 3.51
CA GLY A 1682 -42.03 28.20 3.47
C GLY A 1682 -41.46 28.26 4.87
N VAL A 1683 -40.16 28.51 4.94
CA VAL A 1683 -39.45 28.52 6.22
C VAL A 1683 -38.59 29.76 6.33
N LEU A 1684 -38.86 30.77 5.51
CA LEU A 1684 -38.07 31.99 5.46
C LEU A 1684 -38.78 33.12 6.18
N GLY A 1685 -38.09 33.76 7.12
CA GLY A 1685 -38.62 34.93 7.79
C GLY A 1685 -39.35 34.63 9.07
N VAL A 1686 -39.03 35.37 10.13
CA VAL A 1686 -39.72 35.22 11.41
C VAL A 1686 -40.23 36.58 11.88
N GLU A 1687 -39.36 37.59 11.92
CA GLU A 1687 -39.74 38.90 12.42
C GLU A 1687 -40.41 39.71 11.32
N PHE A 1688 -41.13 40.74 11.74
CA PHE A 1688 -41.83 41.63 10.83
C PHE A 1688 -42.31 42.84 11.61
N SER A 1689 -42.84 43.82 10.88
CA SER A 1689 -43.46 44.99 11.49
C SER A 1689 -44.54 45.47 10.53
N GLY A 1690 -45.80 45.35 10.94
CA GLY A 1690 -46.91 45.68 10.06
C GLY A 1690 -48.06 46.26 10.84
N ARG A 1691 -49.28 45.85 10.48
CA ARG A 1691 -50.49 46.38 11.10
C ARG A 1691 -51.44 45.23 11.34
N ASN A 1692 -51.96 45.13 12.57
CA ASN A 1692 -52.90 44.06 12.89
C ASN A 1692 -54.25 44.36 12.25
N SER A 1693 -55.23 43.48 12.52
CA SER A 1693 -56.53 43.61 11.90
C SER A 1693 -57.24 44.91 12.29
N SER A 1694 -56.91 45.48 13.44
CA SER A 1694 -57.54 46.71 13.90
C SER A 1694 -56.86 47.97 13.38
N GLY A 1695 -55.78 47.82 12.60
CA GLY A 1695 -55.05 48.95 12.08
C GLY A 1695 -53.91 49.44 12.95
N LYS A 1696 -53.76 48.90 14.16
CA LYS A 1696 -52.68 49.30 15.03
C LYS A 1696 -51.34 48.89 14.44
N ARG A 1697 -50.31 49.67 14.76
CA ARG A 1697 -48.95 49.36 14.32
C ARG A 1697 -48.32 48.39 15.30
N VAL A 1698 -47.99 47.19 14.83
CA VAL A 1698 -47.44 46.14 15.68
C VAL A 1698 -46.22 45.54 15.03
N MET A 1699 -45.36 44.96 15.87
CA MET A 1699 -44.18 44.22 15.43
C MET A 1699 -44.07 42.96 16.29
N GLY A 1700 -43.55 41.90 15.70
CA GLY A 1700 -43.42 40.67 16.46
C GLY A 1700 -42.79 39.57 15.64
N LEU A 1701 -42.60 38.44 16.31
CA LEU A 1701 -42.04 37.22 15.72
C LEU A 1701 -43.15 36.20 15.54
N CYS A 1702 -43.17 35.55 14.39
CA CYS A 1702 -44.15 34.53 14.10
C CYS A 1702 -43.46 33.33 13.48
N PRO A 1703 -44.04 32.14 13.60
CA PRO A 1703 -43.51 31.00 12.86
C PRO A 1703 -43.51 31.29 11.38
N PRO A 1704 -42.54 30.78 10.64
CA PRO A 1704 -42.42 31.13 9.23
C PRO A 1704 -43.64 30.65 8.45
N PRO A 1705 -43.86 31.19 7.25
CA PRO A 1705 -43.08 32.23 6.58
C PRO A 1705 -43.49 33.63 6.99
N ALA A 1706 -42.63 34.39 7.66
CA ALA A 1706 -42.89 35.79 7.94
C ALA A 1706 -42.35 36.72 6.86
N LEU A 1707 -41.60 36.18 5.90
CA LEU A 1707 -41.18 36.94 4.72
C LEU A 1707 -42.32 36.89 3.70
N ALA A 1708 -43.45 37.47 4.09
CA ALA A 1708 -44.66 37.46 3.30
C ALA A 1708 -45.35 38.81 3.45
N THR A 1709 -46.53 38.93 2.85
CA THR A 1709 -47.31 40.16 2.93
C THR A 1709 -48.42 40.09 3.98
N THR A 1710 -48.81 38.89 4.39
CA THR A 1710 -49.73 38.70 5.50
C THR A 1710 -49.21 37.57 6.36
N VAL A 1711 -49.46 37.67 7.66
CA VAL A 1711 -49.00 36.68 8.63
C VAL A 1711 -50.13 36.42 9.62
N LYS A 1712 -50.01 35.31 10.34
CA LYS A 1712 -50.89 34.97 11.45
C LYS A 1712 -50.01 34.85 12.68
N CYS A 1713 -49.75 35.99 13.31
CA CYS A 1713 -48.82 36.06 14.43
C CYS A 1713 -49.55 35.76 15.74
N PRO A 1714 -49.07 34.82 16.55
CA PRO A 1714 -49.70 34.60 17.85
C PRO A 1714 -49.74 35.88 18.67
N VAL A 1715 -50.85 36.08 19.38
CA VAL A 1715 -51.03 37.30 20.16
C VAL A 1715 -49.97 37.42 21.26
N SER A 1716 -49.36 36.31 21.64
CA SER A 1716 -48.33 36.32 22.67
C SER A 1716 -46.94 36.65 22.13
N SER A 1717 -46.83 36.96 20.85
CA SER A 1717 -45.56 37.32 20.23
C SER A 1717 -45.60 38.69 19.58
N LEU A 1718 -46.66 39.46 19.79
CA LEU A 1718 -46.85 40.75 19.14
C LEU A 1718 -46.58 41.87 20.13
N TRP A 1719 -45.63 42.73 19.80
CA TRP A 1719 -45.40 43.97 20.54
C TRP A 1719 -46.01 45.13 19.78
N SER A 1720 -46.23 46.23 20.49
CA SER A 1720 -46.78 47.45 19.90
C SER A 1720 -45.64 48.42 19.62
N VAL A 1721 -45.62 48.98 18.42
CA VAL A 1721 -44.58 49.93 18.04
C VAL A 1721 -44.82 51.23 18.80
N PRO A 1722 -43.87 51.72 19.57
CA PRO A 1722 -44.06 53.02 20.23
C PRO A 1722 -44.28 54.11 19.20
N ASP A 1723 -44.99 55.16 19.60
CA ASP A 1723 -45.30 56.24 18.68
C ASP A 1723 -44.11 57.19 18.55
N GLN A 1724 -42.92 56.61 18.39
CA GLN A 1724 -41.73 57.35 18.00
C GLN A 1724 -40.90 56.61 16.96
N TRP A 1725 -41.15 55.33 16.72
CA TRP A 1725 -40.45 54.53 15.74
C TRP A 1725 -41.30 54.42 14.48
N THR A 1726 -40.69 54.61 13.32
CA THR A 1726 -41.35 54.23 12.09
C THR A 1726 -41.36 52.70 11.98
N LEU A 1727 -42.31 52.17 11.23
CA LEU A 1727 -42.39 50.73 11.06
C LEU A 1727 -41.10 50.17 10.49
N GLU A 1728 -40.33 50.99 9.78
CA GLU A 1728 -39.01 50.56 9.30
C GLU A 1728 -38.10 50.21 10.47
N GLU A 1729 -38.09 51.05 11.52
CA GLU A 1729 -37.23 50.77 12.66
C GLU A 1729 -37.75 49.61 13.49
N ALA A 1730 -39.07 49.45 13.59
CA ALA A 1730 -39.64 48.37 14.37
C ALA A 1730 -39.23 47.01 13.82
N ALA A 1731 -39.06 46.90 12.51
CA ALA A 1731 -38.74 45.62 11.89
C ALA A 1731 -37.39 45.08 12.31
N THR A 1732 -36.51 45.91 12.89
CA THR A 1732 -35.18 45.48 13.27
C THR A 1732 -35.09 44.99 14.71
N VAL A 1733 -36.05 45.35 15.55
CA VAL A 1733 -35.96 45.12 16.99
C VAL A 1733 -36.28 43.67 17.37
N PRO A 1734 -37.43 43.10 16.96
CA PRO A 1734 -37.94 41.90 17.65
C PRO A 1734 -36.94 40.76 17.77
N LEU A 1735 -36.42 40.25 16.66
CA LEU A 1735 -35.58 39.05 16.75
C LEU A 1735 -34.24 39.36 17.38
N ALA A 1736 -33.62 40.48 17.01
CA ALA A 1736 -32.27 40.77 17.50
C ALA A 1736 -32.25 40.85 19.02
N TYR A 1737 -33.24 41.52 19.61
CA TYR A 1737 -33.28 41.68 21.06
C TYR A 1737 -33.91 40.49 21.76
N ALA A 1738 -34.87 39.82 21.14
CA ALA A 1738 -35.41 38.60 21.73
C ALA A 1738 -34.31 37.55 21.88
N THR A 1739 -33.47 37.41 20.86
CA THR A 1739 -32.34 36.50 20.96
C THR A 1739 -31.34 36.97 22.01
N ALA A 1740 -31.07 38.28 22.06
CA ALA A 1740 -30.11 38.79 23.02
C ALA A 1740 -30.53 38.50 24.45
N TYR A 1741 -31.81 38.73 24.76
CA TYR A 1741 -32.30 38.45 26.10
C TYR A 1741 -32.26 36.95 26.39
N TYR A 1742 -32.61 36.13 25.40
CA TYR A 1742 -32.54 34.69 25.60
C TYR A 1742 -31.12 34.23 25.89
N CYS A 1743 -30.16 34.71 25.10
CA CYS A 1743 -28.77 34.29 25.30
C CYS A 1743 -28.24 34.77 26.65
N LEU A 1744 -28.54 36.01 27.02
CA LEU A 1744 -27.96 36.61 28.22
C LEU A 1744 -28.79 36.30 29.47
N VAL A 1745 -30.07 36.69 29.46
CA VAL A 1745 -30.87 36.65 30.68
C VAL A 1745 -31.63 35.34 30.86
N SER A 1746 -31.86 34.57 29.80
CA SER A 1746 -32.61 33.32 29.88
C SER A 1746 -31.73 32.08 29.89
N GLU A 1747 -30.66 32.07 29.11
CA GLU A 1747 -29.75 30.93 29.07
C GLU A 1747 -28.45 31.18 29.81
N GLY A 1748 -27.94 32.40 29.79
CA GLY A 1748 -26.70 32.70 30.48
C GLY A 1748 -26.90 33.15 31.91
N GLY A 1749 -28.12 33.59 32.23
CA GLY A 1749 -28.41 34.05 33.58
C GLY A 1749 -27.50 35.19 34.01
N VAL A 1750 -27.29 36.17 33.12
CA VAL A 1750 -26.38 37.26 33.42
C VAL A 1750 -26.82 37.98 34.68
N GLN A 1751 -25.86 38.30 35.53
CA GLN A 1751 -26.09 39.10 36.74
C GLN A 1751 -25.42 40.46 36.59
N LYS A 1752 -25.85 41.40 37.42
CA LYS A 1752 -25.28 42.74 37.38
C LYS A 1752 -23.78 42.68 37.62
N GLY A 1753 -23.02 43.40 36.81
CA GLY A 1753 -21.58 43.47 36.96
C GLY A 1753 -20.82 42.30 36.39
N ALA A 1754 -21.50 41.32 35.80
CA ALA A 1754 -20.81 40.16 35.26
C ALA A 1754 -20.06 40.52 34.00
N THR A 1755 -19.04 39.71 33.68
CA THR A 1755 -18.26 39.87 32.47
C THR A 1755 -18.83 38.98 31.38
N VAL A 1756 -19.10 39.57 30.21
CA VAL A 1756 -19.71 38.86 29.09
C VAL A 1756 -18.80 39.01 27.88
N PHE A 1757 -18.59 37.91 27.17
CA PHE A 1757 -17.83 37.89 25.93
C PHE A 1757 -18.79 37.62 24.78
N ILE A 1758 -18.90 38.57 23.86
CA ILE A 1758 -19.87 38.51 22.78
C ILE A 1758 -19.11 38.44 21.46
N HIS A 1759 -19.29 37.35 20.73
CA HIS A 1759 -18.71 37.22 19.40
C HIS A 1759 -19.49 38.07 18.39
N ALA A 1760 -18.78 38.56 17.38
CA ALA A 1760 -19.39 39.30 16.29
C ALA A 1760 -20.27 40.43 16.81
N GLY A 1761 -19.62 41.38 17.49
CA GLY A 1761 -20.35 42.49 18.08
C GLY A 1761 -21.07 43.35 17.08
N ALA A 1762 -20.67 43.31 15.81
CA ALA A 1762 -21.30 44.12 14.77
C ALA A 1762 -22.55 43.48 14.20
N SER A 1763 -22.82 42.22 14.49
CA SER A 1763 -24.05 41.59 14.01
C SER A 1763 -25.24 42.13 14.78
N VAL A 1764 -26.43 41.96 14.18
CA VAL A 1764 -27.64 42.47 14.82
C VAL A 1764 -27.85 41.82 16.18
N VAL A 1765 -27.65 40.50 16.26
CA VAL A 1765 -27.71 39.83 17.55
C VAL A 1765 -26.57 40.32 18.44
N GLY A 1766 -25.41 40.60 17.84
CA GLY A 1766 -24.31 41.14 18.62
C GLY A 1766 -24.60 42.53 19.16
N GLN A 1767 -25.17 43.40 18.33
CA GLN A 1767 -25.50 44.75 18.79
C GLN A 1767 -26.56 44.69 19.88
N ALA A 1768 -27.57 43.82 19.71
CA ALA A 1768 -28.58 43.66 20.75
C ALA A 1768 -27.97 43.12 22.04
N SER A 1769 -27.05 42.16 21.93
CA SER A 1769 -26.44 41.59 23.12
C SER A 1769 -25.67 42.64 23.90
N ILE A 1770 -24.94 43.51 23.21
CA ILE A 1770 -24.20 44.57 23.90
C ILE A 1770 -25.16 45.50 24.61
N ALA A 1771 -26.24 45.91 23.94
CA ALA A 1771 -27.19 46.82 24.56
C ALA A 1771 -27.82 46.20 25.79
N VAL A 1772 -28.20 44.92 25.71
CA VAL A 1772 -28.76 44.24 26.87
C VAL A 1772 -27.71 44.14 27.98
N ALA A 1773 -26.48 43.76 27.61
CA ALA A 1773 -25.42 43.62 28.61
C ALA A 1773 -25.11 44.95 29.29
N LEU A 1774 -25.04 46.03 28.50
CA LEU A 1774 -24.76 47.33 29.10
C LEU A 1774 -25.84 47.72 30.09
N SER A 1775 -27.11 47.45 29.75
CA SER A 1775 -28.19 47.74 30.68
C SER A 1775 -28.01 47.02 32.00
N TYR A 1776 -27.45 45.80 31.97
CA TYR A 1776 -27.15 45.06 33.18
C TYR A 1776 -25.84 45.49 33.82
N ASN A 1777 -25.21 46.55 33.32
CA ASN A 1777 -23.96 47.06 33.86
C ASN A 1777 -22.90 45.95 33.89
N CYS A 1778 -22.63 45.40 32.70
CA CYS A 1778 -21.68 44.31 32.54
C CYS A 1778 -20.36 44.83 31.98
N GLU A 1779 -19.33 44.02 32.11
CA GLU A 1779 -18.03 44.28 31.50
C GLU A 1779 -17.97 43.51 30.19
N ILE A 1780 -17.96 44.24 29.08
CA ILE A 1780 -18.21 43.66 27.76
C ILE A 1780 -16.89 43.54 27.02
N PHE A 1781 -16.63 42.34 26.50
CA PHE A 1781 -15.55 42.09 25.54
C PHE A 1781 -16.19 41.58 24.26
N THR A 1782 -15.90 42.22 23.14
CA THR A 1782 -16.54 41.90 21.88
C THR A 1782 -15.50 41.75 20.78
N LEU A 1783 -15.82 40.91 19.79
CA LEU A 1783 -14.95 40.65 18.66
C LEU A 1783 -15.42 41.48 17.48
N THR A 1784 -14.53 42.30 16.94
CA THR A 1784 -14.81 43.12 15.78
C THR A 1784 -13.88 42.73 14.64
N LYS A 1785 -14.45 42.54 13.44
CA LYS A 1785 -13.67 42.10 12.31
C LYS A 1785 -12.60 43.13 11.93
N ASN A 1786 -13.03 44.34 11.59
CA ASN A 1786 -12.15 45.40 11.14
C ASN A 1786 -12.34 46.65 12.00
N SER A 1787 -11.65 47.72 11.63
CA SER A 1787 -11.75 48.95 12.40
C SER A 1787 -13.09 49.65 12.20
N ASP A 1788 -13.71 49.47 11.05
CA ASP A 1788 -15.01 50.10 10.80
C ASP A 1788 -16.04 49.61 11.81
N GLU A 1789 -16.08 48.30 12.07
CA GLU A 1789 -17.02 47.76 13.04
C GLU A 1789 -16.73 48.31 14.43
N THR A 1790 -15.46 48.42 14.80
CA THR A 1790 -15.11 48.98 16.11
C THR A 1790 -15.59 50.42 16.22
N ALA A 1791 -15.38 51.22 15.18
CA ALA A 1791 -15.83 52.60 15.20
C ALA A 1791 -17.35 52.68 15.30
N LEU A 1792 -18.06 51.83 14.55
CA LEU A 1792 -19.51 51.84 14.59
C LEU A 1792 -20.02 51.53 15.98
N LEU A 1793 -19.48 50.48 16.61
CA LEU A 1793 -19.94 50.11 17.94
C LEU A 1793 -19.63 51.20 18.96
N LYS A 1794 -18.44 51.79 18.88
CA LYS A 1794 -18.07 52.83 19.84
C LYS A 1794 -19.01 54.02 19.74
N SER A 1795 -19.31 54.47 18.51
CA SER A 1795 -20.27 55.56 18.34
C SER A 1795 -21.65 55.15 18.82
N MET A 1796 -22.08 53.93 18.48
CA MET A 1796 -23.41 53.48 18.88
C MET A 1796 -23.54 53.39 20.39
N TYR A 1797 -22.53 52.86 21.07
CA TYR A 1797 -22.52 52.74 22.52
C TYR A 1797 -21.36 53.54 23.08
N PRO A 1798 -21.59 54.76 23.59
CA PRO A 1798 -20.47 55.57 24.10
C PRO A 1798 -19.75 54.93 25.28
N GLN A 1799 -20.41 54.04 26.02
CA GLN A 1799 -19.77 53.42 27.18
C GLN A 1799 -18.64 52.48 26.80
N LEU A 1800 -18.53 52.09 25.52
CA LEU A 1800 -17.53 51.13 25.08
C LEU A 1800 -16.23 51.84 24.76
N ASN A 1801 -15.14 51.38 25.35
CA ASN A 1801 -13.81 51.91 25.11
C ASN A 1801 -12.99 50.91 24.29
N ASP A 1802 -11.82 51.37 23.84
CA ASP A 1802 -10.97 50.51 23.01
C ASP A 1802 -10.55 49.25 23.74
N ARG A 1803 -10.47 49.31 25.07
CA ARG A 1803 -10.10 48.12 25.84
C ARG A 1803 -11.16 47.02 25.77
N ASN A 1804 -12.36 47.34 25.30
CA ASN A 1804 -13.46 46.38 25.25
C ASN A 1804 -13.56 45.66 23.91
N PHE A 1805 -12.60 45.88 23.01
CA PHE A 1805 -12.68 45.36 21.65
C PHE A 1805 -11.49 44.46 21.36
N CYS A 1806 -11.75 43.36 20.65
CA CYS A 1806 -10.70 42.46 20.18
C CYS A 1806 -10.90 42.18 18.70
N SER A 1807 -10.13 41.26 18.14
CA SER A 1807 -10.16 40.97 16.72
C SER A 1807 -10.66 39.55 16.47
N SER A 1808 -11.46 39.39 15.43
CA SER A 1808 -12.01 38.09 15.03
C SER A 1808 -11.08 37.34 14.09
N GLU A 1809 -9.95 37.91 13.71
CA GLU A 1809 -9.07 37.28 12.73
C GLU A 1809 -8.26 36.13 13.33
N ASP A 1810 -7.89 36.23 14.60
CA ASP A 1810 -7.07 35.22 15.23
C ASP A 1810 -7.46 35.11 16.70
N CYS A 1811 -7.08 33.99 17.32
CA CYS A 1811 -7.39 33.74 18.72
C CYS A 1811 -6.36 34.39 19.64
N SER A 1812 -6.12 35.69 19.42
CA SER A 1812 -5.28 36.47 20.32
C SER A 1812 -6.08 37.13 21.43
N PHE A 1813 -7.40 37.03 21.39
CA PHE A 1813 -8.23 37.59 22.45
C PHE A 1813 -8.16 36.77 23.73
N GLU A 1814 -7.81 35.48 23.63
CA GLU A 1814 -7.79 34.63 24.81
C GLU A 1814 -6.81 35.17 25.85
N LYS A 1815 -5.59 35.48 25.42
CA LYS A 1815 -4.61 36.03 26.35
C LYS A 1815 -5.06 37.40 26.85
N TYR A 1816 -5.61 38.24 25.97
CA TYR A 1816 -6.00 39.58 26.36
C TYR A 1816 -7.14 39.53 27.38
N ILE A 1817 -8.17 38.73 27.11
CA ILE A 1817 -9.32 38.67 28.02
C ILE A 1817 -8.92 38.02 29.34
N ARG A 1818 -8.12 36.95 29.28
CA ARG A 1818 -7.70 36.29 30.52
CA ARG A 1818 -7.71 36.31 30.52
C ARG A 1818 -6.90 37.25 31.39
N LYS A 1819 -5.99 38.02 30.79
CA LYS A 1819 -5.22 39.00 31.55
C LYS A 1819 -6.12 40.11 32.08
N GLU A 1820 -7.07 40.56 31.27
CA GLU A 1820 -7.91 41.68 31.68
C GLU A 1820 -8.91 41.28 32.77
N THR A 1821 -9.29 40.01 32.82
CA THR A 1821 -10.18 39.52 33.86
C THR A 1821 -9.42 38.99 35.07
N LYS A 1822 -8.10 39.13 35.09
CA LYS A 1822 -7.27 38.68 36.21
C LYS A 1822 -7.47 37.19 36.48
N GLY A 1823 -7.66 36.42 35.41
CA GLY A 1823 -7.81 34.98 35.52
C GLY A 1823 -9.19 34.52 35.95
N SER A 1824 -10.13 35.43 36.17
CA SER A 1824 -11.47 35.02 36.58
C SER A 1824 -12.26 34.44 35.43
N GLY A 1825 -12.03 34.89 34.20
CA GLY A 1825 -12.80 34.45 33.06
C GLY A 1825 -14.04 35.29 32.86
N VAL A 1826 -14.81 34.91 31.85
CA VAL A 1826 -16.02 35.61 31.45
C VAL A 1826 -17.23 34.79 31.87
N ASP A 1827 -18.22 35.46 32.48
CA ASP A 1827 -19.37 34.75 33.03
C ASP A 1827 -20.24 34.16 31.92
N VAL A 1828 -20.48 34.92 30.86
CA VAL A 1828 -21.34 34.49 29.76
C VAL A 1828 -20.57 34.65 28.46
N VAL A 1829 -20.63 33.63 27.61
CA VAL A 1829 -20.01 33.64 26.30
C VAL A 1829 -21.10 33.41 25.26
N ILE A 1830 -21.39 34.43 24.46
CA ILE A 1830 -22.30 34.31 23.34
C ILE A 1830 -21.43 33.98 22.12
N ASN A 1831 -21.39 32.71 21.75
CA ASN A 1831 -20.44 32.20 20.77
C ASN A 1831 -21.11 32.05 19.41
N THR A 1832 -20.51 32.63 18.39
CA THR A 1832 -20.90 32.43 17.01
C THR A 1832 -19.78 31.87 16.15
N LEU A 1833 -18.53 32.22 16.44
CA LEU A 1833 -17.40 31.67 15.69
C LEU A 1833 -17.23 30.19 16.01
N ARG A 1834 -16.53 29.49 15.13
CA ARG A 1834 -16.35 28.05 15.24
C ARG A 1834 -14.87 27.71 15.09
N GLY A 1835 -14.56 26.44 15.30
CA GLY A 1835 -13.19 25.97 15.22
C GLY A 1835 -12.37 26.39 16.42
N LYS A 1836 -11.13 26.81 16.18
CA LYS A 1836 -10.25 27.19 17.28
C LYS A 1836 -10.82 28.36 18.08
N PHE A 1837 -11.60 29.22 17.43
CA PHE A 1837 -12.23 30.32 18.16
C PHE A 1837 -13.22 29.78 19.19
N LEU A 1838 -13.98 28.76 18.82
CA LEU A 1838 -14.89 28.14 19.78
C LEU A 1838 -14.12 27.54 20.95
N LYS A 1839 -13.03 26.82 20.65
CA LYS A 1839 -12.24 26.22 21.71
C LYS A 1839 -11.66 27.28 22.65
N ALA A 1840 -11.11 28.35 22.08
CA ALA A 1840 -10.57 29.42 22.92
C ALA A 1840 -11.66 30.12 23.70
N SER A 1841 -12.90 30.13 23.18
CA SER A 1841 -13.98 30.81 23.89
C SER A 1841 -14.34 30.07 25.18
N ARG A 1842 -14.54 28.75 25.10
CA ARG A 1842 -14.87 28.07 26.35
CA ARG A 1842 -14.83 27.96 26.30
C ARG A 1842 -13.71 28.05 27.32
N ARG A 1843 -12.47 28.16 26.85
CA ARG A 1843 -11.33 28.23 27.75
C ARG A 1843 -11.32 29.50 28.58
N LEU A 1844 -12.11 30.51 28.21
CA LEU A 1844 -12.23 31.74 28.96
C LEU A 1844 -13.35 31.69 30.00
N LEU A 1845 -14.14 30.62 30.02
CA LEU A 1845 -15.26 30.54 30.94
C LEU A 1845 -14.76 30.55 32.39
N SER A 1846 -15.50 31.23 33.25
CA SER A 1846 -15.22 31.18 34.68
C SER A 1846 -15.69 29.85 35.24
N LYS A 1847 -15.59 29.70 36.57
CA LYS A 1847 -16.04 28.46 37.19
C LYS A 1847 -17.53 28.23 36.97
N LYS A 1848 -18.33 29.27 37.11
CA LYS A 1848 -19.77 29.20 36.90
C LYS A 1848 -20.19 29.76 35.56
N GLY A 1849 -19.24 29.99 34.65
CA GLY A 1849 -19.57 30.63 33.39
C GLY A 1849 -20.48 29.77 32.53
N LYS A 1850 -21.27 30.44 31.69
CA LYS A 1850 -22.18 29.78 30.76
C LYS A 1850 -21.70 30.02 29.34
N PHE A 1851 -21.83 28.99 28.50
CA PHE A 1851 -21.41 29.05 27.11
C PHE A 1851 -22.65 28.92 26.23
N VAL A 1852 -23.05 30.00 25.59
CA VAL A 1852 -24.22 30.03 24.71
C VAL A 1852 -23.70 30.00 23.28
N ASP A 1853 -23.75 28.83 22.66
CA ASP A 1853 -23.32 28.66 21.28
C ASP A 1853 -24.53 28.78 20.37
N ILE A 1854 -24.55 29.81 19.53
CA ILE A 1854 -25.66 30.07 18.62
C ILE A 1854 -25.21 30.07 17.17
N GLY A 1855 -24.01 29.59 16.88
CA GLY A 1855 -23.58 29.46 15.50
C GLY A 1855 -24.38 28.39 14.78
N PHE A 1856 -24.50 28.55 13.46
CA PHE A 1856 -25.31 27.67 12.65
C PHE A 1856 -24.51 26.58 11.94
N LYS A 1857 -23.23 26.80 11.68
CA LYS A 1857 -22.44 25.89 10.87
C LYS A 1857 -21.67 24.90 11.75
N VAL A 1858 -22.41 24.16 12.56
CA VAL A 1858 -21.80 23.23 13.51
C VAL A 1858 -21.11 22.10 12.75
N ASP A 1859 -20.07 21.54 13.36
CA ASP A 1859 -19.34 20.42 12.78
C ASP A 1859 -20.16 19.14 12.88
N SER A 1860 -19.67 18.08 12.23
CA SER A 1860 -20.35 16.80 12.31
C SER A 1860 -20.36 16.26 13.73
N ASN A 1861 -19.24 16.35 14.44
CA ASN A 1861 -19.20 15.87 15.82
C ASN A 1861 -20.17 16.65 16.69
N THR A 1862 -20.27 17.96 16.49
CA THR A 1862 -21.20 18.77 17.26
C THR A 1862 -22.64 18.32 17.03
N GLN A 1863 -23.00 18.05 15.78
CA GLN A 1863 -24.36 17.59 15.49
C GLN A 1863 -24.65 16.26 16.18
N ILE A 1864 -23.68 15.34 16.15
CA ILE A 1864 -23.87 14.06 16.84
C ILE A 1864 -24.07 14.30 18.33
N ALA A 1865 -23.34 15.27 18.89
CA ALA A 1865 -23.55 15.62 20.29
C ALA A 1865 -24.98 16.10 20.52
N TYR A 1866 -25.51 16.90 19.59
CA TYR A 1866 -26.90 17.32 19.69
C TYR A 1866 -27.84 16.12 19.63
N TYR A 1867 -27.60 15.21 18.70
CA TYR A 1867 -28.47 14.04 18.57
C TYR A 1867 -28.43 13.19 19.83
N THR A 1868 -27.23 12.95 20.37
CA THR A 1868 -27.07 12.11 21.55
C THR A 1868 -27.46 12.81 22.84
N ARG A 1869 -28.06 14.00 22.76
CA ARG A 1869 -28.48 14.79 23.91
C ARG A 1869 -27.29 15.25 24.75
N GLU A 1870 -26.07 15.09 24.24
CA GLU A 1870 -24.90 15.50 25.01
C GLU A 1870 -24.90 17.00 25.27
N HIS A 1871 -25.27 17.79 24.26
CA HIS A 1871 -25.35 19.23 24.37
C HIS A 1871 -26.70 19.71 23.89
N PRO A 1872 -27.18 20.84 24.39
CA PRO A 1872 -28.44 21.40 23.87
C PRO A 1872 -28.21 22.20 22.60
N ASP A 1873 -29.16 22.09 21.68
CA ASP A 1873 -29.11 22.81 20.42
C ASP A 1873 -29.86 24.12 20.60
N LEU A 1874 -29.11 25.22 20.76
CA LEU A 1874 -29.67 26.52 21.09
C LEU A 1874 -29.77 27.45 19.88
N ARG A 1875 -29.49 26.96 18.68
CA ARG A 1875 -29.47 27.84 17.51
C ARG A 1875 -30.81 27.93 16.81
N PHE A 1876 -31.76 27.04 17.11
CA PHE A 1876 -33.14 27.16 16.65
C PHE A 1876 -34.09 27.10 17.82
N GLN A 1877 -33.71 27.70 18.94
CA GLN A 1877 -34.57 27.73 20.12
C GLN A 1877 -35.59 28.85 20.07
N LEU A 1878 -35.20 30.03 19.59
CA LEU A 1878 -36.17 31.09 19.40
C LEU A 1878 -37.26 30.68 18.43
N ASP A 1879 -36.91 29.87 17.43
CA ASP A 1879 -37.93 29.35 16.52
C ASP A 1879 -38.80 28.31 17.22
N ALA A 1880 -38.22 27.53 18.13
CA ALA A 1880 -39.00 26.53 18.85
C ALA A 1880 -39.92 27.16 19.89
N LEU A 1881 -39.43 28.19 20.59
CA LEU A 1881 -40.29 28.90 21.54
C LEU A 1881 -41.47 29.57 20.86
N LEU A 1882 -41.33 29.94 19.58
CA LEU A 1882 -42.42 30.58 18.87
C LEU A 1882 -43.50 29.60 18.45
N GLU A 1883 -43.20 28.30 18.41
CA GLU A 1883 -44.23 27.32 18.11
C GLU A 1883 -45.06 26.99 19.35
N SER A 1884 -44.42 26.90 20.51
CA SER A 1884 -45.11 26.58 21.76
C SER A 1884 -45.69 27.82 22.42
N GLN A 1885 -44.94 28.92 22.44
CA GLN A 1885 -45.39 30.16 23.05
C GLN A 1885 -45.88 29.92 24.48
N GLY A 1886 -45.00 29.32 25.27
CA GLY A 1886 -45.32 28.93 26.62
C GLY A 1886 -44.64 29.79 27.67
N PRO A 1887 -44.46 29.24 28.88
CA PRO A 1887 -43.86 30.05 29.96
C PRO A 1887 -42.50 30.62 29.60
N GLU A 1888 -41.66 29.86 28.90
CA GLU A 1888 -40.32 30.36 28.59
C GLU A 1888 -40.38 31.52 27.62
N TRP A 1889 -41.28 31.46 26.64
CA TRP A 1889 -41.39 32.56 25.68
C TRP A 1889 -41.94 33.82 26.36
N THR A 1890 -43.02 33.68 27.12
CA THR A 1890 -43.61 34.85 27.76
C THR A 1890 -42.62 35.54 28.69
N ARG A 1891 -41.60 34.82 29.16
CA ARG A 1891 -40.52 35.48 29.88
C ARG A 1891 -39.72 36.37 28.95
N LEU A 1892 -39.44 35.91 27.73
CA LEU A 1892 -38.75 36.75 26.76
C LEU A 1892 -39.66 37.86 26.24
N PHE A 1893 -40.96 37.58 26.11
CA PHE A 1893 -41.88 38.62 25.67
C PHE A 1893 -41.89 39.78 26.66
N ASP A 1894 -41.94 39.47 27.95
CA ASP A 1894 -41.92 40.53 28.97
C ASP A 1894 -40.58 41.23 29.04
N LEU A 1895 -39.48 40.48 28.91
CA LEU A 1895 -38.16 41.09 28.97
C LEU A 1895 -37.99 42.11 27.85
N VAL A 1896 -38.37 41.76 26.62
CA VAL A 1896 -38.24 42.68 25.51
C VAL A 1896 -39.18 43.86 25.68
N GLN A 1897 -40.42 43.60 26.10
CA GLN A 1897 -41.37 44.69 26.31
C GLN A 1897 -40.85 45.67 27.37
N ALA A 1898 -40.31 45.14 28.47
CA ALA A 1898 -39.72 46.02 29.47
C ALA A 1898 -38.55 46.80 28.90
N GLY A 1899 -37.71 46.15 28.10
CA GLY A 1899 -36.59 46.85 27.49
C GLY A 1899 -37.05 48.01 26.61
N ILE A 1900 -38.13 47.81 25.86
CA ILE A 1900 -38.63 48.87 24.99
C ILE A 1900 -39.06 50.07 25.82
N HIS A 1901 -39.79 49.82 26.91
CA HIS A 1901 -40.25 50.91 27.75
C HIS A 1901 -39.08 51.63 28.43
N SER A 1902 -38.09 50.87 28.90
CA SER A 1902 -36.97 51.45 29.62
C SER A 1902 -35.91 52.07 28.71
N GLY A 1903 -36.06 51.93 27.40
CA GLY A 1903 -35.13 52.52 26.46
C GLY A 1903 -33.96 51.65 26.09
N VAL A 1904 -33.81 50.47 26.71
CA VAL A 1904 -32.73 49.58 26.34
C VAL A 1904 -32.88 49.10 24.91
N VAL A 1905 -34.11 48.74 24.52
CA VAL A 1905 -34.37 48.16 23.20
C VAL A 1905 -34.54 49.33 22.24
N LYS A 1906 -33.43 49.72 21.58
CA LYS A 1906 -33.48 50.75 20.57
C LYS A 1906 -33.35 50.13 19.18
N PRO A 1907 -33.96 50.72 18.16
CA PRO A 1907 -33.81 50.17 16.81
C PRO A 1907 -32.37 50.24 16.32
N LEU A 1908 -32.01 49.26 15.50
CA LEU A 1908 -30.67 49.18 14.94
C LEU A 1908 -30.64 49.85 13.57
N LYS A 1909 -29.43 50.17 13.13
CA LYS A 1909 -29.25 50.68 11.77
C LYS A 1909 -29.58 49.58 10.77
N ARG A 1910 -30.21 49.96 9.66
CA ARG A 1910 -30.73 48.97 8.73
C ARG A 1910 -30.60 49.49 7.30
N ALA A 1911 -30.60 48.54 6.36
CA ALA A 1911 -30.65 48.83 4.94
C ALA A 1911 -31.94 48.24 4.38
N VAL A 1912 -32.70 49.05 3.65
CA VAL A 1912 -34.02 48.66 3.19
C VAL A 1912 -33.93 48.25 1.73
N TYR A 1913 -34.39 47.03 1.43
CA TYR A 1913 -34.42 46.49 0.08
C TYR A 1913 -35.87 46.31 -0.36
N SER A 1914 -36.13 46.60 -1.62
CA SER A 1914 -37.47 46.44 -2.16
C SER A 1914 -37.81 44.95 -2.28
N MET A 1915 -39.07 44.68 -2.61
CA MET A 1915 -39.52 43.29 -2.71
C MET A 1915 -38.91 42.56 -3.90
N ASP A 1916 -38.47 43.30 -4.93
CA ASP A 1916 -37.89 42.66 -6.10
C ASP A 1916 -36.41 42.38 -5.97
N LYS A 1917 -35.73 43.03 -5.01
CA LYS A 1917 -34.32 42.77 -4.73
C LYS A 1917 -34.15 41.78 -3.60
N ILE A 1918 -35.13 40.90 -3.39
CA ILE A 1918 -35.03 39.92 -2.32
C ILE A 1918 -33.75 39.10 -2.48
N VAL A 1919 -33.42 38.73 -3.72
CA VAL A 1919 -32.20 37.96 -3.95
C VAL A 1919 -30.97 38.75 -3.51
N ASP A 1920 -30.90 40.03 -3.89
CA ASP A 1920 -29.75 40.84 -3.52
C ASP A 1920 -29.66 41.02 -2.01
N ALA A 1921 -30.80 41.19 -1.34
CA ALA A 1921 -30.79 41.33 0.11
C ALA A 1921 -30.21 40.08 0.76
N PHE A 1922 -30.61 38.90 0.28
CA PHE A 1922 -30.06 37.67 0.84
C PHE A 1922 -28.56 37.57 0.62
N LYS A 1923 -28.09 37.97 -0.58
CA LYS A 1923 -26.66 37.97 -0.84
C LYS A 1923 -25.94 38.96 0.07
N THR A 1924 -26.54 40.13 0.30
CA THR A 1924 -25.93 41.11 1.19
C THR A 1924 -25.76 40.55 2.60
N VAL A 1925 -26.80 39.88 3.10
CA VAL A 1925 -26.71 39.30 4.44
C VAL A 1925 -25.63 38.23 4.50
N GLU A 1926 -25.57 37.38 3.47
CA GLU A 1926 -24.62 36.27 3.49
C GLU A 1926 -23.18 36.78 3.53
N ALA A 1927 -22.87 37.78 2.71
CA ALA A 1927 -21.49 38.25 2.61
C ALA A 1927 -21.02 38.84 3.92
N GLU A 1928 -21.90 39.52 4.65
CA GLU A 1928 -21.55 40.15 5.92
C GLU A 1928 -20.43 41.17 5.71
N ARG A 1929 -20.43 41.84 4.56
CA ARG A 1929 -19.40 42.82 4.28
C ARG A 1929 -19.54 44.07 5.15
N GLU A 1930 -20.74 44.34 5.67
CA GLU A 1930 -20.96 45.56 6.43
C GLU A 1930 -22.04 45.31 7.46
N ALA A 1931 -21.92 45.99 8.60
CA ALA A 1931 -22.87 45.83 9.68
C ALA A 1931 -24.21 46.45 9.30
N GLY A 1932 -25.28 45.96 9.93
CA GLY A 1932 -26.60 46.52 9.74
C GLY A 1932 -27.67 45.47 9.58
N LYS A 1933 -28.93 45.87 9.75
CA LYS A 1933 -30.07 44.99 9.56
C LYS A 1933 -30.59 45.15 8.14
N ILE A 1934 -30.81 44.03 7.47
CA ILE A 1934 -31.39 44.03 6.13
C ILE A 1934 -32.89 43.80 6.27
N VAL A 1935 -33.66 44.78 5.83
CA VAL A 1935 -35.11 44.80 6.05
C VAL A 1935 -35.79 44.94 4.69
N ILE A 1936 -36.61 43.96 4.34
CA ILE A 1936 -37.36 44.01 3.08
C ILE A 1936 -38.59 44.89 3.29
N LYS A 1937 -38.80 45.82 2.38
CA LYS A 1937 -39.94 46.73 2.46
C LYS A 1937 -41.09 46.14 1.67
N ILE A 1938 -42.11 45.65 2.37
CA ILE A 1938 -43.26 45.04 1.70
C ILE A 1938 -44.26 46.11 1.29
N ARG A 1939 -44.61 47.01 2.21
CA ARG A 1939 -45.59 48.05 1.97
C ARG A 1939 -45.03 49.39 2.43
N ASP A 1940 -45.70 50.46 2.02
CA ASP A 1940 -45.32 51.81 2.37
C ASP A 1940 -46.16 52.27 3.56
N GLU A 1941 -45.49 52.65 4.65
CA GLU A 1941 -46.21 53.04 5.86
C GLU A 1941 -47.03 54.30 5.59
N GLU A 1942 -48.30 54.27 6.00
CA GLU A 1942 -49.15 55.44 5.87
C GLU A 1942 -48.75 56.50 6.90
N ARG A 1943 -49.07 57.75 6.58
CA ARG A 1943 -48.74 58.83 7.51
C ARG A 1943 -49.45 58.66 8.85
N GLN A 1944 -50.69 58.18 8.83
CA GLN A 1944 -51.45 58.02 10.05
C GLN A 1944 -50.80 56.95 10.93
N LYS A 1945 -51.40 56.73 12.11
CA LYS A 1945 -50.91 55.72 13.05
C LYS A 1945 -51.92 54.62 13.32
N VAL A 1946 -53.20 54.82 13.06
CA VAL A 1946 -54.19 53.76 13.10
C VAL A 1946 -55.10 53.91 11.89
N CYS A 1947 -54.83 53.16 10.83
CA CYS A 1947 -55.57 53.28 9.59
C CYS A 1947 -55.58 51.94 8.87
N PRO A 1948 -56.66 51.58 8.19
CA PRO A 1948 -56.69 50.29 7.48
C PRO A 1948 -55.63 50.23 6.39
N THR A 1949 -55.10 49.03 6.18
CA THR A 1949 -54.11 48.82 5.13
C THR A 1949 -54.81 48.75 3.78
N PRO A 1950 -54.41 49.57 2.80
CA PRO A 1950 -55.02 49.46 1.47
C PRO A 1950 -54.79 48.09 0.86
N ARG A 1951 -55.78 47.61 0.11
CA ARG A 1951 -55.63 46.36 -0.62
C ARG A 1951 -54.80 46.59 -1.87
N THR A 1952 -53.76 45.77 -2.05
CA THR A 1952 -52.88 45.87 -3.20
C THR A 1952 -52.49 44.47 -3.64
N SER A 1953 -51.91 44.40 -4.84
CA SER A 1953 -51.50 43.13 -5.43
C SER A 1953 -49.99 43.16 -5.67
N PHE A 1954 -49.38 41.98 -5.59
CA PHE A 1954 -47.95 41.84 -5.79
C PHE A 1954 -47.68 40.81 -6.89
N PRO A 1955 -46.66 41.03 -7.73
CA PRO A 1955 -46.32 40.02 -8.74
C PRO A 1955 -45.72 38.79 -8.07
N ALA A 1956 -46.30 37.62 -8.33
CA ALA A 1956 -45.85 36.39 -7.70
C ALA A 1956 -46.13 35.22 -8.61
N ILE A 1957 -45.34 34.16 -8.45
CA ILE A 1957 -45.51 32.93 -9.21
C ILE A 1957 -46.68 32.15 -8.64
N HIS A 1958 -47.29 31.32 -9.48
CA HIS A 1958 -48.44 30.54 -9.06
C HIS A 1958 -48.06 29.53 -7.99
N ARG A 1959 -49.00 29.25 -7.10
CA ARG A 1959 -48.88 28.13 -6.17
C ARG A 1959 -50.28 27.73 -5.75
N THR A 1960 -50.76 26.59 -6.26
CA THR A 1960 -52.12 26.17 -5.99
C THR A 1960 -52.28 25.84 -4.51
N CYS A 1961 -53.38 26.30 -3.93
CA CYS A 1961 -53.71 26.02 -2.54
C CYS A 1961 -55.20 25.73 -2.44
N PHE A 1962 -55.55 24.86 -1.50
CA PHE A 1962 -56.92 24.41 -1.31
C PHE A 1962 -57.44 24.90 0.03
N HIS A 1963 -58.71 25.32 0.05
CA HIS A 1963 -59.30 25.85 1.26
C HIS A 1963 -59.46 24.73 2.29
N PRO A 1964 -58.93 24.89 3.51
CA PRO A 1964 -59.07 23.81 4.50
C PRO A 1964 -60.46 23.69 5.08
N ASP A 1965 -61.31 24.70 4.93
CA ASP A 1965 -62.67 24.67 5.45
C ASP A 1965 -63.67 24.14 4.44
N LYS A 1966 -63.25 23.85 3.22
CA LYS A 1966 -64.12 23.34 2.17
C LYS A 1966 -63.85 21.86 1.93
N SER A 1967 -64.86 21.18 1.41
CA SER A 1967 -64.79 19.76 1.13
C SER A 1967 -64.44 19.54 -0.35
N HIS A 1968 -63.52 18.63 -0.61
CA HIS A 1968 -63.06 18.33 -1.96
C HIS A 1968 -63.46 16.90 -2.31
N ILE A 1969 -64.20 16.74 -3.40
CA ILE A 1969 -64.60 15.43 -3.88
C ILE A 1969 -63.56 14.94 -4.87
N LEU A 1970 -63.15 13.67 -4.73
CA LEU A 1970 -62.19 13.04 -5.62
C LEU A 1970 -62.83 11.75 -6.13
N VAL A 1971 -63.55 11.85 -7.24
CA VAL A 1971 -64.30 10.70 -7.75
C VAL A 1971 -63.30 9.84 -8.52
N GLY A 1972 -63.08 8.62 -8.06
CA GLY A 1972 -61.98 7.82 -8.55
C GLY A 1972 -60.67 8.13 -7.86
N GLY A 1973 -60.71 8.87 -6.75
CA GLY A 1973 -59.52 9.22 -6.00
C GLY A 1973 -58.89 8.07 -5.27
N MET A 1974 -59.53 6.90 -5.26
CA MET A 1974 -59.01 5.72 -4.57
C MET A 1974 -58.27 4.81 -5.55
N GLY A 1975 -57.19 5.30 -6.14
CA GLY A 1975 -56.43 4.54 -7.11
C GLY A 1975 -54.99 4.98 -7.14
N GLY A 1976 -54.39 4.95 -8.32
CA GLY A 1976 -52.98 5.29 -8.45
C GLY A 1976 -52.72 6.79 -8.41
N MET A 1977 -53.19 7.52 -9.41
CA MET A 1977 -53.07 8.97 -9.39
C MET A 1977 -54.09 9.63 -8.49
N GLY A 1978 -55.19 8.94 -8.17
CA GLY A 1978 -56.16 9.53 -7.27
C GLY A 1978 -55.63 9.71 -5.87
N LEU A 1979 -54.95 8.69 -5.34
CA LEU A 1979 -54.46 8.77 -3.97
C LEU A 1979 -53.20 9.62 -3.88
N GLU A 1980 -52.35 9.59 -4.91
CA GLU A 1980 -51.14 10.41 -4.88
C GLU A 1980 -51.45 11.88 -5.12
N THR A 1981 -52.44 12.19 -5.96
CA THR A 1981 -52.88 13.58 -6.09
C THR A 1981 -53.56 14.05 -4.81
N ALA A 1982 -54.34 13.19 -4.17
CA ALA A 1982 -54.98 13.55 -2.91
C ALA A 1982 -53.94 13.93 -1.86
N HIS A 1983 -52.84 13.17 -1.80
CA HIS A 1983 -51.77 13.52 -0.88
C HIS A 1983 -51.18 14.88 -1.21
N TRP A 1984 -51.08 15.21 -2.50
CA TRP A 1984 -50.58 16.52 -2.89
C TRP A 1984 -51.51 17.63 -2.41
N MET A 1985 -52.82 17.43 -2.53
CA MET A 1985 -53.76 18.45 -2.06
C MET A 1985 -53.69 18.61 -0.55
N VAL A 1986 -53.49 17.51 0.17
CA VAL A 1986 -53.42 17.59 1.62
C VAL A 1986 -52.27 18.48 2.06
N LEU A 1987 -51.15 18.41 1.35
CA LEU A 1987 -50.02 19.27 1.68
C LEU A 1987 -50.29 20.72 1.31
N ARG A 1988 -51.11 20.96 0.30
CA ARG A 1988 -51.36 22.31 -0.19
C ARG A 1988 -52.54 22.99 0.47
N GLY A 1989 -53.20 22.34 1.44
CA GLY A 1989 -54.24 22.98 2.20
C GLY A 1989 -55.46 22.11 2.47
N ALA A 1990 -55.76 21.17 1.58
CA ALA A 1990 -56.95 20.37 1.73
C ALA A 1990 -56.95 19.63 3.07
N LYS A 1991 -58.10 19.66 3.75
CA LYS A 1991 -58.27 18.91 4.98
C LYS A 1991 -59.65 18.25 5.05
N LYS A 1992 -60.34 18.15 3.92
CA LYS A 1992 -61.69 17.59 3.89
C LYS A 1992 -61.84 16.88 2.54
N LEU A 1993 -61.55 15.59 2.52
CA LEU A 1993 -61.57 14.77 1.32
C LEU A 1993 -62.67 13.74 1.41
N ILE A 1994 -63.43 13.58 0.33
CA ILE A 1994 -64.39 12.49 0.18
C ILE A 1994 -64.00 11.75 -1.09
N LEU A 1995 -63.40 10.58 -0.92
CA LEU A 1995 -62.89 9.78 -2.02
C LEU A 1995 -63.93 8.73 -2.40
N THR A 1996 -64.14 8.54 -3.70
CA THR A 1996 -65.20 7.69 -4.21
C THR A 1996 -64.62 6.59 -5.08
N SER A 1997 -65.17 5.39 -4.94
CA SER A 1997 -64.80 4.24 -5.76
C SER A 1997 -65.97 3.28 -5.89
N ARG A 1998 -65.85 2.39 -6.86
CA ARG A 1998 -66.87 1.36 -7.06
C ARG A 1998 -66.87 0.33 -5.94
N TYR A 1999 -65.77 0.21 -5.20
CA TYR A 1999 -65.64 -0.82 -4.17
C TYR A 1999 -65.10 -0.32 -2.84
N GLY A 2000 -64.62 0.91 -2.76
CA GLY A 2000 -64.04 1.40 -1.52
C GLY A 2000 -62.62 0.94 -1.32
N ILE A 2001 -62.23 0.69 -0.07
CA ILE A 2001 -60.89 0.22 0.24
C ILE A 2001 -60.83 -1.28 0.02
N THR A 2002 -60.01 -1.71 -0.93
CA THR A 2002 -59.87 -3.13 -1.24
C THR A 2002 -58.45 -3.65 -1.18
N THR A 2003 -57.46 -2.79 -0.96
CA THR A 2003 -56.06 -3.21 -0.87
C THR A 2003 -55.42 -2.56 0.34
N GLY A 2004 -54.29 -3.13 0.77
CA GLY A 2004 -53.56 -2.56 1.89
C GLY A 2004 -52.86 -1.26 1.58
N TYR A 2005 -52.62 -0.97 0.31
CA TYR A 2005 -52.05 0.32 -0.05
C TYR A 2005 -53.06 1.44 0.13
N GLN A 2006 -54.31 1.20 -0.27
CA GLN A 2006 -55.35 2.21 -0.07
C GLN A 2006 -55.65 2.39 1.41
N ALA A 2007 -55.71 1.29 2.16
CA ALA A 2007 -55.99 1.39 3.59
C ALA A 2007 -54.85 2.09 4.34
N ARG A 2008 -53.61 1.89 3.91
CA ARG A 2008 -52.49 2.55 4.56
C ARG A 2008 -52.44 4.03 4.23
N LYS A 2009 -52.76 4.41 2.99
CA LYS A 2009 -52.77 5.83 2.62
C LYS A 2009 -53.87 6.57 3.37
N ILE A 2010 -55.07 6.02 3.38
CA ILE A 2010 -56.18 6.71 4.04
C ILE A 2010 -55.91 6.82 5.53
N ALA A 2011 -55.32 5.80 6.14
CA ALA A 2011 -54.94 5.90 7.54
C ALA A 2011 -53.83 6.92 7.75
N PHE A 2012 -53.08 7.27 6.70
CA PHE A 2012 -52.07 8.31 6.82
C PHE A 2012 -52.69 9.69 6.76
N PHE A 2013 -53.67 9.90 5.88
CA PHE A 2013 -54.37 11.18 5.83
C PHE A 2013 -55.07 11.46 7.16
N LYS A 2014 -55.77 10.46 7.69
CA LYS A 2014 -56.51 10.66 8.93
C LYS A 2014 -55.58 10.99 10.09
N GLN A 2015 -54.43 10.33 10.15
CA GLN A 2015 -53.46 10.63 11.21
C GLN A 2015 -52.97 12.06 11.08
N LEU A 2016 -52.70 12.52 9.85
CA LEU A 2016 -52.24 13.88 9.65
C LEU A 2016 -53.25 14.92 10.12
N GLY A 2017 -54.52 14.54 10.21
CA GLY A 2017 -55.56 15.47 10.64
C GLY A 2017 -56.53 15.80 9.53
N VAL A 2018 -56.66 14.90 8.56
CA VAL A 2018 -57.53 15.10 7.41
C VAL A 2018 -58.80 14.29 7.61
N GLU A 2019 -59.95 14.92 7.37
CA GLU A 2019 -61.25 14.26 7.53
C GLU A 2019 -61.58 13.55 6.24
N VAL A 2020 -61.22 12.28 6.16
CA VAL A 2020 -61.40 11.49 4.94
C VAL A 2020 -62.70 10.71 5.03
N GLU A 2021 -63.27 10.41 3.87
CA GLU A 2021 -64.48 9.61 3.77
C GLU A 2021 -64.44 8.86 2.46
N VAL A 2022 -64.56 7.54 2.51
CA VAL A 2022 -64.46 6.70 1.33
C VAL A 2022 -65.84 6.13 1.04
N LEU A 2023 -66.37 6.47 -0.12
CA LEU A 2023 -67.70 6.02 -0.54
C LEU A 2023 -67.55 4.93 -1.59
N ALA A 2024 -68.16 3.77 -1.35
CA ALA A 2024 -68.14 2.67 -2.29
C ALA A 2024 -69.36 2.78 -3.22
N LEU A 2025 -69.28 3.75 -4.12
CA LEU A 2025 -70.36 4.01 -5.06
C LEU A 2025 -69.77 4.52 -6.37
N SER A 2026 -70.57 4.44 -7.42
CA SER A 2026 -70.23 4.98 -8.73
C SER A 2026 -71.20 6.10 -9.05
N VAL A 2027 -70.68 7.26 -9.43
CA VAL A 2027 -71.54 8.41 -9.66
C VAL A 2027 -72.01 8.36 -11.10
N ASN A 2028 -72.99 7.52 -11.38
CA ASN A 2028 -73.49 7.33 -12.74
C ASN A 2028 -74.99 7.60 -12.86
N THR A 2029 -75.68 7.87 -11.76
CA THR A 2029 -77.07 8.27 -11.79
C THR A 2029 -77.25 9.42 -10.80
N ARG A 2030 -78.30 10.21 -11.02
CA ARG A 2030 -78.51 11.39 -10.19
C ARG A 2030 -78.53 11.03 -8.71
N LYS A 2031 -79.06 9.86 -8.36
CA LYS A 2031 -79.06 9.43 -6.96
C LYS A 2031 -77.64 9.30 -6.43
N ALA A 2032 -76.76 8.67 -7.21
CA ALA A 2032 -75.37 8.55 -6.78
C ALA A 2032 -74.70 9.90 -6.67
N ALA A 2033 -74.95 10.79 -7.63
CA ALA A 2033 -74.37 12.13 -7.57
C ALA A 2033 -74.83 12.87 -6.33
N ASP A 2034 -76.13 12.77 -5.99
CA ASP A 2034 -76.64 13.45 -4.81
C ASP A 2034 -75.95 12.95 -3.55
N LYS A 2035 -75.77 11.63 -3.41
CA LYS A 2035 -75.15 11.10 -2.21
C LYS A 2035 -73.76 11.65 -2.02
N VAL A 2036 -72.95 11.68 -3.08
CA VAL A 2036 -71.58 12.15 -2.95
C VAL A 2036 -71.56 13.60 -2.48
N PHE A 2037 -72.50 14.42 -2.94
CA PHE A 2037 -72.54 15.81 -2.54
C PHE A 2037 -73.30 16.04 -1.23
N GLU A 2038 -74.15 15.09 -0.83
CA GLU A 2038 -74.69 15.15 0.53
C GLU A 2038 -73.60 14.93 1.55
N HIS A 2039 -72.73 13.95 1.31
CA HIS A 2039 -71.61 13.71 2.22
C HIS A 2039 -70.60 14.85 2.18
N ALA A 2040 -70.38 15.45 1.00
CA ALA A 2040 -69.43 16.54 0.89
C ALA A 2040 -69.91 17.77 1.66
N LEU A 2041 -71.15 18.19 1.42
CA LEU A 2041 -71.67 19.37 2.11
C LEU A 2041 -71.79 19.14 3.61
N LYS A 2042 -71.95 17.89 4.04
CA LYS A 2042 -71.94 17.59 5.47
C LYS A 2042 -70.59 17.92 6.07
N MET A 2043 -69.51 17.61 5.35
CA MET A 2043 -68.17 17.89 5.84
C MET A 2043 -67.82 19.37 5.73
N GLY A 2044 -68.38 20.06 4.74
CA GLY A 2044 -68.14 21.47 4.53
C GLY A 2044 -68.53 21.89 3.14
N PRO A 2045 -68.46 23.19 2.85
CA PRO A 2045 -68.80 23.66 1.50
C PRO A 2045 -67.92 22.98 0.47
N VAL A 2046 -68.52 22.65 -0.69
CA VAL A 2046 -67.77 21.99 -1.74
C VAL A 2046 -66.83 23.01 -2.38
N GLY A 2047 -65.54 22.67 -2.43
CA GLY A 2047 -64.54 23.58 -2.95
C GLY A 2047 -63.66 22.95 -4.01
N GLY A 2048 -64.07 21.80 -4.54
CA GLY A 2048 -63.33 21.15 -5.59
C GLY A 2048 -63.89 19.79 -5.96
N ILE A 2049 -63.97 19.51 -7.25
CA ILE A 2049 -64.43 18.23 -7.76
C ILE A 2049 -63.38 17.69 -8.71
N PHE A 2050 -62.90 16.48 -8.45
CA PHE A 2050 -61.88 15.85 -9.27
C PHE A 2050 -62.42 14.53 -9.81
N ASN A 2051 -62.15 14.26 -11.08
CA ASN A 2051 -62.63 13.06 -11.76
C ASN A 2051 -61.42 12.34 -12.36
N MET A 2052 -60.81 11.47 -11.58
CA MET A 2052 -59.71 10.64 -12.02
C MET A 2052 -60.16 9.25 -12.45
N ALA A 2053 -61.45 8.97 -12.40
CA ALA A 2053 -61.94 7.64 -12.73
C ALA A 2053 -61.58 7.28 -14.16
N MET A 2054 -61.16 6.03 -14.36
CA MET A 2054 -60.91 5.49 -15.69
C MET A 2054 -61.33 4.03 -15.73
N VAL A 2055 -61.99 3.65 -16.82
CA VAL A 2055 -62.23 2.25 -17.14
C VAL A 2055 -61.82 2.07 -18.60
N LEU A 2056 -61.02 1.04 -18.85
CA LEU A 2056 -60.49 0.78 -20.18
C LEU A 2056 -60.86 -0.62 -20.63
N TYR A 2057 -61.36 -0.73 -21.86
CA TYR A 2057 -61.43 -2.02 -22.56
C TYR A 2057 -60.73 -1.81 -23.90
N ASN A 2058 -59.47 -2.19 -23.98
CA ASN A 2058 -58.70 -2.03 -25.20
C ASN A 2058 -59.01 -3.19 -26.15
N ASP A 2059 -59.49 -2.86 -27.34
CA ASP A 2059 -59.84 -3.88 -28.33
C ASP A 2059 -59.92 -3.21 -29.70
N ASP A 2060 -59.86 -4.04 -30.74
CA ASP A 2060 -60.00 -3.53 -32.09
C ASP A 2060 -61.42 -3.02 -32.32
N PHE A 2061 -61.53 -1.94 -33.09
CA PHE A 2061 -62.82 -1.27 -33.25
C PHE A 2061 -63.88 -2.20 -33.81
N LEU A 2062 -63.50 -3.13 -34.69
CA LEU A 2062 -64.47 -4.00 -35.34
C LEU A 2062 -64.90 -5.18 -34.49
N LYS A 2063 -64.19 -5.48 -33.40
CA LYS A 2063 -64.54 -6.58 -32.51
C LYS A 2063 -65.11 -6.06 -31.19
N MET A 2064 -65.91 -4.99 -31.28
CA MET A 2064 -66.44 -4.32 -30.09
C MET A 2064 -67.92 -4.03 -30.32
N ASN A 2065 -68.76 -4.48 -29.40
CA ASN A 2065 -70.19 -4.19 -29.45
C ASN A 2065 -70.48 -2.99 -28.55
N ARG A 2066 -71.74 -2.54 -28.57
CA ARG A 2066 -72.09 -1.33 -27.82
C ARG A 2066 -71.78 -1.49 -26.34
N GLU A 2067 -72.12 -2.63 -25.75
CA GLU A 2067 -71.86 -2.82 -24.32
C GLU A 2067 -70.37 -2.74 -24.03
N GLN A 2068 -69.52 -3.02 -25.01
CA GLN A 2068 -68.07 -2.90 -24.84
C GLN A 2068 -67.53 -1.56 -25.32
N PHE A 2069 -68.23 -0.89 -26.24
CA PHE A 2069 -67.79 0.44 -26.66
C PHE A 2069 -68.13 1.50 -25.63
N LEU A 2070 -69.20 1.29 -24.86
CA LEU A 2070 -69.61 2.22 -23.81
C LEU A 2070 -68.94 1.93 -22.48
N LYS A 2071 -67.93 1.06 -22.46
CA LYS A 2071 -67.23 0.76 -21.20
C LYS A 2071 -66.48 1.97 -20.68
N PRO A 2072 -65.53 2.55 -21.41
CA PRO A 2072 -64.82 3.74 -20.91
C PRO A 2072 -65.67 5.00 -20.88
N LEU A 2073 -66.85 4.99 -21.47
CA LEU A 2073 -67.67 6.19 -21.61
C LEU A 2073 -68.48 6.51 -20.36
N GLU A 2074 -68.47 5.65 -19.35
CA GLU A 2074 -69.20 5.97 -18.12
C GLU A 2074 -68.41 6.93 -17.25
N SER A 2075 -67.14 6.63 -17.01
CA SER A 2075 -66.31 7.48 -16.16
C SER A 2075 -65.91 8.79 -16.83
N LYS A 2076 -66.18 8.94 -18.13
CA LYS A 2076 -65.74 10.11 -18.87
C LYS A 2076 -66.86 10.89 -19.53
N ILE A 2077 -68.04 10.29 -19.73
CA ILE A 2077 -69.17 10.99 -20.33
C ILE A 2077 -70.39 11.04 -19.42
N THR A 2078 -70.55 10.11 -18.48
CA THR A 2078 -71.70 10.10 -17.58
C THR A 2078 -71.36 10.65 -16.20
N MET A 2079 -70.11 10.50 -15.77
CA MET A 2079 -69.65 11.00 -14.49
C MET A 2079 -69.13 12.42 -14.58
N THR A 2080 -68.96 12.94 -15.79
CA THR A 2080 -68.52 14.32 -16.00
C THR A 2080 -69.66 15.29 -16.19
N MET A 2081 -70.82 14.81 -16.65
CA MET A 2081 -72.00 15.64 -16.80
C MET A 2081 -72.96 15.48 -15.62
N LEU A 2082 -72.73 14.51 -14.74
CA LEU A 2082 -73.42 14.46 -13.46
C LEU A 2082 -72.67 15.20 -12.38
N LEU A 2083 -71.36 15.38 -12.54
CA LEU A 2083 -70.60 16.29 -11.68
C LEU A 2083 -70.61 17.72 -12.21
N ASP A 2084 -70.84 17.91 -13.51
CA ASP A 2084 -70.97 19.25 -14.06
C ASP A 2084 -72.36 19.83 -13.84
N ASP A 2085 -73.41 19.00 -13.91
CA ASP A 2085 -74.75 19.49 -13.59
C ASP A 2085 -74.85 19.87 -12.13
N LYS A 2086 -74.25 19.08 -11.24
CA LYS A 2086 -74.31 19.36 -9.81
C LYS A 2086 -73.42 20.51 -9.40
N SER A 2087 -72.39 20.82 -10.18
CA SER A 2087 -71.52 21.96 -9.89
C SER A 2087 -72.04 23.26 -10.47
N ARG A 2088 -73.07 23.22 -11.31
CA ARG A 2088 -73.69 24.40 -11.88
C ARG A 2088 -74.92 24.84 -11.09
N GLU A 2089 -75.25 24.16 -10.00
CA GLU A 2089 -76.40 24.48 -9.17
C GLU A 2089 -75.93 24.91 -7.79
N LYS A 2090 -76.77 25.69 -7.12
CA LYS A 2090 -76.46 26.13 -5.77
C LYS A 2090 -76.50 24.95 -4.81
N PRO A 2091 -75.72 24.98 -3.73
CA PRO A 2091 -74.75 26.02 -3.34
C PRO A 2091 -73.36 25.75 -3.91
N VAL A 2092 -73.21 24.72 -4.73
CA VAL A 2092 -71.88 24.33 -5.21
C VAL A 2092 -71.29 25.41 -6.09
N ARG A 2093 -72.12 26.07 -6.89
CA ARG A 2093 -71.60 27.00 -7.90
C ARG A 2093 -70.78 28.11 -7.25
N ASP A 2094 -71.28 28.68 -6.16
CA ASP A 2094 -70.58 29.81 -5.55
C ASP A 2094 -69.34 29.36 -4.80
N THR A 2095 -69.43 28.26 -4.05
CA THR A 2095 -68.32 27.82 -3.21
C THR A 2095 -67.22 27.14 -4.02
N LEU A 2096 -67.58 26.43 -5.08
CA LEU A 2096 -66.60 25.61 -5.81
C LEU A 2096 -65.45 26.49 -6.32
N ASP A 2097 -64.24 25.95 -6.21
CA ASP A 2097 -63.03 26.61 -6.67
C ASP A 2097 -62.33 25.89 -7.81
N HIS A 2098 -62.34 24.56 -7.79
CA HIS A 2098 -61.64 23.75 -8.79
C HIS A 2098 -62.59 22.72 -9.37
N PHE A 2099 -62.46 22.46 -10.67
CA PHE A 2099 -63.21 21.43 -11.36
C PHE A 2099 -62.23 20.76 -12.33
N VAL A 2100 -61.55 19.73 -11.86
CA VAL A 2100 -60.48 19.08 -12.61
C VAL A 2100 -61.02 17.78 -13.19
N MET A 2101 -60.85 17.62 -14.49
CA MET A 2101 -61.30 16.43 -15.21
C MET A 2101 -60.10 15.89 -15.98
N PHE A 2102 -59.47 14.84 -15.43
CA PHE A 2102 -58.27 14.30 -16.05
C PHE A 2102 -58.60 13.72 -17.42
N SER A 2103 -57.65 13.86 -18.35
CA SER A 2103 -57.82 13.35 -19.69
C SER A 2103 -56.56 12.63 -20.15
N SER A 2104 -56.50 12.24 -21.42
CA SER A 2104 -55.37 11.50 -21.95
C SER A 2104 -54.96 12.10 -23.30
N LEU A 2105 -53.71 11.86 -23.66
CA LEU A 2105 -53.18 12.34 -24.93
C LEU A 2105 -53.74 11.58 -26.12
N ILE A 2106 -54.68 10.66 -25.88
CA ILE A 2106 -55.35 9.98 -26.98
C ILE A 2106 -56.23 10.95 -27.76
N VAL A 2107 -56.68 12.04 -27.14
CA VAL A 2107 -57.49 13.03 -27.83
C VAL A 2107 -56.66 13.95 -28.72
N SER A 2108 -55.34 13.93 -28.59
CA SER A 2108 -54.45 14.79 -29.37
C SER A 2108 -53.52 14.03 -30.29
N GLY A 2109 -53.22 12.76 -29.99
CA GLY A 2109 -52.36 11.97 -30.84
C GLY A 2109 -53.02 10.71 -31.36
N GLY A 2110 -54.02 10.21 -30.64
CA GLY A 2110 -54.67 8.98 -31.00
C GLY A 2110 -53.88 7.76 -30.57
N HIS A 2111 -54.57 6.63 -30.52
CA HIS A 2111 -53.94 5.38 -30.12
C HIS A 2111 -54.64 4.21 -30.79
N LEU A 2112 -53.96 3.07 -30.80
CA LEU A 2112 -54.43 1.88 -31.48
C LEU A 2112 -55.27 1.03 -30.52
N GLY A 2113 -56.51 0.74 -30.92
CA GLY A 2113 -57.39 -0.08 -30.13
C GLY A 2113 -58.22 0.67 -29.12
N GLN A 2114 -57.79 1.87 -28.72
CA GLN A 2114 -58.55 2.68 -27.76
C GLN A 2114 -59.39 3.72 -28.50
N ALA A 2115 -60.31 3.23 -29.33
CA ALA A 2115 -61.23 4.11 -30.03
C ALA A 2115 -62.41 4.52 -29.18
N ASN A 2116 -62.84 3.65 -28.24
CA ASN A 2116 -63.90 4.03 -27.31
C ASN A 2116 -63.37 4.98 -26.25
N TYR A 2117 -62.16 4.74 -25.76
CA TYR A 2117 -61.55 5.65 -24.78
C TYR A 2117 -61.35 7.03 -25.38
N ALA A 2118 -60.93 7.08 -26.65
CA ALA A 2118 -60.73 8.37 -27.30
C ALA A 2118 -62.04 9.14 -27.40
N PHE A 2119 -63.14 8.46 -27.74
CA PHE A 2119 -64.43 9.14 -27.78
C PHE A 2119 -64.80 9.68 -26.41
N GLY A 2120 -64.61 8.89 -25.36
CA GLY A 2120 -64.91 9.37 -24.02
C GLY A 2120 -64.02 10.52 -23.60
N SER A 2121 -62.72 10.41 -23.87
CA SER A 2121 -61.79 11.47 -23.47
C SER A 2121 -62.04 12.77 -24.23
N THR A 2122 -62.57 12.70 -25.44
CA THR A 2122 -62.83 13.93 -26.20
C THR A 2122 -64.11 14.59 -25.74
N VAL A 2123 -65.17 13.82 -25.52
CA VAL A 2123 -66.42 14.41 -25.04
C VAL A 2123 -66.20 15.03 -23.67
N LEU A 2124 -65.32 14.45 -22.85
CA LEU A 2124 -64.99 15.06 -21.57
C LEU A 2124 -64.36 16.43 -21.78
N GLU A 2125 -63.44 16.54 -22.74
CA GLU A 2125 -62.79 17.81 -23.01
C GLU A 2125 -63.77 18.85 -23.55
N LYS A 2126 -64.81 18.42 -24.27
CA LYS A 2126 -65.79 19.36 -24.78
C LYS A 2126 -66.70 19.88 -23.67
N ILE A 2127 -66.99 19.06 -22.66
CA ILE A 2127 -67.73 19.55 -21.50
C ILE A 2127 -66.90 20.59 -20.75
N CYS A 2128 -65.59 20.35 -20.61
CA CYS A 2128 -64.75 21.29 -19.90
C CYS A 2128 -64.58 22.59 -20.68
N GLU A 2129 -64.60 22.54 -22.01
CA GLU A 2129 -64.55 23.76 -22.80
C GLU A 2129 -65.88 24.51 -22.75
N ARG A 2130 -67.00 23.79 -22.58
CA ARG A 2130 -68.27 24.46 -22.37
C ARG A 2130 -68.29 25.20 -21.03
N ARG A 2131 -67.65 24.63 -20.01
CA ARG A 2131 -67.59 25.29 -18.72
C ARG A 2131 -66.84 26.62 -18.82
N LYS A 2132 -65.74 26.64 -19.57
CA LYS A 2132 -65.01 27.89 -19.77
C LYS A 2132 -65.89 28.92 -20.48
N ARG A 2133 -66.68 28.48 -21.46
CA ARG A 2133 -67.58 29.40 -22.15
C ARG A 2133 -68.53 30.08 -21.19
N ASP A 2134 -68.91 29.41 -20.10
CA ASP A 2134 -69.84 29.94 -19.11
C ASP A 2134 -69.13 30.61 -17.95
N GLY A 2135 -67.79 30.73 -18.00
CA GLY A 2135 -67.06 31.41 -16.96
C GLY A 2135 -66.83 30.60 -15.70
N LEU A 2136 -67.19 29.33 -15.69
CA LEU A 2136 -66.96 28.51 -14.52
C LEU A 2136 -65.52 28.03 -14.47
N PRO A 2137 -64.98 27.73 -13.29
CA PRO A 2137 -63.64 27.16 -13.22
C PRO A 2137 -63.60 25.79 -13.86
N VAL A 2138 -62.48 25.48 -14.50
CA VAL A 2138 -62.31 24.19 -15.17
C VAL A 2138 -60.83 23.97 -15.46
N THR A 2139 -60.39 22.73 -15.29
CA THR A 2139 -59.03 22.32 -15.64
C THR A 2139 -59.09 20.91 -16.19
N THR A 2140 -58.42 20.67 -17.31
CA THR A 2140 -58.45 19.38 -17.99
C THR A 2140 -57.02 18.97 -18.35
N PRO A 2141 -56.29 18.39 -17.41
CA PRO A 2141 -54.98 17.83 -17.75
C PRO A 2141 -55.12 16.74 -18.80
N GLN A 2142 -54.15 16.71 -19.72
CA GLN A 2142 -54.11 15.69 -20.78
C GLN A 2142 -52.75 15.00 -20.69
N TRP A 2143 -52.68 13.98 -19.85
CA TRP A 2143 -51.43 13.29 -19.57
C TRP A 2143 -51.15 12.23 -20.62
N ALA A 2144 -49.86 12.04 -20.92
CA ALA A 2144 -49.42 10.95 -21.80
C ALA A 2144 -49.24 9.66 -21.00
N SER A 2145 -48.30 9.66 -20.06
CA SER A 2145 -47.97 8.48 -19.28
C SER A 2145 -47.34 8.92 -17.97
N ILE A 2146 -47.58 8.15 -16.92
CA ILE A 2146 -47.09 8.46 -15.58
C ILE A 2146 -46.30 7.26 -15.06
N ALA A 2147 -45.12 7.54 -14.52
CA ALA A 2147 -44.18 6.46 -14.20
C ALA A 2147 -44.48 5.81 -12.86
N ASP A 2148 -44.39 6.58 -11.77
CA ASP A 2148 -44.35 5.97 -10.44
C ASP A 2148 -45.66 5.31 -10.08
N VAL A 2149 -46.78 5.95 -10.38
CA VAL A 2149 -48.09 5.43 -10.00
C VAL A 2149 -48.43 4.21 -10.84
N THR A 2161 -42.75 0.89 -21.19
CA THR A 2161 -42.07 2.14 -20.87
C THR A 2161 -42.31 3.18 -21.96
N ILE A 2162 -41.56 3.06 -23.06
CA ILE A 2162 -41.66 4.02 -24.17
C ILE A 2162 -42.86 3.61 -25.02
N ILE A 2163 -43.89 4.44 -25.02
CA ILE A 2163 -45.09 4.22 -25.83
C ILE A 2163 -45.21 5.41 -26.78
N CYS A 2164 -45.28 5.12 -28.08
CA CYS A 2164 -45.36 6.16 -29.11
C CYS A 2164 -44.17 7.10 -29.02
N ARG A 2165 -43.02 6.60 -28.59
CA ARG A 2165 -41.79 7.39 -28.51
C ARG A 2165 -41.95 8.54 -27.52
N LYS A 2166 -42.49 8.23 -26.34
CA LYS A 2166 -42.68 9.22 -25.29
C LYS A 2166 -42.38 8.59 -23.94
N TYR A 2167 -41.41 9.16 -23.23
CA TYR A 2167 -41.03 8.63 -21.94
C TYR A 2167 -42.11 8.96 -20.90
N PRO A 2168 -42.41 8.04 -19.98
CA PRO A 2168 -43.37 8.38 -18.92
C PRO A 2168 -42.75 9.32 -17.90
N GLN A 2169 -43.53 10.30 -17.45
CA GLN A 2169 -43.04 11.27 -16.50
C GLN A 2169 -43.01 10.69 -15.10
N ARG A 2170 -42.08 11.20 -14.29
CA ARG A 2170 -42.10 10.92 -12.86
C ARG A 2170 -43.23 11.70 -12.20
N PHE A 2171 -43.85 11.10 -11.18
CA PHE A 2171 -45.01 11.75 -10.58
C PHE A 2171 -44.64 13.08 -9.94
N PHE A 2172 -43.49 13.15 -9.27
CA PHE A 2172 -43.10 14.40 -8.64
C PHE A 2172 -43.00 15.53 -9.65
N ASN A 2173 -42.82 15.21 -10.93
CA ASN A 2173 -42.87 16.20 -11.99
C ASN A 2173 -44.27 16.38 -12.55
N VAL A 2174 -45.12 15.34 -12.49
CA VAL A 2174 -46.51 15.50 -12.91
C VAL A 2174 -47.21 16.50 -12.01
N LEU A 2175 -46.97 16.43 -10.70
CA LEU A 2175 -47.59 17.37 -9.79
C LEU A 2175 -47.01 18.78 -9.94
N SER A 2176 -45.78 18.90 -10.45
CA SER A 2176 -45.22 20.23 -10.68
C SER A 2176 -45.88 20.92 -11.86
N VAL A 2177 -46.15 20.19 -12.94
CA VAL A 2177 -46.88 20.77 -14.06
C VAL A 2177 -48.37 20.84 -13.75
N PHE A 2178 -48.89 19.89 -12.98
CA PHE A 2178 -50.29 19.95 -12.58
C PHE A 2178 -50.57 21.23 -11.81
N ASP A 2179 -49.66 21.61 -10.90
CA ASP A 2179 -49.83 22.86 -10.17
C ASP A 2179 -49.92 24.04 -11.14
N PHE A 2180 -49.09 24.04 -12.17
CA PHE A 2180 -49.20 25.07 -13.20
C PHE A 2180 -50.50 24.96 -13.97
N MET A 2181 -50.97 23.74 -14.22
CA MET A 2181 -52.21 23.55 -14.95
C MET A 2181 -53.38 24.18 -14.22
N MET A 2182 -53.47 23.99 -12.91
CA MET A 2182 -54.59 24.53 -12.15
C MET A 2182 -54.54 26.04 -12.11
N SER A 2183 -53.34 26.62 -12.01
CA SER A 2183 -53.19 28.07 -11.95
C SER A 2183 -52.88 28.63 -13.34
N SER A 2184 -53.84 28.46 -14.24
CA SER A 2184 -53.69 28.91 -15.61
C SER A 2184 -55.07 29.18 -16.18
N ASP A 2185 -55.10 29.91 -17.30
CA ASP A 2185 -56.35 30.32 -17.91
C ASP A 2185 -56.84 29.37 -19.00
N ASN A 2186 -55.94 28.61 -19.62
CA ASN A 2186 -56.37 27.67 -20.64
C ASN A 2186 -57.16 26.52 -20.01
N VAL A 2187 -57.90 25.80 -20.86
CA VAL A 2187 -58.74 24.70 -20.40
C VAL A 2187 -57.94 23.41 -20.42
N VAL A 2188 -57.46 23.02 -21.60
CA VAL A 2188 -56.77 21.75 -21.79
C VAL A 2188 -55.29 22.02 -21.92
N THR A 2189 -54.48 21.28 -21.16
CA THR A 2189 -53.03 21.37 -21.23
C THR A 2189 -52.48 19.97 -21.46
N ILE A 2190 -51.64 19.84 -22.50
CA ILE A 2190 -51.05 18.55 -22.86
C ILE A 2190 -49.66 18.49 -22.26
N SER A 2191 -49.41 17.47 -21.44
CA SER A 2191 -48.11 17.24 -20.83
C SER A 2191 -47.59 15.89 -21.29
N TYR A 2192 -46.42 15.88 -21.91
CA TYR A 2192 -45.79 14.65 -22.35
C TYR A 2192 -44.29 14.88 -22.39
N VAL A 2193 -43.53 13.79 -22.24
CA VAL A 2193 -42.07 13.84 -22.23
C VAL A 2193 -41.57 13.11 -23.48
N LEU A 2194 -40.65 13.74 -24.19
CA LEU A 2194 -40.08 13.18 -25.40
C LEU A 2194 -38.79 12.44 -25.07
N VAL A 2195 -38.61 11.28 -25.70
CA VAL A 2195 -37.37 10.54 -25.51
C VAL A 2195 -36.19 11.37 -25.98
N GLU A 2196 -36.36 12.09 -27.09
CA GLU A 2196 -35.35 12.97 -27.63
C GLU A 2196 -35.97 13.74 -28.80
N LYS A 2197 -35.49 14.95 -29.02
CA LYS A 2197 -36.03 15.78 -30.08
C LYS A 2197 -35.92 15.05 -31.41
N SER A 2198 -37.02 15.02 -32.16
CA SER A 2198 -37.07 14.21 -33.36
C SER A 2198 -36.07 14.70 -34.40
N MET A 2199 -35.36 13.74 -34.99
CA MET A 2199 -34.51 13.99 -36.15
C MET A 2199 -35.23 13.48 -37.40
N GLY A 2200 -34.56 13.49 -38.53
CA GLY A 2200 -35.11 12.97 -39.77
C GLY A 2200 -35.29 11.47 -39.72
N VAL A 2201 -35.26 10.85 -40.90
CA VAL A 2201 -35.21 9.40 -41.03
C VAL A 2201 -33.81 8.94 -41.41
N ALA A 2202 -33.29 9.44 -42.54
CA ALA A 2202 -31.89 9.17 -42.89
C ALA A 2202 -30.96 9.79 -41.86
N ALA A 2203 -31.31 10.96 -41.34
CA ALA A 2203 -30.50 11.61 -40.31
C ALA A 2203 -30.30 10.69 -39.12
N GLY A 2204 -31.40 10.14 -38.59
CA GLY A 2204 -31.28 9.19 -37.50
C GLY A 2204 -30.52 7.95 -37.90
N GLU A 2205 -30.82 7.41 -39.08
CA GLU A 2205 -30.16 6.19 -39.54
C GLU A 2205 -28.65 6.37 -39.55
N GLU A 2206 -28.17 7.49 -40.09
CA GLU A 2206 -26.74 7.76 -40.08
C GLU A 2206 -26.22 7.89 -38.66
N SER A 2207 -27.02 8.48 -37.76
CA SER A 2207 -26.59 8.61 -36.37
C SER A 2207 -26.34 7.23 -35.76
N MET A 2208 -27.25 6.28 -35.99
CA MET A 2208 -27.03 4.93 -35.50
C MET A 2208 -25.81 4.31 -36.15
N VAL A 2209 -25.62 4.57 -37.44
CA VAL A 2209 -24.45 4.03 -38.15
C VAL A 2209 -23.17 4.53 -37.49
N ASP A 2210 -23.06 5.84 -37.29
CA ASP A 2210 -21.87 6.38 -36.65
C ASP A 2210 -21.69 5.81 -35.24
N GLN A 2211 -22.79 5.58 -34.54
CA GLN A 2211 -22.72 5.02 -33.19
C GLN A 2211 -22.04 3.65 -33.19
N VAL A 2212 -22.51 2.74 -34.04
CA VAL A 2212 -21.96 1.40 -34.06
C VAL A 2212 -20.54 1.41 -34.60
N LEU A 2213 -20.28 2.25 -35.62
CA LEU A 2213 -18.93 2.37 -36.16
C LEU A 2213 -17.95 2.77 -35.06
N ARG A 2214 -18.34 3.74 -34.23
CA ARG A 2214 -17.47 4.17 -33.14
C ARG A 2214 -17.28 3.05 -32.11
N ALA A 2215 -18.35 2.31 -31.80
CA ALA A 2215 -18.21 1.16 -30.91
C ALA A 2215 -17.17 0.19 -31.44
N VAL A 2216 -17.22 -0.10 -32.74
CA VAL A 2216 -16.22 -0.98 -33.34
C VAL A 2216 -14.84 -0.36 -33.23
N GLY A 2217 -14.72 0.94 -33.53
CA GLY A 2217 -13.44 1.59 -33.45
C GLY A 2217 -12.85 1.56 -32.05
N LYS A 2218 -13.69 1.78 -31.03
CA LYS A 2218 -13.21 1.74 -29.66
C LYS A 2218 -12.78 0.34 -29.25
N VAL A 2219 -13.47 -0.68 -29.77
CA VAL A 2219 -13.04 -2.06 -29.53
C VAL A 2219 -11.56 -2.21 -29.90
N LEU A 2220 -11.12 -1.49 -30.93
CA LEU A 2220 -9.72 -1.48 -31.29
C LEU A 2220 -8.91 -0.54 -30.41
N GLY A 2221 -9.50 0.60 -30.03
CA GLY A 2221 -8.81 1.59 -29.24
C GLY A 2221 -8.53 2.86 -30.00
N ILE A 2222 -9.40 3.23 -30.92
CA ILE A 2222 -9.28 4.43 -31.73
C ILE A 2222 -10.29 5.45 -31.22
N LYS A 2223 -9.79 6.56 -30.69
CA LYS A 2223 -10.68 7.58 -30.13
C LYS A 2223 -11.57 8.19 -31.23
N ASP A 2224 -10.98 8.47 -32.39
CA ASP A 2224 -11.72 9.05 -33.51
C ASP A 2224 -11.74 8.03 -34.64
N VAL A 2225 -12.91 7.40 -34.85
CA VAL A 2225 -13.02 6.38 -35.89
C VAL A 2225 -12.81 7.00 -37.26
N SER A 2226 -13.36 8.19 -37.50
CA SER A 2226 -13.24 8.82 -38.80
C SER A 2226 -11.80 9.23 -39.12
N SER A 2227 -10.95 9.39 -38.10
CA SER A 2227 -9.58 9.84 -38.35
C SER A 2227 -8.80 8.82 -39.16
N VAL A 2228 -8.93 7.54 -38.84
CA VAL A 2228 -8.13 6.52 -39.51
C VAL A 2228 -8.65 6.29 -40.93
N ASP A 2229 -7.79 5.70 -41.76
CA ASP A 2229 -8.14 5.45 -43.15
C ASP A 2229 -9.24 4.40 -43.24
N GLY A 2230 -10.15 4.58 -44.20
CA GLY A 2230 -11.25 3.67 -44.43
C GLY A 2230 -10.92 2.47 -45.28
N ASP A 2231 -9.70 2.38 -45.81
CA ASP A 2231 -9.29 1.27 -46.66
C ASP A 2231 -8.22 0.40 -45.99
N LYS A 2232 -7.90 0.67 -44.73
CA LYS A 2232 -6.90 -0.11 -44.01
C LYS A 2232 -7.57 -1.24 -43.25
N GLU A 2233 -7.08 -2.46 -43.45
CA GLU A 2233 -7.65 -3.63 -42.82
C GLU A 2233 -7.37 -3.59 -41.31
N PHE A 2234 -8.20 -4.33 -40.56
CA PHE A 2234 -8.01 -4.44 -39.11
C PHE A 2234 -6.70 -5.10 -38.74
N ILE A 2235 -6.32 -6.14 -39.46
CA ILE A 2235 -5.07 -6.80 -39.14
C ILE A 2235 -3.93 -5.81 -39.22
N ASP A 2236 -4.04 -4.81 -40.10
CA ASP A 2236 -3.00 -3.81 -40.23
C ASP A 2236 -2.89 -2.92 -38.99
N MET A 2237 -3.91 -2.91 -38.13
CA MET A 2237 -3.87 -2.12 -36.90
C MET A 2237 -3.34 -2.90 -35.71
N GLY A 2238 -3.60 -4.21 -35.66
CA GLY A 2238 -3.12 -5.03 -34.56
C GLY A 2238 -4.20 -5.87 -33.91
N VAL A 2239 -5.33 -6.05 -34.58
CA VAL A 2239 -6.39 -6.90 -34.05
C VAL A 2239 -5.84 -8.29 -33.78
N ASP A 2240 -6.14 -8.81 -32.60
CA ASP A 2240 -5.56 -10.07 -32.16
C ASP A 2240 -6.55 -10.96 -31.41
O 4HH A 2241 -10.16 -12.44 -30.98
C 4HH A 2241 -8.98 -12.45 -30.58
CA 4HH A 2241 -7.91 -13.04 -31.51
N 4HH A 2241 -7.06 -11.98 -32.11
CB 4HH A 2241 -7.05 -14.05 -30.79
OG 4HH A 2241 -7.91 -15.01 -30.14
CJ 4HH A 2241 -5.28 -17.57 -28.80
CK 4HH A 2241 -4.55 -17.50 -27.46
CL1 4HH A 2241 -3.53 -16.36 -27.48
CL2 4HH A 2241 -5.57 -17.23 -26.34
CL3 4HH A 2241 -2.84 -19.25 -28.24
CM 4HH A 2241 -3.81 -18.82 -27.14
OM 4HH A 2241 -4.75 -19.86 -26.91
NN 4HH A 2241 -1.57 -19.40 -27.91
ON 4HH A 2241 -3.26 -19.45 -29.38
P 4HH A 2241 -7.41 -16.52 -29.93
O1P 4HH A 2241 -6.94 -17.04 -31.26
O2P 4HH A 2241 -8.47 -17.26 -29.17
O3P 4HH A 2241 -6.12 -16.41 -28.95
CO 4HH A 2241 -0.55 -19.72 -28.89
CP 4HH A 2241 -0.37 -21.21 -29.10
CQ 4HH A 2241 0.36 -21.92 -27.98
CS 4HH A 2241 2.45 -22.08 -26.67
CT 4HH A 2241 1.77 -22.24 -25.33
NR 4HH A 2241 1.59 -21.47 -27.67
OR 4HH A 2241 -0.16 -22.86 -27.38
SU 4HH A 2241 1.08 -20.67 -24.70
HA 4HH A 2241 -8.38 -13.51 -32.26
HB3 4HH A 2241 -6.48 -13.60 -30.12
HB2 4HH A 2241 -6.45 -14.51 -31.43
HJ3 4HH A 2241 -5.81 -18.39 -28.84
HJ2 4HH A 2241 -4.62 -17.61 -29.53
HL13 4HH A 2241 -3.08 -16.30 -26.62
HL12 4HH A 2241 -3.99 -15.53 -27.67
HL11 4HH A 2241 -2.88 -16.52 -28.17
HL21 4HH A 2241 -5.10 -17.18 -25.50
HL23 4HH A 2241 -6.23 -17.94 -26.33
HL22 4HH A 2241 -6.01 -16.37 -26.52
HL3 4HH A 2241 -3.29 -18.68 -26.32
HM 4HH A 2241 -5.20 -20.01 -27.62
HN 4HH A 2241 -1.34 -19.31 -27.07
HO2 4HH A 2241 0.31 -19.34 -28.58
HO3 4HH A 2241 -0.77 -19.30 -29.74
HP3 4HH A 2241 0.11 -21.37 -29.92
HP2 4HH A 2241 -1.25 -21.63 -29.21
HS2 4HH A 2241 2.72 -22.98 -26.98
HS3 4HH A 2241 3.25 -21.54 -26.56
HT3 4HH A 2241 2.41 -22.57 -24.68
HT2 4HH A 2241 1.06 -22.89 -25.41
HR 4HH A 2241 1.88 -20.79 -28.11
HU 4HH A 2241 0.63 -21.12 -23.68
N LEU A 2242 -8.58 -11.98 -29.40
CA LEU A 2242 -9.56 -11.54 -28.40
C LEU A 2242 -10.44 -10.40 -28.91
N MET A 2243 -9.84 -9.46 -29.66
CA MET A 2243 -10.63 -8.36 -30.21
C MET A 2243 -11.60 -8.83 -31.28
N SER A 2244 -11.20 -9.81 -32.09
CA SER A 2244 -12.09 -10.30 -33.14
C SER A 2244 -13.39 -10.84 -32.56
N VAL A 2245 -13.28 -11.62 -31.49
CA VAL A 2245 -14.48 -12.14 -30.83
C VAL A 2245 -15.29 -10.99 -30.23
N GLU A 2246 -14.61 -10.03 -29.62
CA GLU A 2246 -15.31 -8.87 -29.06
C GLU A 2246 -16.03 -8.10 -30.16
N ILE A 2247 -15.39 -7.91 -31.31
CA ILE A 2247 -16.02 -7.21 -32.42
C ILE A 2247 -17.25 -7.98 -32.88
N LYS A 2248 -17.12 -9.30 -33.04
CA LYS A 2248 -18.24 -10.10 -33.49
C LYS A 2248 -19.41 -10.02 -32.52
N GLN A 2249 -19.13 -10.12 -31.23
CA GLN A 2249 -20.19 -10.03 -30.23
C GLN A 2249 -20.83 -8.65 -30.23
N ALA A 2250 -20.01 -7.60 -30.36
CA ALA A 2250 -20.56 -6.25 -30.39
C ALA A 2250 -21.48 -6.07 -31.60
N LEU A 2251 -21.06 -6.57 -32.77
CA LEU A 2251 -21.91 -6.47 -33.95
C LEU A 2251 -23.23 -7.21 -33.75
N GLU A 2252 -23.17 -8.42 -33.17
CA GLU A 2252 -24.39 -9.17 -32.92
C GLU A 2252 -25.30 -8.44 -31.95
N ARG A 2253 -24.73 -7.84 -30.90
CA ARG A 2253 -25.52 -7.13 -29.91
C ARG A 2253 -26.02 -5.79 -30.44
N ASP A 2254 -25.37 -5.22 -31.46
CA ASP A 2254 -25.73 -3.92 -32.00
C ASP A 2254 -26.56 -4.03 -33.27
N ALA A 2255 -26.19 -4.93 -34.19
CA ALA A 2255 -26.89 -5.08 -35.46
C ALA A 2255 -27.11 -6.56 -35.71
N GLY A 2256 -27.71 -6.87 -36.86
CA GLY A 2256 -28.00 -8.24 -37.22
C GLY A 2256 -26.88 -9.01 -37.87
N LEU A 2257 -25.71 -8.39 -38.03
CA LEU A 2257 -24.59 -9.06 -38.66
C LEU A 2257 -24.05 -10.18 -37.77
N VAL A 2258 -23.64 -11.27 -38.39
CA VAL A 2258 -22.98 -12.39 -37.72
C VAL A 2258 -21.76 -12.73 -38.57
N ILE A 2259 -20.60 -12.25 -38.17
CA ILE A 2259 -19.38 -12.36 -38.95
C ILE A 2259 -18.42 -13.31 -38.24
N SER A 2260 -17.77 -14.17 -39.01
CA SER A 2260 -16.78 -15.08 -38.46
C SER A 2260 -15.53 -14.31 -38.04
N THR A 2261 -14.75 -14.92 -37.15
CA THR A 2261 -13.55 -14.26 -36.64
C THR A 2261 -12.55 -14.00 -37.76
N LYS A 2262 -12.39 -14.97 -38.67
CA LYS A 2262 -11.37 -14.85 -39.70
C LYS A 2262 -11.62 -13.65 -40.61
N ASP A 2263 -12.85 -13.49 -41.09
CA ASP A 2263 -13.13 -12.36 -41.96
C ASP A 2263 -12.97 -11.03 -41.23
N THR A 2264 -13.08 -11.03 -39.91
CA THR A 2264 -13.00 -9.78 -39.15
C THR A 2264 -11.64 -9.11 -39.33
N GLN A 2265 -10.57 -9.89 -39.32
CA GLN A 2265 -9.22 -9.34 -39.43
C GLN A 2265 -8.85 -8.96 -40.86
N LEU A 2266 -9.78 -9.04 -41.81
CA LEU A 2266 -9.48 -8.72 -43.21
C LEU A 2266 -10.57 -7.90 -43.88
N MET A 2267 -11.41 -7.19 -43.11
CA MET A 2267 -12.44 -6.37 -43.71
C MET A 2267 -12.13 -4.95 -43.26
N THR A 2268 -12.66 -3.94 -43.94
CA THR A 2268 -12.31 -2.55 -43.60
C THR A 2268 -13.50 -1.81 -43.01
N PHE A 2269 -13.23 -0.60 -42.49
CA PHE A 2269 -14.30 0.21 -41.94
C PHE A 2269 -15.35 0.53 -43.00
N ASN A 2270 -14.91 0.96 -44.19
CA ASN A 2270 -15.83 1.21 -45.28
C ASN A 2270 -16.65 -0.04 -45.59
N THR A 2271 -15.99 -1.20 -45.55
CA THR A 2271 -16.71 -2.46 -45.71
C THR A 2271 -17.71 -2.67 -44.58
N LEU A 2272 -17.30 -2.36 -43.34
CA LEU A 2272 -18.19 -2.51 -42.20
C LEU A 2272 -19.44 -1.64 -42.37
N ARG A 2273 -19.24 -0.39 -42.76
CA ARG A 2273 -20.37 0.51 -42.97
C ARG A 2273 -21.28 0.02 -44.09
N SER A 2274 -20.70 -0.35 -45.24
CA SER A 2274 -21.51 -0.79 -46.36
C SER A 2274 -22.28 -2.07 -46.03
N MET A 2275 -21.75 -2.91 -45.15
CA MET A 2275 -22.43 -4.16 -44.81
C MET A 2275 -23.51 -3.99 -43.74
N VAL A 2276 -23.34 -3.04 -42.81
CA VAL A 2276 -24.45 -2.73 -41.91
C VAL A 2276 -25.58 -2.05 -42.69
N LYS A 2277 -25.24 -1.37 -43.79
CA LYS A 2277 -26.27 -0.79 -44.64
C LYS A 2277 -27.07 -1.88 -45.35
N GLY A 2278 -26.40 -2.90 -45.86
CA GLY A 2278 -27.05 -3.99 -46.56
C GLY A 2278 -27.97 -4.78 -45.67
N PRO B 16 55.09 -19.08 -22.17
CA PRO B 16 54.14 -17.97 -22.29
C PRO B 16 53.21 -18.08 -23.51
N PRO B 17 53.74 -18.48 -24.67
CA PRO B 17 52.85 -18.66 -25.83
C PRO B 17 51.78 -19.69 -25.55
N LYS B 18 50.58 -19.43 -26.08
CA LYS B 18 49.42 -20.29 -25.88
C LYS B 18 49.15 -21.09 -27.14
N THR B 19 48.96 -22.40 -26.98
CA THR B 19 48.72 -23.28 -28.11
C THR B 19 47.28 -23.11 -28.59
N PRO B 20 47.05 -22.76 -29.86
CA PRO B 20 45.67 -22.62 -30.33
C PRO B 20 44.92 -23.95 -30.25
N ASN B 21 43.62 -23.84 -29.97
CA ASN B 21 42.75 -25.01 -29.98
C ASN B 21 42.42 -25.41 -31.41
N VAL B 22 42.21 -26.70 -31.61
CA VAL B 22 41.91 -27.25 -32.93
C VAL B 22 40.40 -27.19 -33.11
N VAL B 23 39.91 -26.03 -33.57
CA VAL B 23 38.49 -25.83 -33.83
C VAL B 23 38.21 -26.41 -35.22
N GLU B 24 37.74 -27.66 -35.26
CA GLU B 24 37.46 -28.35 -36.50
C GLU B 24 36.02 -28.85 -36.49
N PRO B 25 35.32 -28.83 -37.62
CA PRO B 25 33.94 -29.33 -37.64
C PRO B 25 33.87 -30.77 -37.20
N TYR B 26 32.82 -31.10 -36.46
CA TYR B 26 32.59 -32.45 -35.96
C TYR B 26 31.47 -33.11 -36.76
N LYS B 27 31.71 -34.37 -37.16
CA LYS B 27 30.77 -35.10 -38.00
C LYS B 27 30.21 -36.34 -37.32
N GLY B 28 30.63 -36.65 -36.09
CA GLY B 28 30.16 -37.83 -35.39
C GLY B 28 28.80 -37.60 -34.75
N GLU B 29 28.40 -38.55 -33.93
CA GLU B 29 27.11 -38.54 -33.28
C GLU B 29 27.17 -37.79 -31.95
N VAL B 30 26.03 -37.22 -31.56
CA VAL B 30 25.89 -36.52 -30.28
C VAL B 30 24.87 -37.28 -29.45
N ALA B 31 25.25 -37.63 -28.23
CA ALA B 31 24.43 -38.45 -27.35
C ALA B 31 24.10 -37.69 -26.07
N ILE B 32 22.84 -37.79 -25.64
CA ILE B 32 22.42 -37.25 -24.36
C ILE B 32 22.76 -38.28 -23.29
N CYS B 33 23.67 -37.92 -22.38
CA CYS B 33 24.24 -38.86 -21.44
C CYS B 33 23.61 -38.78 -20.05
N GLY B 34 23.23 -37.57 -19.61
CA GLY B 34 22.71 -37.40 -18.27
C GLY B 34 21.37 -36.68 -18.28
N LEU B 35 20.64 -36.85 -17.19
CA LEU B 35 19.35 -36.20 -17.02
C LEU B 35 19.06 -36.07 -15.53
N SER B 36 18.55 -34.90 -15.14
CA SER B 36 18.14 -34.65 -13.78
C SER B 36 17.22 -33.44 -13.77
N GLY B 37 16.44 -33.30 -12.71
CA GLY B 37 15.56 -32.17 -12.59
C GLY B 37 14.50 -32.38 -11.54
N ARG B 38 13.93 -31.26 -11.09
CA ARG B 38 12.79 -31.25 -10.19
C ARG B 38 11.52 -31.02 -11.00
N TYR B 39 10.52 -31.86 -10.76
CA TYR B 39 9.24 -31.78 -11.44
C TYR B 39 8.12 -31.71 -10.41
N PRO B 40 6.95 -31.20 -10.80
CA PRO B 40 5.86 -31.07 -9.81
C PRO B 40 5.55 -32.40 -9.15
N GLU B 41 5.48 -32.40 -7.82
CA GLU B 41 5.22 -33.61 -7.05
C GLU B 41 6.22 -34.71 -7.39
N SER B 42 7.46 -34.31 -7.62
CA SER B 42 8.52 -35.28 -7.95
C SER B 42 9.85 -34.64 -7.58
N ALA B 43 10.51 -35.21 -6.57
CA ALA B 43 11.79 -34.69 -6.11
C ALA B 43 12.95 -35.05 -7.04
N ASN B 44 12.75 -35.99 -7.97
CA ASN B 44 13.82 -36.42 -8.86
C ASN B 44 13.19 -37.09 -10.07
N VAL B 45 14.06 -37.58 -10.96
CA VAL B 45 13.58 -38.22 -12.19
C VAL B 45 12.84 -39.51 -11.88
N GLY B 46 13.32 -40.26 -10.88
CA GLY B 46 12.67 -41.51 -10.55
C GLY B 46 11.22 -41.32 -10.12
N GLU B 47 10.98 -40.31 -9.28
CA GLU B 47 9.60 -40.02 -8.87
C GLU B 47 8.77 -39.58 -10.06
N LEU B 48 9.34 -38.79 -10.96
CA LEU B 48 8.63 -38.40 -12.17
C LEU B 48 8.24 -39.62 -12.99
N GLU B 49 9.18 -40.54 -13.18
CA GLU B 49 8.90 -41.74 -13.95
C GLU B 49 7.80 -42.56 -13.30
N TYR B 50 7.87 -42.74 -11.97
CA TYR B 50 6.85 -43.51 -11.27
C TYR B 50 5.48 -42.86 -11.42
N ASN B 51 5.41 -41.54 -11.24
CA ASN B 51 4.12 -40.85 -11.34
C ASN B 51 3.55 -40.95 -12.75
N LEU B 52 4.39 -40.77 -13.77
CA LEU B 52 3.90 -40.84 -15.14
C LEU B 52 3.35 -42.24 -15.46
N PHE B 53 4.08 -43.28 -15.05
CA PHE B 53 3.70 -44.64 -15.41
C PHE B 53 2.57 -45.19 -14.54
N ASN B 54 2.16 -44.47 -13.50
CA ASN B 54 1.04 -44.87 -12.65
C ASN B 54 -0.16 -43.93 -12.81
N LYS B 55 -0.18 -43.13 -13.86
CA LYS B 55 -1.30 -42.22 -14.13
C LYS B 55 -1.58 -41.33 -12.93
N ILE B 56 -0.52 -40.79 -12.34
CA ILE B 56 -0.62 -39.91 -11.18
C ILE B 56 -0.59 -38.47 -11.68
N ASP B 57 -1.60 -37.69 -11.32
CA ASP B 57 -1.64 -36.30 -11.70
C ASP B 57 -0.75 -35.48 -10.78
N MET B 58 0.14 -34.70 -11.36
CA MET B 58 1.15 -33.94 -10.64
C MET B 58 0.78 -32.48 -10.46
N VAL B 59 -0.43 -32.09 -10.86
CA VAL B 59 -0.96 -30.75 -10.59
C VAL B 59 -1.91 -30.87 -9.41
N THR B 60 -1.52 -30.27 -8.28
CA THR B 60 -2.27 -30.38 -7.04
C THR B 60 -2.76 -29.00 -6.61
N ILE B 61 -3.54 -28.97 -5.53
CA ILE B 61 -4.11 -27.76 -4.99
C ILE B 61 -3.70 -27.65 -3.52
N ASP B 62 -2.95 -26.61 -3.18
CA ASP B 62 -2.52 -26.34 -1.81
C ASP B 62 -1.99 -24.91 -1.77
N ASN B 63 -1.38 -24.54 -0.64
CA ASN B 63 -0.90 -23.19 -0.40
C ASN B 63 0.63 -23.12 -0.41
N ARG B 64 1.27 -23.94 -1.24
CA ARG B 64 2.74 -23.91 -1.31
C ARG B 64 3.24 -22.55 -1.78
N ARG B 65 2.59 -21.98 -2.79
CA ARG B 65 2.94 -20.65 -3.30
C ARG B 65 1.97 -19.58 -2.82
N TRP B 66 0.67 -19.80 -3.01
CA TRP B 66 -0.34 -18.88 -2.52
C TRP B 66 -1.64 -19.65 -2.34
N GLU B 67 -2.62 -19.00 -1.74
CA GLU B 67 -3.87 -19.67 -1.41
C GLU B 67 -4.57 -20.14 -2.69
N PRO B 68 -5.30 -21.27 -2.63
CA PRO B 68 -5.97 -21.75 -3.83
C PRO B 68 -7.13 -20.87 -4.25
N GLY B 69 -6.82 -19.76 -4.92
CA GLY B 69 -7.83 -18.80 -5.33
C GLY B 69 -7.41 -17.37 -5.05
N TYR B 70 -6.19 -17.19 -4.55
CA TYR B 70 -5.68 -15.86 -4.26
C TYR B 70 -5.70 -15.01 -5.53
N LEU B 71 -6.29 -13.82 -5.43
CA LEU B 71 -6.47 -12.92 -6.57
C LEU B 71 -7.27 -13.56 -7.69
N GLY B 72 -8.01 -14.63 -7.39
CA GLY B 72 -8.82 -15.29 -8.39
C GLY B 72 -8.06 -16.18 -9.35
N THR B 73 -6.79 -16.47 -9.07
CA THR B 73 -6.01 -17.32 -9.97
C THR B 73 -6.49 -18.76 -9.87
N PRO B 74 -6.22 -19.58 -10.91
CA PRO B 74 -6.64 -20.99 -10.85
C PRO B 74 -6.07 -21.69 -9.63
N GLU B 75 -6.91 -22.52 -9.02
CA GLU B 75 -6.52 -23.20 -7.79
C GLU B 75 -5.41 -24.22 -8.04
N ARG B 76 -5.50 -24.97 -9.13
CA ARG B 76 -4.57 -26.06 -9.40
C ARG B 76 -3.34 -25.56 -10.13
N MET B 77 -2.17 -26.04 -9.71
CA MET B 77 -0.92 -25.64 -10.31
C MET B 77 0.10 -26.78 -10.15
N GLY B 78 1.14 -26.72 -10.97
CA GLY B 78 2.23 -27.68 -10.88
C GLY B 78 3.42 -27.10 -10.15
N LYS B 79 3.65 -27.55 -8.92
CA LYS B 79 4.66 -26.99 -8.04
C LYS B 79 5.63 -28.07 -7.58
N VAL B 80 6.91 -27.73 -7.57
CA VAL B 80 7.95 -28.65 -7.10
C VAL B 80 7.79 -28.84 -5.59
N LYS B 81 8.44 -29.87 -5.04
CA LYS B 81 8.27 -30.18 -3.64
C LYS B 81 8.73 -29.02 -2.75
N THR B 82 9.94 -28.52 -2.98
CA THR B 82 10.49 -27.46 -2.15
C THR B 82 11.49 -26.65 -2.98
N ILE B 83 11.61 -25.37 -2.64
CA ILE B 83 12.56 -24.48 -3.29
C ILE B 83 13.36 -23.70 -2.25
N THR B 84 13.25 -24.12 -0.99
CA THR B 84 13.94 -23.47 0.12
C THR B 84 15.21 -24.19 0.53
N ASP B 85 15.63 -25.21 -0.23
CA ASP B 85 16.75 -26.06 0.13
C ASP B 85 17.90 -25.86 -0.85
N PHE B 86 19.12 -25.86 -0.32
CA PHE B 86 20.31 -25.65 -1.15
C PHE B 86 21.54 -25.95 -0.32
N ASP B 87 22.53 -26.59 -0.93
CA ASP B 87 23.75 -27.01 -0.24
C ASP B 87 24.85 -25.99 -0.50
N ALA B 88 24.65 -24.79 0.04
CA ALA B 88 25.50 -23.65 -0.31
C ALA B 88 26.98 -23.98 -0.17
N GLU B 89 27.35 -24.71 0.89
CA GLU B 89 28.77 -24.99 1.13
C GLU B 89 29.38 -25.81 0.01
N PHE B 90 28.62 -26.73 -0.58
CA PHE B 90 29.17 -27.61 -1.61
C PHE B 90 29.65 -26.80 -2.82
N PHE B 91 28.88 -25.80 -3.23
CA PHE B 91 29.17 -25.04 -4.44
C PHE B 91 30.06 -23.84 -4.18
N GLY B 92 30.57 -23.69 -2.96
CA GLY B 92 31.44 -22.57 -2.66
C GLY B 92 30.74 -21.22 -2.72
N VAL B 93 29.54 -21.11 -2.16
CA VAL B 93 28.79 -19.87 -2.10
C VAL B 93 28.53 -19.54 -0.65
N HIS B 94 28.88 -18.32 -0.26
CA HIS B 94 28.72 -17.91 1.14
C HIS B 94 27.25 -17.65 1.45
N THR B 95 26.97 -17.49 2.75
CA THR B 95 25.59 -17.33 3.19
C THR B 95 24.93 -16.11 2.57
N LYS B 96 25.66 -14.99 2.51
CA LYS B 96 25.09 -13.78 1.95
C LYS B 96 24.72 -13.97 0.48
N GLY B 97 25.60 -14.61 -0.29
CA GLY B 97 25.31 -14.85 -1.70
C GLY B 97 24.16 -15.81 -1.90
N ALA B 98 24.12 -16.89 -1.12
CA ALA B 98 23.05 -17.87 -1.24
C ALA B 98 21.71 -17.24 -0.87
N GLN B 99 21.68 -16.40 0.16
CA GLN B 99 20.44 -15.73 0.53
C GLN B 99 19.97 -14.79 -0.58
N THR B 100 20.87 -14.02 -1.16
CA THR B 100 20.55 -13.11 -2.26
C THR B 100 20.76 -13.81 -3.61
N MET B 101 20.09 -14.95 -3.78
CA MET B 101 20.30 -15.79 -4.93
C MET B 101 18.95 -16.39 -5.33
N ASP B 102 18.69 -16.45 -6.64
CA ASP B 102 17.42 -16.97 -7.12
C ASP B 102 17.30 -18.45 -6.76
N PRO B 103 16.19 -18.88 -6.14
CA PRO B 103 16.02 -20.32 -5.89
C PRO B 103 16.09 -21.15 -7.16
N MET B 104 15.63 -20.61 -8.28
CA MET B 104 15.72 -21.34 -9.55
C MET B 104 17.16 -21.72 -9.86
N LEU B 105 18.08 -20.75 -9.72
CA LEU B 105 19.48 -21.02 -10.03
C LEU B 105 20.08 -22.02 -9.05
N ARG B 106 19.67 -21.95 -7.78
CA ARG B 106 20.14 -22.94 -6.80
C ARG B 106 19.70 -24.35 -7.19
N ASN B 107 18.41 -24.53 -7.45
CA ASN B 107 17.92 -25.84 -7.85
C ASN B 107 18.56 -26.29 -9.15
N LEU B 108 18.78 -25.36 -10.08
CA LEU B 108 19.40 -25.71 -11.35
C LEU B 108 20.84 -26.18 -11.14
N LEU B 109 21.58 -25.52 -10.26
CA LEU B 109 22.95 -25.95 -9.97
C LEU B 109 22.96 -27.36 -9.41
N GLU B 110 22.06 -27.65 -8.46
CA GLU B 110 21.96 -29.00 -7.92
C GLU B 110 21.59 -29.99 -9.02
N VAL B 111 20.63 -29.63 -9.87
CA VAL B 111 20.20 -30.53 -10.94
C VAL B 111 21.34 -30.77 -11.94
N VAL B 112 22.10 -29.72 -12.25
CA VAL B 112 23.21 -29.87 -13.18
C VAL B 112 24.25 -30.84 -12.63
N TYR B 113 24.58 -30.71 -11.34
CA TYR B 113 25.53 -31.63 -10.74
C TYR B 113 24.98 -33.06 -10.75
N GLU B 114 23.70 -33.22 -10.43
CA GLU B 114 23.10 -34.55 -10.47
C GLU B 114 23.15 -35.15 -11.87
N ALA B 115 22.84 -34.35 -12.88
CA ALA B 115 22.91 -34.83 -14.26
C ALA B 115 24.33 -35.20 -14.64
N ILE B 116 25.31 -34.39 -14.23
CA ILE B 116 26.70 -34.70 -14.54
C ILE B 116 27.09 -36.03 -13.92
N VAL B 117 26.71 -36.26 -12.67
CA VAL B 117 27.01 -37.53 -12.01
C VAL B 117 26.28 -38.67 -12.69
N ASP B 118 25.06 -38.41 -13.17
CA ASP B 118 24.26 -39.47 -13.78
C ASP B 118 24.93 -40.02 -15.03
N ALA B 119 25.55 -39.14 -15.82
CA ALA B 119 26.19 -39.53 -17.07
C ALA B 119 27.54 -40.22 -16.87
N GLY B 120 27.87 -40.62 -15.64
CA GLY B 120 29.15 -41.24 -15.38
C GLY B 120 30.31 -40.27 -15.25
N GLU B 121 30.04 -38.97 -15.26
CA GLU B 121 31.07 -37.96 -15.10
C GLU B 121 31.19 -37.53 -13.64
N SER B 122 32.24 -36.78 -13.36
CA SER B 122 32.55 -36.32 -12.00
C SER B 122 33.08 -34.90 -12.06
N LEU B 123 33.37 -34.35 -10.88
CA LEU B 123 33.88 -32.98 -10.82
C LEU B 123 35.28 -32.89 -11.41
N GLU B 124 36.14 -33.86 -11.13
CA GLU B 124 37.50 -33.83 -11.63
C GLU B 124 37.53 -34.09 -13.14
N SER B 125 36.68 -35.01 -13.62
CA SER B 125 36.71 -35.37 -15.03
C SER B 125 36.22 -34.22 -15.91
N MET B 126 35.17 -33.51 -15.47
CA MET B 126 34.59 -32.44 -16.25
C MET B 126 35.27 -31.10 -16.03
N LYS B 127 36.23 -31.02 -15.11
CA LYS B 127 36.91 -29.76 -14.84
C LYS B 127 37.89 -29.46 -15.97
N GLY B 128 37.82 -28.23 -16.49
CA GLY B 128 38.72 -27.79 -17.53
C GLY B 128 38.32 -28.22 -18.93
N THR B 129 37.23 -28.96 -19.09
CA THR B 129 36.80 -29.40 -20.41
C THR B 129 36.16 -28.26 -21.19
N ARG B 130 36.10 -28.44 -22.51
CA ARG B 130 35.50 -27.45 -23.40
C ARG B 130 33.99 -27.70 -23.47
N THR B 131 33.34 -27.36 -22.37
CA THR B 131 31.89 -27.55 -22.22
C THR B 131 31.19 -26.20 -22.24
N GLY B 132 30.07 -26.14 -22.96
CA GLY B 132 29.26 -24.94 -23.03
C GLY B 132 27.98 -25.13 -22.24
N VAL B 133 27.51 -24.05 -21.64
CA VAL B 133 26.30 -24.04 -20.81
C VAL B 133 25.26 -23.18 -21.51
N TYR B 134 24.06 -23.73 -21.69
CA TYR B 134 23.00 -23.10 -22.47
C TYR B 134 21.70 -23.08 -21.67
N ILE B 135 21.77 -22.60 -20.43
CA ILE B 135 20.56 -22.50 -19.61
C ILE B 135 19.54 -21.59 -20.29
N GLY B 136 18.27 -21.98 -20.21
CA GLY B 136 17.19 -21.15 -20.68
C GLY B 136 16.26 -20.74 -19.55
N VAL B 137 16.28 -19.46 -19.19
CA VAL B 137 15.47 -18.93 -18.11
C VAL B 137 14.90 -17.58 -18.53
N SER B 138 13.65 -17.33 -18.17
CA SER B 138 12.98 -16.08 -18.53
C SER B 138 12.35 -15.42 -17.30
N ASN B 139 12.00 -16.21 -16.29
CA ASN B 139 11.35 -15.67 -15.11
C ASN B 139 12.35 -14.82 -14.31
N ASN B 140 11.94 -13.60 -13.98
CA ASN B 140 12.75 -12.68 -13.19
C ASN B 140 11.90 -12.02 -12.11
N GLU B 141 10.97 -12.79 -11.54
CA GLU B 141 10.04 -12.25 -10.57
C GLU B 141 10.66 -12.03 -9.20
N VAL B 142 11.79 -12.68 -8.90
CA VAL B 142 12.42 -12.52 -7.60
C VAL B 142 13.09 -11.18 -7.45
N ASP B 143 13.26 -10.44 -8.55
CA ASP B 143 13.89 -9.13 -8.49
C ASP B 143 12.96 -8.10 -7.84
N THR B 144 11.67 -8.15 -8.17
CA THR B 144 10.73 -7.19 -7.60
C THR B 144 10.53 -7.42 -6.11
N ALA B 145 10.33 -8.67 -5.70
CA ALA B 145 10.12 -8.96 -4.29
C ALA B 145 11.33 -8.56 -3.47
N TYR B 146 12.54 -8.87 -3.95
CA TYR B 146 13.75 -8.54 -3.20
C TYR B 146 14.05 -7.04 -3.23
N MET B 147 13.44 -6.29 -4.16
CA MET B 147 13.67 -4.86 -4.29
C MET B 147 12.58 -4.02 -3.61
N LYS B 148 11.46 -4.62 -3.22
CA LYS B 148 10.41 -3.84 -2.56
C LYS B 148 10.93 -3.23 -1.27
N ASN B 149 11.78 -3.96 -0.55
CA ASN B 149 12.36 -3.51 0.72
C ASN B 149 13.87 -3.61 0.67
N TRP B 150 14.45 -3.09 -0.41
CA TRP B 150 15.89 -3.20 -0.61
C TRP B 150 16.66 -2.56 0.54
N THR B 151 17.73 -3.23 0.96
CA THR B 151 18.62 -2.72 1.98
C THR B 151 20.05 -3.09 1.59
N ASP B 152 21.02 -2.47 2.26
CA ASP B 152 22.41 -2.79 2.01
C ASP B 152 22.66 -4.29 2.26
N ASP B 153 23.72 -4.79 1.65
CA ASP B 153 24.14 -6.19 1.60
C ASP B 153 23.34 -6.98 0.56
N ASP B 154 22.34 -6.38 -0.08
CA ASP B 154 21.58 -7.04 -1.14
C ASP B 154 22.22 -6.85 -2.50
N ALA B 155 23.33 -6.12 -2.57
CA ALA B 155 23.99 -5.91 -3.84
C ALA B 155 24.41 -7.21 -4.51
N TYR B 156 24.70 -8.25 -3.74
CA TYR B 156 25.12 -9.55 -4.29
C TYR B 156 24.09 -10.19 -5.21
N MET B 157 22.91 -9.61 -5.36
CA MET B 157 21.94 -10.12 -6.32
C MET B 157 22.46 -10.04 -7.75
N VAL B 158 23.34 -9.08 -8.04
CA VAL B 158 23.83 -8.91 -9.39
C VAL B 158 24.54 -10.19 -9.85
N GLN B 159 25.30 -10.81 -8.95
CA GLN B 159 26.07 -12.01 -9.26
C GLN B 159 25.30 -13.29 -8.95
N GLY B 160 24.10 -13.19 -8.39
CA GLY B 160 23.32 -14.36 -8.05
C GLY B 160 21.88 -14.32 -8.54
N CYS B 161 21.45 -13.15 -9.02
CA CYS B 161 20.08 -12.97 -9.48
C CYS B 161 19.96 -12.69 -10.96
N HIS B 162 21.00 -12.15 -11.60
CA HIS B 162 20.94 -11.84 -13.01
C HIS B 162 20.79 -13.11 -13.83
N HIS B 163 19.96 -13.04 -14.88
CA HIS B 163 19.72 -14.22 -15.70
C HIS B 163 20.98 -14.69 -16.40
N SER B 164 21.90 -13.77 -16.72
CA SER B 164 23.16 -14.16 -17.33
C SER B 164 24.03 -14.99 -16.40
N MET B 165 23.72 -15.03 -15.11
CA MET B 165 24.50 -15.78 -14.12
C MET B 165 24.05 -17.22 -13.95
N TYR B 166 23.02 -17.67 -14.66
CA TYR B 166 22.61 -19.07 -14.53
C TYR B 166 23.63 -19.99 -15.19
N PRO B 167 23.95 -19.82 -16.47
CA PRO B 167 24.99 -20.68 -17.07
C PRO B 167 26.39 -20.35 -16.57
N ASN B 168 26.68 -19.07 -16.35
CA ASN B 168 28.03 -18.65 -15.97
C ASN B 168 28.45 -19.29 -14.65
N TRP B 169 27.56 -19.29 -13.65
CA TRP B 169 27.87 -19.94 -12.39
C TRP B 169 28.20 -21.41 -12.61
N ILE B 170 27.43 -22.08 -13.47
CA ILE B 170 27.73 -23.46 -13.83
C ILE B 170 29.13 -23.54 -14.45
N SER B 171 29.46 -22.58 -15.32
CA SER B 171 30.81 -22.52 -15.87
C SER B 171 31.84 -22.25 -14.79
N PHE B 172 31.52 -21.34 -13.86
CA PHE B 172 32.48 -20.98 -12.81
C PHE B 172 32.72 -22.13 -11.84
N PHE B 173 31.64 -22.78 -11.38
CA PHE B 173 31.79 -23.84 -10.40
C PHE B 173 32.48 -25.06 -11.01
N PHE B 174 31.98 -25.54 -12.14
CA PHE B 174 32.54 -26.73 -12.77
C PHE B 174 33.78 -26.43 -13.60
N ASP B 175 34.16 -25.16 -13.73
CA ASP B 175 35.38 -24.75 -14.42
C ASP B 175 35.29 -25.01 -15.93
N PHE B 176 34.10 -24.88 -16.50
CA PHE B 176 33.96 -25.00 -17.94
C PHE B 176 34.56 -23.79 -18.64
N SER B 177 35.02 -24.01 -19.88
CA SER B 177 35.66 -22.98 -20.68
C SER B 177 35.04 -22.94 -22.07
N GLY B 178 33.71 -22.95 -22.13
CA GLY B 178 33.00 -22.90 -23.37
C GLY B 178 31.90 -21.86 -23.34
N PRO B 179 31.30 -21.58 -24.51
CA PRO B 179 30.24 -20.57 -24.57
C PRO B 179 29.15 -20.79 -23.52
N SER B 180 29.01 -19.83 -22.61
CA SER B 180 27.98 -19.86 -21.57
C SER B 180 27.00 -18.73 -21.84
N THR B 181 25.80 -19.07 -22.28
CA THR B 181 24.80 -18.08 -22.68
C THR B 181 23.44 -18.45 -22.10
N ALA B 182 22.62 -17.43 -21.88
CA ALA B 182 21.25 -17.59 -21.41
C ALA B 182 20.28 -17.25 -22.54
N TYR B 183 19.25 -18.07 -22.69
CA TYR B 183 18.28 -17.94 -23.77
C TYR B 183 16.90 -17.69 -23.19
N ASN B 184 16.10 -16.91 -23.93
CA ASN B 184 14.72 -16.61 -23.54
C ASN B 184 13.88 -16.59 -24.82
N THR B 185 13.25 -17.74 -25.11
CA THR B 185 12.39 -17.88 -26.29
C THR B 185 10.95 -18.19 -25.89
N ALA B 186 10.63 -18.09 -24.59
CA ALA B 186 9.31 -18.39 -24.06
C ALA B 186 9.12 -19.90 -23.93
N CYS B 187 7.96 -20.41 -24.35
CA CYS B 187 7.64 -21.82 -24.13
C CYS B 187 8.49 -22.77 -24.96
N SER B 188 9.30 -22.27 -25.89
CA SER B 188 10.17 -23.12 -26.69
C SER B 188 11.63 -22.71 -26.56
N THR B 189 12.08 -22.47 -25.33
CA THR B 189 13.46 -22.07 -25.09
C THR B 189 14.39 -23.27 -24.90
N SER B 190 13.90 -24.35 -24.28
CA SER B 190 14.76 -25.49 -24.01
C SER B 190 15.29 -26.11 -25.30
N LEU B 191 14.43 -26.27 -26.31
CA LEU B 191 14.89 -26.79 -27.58
C LEU B 191 15.72 -25.79 -28.36
N VAL B 192 15.57 -24.50 -28.09
CA VAL B 192 16.46 -23.51 -28.70
C VAL B 192 17.86 -23.66 -28.16
N CYS B 193 18.00 -23.90 -26.86
CA CYS B 193 19.31 -24.16 -26.28
C CYS B 193 19.91 -25.45 -26.83
N LEU B 194 19.06 -26.48 -27.02
CA LEU B 194 19.54 -27.71 -27.64
C LEU B 194 20.05 -27.45 -29.04
N ASP B 195 19.35 -26.62 -29.81
CA ASP B 195 19.84 -26.26 -31.13
C ASP B 195 21.19 -25.59 -31.06
N ALA B 196 21.35 -24.64 -30.14
CA ALA B 196 22.64 -23.95 -30.00
C ALA B 196 23.74 -24.93 -29.63
N ALA B 197 23.45 -25.86 -28.72
CA ALA B 197 24.45 -26.86 -28.33
C ALA B 197 24.85 -27.72 -29.52
N GLU B 198 23.89 -28.15 -30.33
CA GLU B 198 24.21 -28.90 -31.53
C GLU B 198 25.06 -28.07 -32.48
N ARG B 199 24.75 -26.78 -32.61
CA ARG B 199 25.52 -25.92 -33.49
C ARG B 199 26.96 -25.79 -33.01
N HIS B 200 27.16 -25.56 -31.71
CA HIS B 200 28.51 -25.35 -31.20
C HIS B 200 29.30 -26.65 -31.17
N LEU B 201 28.63 -27.76 -30.86
CA LEU B 201 29.32 -29.05 -30.86
C LEU B 201 29.83 -29.41 -32.23
N ARG B 202 29.02 -29.18 -33.27
CA ARG B 202 29.39 -29.57 -34.62
C ARG B 202 30.49 -28.68 -35.20
N MET B 203 30.60 -27.44 -34.73
CA MET B 203 31.65 -26.55 -35.22
C MET B 203 33.02 -26.88 -34.60
N GLY B 204 33.04 -27.55 -33.46
CA GLY B 204 34.28 -27.96 -32.81
C GLY B 204 34.69 -27.11 -31.64
N VAL B 205 33.90 -26.11 -31.25
CA VAL B 205 34.29 -25.27 -30.12
C VAL B 205 34.21 -26.06 -28.81
N ILE B 206 33.21 -26.94 -28.68
CA ILE B 206 32.95 -27.63 -27.43
C ILE B 206 32.87 -29.13 -27.69
N ASP B 207 33.07 -29.90 -26.61
CA ASP B 207 32.89 -31.33 -26.64
C ASP B 207 31.68 -31.80 -25.83
N ASN B 208 31.16 -30.96 -24.93
CA ASN B 208 30.00 -31.30 -24.13
C ASN B 208 29.07 -30.09 -24.07
N ALA B 209 27.86 -30.32 -23.57
CA ALA B 209 26.89 -29.25 -23.41
C ALA B 209 26.02 -29.53 -22.19
N ILE B 210 25.60 -28.46 -21.52
CA ILE B 210 24.83 -28.55 -20.28
C ILE B 210 23.45 -27.95 -20.51
N VAL B 211 22.91 -28.13 -21.71
CA VAL B 211 21.60 -27.60 -22.08
C VAL B 211 20.60 -27.86 -20.97
N GLY B 212 19.86 -26.84 -20.58
CA GLY B 212 18.88 -26.99 -19.52
C GLY B 212 18.02 -25.76 -19.39
N GLY B 213 17.31 -25.68 -18.27
CA GLY B 213 16.43 -24.55 -18.00
C GLY B 213 15.54 -24.79 -16.80
N SER B 214 15.20 -23.70 -16.10
CA SER B 214 14.37 -23.78 -14.90
C SER B 214 13.27 -22.73 -14.98
N ASN B 215 12.16 -23.02 -14.30
CA ASN B 215 11.02 -22.10 -14.28
C ASN B 215 10.22 -22.35 -13.00
N PHE B 216 10.17 -21.36 -12.12
CA PHE B 216 9.41 -21.43 -10.89
C PHE B 216 8.45 -20.25 -10.82
N ILE B 217 7.25 -20.49 -10.29
CA ILE B 217 6.21 -19.47 -10.21
C ILE B 217 6.26 -18.83 -8.84
N TYR B 218 6.28 -17.48 -8.81
CA TYR B 218 6.42 -16.76 -7.55
C TYR B 218 5.35 -15.67 -7.38
N ARG B 219 4.90 -15.08 -8.50
CA ARG B 219 4.01 -13.92 -8.44
C ARG B 219 2.62 -14.30 -8.92
N PRO B 220 1.59 -14.28 -8.06
CA PRO B 220 0.24 -14.55 -8.56
C PRO B 220 -0.23 -13.56 -9.60
N ALA B 221 0.22 -12.31 -9.52
CA ALA B 221 -0.18 -11.32 -10.52
C ALA B 221 0.24 -11.73 -11.92
N THR B 222 1.35 -12.46 -12.04
CA THR B 222 1.74 -13.02 -13.34
C THR B 222 0.68 -14.00 -13.83
N THR B 223 0.17 -14.85 -12.93
CA THR B 223 -0.90 -15.75 -13.30
C THR B 223 -2.15 -14.98 -13.73
N LYS B 224 -2.48 -13.91 -13.01
CA LYS B 224 -3.59 -13.05 -13.40
C LYS B 224 -3.34 -12.45 -14.78
N LEU B 225 -2.10 -12.02 -15.04
CA LEU B 225 -1.78 -11.44 -16.33
C LEU B 225 -1.98 -12.46 -17.45
N PHE B 226 -1.56 -13.71 -17.23
CA PHE B 226 -1.78 -14.75 -18.23
C PHE B 226 -3.27 -15.04 -18.40
N MET B 227 -4.03 -15.00 -17.31
CA MET B 227 -5.46 -15.24 -17.39
C MET B 227 -6.15 -14.20 -18.26
N GLY B 228 -5.77 -12.93 -18.10
CA GLY B 228 -6.40 -11.86 -18.86
C GLY B 228 -6.28 -12.05 -20.36
N MET B 229 -5.32 -12.85 -20.81
CA MET B 229 -5.15 -13.15 -22.22
C MET B 229 -5.81 -14.46 -22.65
N ASN B 230 -6.55 -15.11 -21.76
CA ASN B 230 -7.25 -16.36 -22.06
C ASN B 230 -6.27 -17.53 -22.22
N PHE B 231 -5.03 -17.38 -21.75
CA PHE B 231 -4.06 -18.44 -21.89
C PHE B 231 -4.44 -19.66 -21.06
N LEU B 232 -4.83 -19.44 -19.81
CA LEU B 232 -5.09 -20.54 -18.88
C LEU B 232 -6.52 -21.03 -19.02
N GLY B 233 -6.72 -22.31 -18.67
CA GLY B 233 -8.04 -22.92 -18.67
C GLY B 233 -8.56 -23.15 -17.27
N SER B 234 -9.67 -23.89 -17.20
CA SER B 234 -10.29 -24.18 -15.91
C SER B 234 -9.62 -25.35 -15.21
N SER B 235 -9.62 -26.52 -15.86
CA SER B 235 -9.08 -27.74 -15.27
C SER B 235 -7.67 -27.99 -15.81
N THR B 236 -7.13 -29.16 -15.49
CA THR B 236 -5.80 -29.53 -15.98
C THR B 236 -5.79 -29.58 -17.49
N CYS B 237 -4.58 -29.51 -18.05
CA CYS B 237 -4.41 -29.53 -19.50
C CYS B 237 -5.09 -30.75 -20.11
N LYS B 238 -6.12 -30.51 -20.91
CA LYS B 238 -6.84 -31.59 -21.59
C LYS B 238 -6.29 -31.75 -23.00
N ALA B 239 -5.07 -32.27 -23.07
CA ALA B 239 -4.38 -32.43 -24.35
C ALA B 239 -5.20 -33.33 -25.27
N PHE B 240 -5.39 -32.87 -26.49
CA PHE B 240 -6.13 -33.60 -27.52
C PHE B 240 -7.56 -33.91 -27.11
N ASP B 241 -8.09 -33.18 -26.14
CA ASP B 241 -9.46 -33.36 -25.65
C ASP B 241 -10.35 -32.27 -26.22
N GLU B 242 -11.58 -32.65 -26.59
CA GLU B 242 -12.52 -31.69 -27.16
C GLU B 242 -12.88 -30.59 -26.17
N SER B 243 -12.74 -30.84 -24.87
CA SER B 243 -13.08 -29.86 -23.85
C SER B 243 -11.91 -28.99 -23.43
N GLY B 244 -10.74 -29.15 -24.05
CA GLY B 244 -9.59 -28.35 -23.73
C GLY B 244 -9.84 -26.87 -23.91
N ASP B 245 -9.47 -26.07 -22.90
CA ASP B 245 -9.69 -24.63 -22.96
C ASP B 245 -8.49 -23.82 -22.46
N GLY B 246 -7.35 -24.46 -22.25
CA GLY B 246 -6.18 -23.75 -21.76
C GLY B 246 -5.22 -24.71 -21.10
N PHE B 247 -4.21 -24.13 -20.45
CA PHE B 247 -3.17 -24.89 -19.78
C PHE B 247 -3.04 -24.43 -18.34
N VAL B 248 -2.30 -25.21 -17.56
CA VAL B 248 -2.03 -24.92 -16.16
C VAL B 248 -0.53 -24.76 -15.98
N ARG B 249 -0.13 -23.72 -15.25
CA ARG B 249 1.29 -23.42 -15.10
C ARG B 249 1.99 -24.50 -14.28
N GLY B 250 3.25 -24.74 -14.60
CA GLY B 250 4.04 -25.75 -13.91
C GLY B 250 5.42 -25.23 -13.57
N GLU B 251 6.16 -26.04 -12.82
CA GLU B 251 7.50 -25.69 -12.37
C GLU B 251 8.47 -26.81 -12.72
N VAL B 252 9.63 -26.44 -13.26
CA VAL B 252 10.66 -27.40 -13.62
C VAL B 252 12.03 -26.75 -13.42
N ALA B 253 13.02 -27.58 -13.11
CA ALA B 253 14.40 -27.13 -12.98
C ALA B 253 15.34 -28.16 -13.60
N SER B 254 14.95 -28.71 -14.75
CA SER B 254 15.68 -29.82 -15.35
C SER B 254 16.90 -29.33 -16.12
N ALA B 255 17.81 -30.27 -16.37
CA ALA B 255 19.01 -30.02 -17.17
C ALA B 255 19.52 -31.35 -17.70
N ILE B 256 20.21 -31.29 -18.84
CA ILE B 256 20.74 -32.49 -19.49
C ILE B 256 22.20 -32.23 -19.88
N LEU B 257 22.92 -33.32 -20.10
CA LEU B 257 24.30 -33.28 -20.54
C LEU B 257 24.42 -33.98 -21.88
N LEU B 258 25.06 -33.32 -22.84
CA LEU B 258 25.32 -33.87 -24.16
C LEU B 258 26.81 -34.06 -24.35
N LYS B 259 27.18 -35.15 -25.03
CA LYS B 259 28.58 -35.45 -25.27
C LYS B 259 28.71 -36.14 -26.62
N LYS B 260 29.92 -36.09 -27.17
CA LYS B 260 30.22 -36.85 -28.37
C LYS B 260 30.06 -38.34 -28.08
N ALA B 261 29.38 -39.05 -28.99
CA ALA B 261 29.03 -40.44 -28.73
C ALA B 261 30.27 -41.30 -28.49
N ASP B 262 31.40 -40.92 -29.08
CA ASP B 262 32.61 -41.73 -28.95
C ASP B 262 33.22 -41.65 -27.55
N THR B 263 32.99 -40.56 -26.83
CA THR B 263 33.57 -40.35 -25.51
C THR B 263 32.55 -40.40 -24.39
N ALA B 264 31.37 -40.95 -24.64
CA ALA B 264 30.30 -41.00 -23.66
C ALA B 264 30.32 -42.33 -22.91
N LYS B 265 30.27 -42.26 -21.58
CA LYS B 265 30.22 -43.45 -20.75
C LYS B 265 28.80 -43.95 -20.53
N ARG B 266 27.79 -43.19 -20.94
CA ARG B 266 26.40 -43.61 -20.87
C ARG B 266 25.64 -42.84 -21.94
N VAL B 267 24.82 -43.55 -22.72
CA VAL B 267 24.10 -42.97 -23.86
C VAL B 267 22.64 -43.35 -23.72
N TYR B 268 21.83 -42.39 -23.25
CA TYR B 268 20.38 -42.60 -23.25
C TYR B 268 19.84 -42.69 -24.67
N CYS B 269 20.34 -41.84 -25.57
CA CYS B 269 19.87 -41.79 -26.94
C CYS B 269 20.88 -40.95 -27.74
N THR B 270 20.57 -40.71 -29.01
CA THR B 270 21.41 -39.92 -29.89
C THR B 270 20.58 -38.77 -30.48
N LEU B 271 21.18 -37.60 -30.58
CA LEU B 271 20.52 -36.42 -31.12
C LEU B 271 20.71 -36.43 -32.64
N VAL B 272 19.68 -36.89 -33.35
CA VAL B 272 19.76 -36.91 -34.81
C VAL B 272 19.88 -35.49 -35.36
N GLY B 273 19.08 -34.56 -34.83
CA GLY B 273 19.13 -33.19 -35.26
C GLY B 273 17.98 -32.35 -34.74
N SER B 274 18.24 -31.05 -34.56
CA SER B 274 17.22 -30.12 -34.12
C SER B 274 17.35 -28.83 -34.92
N MET B 275 16.22 -28.16 -35.16
CA MET B 275 16.22 -26.91 -35.89
C MET B 275 15.09 -26.03 -35.38
N LEU B 276 15.11 -24.77 -35.81
CA LEU B 276 14.16 -23.76 -35.37
C LEU B 276 13.70 -22.94 -36.57
N ASN B 277 12.52 -22.34 -36.43
CA ASN B 277 11.98 -21.46 -37.46
C ASN B 277 10.96 -20.53 -36.81
N ASN B 278 10.46 -19.59 -37.62
CA ASN B 278 9.50 -18.61 -37.15
C ASN B 278 8.28 -18.61 -38.05
N ASP B 279 7.18 -18.05 -37.53
CA ASP B 279 5.91 -18.04 -38.25
C ASP B 279 5.80 -16.86 -39.22
N GLY B 280 6.26 -15.69 -38.82
CA GLY B 280 6.16 -14.52 -39.67
C GLY B 280 4.91 -13.70 -39.38
N ASN B 281 4.50 -12.94 -40.39
CA ASN B 281 3.34 -12.04 -40.28
C ASN B 281 2.09 -12.85 -40.59
N GLN B 282 1.49 -13.41 -39.54
CA GLN B 282 0.23 -14.13 -39.67
C GLN B 282 -0.93 -13.20 -39.36
N THR B 283 -2.04 -13.41 -40.07
CA THR B 283 -3.20 -12.53 -39.95
C THR B 283 -4.04 -12.82 -38.71
N ASN B 284 -3.75 -13.91 -37.99
CA ASN B 284 -4.53 -14.31 -36.83
C ASN B 284 -3.95 -13.77 -35.52
N GLY B 285 -2.94 -12.91 -35.60
CA GLY B 285 -2.33 -12.34 -34.41
C GLY B 285 -0.98 -12.98 -34.11
N ILE B 286 -0.17 -12.25 -33.33
CA ILE B 286 1.16 -12.74 -32.99
C ILE B 286 1.06 -13.97 -32.09
N LEU B 287 0.08 -13.99 -31.18
CA LEU B 287 -0.12 -15.14 -30.30
C LEU B 287 -1.09 -16.13 -30.94
N TYR B 288 -0.71 -16.62 -32.12
CA TYR B 288 -1.50 -17.62 -32.82
C TYR B 288 -0.54 -18.60 -33.49
N PRO B 289 -0.69 -19.90 -33.27
CA PRO B 289 0.20 -20.86 -33.93
C PRO B 289 0.03 -20.85 -35.44
N ASN B 290 1.12 -21.10 -36.14
CA ASN B 290 1.14 -21.15 -37.59
C ASN B 290 1.38 -22.60 -38.01
N SER B 291 0.32 -23.26 -38.49
CA SER B 291 0.45 -24.65 -38.91
C SER B 291 1.44 -24.80 -40.04
N GLU B 292 1.42 -23.88 -41.00
CA GLU B 292 2.32 -23.95 -42.14
C GLU B 292 3.78 -23.86 -41.68
N ALA B 293 4.08 -22.96 -40.75
CA ALA B 293 5.44 -22.80 -40.27
C ALA B 293 5.93 -24.08 -39.60
N GLN B 294 5.11 -24.67 -38.74
CA GLN B 294 5.50 -25.91 -38.07
C GLN B 294 5.66 -27.04 -39.08
N GLU B 295 4.76 -27.13 -40.04
CA GLU B 295 4.86 -28.17 -41.06
C GLU B 295 6.13 -28.00 -41.88
N GLN B 296 6.44 -26.76 -42.27
CA GLN B 296 7.68 -26.52 -43.03
C GLN B 296 8.90 -26.88 -42.19
N LEU B 297 8.90 -26.53 -40.91
CA LEU B 297 10.01 -26.89 -40.04
C LEU B 297 10.18 -28.39 -39.96
N MET B 298 9.08 -29.12 -39.82
CA MET B 298 9.15 -30.58 -39.78
C MET B 298 9.67 -31.13 -41.10
N THR B 299 9.17 -30.62 -42.22
CA THR B 299 9.63 -31.10 -43.51
C THR B 299 11.12 -30.84 -43.70
N ASP B 300 11.59 -29.67 -43.27
CA ASP B 300 13.01 -29.35 -43.41
C ASP B 300 13.87 -30.27 -42.57
N ILE B 301 13.46 -30.57 -41.34
CA ILE B 301 14.29 -31.37 -40.45
C ILE B 301 14.34 -32.82 -40.90
N TYR B 302 13.20 -33.35 -41.36
CA TYR B 302 13.18 -34.73 -41.85
C TYR B 302 13.80 -34.87 -43.23
N SER B 303 14.02 -33.76 -43.94
CA SER B 303 14.63 -33.80 -45.26
C SER B 303 16.13 -33.51 -45.21
N THR B 304 16.55 -32.58 -44.35
CA THR B 304 17.97 -32.25 -44.26
C THR B 304 18.78 -33.45 -43.78
N HIS B 305 18.26 -34.19 -42.80
CA HIS B 305 18.94 -35.36 -42.27
C HIS B 305 18.56 -36.64 -43.01
N LYS B 306 17.72 -36.55 -44.04
CA LYS B 306 17.30 -37.71 -44.82
C LYS B 306 16.60 -38.76 -43.95
N ILE B 307 15.96 -38.30 -42.87
CA ILE B 307 15.27 -39.21 -41.96
C ILE B 307 13.91 -39.54 -42.55
N ASP B 308 13.62 -40.83 -42.68
CA ASP B 308 12.31 -41.27 -43.15
C ASP B 308 11.27 -40.96 -42.07
N ALA B 309 10.41 -39.98 -42.34
CA ALA B 309 9.43 -39.57 -41.37
C ALA B 309 8.50 -40.70 -40.94
N ASN B 310 8.33 -41.72 -41.80
CA ASN B 310 7.50 -42.85 -41.45
C ASN B 310 8.13 -43.74 -40.39
N GLU B 311 9.40 -43.52 -40.04
CA GLU B 311 10.09 -44.32 -39.05
C GLU B 311 9.81 -43.86 -37.62
N VAL B 312 9.18 -42.70 -37.44
CA VAL B 312 8.93 -42.20 -36.09
C VAL B 312 7.95 -43.12 -35.38
N LYS B 313 8.32 -43.54 -34.17
CA LYS B 313 7.46 -44.42 -33.38
C LYS B 313 6.58 -43.63 -32.41
N TYR B 314 7.18 -42.71 -31.66
CA TYR B 314 6.47 -41.88 -30.70
C TYR B 314 6.71 -40.41 -31.02
N PHE B 315 5.68 -39.59 -30.80
CA PHE B 315 5.73 -38.16 -31.09
C PHE B 315 5.36 -37.39 -29.83
N GLU B 316 6.34 -36.73 -29.24
CA GLU B 316 6.11 -35.87 -28.07
C GLU B 316 5.60 -34.54 -28.57
N CYS B 317 4.28 -34.35 -28.56
CA CYS B 317 3.68 -33.14 -29.07
C CYS B 317 3.66 -32.06 -28.00
N HIS B 318 3.57 -30.81 -28.46
CA HIS B 318 3.43 -29.65 -27.57
C HIS B 318 1.95 -29.45 -27.25
N GLY B 319 1.43 -30.35 -26.44
CA GLY B 319 0.01 -30.37 -26.13
C GLY B 319 -0.40 -29.37 -25.07
N THR B 320 -0.44 -28.09 -25.43
CA THR B 320 -0.85 -27.06 -24.48
C THR B 320 -2.29 -27.26 -24.03
N GLY B 321 -3.12 -27.90 -24.86
CA GLY B 321 -4.51 -28.14 -24.54
C GLY B 321 -5.48 -27.06 -24.99
N THR B 322 -5.01 -26.03 -25.69
CA THR B 322 -5.89 -24.97 -26.16
C THR B 322 -6.64 -25.44 -27.41
N GLN B 323 -7.72 -24.72 -27.72
CA GLN B 323 -8.53 -25.01 -28.88
C GLN B 323 -7.89 -24.54 -30.18
N ALA B 324 -6.87 -23.69 -30.11
CA ALA B 324 -6.19 -23.19 -31.30
C ALA B 324 -4.80 -23.76 -31.49
N GLY B 325 -4.23 -24.42 -30.49
CA GLY B 325 -2.90 -24.98 -30.59
C GLY B 325 -2.88 -26.43 -31.00
N ASP B 326 -3.68 -27.25 -30.33
CA ASP B 326 -3.70 -28.68 -30.64
C ASP B 326 -4.12 -28.96 -32.07
N PRO B 327 -5.22 -28.38 -32.59
CA PRO B 327 -5.61 -28.70 -33.98
C PRO B 327 -4.53 -28.38 -35.00
N ASN B 328 -3.86 -27.23 -34.87
CA ASN B 328 -2.84 -26.86 -35.85
C ASN B 328 -1.61 -27.75 -35.73
N GLU B 329 -1.18 -28.04 -34.50
CA GLU B 329 -0.03 -28.93 -34.32
C GLU B 329 -0.32 -30.31 -34.88
N THR B 330 -1.52 -30.84 -34.61
CA THR B 330 -1.88 -32.15 -35.13
C THR B 330 -1.94 -32.15 -36.66
N ARG B 331 -2.49 -31.07 -37.24
CA ARG B 331 -2.55 -30.98 -38.69
C ARG B 331 -1.15 -30.96 -39.29
N ALA B 332 -0.24 -30.19 -38.69
CA ALA B 332 1.14 -30.15 -39.18
C ALA B 332 1.81 -31.52 -39.06
N ILE B 333 1.60 -32.20 -37.92
CA ILE B 333 2.17 -33.52 -37.75
C ILE B 333 1.61 -34.50 -38.77
N CYS B 334 0.30 -34.43 -39.01
CA CYS B 334 -0.33 -35.33 -39.98
C CYS B 334 0.22 -35.08 -41.37
N ASN B 335 0.42 -33.81 -41.74
CA ASN B 335 0.88 -33.49 -43.10
C ASN B 335 2.35 -33.81 -43.29
N ALA B 336 3.16 -33.74 -42.23
CA ALA B 336 4.61 -33.86 -42.34
C ALA B 336 5.11 -35.27 -42.03
N VAL B 337 4.61 -35.90 -40.98
CA VAL B 337 5.17 -37.15 -40.50
C VAL B 337 4.24 -38.35 -40.73
N CYS B 338 2.95 -38.13 -40.91
CA CYS B 338 2.01 -39.23 -41.13
C CYS B 338 1.79 -39.53 -42.59
N LYS B 339 2.47 -38.84 -43.50
CA LYS B 339 2.31 -39.08 -44.93
C LYS B 339 3.11 -40.33 -45.30
N GLY B 340 2.40 -41.41 -45.62
CA GLY B 340 3.00 -42.68 -45.96
C GLY B 340 2.99 -43.71 -44.85
N LYS B 341 2.74 -43.29 -43.61
CA LYS B 341 2.67 -44.23 -42.51
C LYS B 341 1.51 -45.20 -42.71
N LYS B 342 1.78 -46.49 -42.54
CA LYS B 342 0.77 -47.53 -42.69
C LYS B 342 0.11 -47.90 -41.37
N ASP B 343 0.52 -47.30 -40.26
CA ASP B 343 -0.04 -47.57 -38.95
C ASP B 343 -0.24 -46.25 -38.21
N PRO B 344 -1.13 -46.21 -37.23
CA PRO B 344 -1.33 -44.97 -36.48
C PRO B 344 -0.04 -44.52 -35.79
N LEU B 345 0.17 -43.22 -35.76
CA LEU B 345 1.35 -42.62 -35.15
C LEU B 345 1.00 -42.23 -33.72
N LEU B 346 1.72 -42.79 -32.75
CA LEU B 346 1.41 -42.58 -31.34
C LEU B 346 1.89 -41.19 -30.93
N ILE B 347 0.95 -40.31 -30.62
CA ILE B 347 1.26 -38.97 -30.16
C ILE B 347 1.07 -38.92 -28.65
N GLY B 348 1.68 -37.94 -28.02
CA GLY B 348 1.54 -37.76 -26.59
C GLY B 348 2.18 -36.47 -26.15
N SER B 349 1.99 -36.15 -24.87
CA SER B 349 2.53 -34.94 -24.29
C SER B 349 2.74 -35.15 -22.81
N ILE B 350 3.60 -34.31 -22.22
CA ILE B 350 3.87 -34.33 -20.80
C ILE B 350 3.20 -33.15 -20.10
N LYS B 351 2.24 -32.51 -20.76
CA LYS B 351 1.53 -31.38 -20.19
C LYS B 351 0.24 -31.76 -19.49
N SER B 352 -0.40 -32.85 -19.92
CA SER B 352 -1.57 -33.35 -19.21
C SER B 352 -1.22 -34.02 -17.89
N ASN B 353 0.06 -34.30 -17.66
CA ASN B 353 0.52 -34.93 -16.42
C ASN B 353 0.96 -33.89 -15.39
N LEU B 354 1.77 -32.92 -15.79
CA LEU B 354 2.28 -31.91 -14.88
C LEU B 354 1.94 -30.48 -15.31
N GLY B 355 1.14 -30.31 -16.36
CA GLY B 355 0.81 -28.98 -16.81
C GLY B 355 1.87 -28.38 -17.71
N HIS B 356 1.77 -27.07 -17.89
CA HIS B 356 2.63 -26.33 -18.81
C HIS B 356 3.74 -25.66 -18.01
N GLY B 357 4.99 -26.00 -18.34
CA GLY B 357 6.15 -25.48 -17.64
C GLY B 357 6.65 -24.14 -18.10
N GLU B 358 5.98 -23.54 -19.09
CA GLU B 358 6.34 -22.23 -19.64
C GLU B 358 7.74 -22.35 -20.22
N THR B 359 8.76 -21.66 -19.70
CA THR B 359 10.09 -21.68 -20.29
C THR B 359 10.80 -23.01 -20.11
N ALA B 360 10.15 -24.01 -19.50
CA ALA B 360 10.74 -25.32 -19.29
C ALA B 360 9.84 -26.42 -19.85
N SER B 361 9.08 -26.12 -20.89
CA SER B 361 8.26 -27.14 -21.54
C SER B 361 9.11 -28.07 -22.40
N GLY B 362 10.09 -27.52 -23.13
CA GLY B 362 10.93 -28.36 -23.95
C GLY B 362 11.78 -29.31 -23.14
N ILE B 363 12.32 -28.84 -22.01
CA ILE B 363 13.08 -29.73 -21.14
C ILE B 363 12.17 -30.81 -20.58
N ASN B 364 10.91 -30.48 -20.33
CA ASN B 364 9.93 -31.47 -19.89
C ASN B 364 9.77 -32.56 -20.95
N GLY B 365 9.62 -32.16 -22.21
CA GLY B 365 9.50 -33.14 -23.27
C GLY B 365 10.76 -33.98 -23.43
N ILE B 366 11.92 -33.35 -23.28
CA ILE B 366 13.17 -34.11 -23.33
C ILE B 366 13.21 -35.12 -22.20
N SER B 367 12.79 -34.72 -20.99
CA SER B 367 12.79 -35.63 -19.86
C SER B 367 11.89 -36.82 -20.11
N LYS B 368 10.67 -36.57 -20.61
CA LYS B 368 9.77 -37.68 -20.91
C LYS B 368 10.34 -38.58 -22.00
N VAL B 369 10.99 -38.00 -23.01
CA VAL B 369 11.53 -38.81 -24.08
C VAL B 369 12.67 -39.68 -23.55
N ILE B 370 13.57 -39.10 -22.76
CA ILE B 370 14.66 -39.88 -22.19
C ILE B 370 14.13 -40.92 -21.20
N ILE B 371 12.94 -40.71 -20.65
CA ILE B 371 12.33 -41.72 -19.78
C ILE B 371 11.66 -42.81 -20.60
N THR B 372 11.00 -42.42 -21.69
CA THR B 372 10.37 -43.41 -22.57
C THR B 372 11.41 -44.33 -23.20
N MET B 373 12.53 -43.76 -23.63
CA MET B 373 13.58 -44.51 -24.30
C MET B 373 14.51 -45.24 -23.33
N HIS B 374 14.45 -44.91 -22.03
CA HIS B 374 15.21 -45.63 -21.02
C HIS B 374 14.41 -46.80 -20.47
N SER B 375 13.17 -46.54 -20.02
CA SER B 375 12.27 -47.61 -19.62
C SER B 375 11.69 -48.37 -20.80
N ARG B 376 11.85 -47.85 -22.01
CA ARG B 376 11.36 -48.48 -23.24
C ARG B 376 9.84 -48.62 -23.23
N GLN B 377 9.15 -47.81 -22.45
CA GLN B 377 7.69 -47.80 -22.39
C GLN B 377 7.20 -46.37 -22.49
N ILE B 378 6.15 -46.16 -23.27
CA ILE B 378 5.57 -44.83 -23.48
C ILE B 378 4.67 -44.50 -22.29
N PRO B 379 4.93 -43.44 -21.54
CA PRO B 379 4.06 -43.11 -20.42
C PRO B 379 2.66 -42.80 -20.90
N PRO B 380 1.65 -43.10 -20.09
CA PRO B 380 0.26 -42.81 -20.50
C PRO B 380 -0.02 -41.32 -20.54
N ASN B 381 -1.01 -40.96 -21.33
CA ASN B 381 -1.51 -39.60 -21.43
C ASN B 381 -2.81 -39.48 -20.64
N LEU B 382 -2.90 -38.47 -19.79
CA LEU B 382 -4.03 -38.30 -18.90
C LEU B 382 -5.06 -37.34 -19.49
N HIS B 383 -6.32 -37.54 -19.08
CA HIS B 383 -7.44 -36.65 -19.37
C HIS B 383 -7.87 -36.66 -20.83
N PHE B 384 -7.44 -37.65 -21.61
CA PHE B 384 -7.89 -37.78 -23.01
C PHE B 384 -9.12 -38.68 -23.01
N LYS B 385 -10.28 -38.08 -22.83
CA LYS B 385 -11.54 -38.82 -22.77
C LYS B 385 -12.21 -38.88 -24.14
N ASN B 386 -12.51 -37.72 -24.72
CA ASN B 386 -13.19 -37.64 -26.01
C ASN B 386 -12.28 -36.96 -27.01
N PRO B 387 -12.01 -37.57 -28.17
CA PRO B 387 -11.13 -36.94 -29.15
C PRO B 387 -11.68 -35.60 -29.63
N ASN B 388 -10.79 -34.67 -29.89
CA ASN B 388 -11.20 -33.35 -30.37
C ASN B 388 -11.84 -33.47 -31.74
N PRO B 389 -13.07 -32.98 -31.93
CA PRO B 389 -13.69 -33.08 -33.26
C PRO B 389 -12.94 -32.32 -34.33
N LYS B 390 -12.13 -31.34 -33.96
CA LYS B 390 -11.36 -30.57 -34.94
C LYS B 390 -10.06 -31.25 -35.33
N ILE B 391 -9.75 -32.41 -34.77
CA ILE B 391 -8.53 -33.15 -35.11
C ILE B 391 -8.94 -34.37 -35.92
N PRO B 392 -9.08 -34.26 -37.25
CA PRO B 392 -9.51 -35.42 -38.04
C PRO B 392 -8.54 -36.59 -37.98
N GLY B 393 -7.28 -36.36 -37.62
CA GLY B 393 -6.32 -37.45 -37.57
C GLY B 393 -6.71 -38.52 -36.57
N LEU B 394 -7.41 -38.14 -35.50
CA LEU B 394 -7.81 -39.11 -34.48
C LEU B 394 -8.93 -40.01 -34.94
N PHE B 395 -9.70 -39.60 -35.95
CA PHE B 395 -10.78 -40.43 -36.49
C PHE B 395 -10.40 -41.16 -37.77
N ASP B 396 -9.43 -40.64 -38.52
CA ASP B 396 -8.97 -41.30 -39.74
C ASP B 396 -7.97 -42.41 -39.47
N GLY B 397 -7.54 -42.59 -38.22
CA GLY B 397 -6.57 -43.62 -37.87
C GLY B 397 -5.12 -43.20 -38.03
N ARG B 398 -4.86 -41.98 -38.48
CA ARG B 398 -3.48 -41.54 -38.64
C ARG B 398 -2.84 -41.22 -37.29
N LEU B 399 -3.62 -40.68 -36.37
CA LEU B 399 -3.13 -40.31 -35.04
C LEU B 399 -3.79 -41.19 -33.98
N LYS B 400 -3.06 -41.42 -32.89
CA LYS B 400 -3.57 -42.25 -31.80
C LYS B 400 -2.87 -41.80 -30.51
N VAL B 401 -3.61 -41.13 -29.64
CA VAL B 401 -3.05 -40.70 -28.37
C VAL B 401 -2.76 -41.91 -27.50
N VAL B 402 -1.57 -41.94 -26.91
CA VAL B 402 -1.17 -43.05 -26.05
C VAL B 402 -1.78 -42.85 -24.67
N THR B 403 -2.98 -43.40 -24.47
CA THR B 403 -3.68 -43.27 -23.20
C THR B 403 -3.21 -44.27 -22.16
N GLU B 404 -2.46 -45.30 -22.55
CA GLU B 404 -1.97 -46.31 -21.63
C GLU B 404 -0.54 -46.68 -22.02
N THR B 405 0.17 -47.28 -21.08
CA THR B 405 1.56 -47.68 -21.30
C THR B 405 1.67 -48.51 -22.57
N THR B 406 2.50 -48.04 -23.51
CA THR B 406 2.70 -48.70 -24.78
C THR B 406 4.14 -49.16 -24.90
N PRO B 407 4.42 -50.40 -25.32
CA PRO B 407 5.81 -50.89 -25.37
C PRO B 407 6.61 -50.38 -26.56
N PHE B 408 7.17 -49.18 -26.40
CA PHE B 408 8.07 -48.63 -27.41
C PHE B 408 9.32 -49.50 -27.50
N ASP B 409 9.52 -50.14 -28.66
CA ASP B 409 10.65 -51.05 -28.81
C ASP B 409 11.92 -50.29 -29.19
N GLY B 410 11.84 -49.44 -30.21
CA GLY B 410 12.99 -48.69 -30.65
C GLY B 410 12.71 -47.89 -31.92
N GLY B 411 13.56 -46.90 -32.20
CA GLY B 411 13.38 -46.08 -33.39
C GLY B 411 13.66 -44.61 -33.12
N LEU B 412 12.87 -43.74 -33.75
CA LEU B 412 13.03 -42.30 -33.63
C LEU B 412 11.86 -41.70 -32.87
N ILE B 413 12.14 -40.72 -32.01
CA ILE B 413 11.13 -39.98 -31.28
C ILE B 413 11.32 -38.50 -31.57
N ALA B 414 10.24 -37.82 -31.91
CA ALA B 414 10.27 -36.42 -32.29
C ALA B 414 9.61 -35.58 -31.21
N ILE B 415 10.16 -34.39 -30.97
CA ILE B 415 9.64 -33.46 -29.97
C ILE B 415 9.39 -32.12 -30.66
N ASN B 416 8.33 -31.43 -30.26
CA ASN B 416 8.04 -30.09 -30.73
C ASN B 416 7.99 -29.13 -29.56
N SER B 417 8.31 -27.87 -29.84
CA SER B 417 8.21 -26.81 -28.83
C SER B 417 7.86 -25.52 -29.59
N PHE B 418 6.59 -25.16 -29.55
CA PHE B 418 6.09 -23.96 -30.23
C PHE B 418 5.98 -22.85 -29.19
N GLY B 419 6.97 -21.97 -29.17
CA GLY B 419 6.95 -20.87 -28.23
C GLY B 419 5.96 -19.80 -28.63
N MET B 420 5.48 -19.07 -27.63
CA MET B 420 4.57 -17.96 -27.89
C MET B 420 5.30 -16.88 -28.68
N GLY B 421 4.62 -16.34 -29.68
CA GLY B 421 5.21 -15.39 -30.60
C GLY B 421 5.56 -15.97 -31.96
N GLY B 422 5.59 -17.30 -32.08
CA GLY B 422 5.80 -17.94 -33.35
C GLY B 422 7.13 -18.63 -33.56
N THR B 423 7.99 -18.69 -32.54
CA THR B 423 9.29 -19.35 -32.67
C THR B 423 9.08 -20.84 -32.38
N ASN B 424 9.01 -21.63 -33.45
CA ASN B 424 8.85 -23.07 -33.32
C ASN B 424 10.21 -23.76 -33.22
N ALA B 425 10.18 -25.01 -32.79
CA ALA B 425 11.40 -25.80 -32.65
C ALA B 425 11.06 -27.28 -32.77
N HIS B 426 11.90 -28.01 -33.49
CA HIS B 426 11.74 -29.45 -33.65
C HIS B 426 13.07 -30.14 -33.39
N ALA B 427 13.00 -31.35 -32.85
CA ALA B 427 14.19 -32.14 -32.61
C ALA B 427 13.84 -33.62 -32.74
N ILE B 428 14.83 -34.41 -33.14
CA ILE B 428 14.67 -35.84 -33.35
C ILE B 428 15.77 -36.57 -32.58
N PHE B 429 15.39 -37.64 -31.90
CA PHE B 429 16.32 -38.47 -31.14
C PHE B 429 16.20 -39.92 -31.60
N ARG B 430 17.35 -40.59 -31.69
CA ARG B 430 17.41 -42.00 -32.07
C ARG B 430 17.74 -42.83 -30.85
N SER B 431 16.97 -43.89 -30.63
CA SER B 431 17.15 -44.71 -29.44
C SER B 431 18.46 -45.48 -29.48
N PHE B 432 19.06 -45.65 -28.31
CA PHE B 432 20.31 -46.38 -28.15
C PHE B 432 19.97 -47.80 -27.72
N ASP B 433 20.18 -48.76 -28.62
CA ASP B 433 19.82 -50.16 -28.42
C ASP B 433 21.10 -50.95 -28.14
N LYS B 434 21.47 -51.01 -26.86
CA LYS B 434 22.64 -51.77 -26.41
C LYS B 434 22.28 -52.60 -25.19
N ARG B 435 21.19 -53.36 -25.30
CA ARG B 435 20.68 -54.15 -24.18
C ARG B 435 21.80 -54.88 -23.47
N ALA B 436 21.69 -54.96 -22.14
CA ALA B 436 22.77 -55.45 -21.32
C ALA B 436 23.04 -56.93 -21.57
N GLU B 437 24.31 -57.31 -21.46
CA GLU B 437 24.74 -58.69 -21.50
C GLU B 437 25.38 -59.06 -20.17
N PRO B 438 25.24 -60.30 -19.71
CA PRO B 438 25.79 -60.65 -18.38
C PRO B 438 27.29 -60.43 -18.30
N HIS B 439 27.72 -59.96 -17.13
CA HIS B 439 29.13 -59.79 -16.79
C HIS B 439 29.60 -60.96 -15.95
N PRO B 440 30.91 -61.31 -16.00
CA PRO B 440 31.38 -62.37 -15.10
C PRO B 440 31.11 -62.08 -13.63
N ALA B 441 31.11 -60.81 -13.25
CA ALA B 441 30.72 -60.39 -11.91
C ALA B 441 29.19 -60.35 -11.85
N SER B 442 28.66 -59.70 -10.81
CA SER B 442 27.24 -59.59 -10.50
C SER B 442 26.71 -60.82 -9.79
N ASP B 443 27.54 -61.85 -9.58
CA ASP B 443 27.18 -62.99 -8.76
C ASP B 443 28.22 -63.27 -7.67
N LYS B 444 29.30 -62.51 -7.63
CA LYS B 444 30.36 -62.63 -6.64
C LYS B 444 30.41 -61.38 -5.78
N PRO B 445 30.97 -61.45 -4.58
CA PRO B 445 31.06 -60.24 -3.75
C PRO B 445 31.83 -59.14 -4.45
N ARG B 446 31.35 -57.91 -4.27
CA ARG B 446 31.99 -56.73 -4.84
C ARG B 446 31.99 -55.62 -3.79
N LEU B 447 32.97 -54.74 -3.90
CA LEU B 447 33.14 -53.64 -2.95
C LEU B 447 32.65 -52.36 -3.64
N PHE B 448 31.47 -51.89 -3.24
CA PHE B 448 30.90 -50.66 -3.78
C PHE B 448 31.30 -49.51 -2.87
N THR B 449 32.08 -48.58 -3.42
CA THR B 449 32.56 -47.43 -2.68
C THR B 449 32.02 -46.15 -3.31
N TYR B 450 31.64 -45.19 -2.47
CA TYR B 450 31.03 -43.96 -2.94
C TYR B 450 31.21 -42.89 -1.89
N CYS B 451 30.80 -41.67 -2.22
CA CYS B 451 30.86 -40.54 -1.31
C CYS B 451 29.63 -39.67 -1.52
N ALA B 452 29.29 -38.90 -0.48
CA ALA B 452 28.11 -38.06 -0.51
C ALA B 452 28.30 -36.93 0.50
N ARG B 453 27.26 -36.10 0.63
CA ARG B 453 27.31 -34.96 1.53
C ARG B 453 26.74 -35.26 2.91
N THR B 454 25.86 -36.25 3.02
CA THR B 454 25.20 -36.58 4.28
C THR B 454 25.22 -38.09 4.49
N GLU B 455 25.18 -38.48 5.77
CA GLU B 455 25.17 -39.91 6.09
C GLU B 455 23.90 -40.58 5.56
N GLU B 456 22.75 -39.93 5.71
CA GLU B 456 21.51 -40.50 5.21
C GLU B 456 21.56 -40.68 3.69
N GLY B 457 22.10 -39.69 2.98
CA GLY B 457 22.23 -39.81 1.55
C GLY B 457 23.08 -41.00 1.14
N LEU B 458 24.22 -41.18 1.82
CA LEU B 458 25.08 -42.32 1.51
C LEU B 458 24.40 -43.64 1.84
N GLN B 459 23.62 -43.67 2.93
CA GLN B 459 22.87 -44.88 3.27
C GLN B 459 21.85 -45.21 2.18
N LYS B 460 21.14 -44.19 1.68
CA LYS B 460 20.22 -44.42 0.57
C LYS B 460 20.97 -44.88 -0.67
N ILE B 461 22.15 -44.32 -0.92
CA ILE B 461 22.94 -44.73 -2.08
C ILE B 461 23.30 -46.20 -1.96
N PHE B 462 23.73 -46.65 -0.77
CA PHE B 462 24.06 -48.05 -0.57
C PHE B 462 22.83 -48.94 -0.73
N GLU B 463 21.67 -48.47 -0.24
CA GLU B 463 20.44 -49.24 -0.42
C GLU B 463 20.13 -49.43 -1.90
N GLU B 464 20.27 -48.36 -2.70
CA GLU B 464 20.04 -48.48 -4.13
C GLU B 464 21.07 -49.39 -4.79
N ALA B 465 22.33 -49.30 -4.35
CA ALA B 465 23.35 -50.18 -4.90
C ALA B 465 23.04 -51.64 -4.60
N HIS B 466 22.57 -51.93 -3.38
CA HIS B 466 22.14 -53.29 -3.06
C HIS B 466 20.97 -53.71 -3.92
N LYS B 467 20.05 -52.78 -4.21
CA LYS B 467 18.93 -53.09 -5.09
C LYS B 467 19.43 -53.52 -6.46
N HIS B 468 20.54 -52.98 -6.92
CA HIS B 468 21.13 -53.31 -8.22
C HIS B 468 22.44 -54.08 -8.06
N ALA B 469 22.48 -55.00 -7.08
CA ALA B 469 23.69 -55.78 -6.85
C ALA B 469 24.05 -56.65 -8.04
N SER B 470 23.09 -56.94 -8.92
CA SER B 470 23.32 -57.78 -10.08
C SER B 470 23.74 -57.00 -11.32
N ASN B 471 23.96 -55.69 -11.20
CA ASN B 471 24.35 -54.85 -12.32
C ASN B 471 25.77 -54.36 -12.10
N VAL B 472 26.63 -54.57 -13.09
CA VAL B 472 28.04 -54.17 -13.01
C VAL B 472 28.20 -52.83 -13.70
N GLU B 473 27.43 -52.59 -14.77
CA GLU B 473 27.48 -51.30 -15.45
C GLU B 473 27.07 -50.19 -14.49
N PHE B 474 26.03 -50.43 -13.69
CA PHE B 474 25.64 -49.44 -12.69
C PHE B 474 26.76 -49.19 -11.70
N HIS B 475 27.46 -50.25 -11.28
CA HIS B 475 28.62 -50.08 -10.39
C HIS B 475 29.70 -49.24 -11.07
N ALA B 476 29.96 -49.50 -12.35
CA ALA B 476 30.97 -48.71 -13.05
C ALA B 476 30.57 -47.25 -13.12
N LEU B 477 29.30 -46.96 -13.42
CA LEU B 477 28.86 -45.58 -13.48
C LEU B 477 29.01 -44.90 -12.13
N CYS B 478 28.66 -45.60 -11.05
CA CYS B 478 28.86 -45.04 -9.71
C CYS B 478 30.34 -44.82 -9.43
N GLN B 479 31.20 -45.77 -9.82
CA GLN B 479 32.60 -45.66 -9.51
C GLN B 479 33.27 -44.51 -10.26
N GLU B 480 32.77 -44.17 -11.45
CA GLU B 480 33.38 -43.09 -12.22
C GLU B 480 33.36 -41.78 -11.45
N SER B 481 32.42 -41.62 -10.51
CA SER B 481 32.33 -40.42 -9.69
C SER B 481 32.45 -40.74 -8.21
N ALA B 482 33.03 -41.88 -7.86
CA ALA B 482 33.20 -42.29 -6.47
C ALA B 482 34.55 -41.89 -5.89
N ASN B 483 35.41 -41.23 -6.68
CA ASN B 483 36.74 -40.85 -6.24
C ASN B 483 36.87 -39.34 -6.05
N THR B 484 35.75 -38.63 -5.91
CA THR B 484 35.80 -37.19 -5.69
C THR B 484 36.50 -36.88 -4.37
N LYS B 485 37.17 -35.73 -4.33
CA LYS B 485 37.95 -35.37 -3.16
C LYS B 485 37.03 -35.20 -1.95
N PRO B 486 37.53 -35.41 -0.73
CA PRO B 486 36.68 -35.26 0.46
C PRO B 486 36.11 -33.87 0.62
N LYS B 487 36.73 -32.85 0.03
CA LYS B 487 36.23 -31.49 0.19
C LYS B 487 34.80 -31.37 -0.35
N SER B 488 34.57 -31.92 -1.56
CA SER B 488 33.25 -31.82 -2.17
C SER B 488 32.25 -32.74 -1.48
N LEU B 489 32.65 -33.97 -1.20
CA LEU B 489 31.77 -34.99 -0.61
C LEU B 489 32.45 -35.57 0.61
N PRO B 490 32.33 -34.91 1.77
CA PRO B 490 33.08 -35.36 2.95
C PRO B 490 32.70 -36.74 3.45
N TYR B 491 31.48 -37.20 3.20
CA TYR B 491 31.02 -38.48 3.74
C TYR B 491 31.43 -39.59 2.78
N ARG B 492 32.46 -40.35 3.16
CA ARG B 492 32.96 -41.46 2.38
C ARG B 492 32.47 -42.77 2.99
N GLY B 493 32.03 -43.68 2.13
CA GLY B 493 31.47 -44.94 2.61
C GLY B 493 31.77 -46.08 1.66
N ALA B 494 31.56 -47.29 2.15
CA ALA B 494 31.79 -48.50 1.38
C ALA B 494 30.89 -49.61 1.89
N THR B 495 30.39 -50.43 0.97
CA THR B 495 29.57 -51.58 1.31
C THR B 495 29.87 -52.71 0.33
N ILE B 496 29.65 -53.95 0.77
CA ILE B 496 29.93 -55.12 -0.04
C ILE B 496 28.61 -55.62 -0.59
N LEU B 497 28.49 -55.63 -1.92
CA LEU B 497 27.34 -56.20 -2.60
C LEU B 497 27.56 -57.69 -2.82
N ASN B 498 26.48 -58.46 -2.77
CA ASN B 498 26.54 -59.91 -2.92
C ASN B 498 27.46 -60.52 -1.86
N ALA B 499 27.24 -60.13 -0.61
CA ALA B 499 28.05 -60.56 0.51
C ALA B 499 27.27 -61.52 1.40
N GLU B 500 27.96 -62.54 1.91
CA GLU B 500 27.32 -63.46 2.85
C GLU B 500 26.95 -62.74 4.14
N GLY B 501 27.82 -61.86 4.63
CA GLY B 501 27.56 -61.06 5.81
C GLY B 501 27.50 -59.58 5.45
N GLU B 502 26.48 -58.91 5.96
CA GLU B 502 26.27 -57.51 5.66
C GLU B 502 27.42 -56.67 6.18
N TYR B 503 27.91 -55.76 5.34
CA TYR B 503 28.95 -54.81 5.71
C TYR B 503 28.59 -53.44 5.18
N THR B 504 28.84 -52.40 5.97
CA THR B 504 28.57 -51.03 5.57
C THR B 504 29.31 -50.09 6.50
N GLU B 505 30.10 -49.19 5.91
CA GLU B 505 30.87 -48.20 6.66
C GLU B 505 30.66 -46.82 6.05
N ILE B 506 30.46 -45.83 6.91
CA ILE B 506 30.31 -44.44 6.49
C ILE B 506 31.04 -43.57 7.51
N GLN B 507 31.97 -42.74 7.03
CA GLN B 507 32.75 -41.87 7.89
C GLN B 507 32.92 -40.52 7.23
N LYS B 508 33.06 -39.48 8.05
CA LYS B 508 33.33 -38.13 7.57
C LYS B 508 34.84 -37.93 7.51
N CYS B 509 35.36 -37.72 6.29
CA CYS B 509 36.80 -37.57 6.08
C CYS B 509 37.16 -36.11 5.91
N PRO B 510 38.07 -35.55 6.71
CA PRO B 510 38.43 -34.14 6.55
C PRO B 510 38.94 -33.84 5.14
N SER B 511 39.04 -32.54 4.85
CA SER B 511 39.51 -32.12 3.54
C SER B 511 40.94 -32.58 3.28
N LYS B 512 41.80 -32.49 4.29
CA LYS B 512 43.19 -32.89 4.12
C LYS B 512 43.26 -34.37 3.77
N ALA B 513 44.20 -34.72 2.88
CA ALA B 513 44.37 -36.09 2.43
C ALA B 513 45.44 -36.78 3.26
N ARG B 514 45.13 -37.97 3.76
CA ARG B 514 46.05 -38.74 4.58
C ARG B 514 46.93 -39.62 3.70
N GLU B 515 48.04 -40.08 4.28
CA GLU B 515 49.02 -40.87 3.56
C GLU B 515 48.67 -42.35 3.61
N VAL B 516 48.82 -43.02 2.48
CA VAL B 516 48.56 -44.46 2.36
C VAL B 516 49.92 -45.15 2.41
N TRP B 517 50.23 -45.76 3.54
CA TRP B 517 51.49 -46.45 3.77
C TRP B 517 51.26 -47.95 3.74
N PHE B 518 52.10 -48.67 3.01
CA PHE B 518 52.05 -50.12 2.98
C PHE B 518 53.02 -50.69 4.01
N VAL B 519 52.52 -51.61 4.84
CA VAL B 519 53.31 -52.28 5.86
C VAL B 519 53.28 -53.78 5.56
N TYR B 520 54.46 -54.37 5.38
CA TYR B 520 54.57 -55.77 5.03
C TYR B 520 55.08 -56.56 6.23
N SER B 521 54.38 -57.63 6.58
CA SER B 521 54.76 -58.47 7.70
C SER B 521 55.79 -59.51 7.25
N GLY B 522 56.37 -60.19 8.23
CA GLY B 522 57.39 -61.20 7.96
C GLY B 522 56.97 -62.59 8.34
N MET B 523 57.83 -63.27 9.11
CA MET B 523 57.57 -64.64 9.53
C MET B 523 56.47 -64.69 10.58
N GLY B 524 55.81 -65.85 10.66
CA GLY B 524 54.79 -66.10 11.65
C GLY B 524 53.37 -65.91 11.17
N SER B 525 53.18 -65.27 10.02
CA SER B 525 51.85 -65.10 9.44
C SER B 525 51.35 -66.39 8.79
N GLN B 526 52.06 -67.50 8.94
CA GLN B 526 51.68 -68.74 8.30
C GLN B 526 50.48 -69.38 9.01
N TRP B 527 49.68 -70.09 8.22
CA TRP B 527 48.57 -70.87 8.75
C TRP B 527 47.95 -71.65 7.60
N VAL B 528 47.31 -72.77 7.94
CA VAL B 528 46.70 -73.61 6.92
C VAL B 528 45.53 -72.86 6.28
N GLY B 529 45.48 -72.88 4.95
CA GLY B 529 44.46 -72.17 4.23
C GLY B 529 44.77 -70.71 3.95
N MET B 530 46.00 -70.26 4.21
CA MET B 530 46.37 -68.88 3.92
C MET B 530 46.09 -68.56 2.46
N GLY B 531 45.29 -67.53 2.23
CA GLY B 531 44.96 -67.10 0.88
C GLY B 531 44.03 -68.03 0.14
N ARG B 532 43.50 -69.07 0.78
CA ARG B 532 42.63 -70.01 0.09
C ARG B 532 41.34 -69.33 -0.38
N SER B 533 40.74 -68.51 0.48
CA SER B 533 39.50 -67.83 0.10
C SER B 533 39.76 -66.78 -0.98
N LEU B 534 40.87 -66.06 -0.87
CA LEU B 534 41.18 -65.01 -1.85
C LEU B 534 41.36 -65.55 -3.26
N MET B 535 41.41 -66.87 -3.43
CA MET B 535 41.47 -67.44 -4.78
C MET B 535 40.23 -67.12 -5.60
N ALA B 536 39.14 -66.71 -4.94
CA ALA B 536 37.95 -66.32 -5.69
C ALA B 536 38.25 -65.19 -6.66
N LEU B 537 39.06 -64.22 -6.22
CA LEU B 537 39.47 -63.14 -7.10
C LEU B 537 40.36 -63.69 -8.22
N ASP B 538 40.07 -63.24 -9.45
CA ASP B 538 40.84 -63.72 -10.60
C ASP B 538 42.30 -63.28 -10.51
N VAL B 539 42.54 -62.02 -10.12
CA VAL B 539 43.90 -61.51 -10.10
C VAL B 539 44.75 -62.26 -9.09
N PHE B 540 44.20 -62.53 -7.91
CA PHE B 540 44.96 -63.24 -6.87
C PHE B 540 45.36 -64.62 -7.36
N ARG B 541 44.43 -65.36 -7.96
CA ARG B 541 44.75 -66.69 -8.48
C ARG B 541 45.78 -66.60 -9.60
N GLN B 542 45.63 -65.62 -10.49
CA GLN B 542 46.58 -65.46 -11.59
C GLN B 542 47.99 -65.19 -11.05
N SER B 543 48.10 -64.31 -10.06
CA SER B 543 49.41 -64.00 -9.51
C SER B 543 50.04 -65.23 -8.87
N ILE B 544 49.26 -66.01 -8.12
CA ILE B 544 49.79 -67.22 -7.51
C ILE B 544 50.24 -68.21 -8.59
N GLU B 545 49.43 -68.36 -9.64
CA GLU B 545 49.80 -69.26 -10.72
C GLU B 545 51.08 -68.80 -11.40
N GLU B 546 51.20 -67.49 -11.67
CA GLU B 546 52.39 -66.98 -12.32
C GLU B 546 53.62 -67.04 -11.43
N THR B 547 53.43 -67.16 -10.12
CA THR B 547 54.56 -67.35 -9.21
C THR B 547 54.89 -68.83 -9.03
N ALA B 548 53.85 -69.68 -9.02
CA ALA B 548 54.09 -71.12 -8.92
C ALA B 548 54.83 -71.63 -10.15
N ALA B 549 54.48 -71.12 -11.34
CA ALA B 549 55.20 -71.50 -12.55
C ALA B 549 56.67 -71.13 -12.44
N ILE B 550 56.97 -69.99 -11.81
CA ILE B 550 58.35 -69.58 -11.64
C ILE B 550 59.09 -70.54 -10.71
N LEU B 551 58.45 -70.93 -9.61
CA LEU B 551 59.11 -71.72 -8.58
C LEU B 551 59.04 -73.22 -8.85
N SER B 552 58.27 -73.66 -9.83
CA SER B 552 58.17 -75.08 -10.13
C SER B 552 59.52 -75.68 -10.53
N PRO B 553 60.30 -75.07 -11.42
CA PRO B 553 61.57 -75.71 -11.82
C PRO B 553 62.54 -75.92 -10.68
N PHE B 554 62.36 -75.24 -9.56
CA PHE B 554 63.25 -75.35 -8.41
C PHE B 554 62.78 -76.38 -7.40
N GLY B 555 61.80 -77.20 -7.75
CA GLY B 555 61.33 -78.26 -6.87
C GLY B 555 60.30 -77.84 -5.85
N VAL B 556 59.59 -76.74 -6.08
CA VAL B 556 58.56 -76.26 -5.17
C VAL B 556 57.25 -76.17 -5.94
N ASP B 557 56.22 -76.86 -5.46
CA ASP B 557 54.89 -76.83 -6.05
C ASP B 557 54.04 -75.92 -5.15
N LEU B 558 54.09 -74.62 -5.45
CA LEU B 558 53.44 -73.64 -4.58
C LEU B 558 51.95 -73.92 -4.43
N MET B 559 51.29 -74.31 -5.53
CA MET B 559 49.85 -74.55 -5.47
C MET B 559 49.53 -75.65 -4.46
N SER B 560 50.33 -76.72 -4.43
CA SER B 560 50.08 -77.81 -3.49
C SER B 560 50.24 -77.34 -2.05
N LEU B 561 51.30 -76.58 -1.77
CA LEU B 561 51.54 -76.13 -0.40
C LEU B 561 50.46 -75.16 0.06
N LEU B 562 49.89 -74.38 -0.86
CA LEU B 562 48.92 -73.36 -0.49
C LEU B 562 47.49 -73.88 -0.39
N MET B 563 47.15 -74.91 -1.17
CA MET B 563 45.78 -75.44 -1.19
C MET B 563 45.62 -76.65 -0.28
N ASP B 564 46.39 -77.70 -0.51
CA ASP B 564 46.32 -78.92 0.28
C ASP B 564 47.43 -79.03 1.31
N GLY B 565 48.18 -77.95 1.52
CA GLY B 565 49.23 -77.98 2.53
C GLY B 565 48.66 -78.20 3.91
N THR B 566 49.44 -78.87 4.75
CA THR B 566 49.04 -79.21 6.11
C THR B 566 49.99 -78.53 7.10
N GLU B 567 49.68 -78.68 8.39
CA GLU B 567 50.49 -78.05 9.42
C GLU B 567 51.92 -78.59 9.41
N ASP B 568 52.07 -79.90 9.24
CA ASP B 568 53.41 -80.48 9.20
C ASP B 568 54.23 -79.91 8.05
N LYS B 569 53.59 -79.72 6.88
CA LYS B 569 54.29 -79.12 5.76
C LYS B 569 54.75 -77.70 6.11
N LEU B 570 53.88 -76.91 6.75
CA LEU B 570 54.25 -75.55 7.13
C LEU B 570 55.25 -75.51 8.28
N LYS B 571 55.47 -76.64 8.97
CA LYS B 571 56.48 -76.65 10.01
C LYS B 571 57.89 -76.55 9.43
N GLU B 572 58.07 -76.95 8.17
CA GLU B 572 59.37 -76.87 7.52
C GLU B 572 59.74 -75.41 7.29
N ILE B 573 60.92 -75.20 6.71
CA ILE B 573 61.42 -73.85 6.49
C ILE B 573 60.98 -73.30 5.14
N MET B 574 61.04 -74.12 4.08
CA MET B 574 60.76 -73.61 2.74
C MET B 574 59.31 -73.18 2.60
N PRO B 575 58.31 -74.03 2.86
CA PRO B 575 56.93 -73.70 2.49
C PRO B 575 56.45 -72.41 3.13
N PRO B 576 56.78 -72.16 4.41
CA PRO B 576 56.35 -70.89 5.01
C PRO B 576 56.87 -69.67 4.26
N PHE B 577 58.18 -69.60 4.01
CA PHE B 577 58.74 -68.46 3.30
C PHE B 577 58.10 -68.30 1.94
N ILE B 578 57.93 -69.41 1.21
CA ILE B 578 57.37 -69.35 -0.13
C ILE B 578 55.93 -68.83 -0.08
N CYS B 579 55.12 -69.40 0.82
CA CYS B 579 53.71 -69.02 0.87
C CYS B 579 53.53 -67.57 1.30
N ILE B 580 54.28 -67.13 2.31
CA ILE B 580 54.14 -65.76 2.80
C ILE B 580 54.51 -64.77 1.69
N ASN B 581 55.61 -65.02 0.99
CA ASN B 581 55.99 -64.14 -0.12
C ASN B 581 54.91 -64.16 -1.20
N ALA B 582 54.41 -65.35 -1.52
CA ALA B 582 53.40 -65.45 -2.57
C ALA B 582 52.15 -64.65 -2.21
N ILE B 583 51.69 -64.76 -0.96
CA ILE B 583 50.53 -63.99 -0.52
C ILE B 583 50.83 -62.50 -0.59
N GLN B 584 52.01 -62.09 -0.13
CA GLN B 584 52.35 -60.67 -0.14
C GLN B 584 52.37 -60.12 -1.56
N LEU B 585 53.00 -60.87 -2.49
CA LEU B 585 53.05 -60.40 -3.87
C LEU B 585 51.67 -60.41 -4.51
N ALA B 586 50.85 -61.42 -4.23
CA ALA B 586 49.50 -61.45 -4.78
C ALA B 586 48.65 -60.31 -4.24
N LEU B 587 48.76 -60.02 -2.94
CA LEU B 587 48.03 -58.88 -2.39
C LEU B 587 48.52 -57.57 -2.99
N THR B 588 49.84 -57.46 -3.22
CA THR B 588 50.36 -56.28 -3.89
C THR B 588 49.76 -56.11 -5.27
N ASP B 589 49.66 -57.22 -6.02
CA ASP B 589 49.03 -57.16 -7.34
C ASP B 589 47.57 -56.76 -7.23
N LEU B 590 46.86 -57.28 -6.22
CA LEU B 590 45.47 -56.90 -6.01
C LEU B 590 45.35 -55.41 -5.76
N LEU B 591 46.21 -54.86 -4.90
CA LEU B 591 46.18 -53.43 -4.61
C LEU B 591 46.51 -52.61 -5.84
N ASN B 592 47.53 -53.02 -6.59
CA ASN B 592 47.93 -52.24 -7.77
C ASN B 592 46.83 -52.24 -8.82
N SER B 593 46.19 -53.38 -9.06
CA SER B 593 45.09 -53.43 -10.02
C SER B 593 43.95 -52.53 -9.59
N MET B 594 43.65 -52.50 -8.28
CA MET B 594 42.57 -51.67 -7.78
C MET B 594 42.90 -50.18 -7.89
N GLY B 595 44.17 -49.83 -8.07
CA GLY B 595 44.55 -48.44 -8.28
C GLY B 595 44.90 -47.71 -6.99
N ILE B 596 45.64 -48.38 -6.11
CA ILE B 596 46.11 -47.79 -4.86
C ILE B 596 47.61 -47.57 -4.97
N VAL B 597 48.03 -46.32 -4.92
CA VAL B 597 49.45 -45.95 -5.01
C VAL B 597 49.94 -45.67 -3.59
N PRO B 598 50.95 -46.40 -3.09
CA PRO B 598 51.42 -46.15 -1.72
C PRO B 598 52.39 -44.97 -1.68
N ASP B 599 52.15 -44.04 -0.75
CA ASP B 599 53.07 -42.94 -0.55
C ASP B 599 54.33 -43.37 0.20
N GLY B 600 54.28 -44.51 0.89
CA GLY B 600 55.44 -45.01 1.58
C GLY B 600 55.31 -46.49 1.82
N LEU B 601 56.46 -47.18 1.85
CA LEU B 601 56.50 -48.63 2.02
C LEU B 601 57.49 -48.98 3.12
N VAL B 602 57.03 -49.80 4.07
CA VAL B 602 57.88 -50.32 5.14
C VAL B 602 57.57 -51.80 5.30
N GLY B 603 58.55 -52.55 5.80
CA GLY B 603 58.38 -53.98 5.94
C GLY B 603 59.30 -54.55 6.99
N HIS B 604 58.84 -55.60 7.64
CA HIS B 604 59.66 -56.36 8.57
C HIS B 604 60.58 -57.30 7.80
N SER B 605 61.51 -57.93 8.52
CA SER B 605 62.36 -58.94 7.91
C SER B 605 61.50 -59.97 7.20
N LEU B 606 61.94 -60.39 6.02
CA LEU B 606 61.24 -61.27 5.08
C LEU B 606 60.13 -60.50 4.36
N GLY B 607 59.84 -59.26 4.74
CA GLY B 607 58.86 -58.45 4.04
C GLY B 607 59.53 -57.40 3.18
N GLU B 608 60.86 -57.26 3.32
CA GLU B 608 61.59 -56.30 2.51
C GLU B 608 61.55 -56.67 1.04
N VAL B 609 61.54 -57.96 0.73
CA VAL B 609 61.41 -58.39 -0.66
C VAL B 609 60.08 -57.93 -1.24
N GLY B 610 59.00 -58.07 -0.46
CA GLY B 610 57.71 -57.56 -0.90
C GLY B 610 57.72 -56.06 -1.07
N CYS B 611 58.40 -55.35 -0.16
CA CYS B 611 58.52 -53.90 -0.29
C CYS B 611 59.25 -53.54 -1.58
N ALA B 612 60.32 -54.26 -1.90
CA ALA B 612 61.04 -54.00 -3.14
C ALA B 612 60.15 -54.27 -4.35
N TYR B 613 59.39 -55.35 -4.32
CA TYR B 613 58.51 -55.67 -5.44
C TYR B 613 57.45 -54.58 -5.63
N ALA B 614 56.82 -54.16 -4.53
CA ALA B 614 55.80 -53.12 -4.62
C ALA B 614 56.39 -51.76 -4.96
N ASP B 615 57.67 -51.54 -4.68
CA ASP B 615 58.33 -50.27 -4.95
C ASP B 615 58.89 -50.18 -6.36
N GLY B 616 58.86 -51.28 -7.13
CA GLY B 616 59.42 -51.30 -8.46
C GLY B 616 60.90 -51.59 -8.52
N CYS B 617 61.57 -51.72 -7.37
CA CYS B 617 63.00 -52.02 -7.36
C CYS B 617 63.29 -53.48 -7.68
N LEU B 618 62.31 -54.36 -7.53
CA LEU B 618 62.46 -55.79 -7.80
C LEU B 618 61.31 -56.25 -8.68
N THR B 619 61.38 -57.50 -9.12
CA THR B 619 60.35 -58.12 -9.94
C THR B 619 59.82 -59.35 -9.21
N ARG B 620 58.73 -59.90 -9.76
CA ARG B 620 58.12 -61.10 -9.16
C ARG B 620 59.12 -62.25 -9.14
N ARG B 621 59.84 -62.45 -10.25
CA ARG B 621 60.87 -63.49 -10.29
C ARG B 621 61.95 -63.21 -9.25
N GLU B 622 62.43 -61.97 -9.19
CA GLU B 622 63.53 -61.65 -8.27
C GLU B 622 63.10 -61.82 -6.82
N ALA B 623 61.90 -61.34 -6.48
CA ALA B 623 61.45 -61.40 -5.09
C ALA B 623 61.21 -62.83 -4.65
N ILE B 624 60.50 -63.61 -5.45
CA ILE B 624 60.20 -64.99 -5.06
C ILE B 624 61.48 -65.81 -4.94
N LEU B 625 62.41 -65.62 -5.89
CA LEU B 625 63.66 -66.37 -5.83
C LEU B 625 64.53 -65.89 -4.67
N SER B 626 64.45 -64.61 -4.31
CA SER B 626 65.18 -64.12 -3.15
C SER B 626 64.71 -64.81 -1.88
N ALA B 627 63.39 -64.93 -1.70
CA ALA B 627 62.87 -65.67 -0.56
C ALA B 627 63.24 -67.14 -0.63
N PHE B 628 63.16 -67.73 -1.82
CA PHE B 628 63.58 -69.13 -1.97
C PHE B 628 65.05 -69.30 -1.61
N TRP B 629 65.90 -68.38 -2.07
CA TRP B 629 67.32 -68.47 -1.74
C TRP B 629 67.56 -68.27 -0.25
N ARG B 630 66.82 -67.34 0.37
CA ARG B 630 66.96 -67.12 1.81
C ARG B 630 66.67 -68.41 2.58
N ALA B 631 65.52 -69.03 2.32
CA ALA B 631 65.15 -70.22 3.07
C ALA B 631 66.03 -71.41 2.71
N LYS B 632 66.47 -71.49 1.45
CA LYS B 632 67.40 -72.55 1.07
C LYS B 632 68.73 -72.41 1.82
N ALA B 633 69.24 -71.18 1.92
CA ALA B 633 70.49 -70.96 2.63
C ALA B 633 70.34 -71.30 4.12
N VAL B 634 69.20 -70.95 4.71
CA VAL B 634 68.98 -71.23 6.11
C VAL B 634 68.91 -72.73 6.37
N ILE B 635 68.20 -73.46 5.51
CA ILE B 635 67.98 -74.89 5.75
C ILE B 635 69.23 -75.70 5.45
N ASP B 636 69.85 -75.48 4.29
CA ASP B 636 70.93 -76.35 3.85
C ASP B 636 72.12 -76.29 4.80
N CYS B 637 72.50 -75.09 5.24
CA CYS B 637 73.58 -74.96 6.19
C CYS B 637 73.17 -75.52 7.55
N GLU B 638 74.09 -76.19 8.22
CA GLU B 638 73.82 -76.78 9.53
C GLU B 638 73.96 -75.72 10.63
N VAL B 639 73.10 -74.70 10.53
CA VAL B 639 73.06 -73.67 11.56
C VAL B 639 72.64 -74.30 12.88
N LYS B 640 73.38 -73.97 13.94
CA LYS B 640 73.08 -74.55 15.23
C LYS B 640 71.67 -74.14 15.66
N PRO B 641 70.92 -75.00 16.33
CA PRO B 641 69.54 -74.64 16.71
C PRO B 641 69.53 -73.36 17.55
N GLY B 642 68.55 -72.51 17.25
CA GLY B 642 68.37 -71.25 17.96
C GLY B 642 66.90 -70.97 18.18
N LYS B 643 66.65 -69.91 18.94
CA LYS B 643 65.28 -69.52 19.27
C LYS B 643 65.17 -68.01 19.29
N MET B 644 63.94 -67.52 19.10
CA MET B 644 63.65 -66.10 19.10
C MET B 644 62.39 -65.86 19.90
N ALA B 645 62.24 -64.63 20.40
CA ALA B 645 61.09 -64.27 21.21
C ALA B 645 61.05 -62.76 21.38
N ALA B 646 59.84 -62.20 21.37
CA ALA B 646 59.64 -60.76 21.56
C ALA B 646 59.42 -60.49 23.05
N VAL B 647 60.44 -59.96 23.70
CA VAL B 647 60.34 -59.58 25.12
C VAL B 647 59.69 -58.22 25.22
N GLU B 648 59.27 -57.86 26.44
CA GLU B 648 58.69 -56.55 26.70
C GLU B 648 59.74 -55.51 27.09
N LEU B 649 61.01 -55.88 27.10
CA LEU B 649 62.07 -54.94 27.41
C LEU B 649 62.16 -53.86 26.33
N THR B 650 62.82 -52.76 26.70
CA THR B 650 63.07 -51.67 25.78
C THR B 650 64.35 -51.94 24.98
N TRP B 651 64.61 -51.09 23.99
CA TRP B 651 65.77 -51.30 23.11
C TRP B 651 67.07 -51.14 23.89
N GLU B 652 67.23 -50.04 24.62
CA GLU B 652 68.46 -49.84 25.38
C GLU B 652 68.59 -50.88 26.49
N GLU B 653 67.49 -51.21 27.15
CA GLU B 653 67.54 -52.23 28.21
C GLU B 653 67.97 -53.58 27.64
N ALA B 654 67.41 -53.96 26.49
CA ALA B 654 67.80 -55.22 25.86
C ALA B 654 69.26 -55.20 25.45
N LYS B 655 69.73 -54.08 24.89
CA LYS B 655 71.12 -53.98 24.47
C LYS B 655 72.07 -54.08 25.66
N ARG B 656 71.68 -53.49 26.80
CA ARG B 656 72.55 -53.53 27.97
C ARG B 656 72.54 -54.89 28.66
N LEU B 657 71.36 -55.54 28.70
CA LEU B 657 71.18 -56.73 29.52
C LEU B 657 71.46 -58.04 28.79
N CYS B 658 71.72 -58.02 27.49
CA CYS B 658 71.91 -59.25 26.74
C CYS B 658 73.35 -59.74 26.90
N PRO B 659 73.57 -60.93 27.44
CA PRO B 659 74.94 -61.47 27.50
C PRO B 659 75.41 -61.97 26.14
N PRO B 660 76.68 -62.31 26.01
CA PRO B 660 77.16 -62.83 24.72
C PRO B 660 76.44 -64.12 24.34
N GLY B 661 76.27 -64.30 23.03
CA GLY B 661 75.57 -65.44 22.48
C GLY B 661 74.09 -65.20 22.23
N VAL B 662 73.52 -64.17 22.84
CA VAL B 662 72.13 -63.79 22.63
C VAL B 662 72.09 -62.30 22.37
N VAL B 663 71.41 -61.90 21.29
CA VAL B 663 71.37 -60.51 20.85
C VAL B 663 69.93 -60.13 20.57
N ALA B 664 69.72 -58.86 20.24
CA ALA B 664 68.40 -58.33 19.90
C ALA B 664 68.28 -58.31 18.39
N ALA B 665 67.27 -59.02 17.86
CA ALA B 665 67.11 -59.15 16.42
C ALA B 665 66.43 -57.93 15.82
N CYS B 666 65.23 -57.61 16.30
CA CYS B 666 64.42 -56.55 15.72
C CYS B 666 63.84 -55.66 16.82
N HIS B 667 63.73 -54.37 16.50
CA HIS B 667 63.12 -53.39 17.39
C HIS B 667 61.67 -53.21 16.94
N ASN B 668 60.81 -54.12 17.41
CA ASN B 668 59.42 -54.13 16.97
C ASN B 668 58.73 -52.82 17.29
N SER B 669 58.62 -52.48 18.57
CA SER B 669 57.95 -51.25 18.99
C SER B 669 58.73 -50.68 20.17
N GLN B 670 58.11 -49.70 20.84
CA GLN B 670 58.79 -49.01 21.95
C GLN B 670 59.12 -49.98 23.08
N ASP B 671 58.19 -50.91 23.38
CA ASP B 671 58.36 -51.84 24.48
C ASP B 671 58.31 -53.29 23.99
N SER B 672 58.85 -53.55 22.80
CA SER B 672 58.85 -54.90 22.25
C SER B 672 60.10 -55.06 21.40
N VAL B 673 61.03 -55.90 21.84
CA VAL B 673 62.27 -56.18 21.13
C VAL B 673 62.43 -57.70 21.02
N THR B 674 62.90 -58.16 19.87
CA THR B 674 63.06 -59.58 19.61
C THR B 674 64.47 -60.02 19.99
N ILE B 675 64.58 -60.93 20.95
CA ILE B 675 65.85 -61.52 21.34
C ILE B 675 66.01 -62.86 20.63
N SER B 676 67.19 -63.08 20.04
CA SER B 676 67.48 -64.31 19.32
C SER B 676 68.86 -64.81 19.74
N GLY B 677 69.02 -66.13 19.77
CA GLY B 677 70.30 -66.70 20.14
C GLY B 677 70.22 -68.22 20.16
N GLY B 678 71.29 -68.82 20.70
CA GLY B 678 71.35 -70.26 20.79
C GLY B 678 70.37 -70.81 21.80
N ALA B 679 70.05 -72.10 21.63
CA ALA B 679 68.99 -72.71 22.42
C ALA B 679 69.30 -72.64 23.91
N GLN B 680 70.49 -73.09 24.32
CA GLN B 680 70.81 -73.15 25.74
C GLN B 680 70.88 -71.75 26.33
N GLU B 681 71.59 -70.84 25.68
CA GLU B 681 71.68 -69.48 26.19
C GLU B 681 70.32 -68.79 26.14
N MET B 682 69.54 -69.04 25.09
CA MET B 682 68.20 -68.48 25.06
C MET B 682 67.40 -68.97 26.27
N THR B 683 67.38 -70.28 26.51
CA THR B 683 66.58 -70.83 27.61
C THR B 683 67.00 -70.23 28.94
N LYS B 684 68.31 -70.04 29.14
CA LYS B 684 68.78 -69.36 30.35
C LYS B 684 68.24 -67.94 30.41
N PHE B 685 68.22 -67.24 29.27
CA PHE B 685 67.63 -65.91 29.23
C PHE B 685 66.14 -65.95 29.58
N MET B 686 65.43 -66.95 29.05
CA MET B 686 64.01 -67.07 29.38
C MET B 686 63.80 -67.22 30.88
N ALA B 687 64.60 -68.08 31.51
CA ALA B 687 64.47 -68.30 32.95
C ALA B 687 64.79 -67.02 33.72
N GLU B 688 65.86 -66.33 33.33
CA GLU B 688 66.25 -65.10 34.04
C GLU B 688 65.17 -64.03 33.90
N LEU B 689 64.65 -63.84 32.68
CA LEU B 689 63.64 -62.81 32.46
C LEU B 689 62.34 -63.17 33.16
N SER B 690 61.93 -64.45 33.10
CA SER B 690 60.71 -64.86 33.76
C SER B 690 60.83 -64.77 35.28
N ALA B 691 62.05 -64.86 35.80
CA ALA B 691 62.24 -64.73 37.25
C ALA B 691 61.80 -63.35 37.73
N GLN B 692 62.14 -62.31 36.98
CA GLN B 692 61.72 -60.95 37.30
C GLN B 692 60.40 -60.67 36.60
N GLY B 693 59.92 -59.43 36.69
CA GLY B 693 58.67 -59.06 36.04
C GLY B 693 58.88 -58.59 34.62
N VAL B 694 58.71 -59.51 33.66
CA VAL B 694 58.88 -59.19 32.25
C VAL B 694 58.06 -60.21 31.45
N THR B 695 57.41 -59.73 30.39
CA THR B 695 56.61 -60.58 29.53
C THR B 695 57.44 -60.97 28.32
N VAL B 696 57.66 -62.28 28.15
CA VAL B 696 58.41 -62.83 27.04
C VAL B 696 57.51 -63.78 26.28
N LYS B 697 57.36 -63.56 24.97
CA LYS B 697 56.52 -64.37 24.11
C LYS B 697 57.40 -65.00 23.03
N GLU B 698 57.35 -66.32 22.93
CA GLU B 698 58.17 -67.04 21.96
C GLU B 698 57.50 -67.03 20.59
N VAL B 699 58.31 -66.81 19.56
CA VAL B 699 57.83 -66.72 18.18
C VAL B 699 58.34 -67.93 17.42
N ASN B 700 57.47 -68.51 16.59
CA ASN B 700 57.80 -69.70 15.81
C ASN B 700 58.74 -69.32 14.69
N SER B 701 60.04 -69.51 14.90
CA SER B 701 61.06 -69.22 13.91
C SER B 701 61.69 -70.48 13.33
N ASN B 702 61.01 -71.63 13.49
CA ASN B 702 61.54 -72.91 13.02
C ASN B 702 62.89 -73.21 13.66
N ASN B 703 63.05 -72.83 14.92
CA ASN B 703 64.27 -73.07 15.67
C ASN B 703 65.48 -72.46 14.98
N ILE B 704 65.32 -71.24 14.48
CA ILE B 704 66.39 -70.48 13.84
C ILE B 704 66.47 -69.10 14.48
N SER B 705 67.68 -68.68 14.81
CA SER B 705 67.92 -67.37 15.44
C SER B 705 68.34 -66.41 14.35
N TYR B 706 67.37 -65.71 13.77
CA TYR B 706 67.64 -64.77 12.70
C TYR B 706 68.28 -63.49 13.24
N HIS B 707 68.96 -62.78 12.34
CA HIS B 707 69.56 -61.48 12.65
C HIS B 707 70.52 -61.59 13.83
N SER B 708 71.44 -62.54 13.74
CA SER B 708 72.46 -62.74 14.77
C SER B 708 73.76 -63.16 14.10
N SER B 709 74.80 -63.36 14.92
CA SER B 709 76.09 -63.76 14.38
C SER B 709 76.01 -65.12 13.68
N PHE B 710 75.07 -65.97 14.11
CA PHE B 710 74.90 -67.27 13.45
C PHE B 710 74.56 -67.13 11.98
N MET B 711 74.05 -65.98 11.56
CA MET B 711 73.65 -65.74 10.18
C MET B 711 74.80 -65.23 9.31
N THR B 712 76.02 -65.18 9.85
CA THR B 712 77.16 -64.73 9.05
C THR B 712 77.37 -65.63 7.84
N GLU B 713 77.46 -66.93 8.07
CA GLU B 713 77.68 -67.86 6.96
C GLU B 713 76.51 -67.87 5.98
N PRO B 714 75.25 -68.00 6.42
CA PRO B 714 74.15 -67.96 5.45
C PRO B 714 74.11 -66.69 4.61
N ALA B 715 74.37 -65.53 5.22
CA ALA B 715 74.26 -64.27 4.49
C ALA B 715 75.23 -64.22 3.33
N ALA B 716 76.48 -64.61 3.56
CA ALA B 716 77.46 -64.64 2.48
C ALA B 716 77.01 -65.60 1.38
N TYR B 717 76.51 -66.76 1.76
CA TYR B 717 75.95 -67.69 0.77
C TYR B 717 74.85 -67.01 -0.02
N LEU B 718 73.93 -66.35 0.67
CA LEU B 718 72.84 -65.65 -0.01
C LEU B 718 73.40 -64.65 -1.02
N LYS B 719 74.45 -63.91 -0.63
CA LYS B 719 75.09 -62.98 -1.56
C LYS B 719 75.57 -63.70 -2.80
N LYS B 720 76.35 -64.77 -2.62
CA LYS B 720 76.82 -65.56 -3.75
C LYS B 720 75.64 -66.16 -4.52
N GLY B 721 74.56 -66.53 -3.82
CA GLY B 721 73.41 -67.07 -4.49
C GLY B 721 72.68 -66.06 -5.35
N LEU B 722 72.61 -64.81 -4.89
CA LEU B 722 71.80 -63.78 -5.54
C LEU B 722 72.61 -62.80 -6.37
N GLU B 723 73.94 -62.94 -6.42
CA GLU B 723 74.73 -62.02 -7.24
C GLU B 723 74.40 -62.19 -8.72
N LYS B 724 74.11 -63.40 -9.17
CA LYS B 724 73.88 -63.69 -10.58
C LYS B 724 72.41 -63.61 -10.98
N GLU B 725 71.52 -63.24 -10.06
CA GLU B 725 70.08 -63.23 -10.34
C GLU B 725 69.47 -61.85 -10.21
N ILE B 726 69.73 -61.15 -9.11
CA ILE B 726 69.07 -59.87 -8.84
C ILE B 726 69.86 -58.76 -9.52
N VAL B 727 69.23 -58.08 -10.46
CA VAL B 727 69.83 -56.92 -11.14
C VAL B 727 69.75 -55.72 -10.19
N PRO B 728 70.78 -54.89 -10.10
CA PRO B 728 70.69 -53.72 -9.21
C PRO B 728 69.82 -52.63 -9.83
N LYS B 729 68.89 -52.11 -9.03
CA LYS B 729 68.01 -51.03 -9.45
C LYS B 729 67.90 -50.02 -8.32
N PRO B 730 67.60 -48.77 -8.64
CA PRO B 730 67.50 -47.74 -7.59
C PRO B 730 66.34 -47.98 -6.65
N ARG B 731 66.50 -47.53 -5.41
CA ARG B 731 65.47 -47.60 -4.39
C ARG B 731 64.84 -46.22 -4.21
N SER B 732 63.53 -46.14 -4.37
CA SER B 732 62.84 -44.87 -4.21
C SER B 732 62.75 -44.50 -2.73
N LYS B 733 62.59 -43.20 -2.48
CA LYS B 733 62.50 -42.72 -1.11
C LYS B 733 61.23 -43.15 -0.41
N LYS B 734 60.21 -43.59 -1.17
CA LYS B 734 58.99 -44.09 -0.53
C LYS B 734 59.27 -45.30 0.34
N TRP B 735 60.10 -46.21 -0.14
CA TRP B 735 60.42 -47.42 0.61
C TRP B 735 61.39 -47.07 1.74
N ILE B 736 60.97 -47.32 2.97
CA ILE B 736 61.76 -47.04 4.16
C ILE B 736 62.51 -48.31 4.53
N SER B 737 63.83 -48.29 4.40
CA SER B 737 64.65 -49.43 4.78
C SER B 737 64.59 -49.66 6.28
N THR B 738 64.46 -50.93 6.67
CA THR B 738 64.42 -51.32 8.08
C THR B 738 65.57 -52.26 8.41
N SER B 739 66.66 -52.16 7.64
CA SER B 739 67.87 -52.94 7.90
C SER B 739 69.13 -52.10 8.00
N ILE B 740 69.11 -50.87 7.50
CA ILE B 740 70.28 -49.98 7.52
C ILE B 740 69.94 -48.81 8.44
N PRO B 741 70.85 -48.40 9.34
CA PRO B 741 70.54 -47.27 10.23
C PRO B 741 70.25 -45.99 9.43
N GLU B 742 69.41 -45.14 10.03
CA GLU B 742 69.02 -43.90 9.37
C GLU B 742 70.25 -43.11 8.90
N GLU B 743 71.28 -43.02 9.73
CA GLU B 743 72.45 -42.22 9.39
C GLU B 743 73.26 -42.81 8.22
N ARG B 744 73.03 -44.08 7.87
CA ARG B 744 73.74 -44.72 6.78
C ARG B 744 72.89 -44.86 5.51
N TRP B 745 71.72 -44.21 5.45
CA TRP B 745 70.90 -44.30 4.25
C TRP B 745 71.58 -43.68 3.05
N GLY B 746 72.41 -42.67 3.26
CA GLY B 746 73.09 -42.00 2.16
C GLY B 746 74.28 -42.75 1.60
N ASN B 747 74.71 -43.83 2.24
CA ASN B 747 75.84 -44.59 1.76
C ASN B 747 75.47 -45.34 0.48
N PRO B 748 76.46 -45.68 -0.34
CA PRO B 748 76.15 -46.37 -1.62
C PRO B 748 75.41 -47.69 -1.44
N GLU B 749 75.68 -48.43 -0.35
CA GLU B 749 75.01 -49.71 -0.16
C GLU B 749 73.51 -49.55 -0.06
N ALA B 750 73.04 -48.42 0.47
CA ALA B 750 71.61 -48.15 0.58
C ALA B 750 71.08 -47.40 -0.63
N GLN B 751 71.35 -47.94 -1.82
CA GLN B 751 70.90 -47.34 -3.06
C GLN B 751 70.14 -48.34 -3.92
N THR B 752 70.57 -49.61 -3.88
CA THR B 752 69.95 -50.66 -4.67
C THR B 752 69.68 -51.87 -3.79
N ALA B 753 68.61 -52.59 -4.13
CA ALA B 753 68.24 -53.81 -3.43
C ALA B 753 68.92 -55.03 -4.07
N ASP B 754 70.25 -54.95 -4.19
CA ASP B 754 71.02 -56.02 -4.82
C ASP B 754 71.21 -57.16 -3.81
N ALA B 755 71.99 -58.17 -4.19
CA ALA B 755 72.25 -59.28 -3.28
C ALA B 755 72.86 -58.80 -1.97
N SER B 756 73.66 -57.73 -2.01
CA SER B 756 74.24 -57.19 -0.80
C SER B 756 73.15 -56.71 0.16
N TYR B 757 72.13 -56.02 -0.37
CA TYR B 757 71.05 -55.55 0.49
C TYR B 757 70.30 -56.71 1.13
N GLN B 758 70.02 -57.76 0.34
CA GLN B 758 69.33 -58.92 0.89
C GLN B 758 70.16 -59.58 1.98
N ALA B 759 71.46 -59.73 1.74
CA ALA B 759 72.34 -60.33 2.75
C ALA B 759 72.38 -59.48 4.01
N ASN B 760 72.48 -58.16 3.85
CA ASN B 760 72.52 -57.28 5.02
C ASN B 760 71.22 -57.36 5.80
N ASN B 761 70.08 -57.35 5.10
CA ASN B 761 68.80 -57.48 5.79
C ASN B 761 68.69 -58.81 6.51
N LEU B 762 69.14 -59.89 5.87
CA LEU B 762 69.09 -61.20 6.50
C LEU B 762 70.09 -61.32 7.65
N LEU B 763 71.10 -60.46 7.69
CA LEU B 763 72.15 -60.53 8.70
C LEU B 763 71.94 -59.49 9.81
N SER B 764 71.85 -58.22 9.42
CA SER B 764 71.79 -57.14 10.42
C SER B 764 70.42 -57.15 11.12
N SER B 765 70.32 -56.30 12.14
CA SER B 765 69.09 -56.19 12.90
C SER B 765 68.01 -55.48 12.07
N VAL B 766 66.78 -55.51 12.59
CA VAL B 766 65.64 -54.87 11.95
C VAL B 766 65.26 -53.67 12.80
N LEU B 767 65.35 -52.48 12.21
CA LEU B 767 65.01 -51.24 12.91
C LEU B 767 63.58 -50.83 12.59
N PHE B 768 62.64 -51.67 13.03
CA PHE B 768 61.23 -51.45 12.70
C PHE B 768 60.71 -50.16 13.33
N TYR B 769 61.05 -49.93 14.60
CA TYR B 769 60.54 -48.75 15.29
C TYR B 769 61.00 -47.46 14.61
N GLU B 770 62.27 -47.41 14.22
CA GLU B 770 62.78 -46.22 13.52
C GLU B 770 62.06 -46.01 12.20
N GLY B 771 61.82 -47.09 11.45
CA GLY B 771 61.10 -46.98 10.20
C GLY B 771 59.68 -46.48 10.38
N LEU B 772 59.04 -46.84 11.50
CA LEU B 772 57.68 -46.41 11.79
C LEU B 772 57.62 -45.01 12.40
N GLN B 773 58.77 -44.39 12.67
CA GLN B 773 58.78 -43.01 13.16
C GLN B 773 58.69 -41.99 12.04
N LYS B 774 59.28 -42.28 10.87
CA LYS B 774 59.14 -41.39 9.72
C LYS B 774 57.70 -41.32 9.24
N ILE B 775 56.86 -42.29 9.60
CA ILE B 775 55.48 -42.29 9.14
C ILE B 775 54.75 -41.09 9.72
N PRO B 776 53.89 -40.40 8.96
CA PRO B 776 53.16 -39.26 9.53
C PRO B 776 52.32 -39.66 10.72
N SER B 777 51.77 -38.65 11.39
CA SER B 777 50.97 -38.86 12.59
C SER B 777 49.53 -39.27 12.30
N ASN B 778 49.08 -39.17 11.05
CA ASN B 778 47.73 -39.55 10.66
C ASN B 778 47.74 -40.38 9.40
N ALA B 779 48.77 -41.21 9.23
CA ALA B 779 48.90 -42.06 8.06
C ALA B 779 47.93 -43.23 8.15
N ILE B 780 47.58 -43.77 6.99
CA ILE B 780 46.72 -44.94 6.88
C ILE B 780 47.58 -46.14 6.49
N ALA B 781 48.03 -46.91 7.48
CA ALA B 781 48.93 -48.03 7.25
C ALA B 781 48.11 -49.28 6.96
N ILE B 782 48.36 -49.91 5.82
CA ILE B 782 47.70 -51.15 5.42
C ILE B 782 48.68 -52.29 5.66
N GLU B 783 48.29 -53.25 6.49
CA GLU B 783 49.15 -54.40 6.83
C GLU B 783 48.91 -55.49 5.79
N ILE B 784 49.78 -55.55 4.79
CA ILE B 784 49.67 -56.53 3.72
C ILE B 784 50.41 -57.79 4.15
N ALA B 785 49.64 -58.84 4.45
CA ALA B 785 50.22 -60.11 4.88
C ALA B 785 49.13 -61.17 4.96
N PRO B 786 49.49 -62.45 5.09
CA PRO B 786 48.46 -63.49 5.24
C PRO B 786 47.58 -63.28 6.46
N ALA B 787 48.08 -62.59 7.48
CA ALA B 787 47.28 -62.31 8.67
C ALA B 787 47.77 -61.01 9.29
N GLY B 788 46.93 -60.40 10.11
CA GLY B 788 47.27 -59.17 10.79
C GLY B 788 48.23 -59.43 11.94
N LEU B 789 49.45 -59.86 11.61
CA LEU B 789 50.41 -60.26 12.63
C LEU B 789 50.84 -59.07 13.48
N LEU B 790 51.23 -57.96 12.84
CA LEU B 790 51.80 -56.81 13.53
C LEU B 790 50.77 -55.73 13.82
N GLN B 791 49.50 -56.11 14.01
CA GLN B 791 48.46 -55.13 14.28
C GLN B 791 48.74 -54.38 15.58
N SER B 792 48.96 -55.13 16.66
CA SER B 792 49.20 -54.49 17.96
C SER B 792 50.53 -53.74 17.95
N VAL B 793 51.58 -54.36 17.39
CA VAL B 793 52.89 -53.72 17.39
C VAL B 793 52.85 -52.42 16.61
N ILE B 794 52.26 -52.44 15.41
CA ILE B 794 52.21 -51.25 14.59
C ILE B 794 51.33 -50.19 15.25
N LYS B 795 50.19 -50.59 15.81
CA LYS B 795 49.30 -49.63 16.43
C LYS B 795 49.98 -48.90 17.59
N LYS B 796 50.70 -49.64 18.43
CA LYS B 796 51.44 -49.01 19.52
C LYS B 796 52.53 -48.09 18.98
N SER B 797 53.24 -48.53 17.94
CA SER B 797 54.36 -47.75 17.41
C SER B 797 53.89 -46.44 16.79
N LEU B 798 52.78 -46.48 16.05
CA LEU B 798 52.37 -45.31 15.28
C LEU B 798 51.82 -44.21 16.19
N GLY B 799 50.74 -44.50 16.90
CA GLY B 799 50.10 -43.51 17.76
C GLY B 799 48.60 -43.73 17.78
N GLN B 800 47.88 -42.63 18.00
CA GLN B 800 46.43 -42.66 18.14
C GLN B 800 45.69 -42.13 16.92
N ASP B 801 46.31 -41.25 16.15
CA ASP B 801 45.63 -40.62 15.01
C ASP B 801 45.85 -41.37 13.70
N CYS B 802 46.54 -42.51 13.72
CA CYS B 802 46.82 -43.27 12.52
C CYS B 802 45.82 -44.41 12.38
N THR B 803 45.20 -44.51 11.21
CA THR B 803 44.28 -45.59 10.92
C THR B 803 45.04 -46.86 10.58
N ILE B 804 44.56 -47.98 11.09
CA ILE B 804 45.21 -49.27 10.90
C ILE B 804 44.19 -50.26 10.39
N VAL B 805 44.56 -51.02 9.35
CA VAL B 805 43.69 -52.01 8.74
C VAL B 805 44.53 -53.22 8.35
N ALA B 806 43.92 -54.40 8.49
CA ALA B 806 44.55 -55.65 8.09
C ALA B 806 43.75 -56.27 6.95
N LEU B 807 44.46 -56.67 5.89
CA LEU B 807 43.80 -57.24 4.72
C LEU B 807 43.39 -58.69 4.91
N GLN B 808 43.88 -59.36 5.95
CA GLN B 808 43.55 -60.76 6.19
C GLN B 808 43.43 -60.99 7.69
N LYS B 809 42.68 -62.04 8.03
CA LYS B 809 42.49 -62.45 9.42
C LYS B 809 42.73 -63.95 9.53
N ARG B 810 43.46 -64.35 10.56
CA ARG B 810 43.82 -65.75 10.72
C ARG B 810 42.60 -66.60 11.06
N LYS B 811 42.54 -67.80 10.47
CA LYS B 811 41.46 -68.75 10.71
C LYS B 811 40.09 -68.16 10.43
N SER B 812 40.03 -67.10 9.63
CA SER B 812 38.76 -66.48 9.32
C SER B 812 37.91 -67.43 8.46
N PRO B 813 36.60 -67.54 8.73
CA PRO B 813 35.76 -68.35 7.85
C PRO B 813 35.74 -67.86 6.41
N ASN B 814 35.95 -66.57 6.19
CA ASN B 814 35.96 -66.00 4.85
C ASN B 814 36.93 -64.82 4.84
N ASN B 815 37.99 -64.93 4.05
CA ASN B 815 38.99 -63.87 3.97
C ASN B 815 38.66 -62.84 2.90
N LEU B 816 37.94 -63.24 1.86
CA LEU B 816 37.58 -62.26 0.82
C LEU B 816 36.73 -61.14 1.40
N GLU B 817 35.77 -61.47 2.26
CA GLU B 817 34.97 -60.44 2.91
C GLU B 817 35.83 -59.58 3.83
N VAL B 818 36.78 -60.20 4.54
CA VAL B 818 37.70 -59.43 5.39
C VAL B 818 38.52 -58.47 4.54
N PHE B 819 39.02 -58.96 3.40
CA PHE B 819 39.80 -58.11 2.51
C PHE B 819 38.98 -56.94 1.98
N PHE B 820 37.72 -57.21 1.58
CA PHE B 820 36.86 -56.14 1.09
C PHE B 820 36.53 -55.16 2.20
N SER B 821 36.23 -55.66 3.40
CA SER B 821 35.94 -54.77 4.52
C SER B 821 37.14 -53.91 4.86
N ALA B 822 38.33 -54.49 4.82
CA ALA B 822 39.54 -53.73 5.11
C ALA B 822 39.71 -52.58 4.12
N LEU B 823 39.54 -52.86 2.83
CA LEU B 823 39.66 -51.81 1.83
C LEU B 823 38.52 -50.80 1.94
N GLY B 824 37.32 -51.25 2.28
CA GLY B 824 36.24 -50.31 2.52
C GLY B 824 36.54 -49.35 3.65
N LYS B 825 37.14 -49.86 4.74
CA LYS B 825 37.59 -48.98 5.81
C LYS B 825 38.65 -48.01 5.32
N CYS B 826 39.60 -48.50 4.50
CA CYS B 826 40.64 -47.64 3.99
C CYS B 826 40.06 -46.52 3.13
N TYR B 827 39.10 -46.86 2.26
CA TYR B 827 38.47 -45.84 1.43
C TYR B 827 37.70 -44.84 2.27
N SER B 828 36.98 -45.33 3.30
CA SER B 828 36.17 -44.43 4.12
C SER B 828 37.01 -43.34 4.76
N HIS B 829 38.31 -43.59 4.94
CA HIS B 829 39.21 -42.62 5.55
C HIS B 829 39.94 -41.77 4.53
N GLY B 830 39.63 -41.90 3.24
CA GLY B 830 40.14 -40.99 2.24
C GLY B 830 41.34 -41.48 1.45
N VAL B 831 41.28 -42.70 0.93
CA VAL B 831 42.27 -43.22 0.01
C VAL B 831 41.57 -43.58 -1.30
N PRO B 832 41.95 -42.99 -2.43
CA PRO B 832 41.30 -43.36 -3.70
C PRO B 832 41.66 -44.78 -4.11
N MET B 833 40.72 -45.42 -4.82
CA MET B 833 40.95 -46.77 -5.33
C MET B 833 39.82 -47.10 -6.30
N ASN B 834 40.01 -48.20 -7.05
CA ASN B 834 39.07 -48.65 -8.05
C ASN B 834 38.74 -50.12 -7.76
N PRO B 835 37.67 -50.39 -7.01
CA PRO B 835 37.31 -51.79 -6.72
C PRO B 835 37.02 -52.62 -7.96
N LEU B 836 36.69 -51.98 -9.08
CA LEU B 836 36.38 -52.71 -10.31
C LEU B 836 37.62 -53.12 -11.09
N GLY B 837 38.81 -52.79 -10.61
CA GLY B 837 40.03 -53.21 -11.29
C GLY B 837 40.35 -54.68 -11.16
N LEU B 838 39.65 -55.39 -10.27
CA LEU B 838 39.84 -56.83 -10.11
C LEU B 838 38.99 -57.65 -11.07
N TYR B 839 38.16 -57.00 -11.89
CA TYR B 839 37.28 -57.67 -12.83
C TYR B 839 37.47 -57.06 -14.21
N PRO B 840 37.06 -57.76 -15.26
CA PRO B 840 37.22 -57.21 -16.61
C PRO B 840 36.53 -55.86 -16.73
N ALA B 841 37.18 -54.94 -17.45
CA ALA B 841 36.65 -53.59 -17.60
C ALA B 841 35.33 -53.61 -18.37
N VAL B 842 34.39 -52.77 -17.92
CA VAL B 842 33.10 -52.64 -18.59
C VAL B 842 33.26 -51.79 -19.84
N GLN B 843 32.68 -52.25 -20.94
CA GLN B 843 32.78 -51.55 -22.21
C GLN B 843 31.78 -50.39 -22.23
N PHE B 844 32.29 -49.17 -22.46
CA PHE B 844 31.43 -47.99 -22.53
C PHE B 844 31.11 -47.65 -23.97
N PRO B 845 29.94 -47.04 -24.24
CA PRO B 845 28.89 -46.65 -23.29
C PRO B 845 28.15 -47.86 -22.72
N VAL B 846 27.57 -47.72 -21.52
CA VAL B 846 26.93 -48.84 -20.85
C VAL B 846 25.60 -49.16 -21.52
N SER B 847 25.03 -50.31 -21.20
CA SER B 847 23.74 -50.70 -21.75
C SER B 847 22.65 -49.74 -21.29
N ILE B 848 21.61 -49.61 -22.10
CA ILE B 848 20.50 -48.72 -21.79
C ILE B 848 19.69 -49.20 -20.59
N ASP B 849 19.94 -50.42 -20.11
CA ASP B 849 19.22 -50.96 -18.96
C ASP B 849 19.82 -50.50 -17.63
N THR B 850 20.92 -49.76 -17.66
CA THR B 850 21.54 -49.30 -16.42
C THR B 850 20.62 -48.30 -15.73
N PRO B 851 20.30 -48.49 -14.45
CA PRO B 851 19.44 -47.53 -13.75
C PRO B 851 20.05 -46.14 -13.74
N MET B 852 19.24 -45.18 -13.28
CA MET B 852 19.65 -43.78 -13.23
C MET B 852 20.32 -43.48 -11.89
N LEU B 853 21.43 -42.76 -11.95
CA LEU B 853 22.15 -42.33 -10.75
C LEU B 853 21.72 -40.95 -10.27
N SER B 854 20.92 -40.22 -11.06
CA SER B 854 20.51 -38.88 -10.67
C SER B 854 19.63 -38.91 -9.42
N SER B 855 18.74 -39.89 -9.33
CA SER B 855 17.83 -39.95 -8.19
C SER B 855 18.60 -40.10 -6.87
N MET B 856 19.66 -40.93 -6.87
CA MET B 856 20.43 -41.14 -5.65
C MET B 856 21.06 -39.83 -5.18
N VAL B 857 21.69 -39.09 -6.09
CA VAL B 857 22.34 -37.85 -5.73
C VAL B 857 21.32 -36.81 -5.28
N SER B 858 20.14 -36.81 -5.91
CA SER B 858 19.13 -35.81 -5.57
C SER B 858 18.70 -35.92 -4.12
N GLU B 859 18.52 -37.14 -3.62
CA GLU B 859 18.10 -37.38 -2.25
C GLU B 859 19.28 -37.58 -1.30
N ALA B 860 20.48 -37.14 -1.69
CA ALA B 860 21.68 -37.30 -0.89
C ALA B 860 22.37 -35.95 -0.72
N TRP B 861 21.59 -34.88 -0.57
CA TRP B 861 22.12 -33.55 -0.40
C TRP B 861 22.05 -33.13 1.07
N ASP B 862 22.83 -32.10 1.41
CA ASP B 862 22.80 -31.49 2.74
C ASP B 862 21.91 -30.27 2.65
N HIS B 863 20.68 -30.40 3.15
CA HIS B 863 19.65 -29.37 3.03
C HIS B 863 19.15 -28.94 4.41
N SER B 864 20.06 -28.89 5.39
CA SER B 864 19.66 -28.49 6.73
C SER B 864 19.20 -27.03 6.75
N ALA B 865 19.91 -26.15 6.06
CA ALA B 865 19.62 -24.73 6.10
C ALA B 865 18.51 -24.39 5.10
N LYS B 866 17.65 -23.45 5.50
CA LYS B 866 16.58 -22.94 4.66
C LYS B 866 16.90 -21.50 4.28
N TRP B 867 16.86 -21.21 2.98
CA TRP B 867 17.23 -19.90 2.45
C TRP B 867 15.98 -19.10 2.11
N ARG B 868 16.20 -17.81 1.83
CA ARG B 868 15.09 -16.92 1.52
C ARG B 868 14.41 -17.35 0.23
N VAL B 869 13.09 -17.22 0.20
CA VAL B 869 12.31 -17.47 -1.00
C VAL B 869 11.37 -16.29 -1.17
N PRO B 870 11.03 -15.90 -2.40
CA PRO B 870 10.08 -14.79 -2.58
C PRO B 870 8.76 -15.09 -1.88
N LEU B 871 8.19 -14.05 -1.28
CA LEU B 871 6.93 -14.17 -0.56
C LEU B 871 5.86 -13.36 -1.29
N VAL B 872 4.62 -13.82 -1.17
CA VAL B 872 3.51 -13.17 -1.86
C VAL B 872 3.38 -11.72 -1.40
N GLU B 873 3.61 -11.46 -0.12
CA GLU B 873 3.44 -10.12 0.42
C GLU B 873 4.41 -9.12 -0.19
N GLU B 874 5.49 -9.58 -0.79
CA GLU B 874 6.47 -8.68 -1.39
C GLU B 874 6.09 -8.21 -2.78
N PHE B 875 5.09 -8.84 -3.41
CA PHE B 875 4.67 -8.48 -4.77
C PHE B 875 3.55 -7.46 -4.79
N GLU B 876 3.02 -7.05 -3.63
CA GLU B 876 1.93 -6.10 -3.53
C GLU B 876 2.45 -4.79 -2.94
N TYR B 877 2.13 -3.69 -3.60
CA TYR B 877 2.57 -2.38 -3.14
C TYR B 877 2.01 -1.27 -4.04
N SER B 883 0.06 -0.70 11.01
CA SER B 883 -0.30 -0.83 9.60
C SER B 883 0.53 0.13 8.76
N ASP B 884 0.63 1.37 9.20
CA ASP B 884 1.48 2.37 8.55
C ASP B 884 2.90 2.23 9.09
N ASN B 885 3.71 3.27 8.92
CA ASN B 885 5.14 3.24 9.21
C ASN B 885 5.47 2.45 10.48
N VAL B 886 6.40 1.51 10.36
CA VAL B 886 6.94 0.78 11.50
C VAL B 886 8.34 1.31 11.75
N ILE B 887 8.54 1.90 12.92
CA ILE B 887 9.81 2.56 13.27
C ILE B 887 10.62 1.60 14.11
N ASP B 888 11.91 1.49 13.78
CA ASP B 888 12.85 0.66 14.52
C ASP B 888 13.86 1.58 15.20
N ILE B 889 13.94 1.49 16.53
CA ILE B 889 14.86 2.32 17.30
C ILE B 889 16.04 1.43 17.69
N ASP B 890 17.21 1.73 17.14
CA ASP B 890 18.41 0.92 17.37
C ASP B 890 19.16 1.50 18.57
N LEU B 891 19.05 0.83 19.70
CA LEU B 891 19.77 1.23 20.91
C LEU B 891 21.07 0.43 21.02
N SER B 892 21.95 0.66 20.06
CA SER B 892 23.21 -0.08 19.93
C SER B 892 24.37 0.82 20.30
N GLU B 893 25.56 0.22 20.35
CA GLU B 893 26.74 0.93 20.84
C GLU B 893 26.97 2.24 20.08
N ASP B 894 26.87 2.21 18.75
CA ASP B 894 27.17 3.37 17.93
C ASP B 894 26.00 3.80 17.05
N SER B 895 24.79 3.31 17.31
CA SER B 895 23.65 3.76 16.54
C SER B 895 23.42 5.25 16.76
N PRO B 896 22.98 5.97 15.73
CA PRO B 896 22.75 7.41 15.90
C PRO B 896 21.67 7.72 16.93
N GLU B 897 20.81 6.76 17.24
CA GLU B 897 19.74 6.94 18.22
C GLU B 897 20.09 6.33 19.57
N ASN B 898 21.39 6.30 19.90
CA ASN B 898 21.82 5.82 21.21
C ASN B 898 21.70 6.88 22.29
N TYR B 899 21.50 8.15 21.92
CA TYR B 899 21.27 9.20 22.90
C TYR B 899 19.96 9.01 23.65
N LEU B 900 19.07 8.14 23.17
CA LEU B 900 17.79 7.92 23.82
C LEU B 900 17.92 7.10 25.09
N LEU B 901 19.06 6.48 25.34
CA LEU B 901 19.29 5.80 26.60
C LEU B 901 19.70 6.75 27.71
N GLU B 902 19.91 8.03 27.40
CA GLU B 902 20.25 9.05 28.39
C GLU B 902 19.00 9.72 28.95
N HIS B 903 17.86 9.06 28.91
CA HIS B 903 16.59 9.59 29.40
C HIS B 903 15.98 8.53 30.31
N ALA B 904 16.16 8.68 31.62
CA ALA B 904 15.69 7.70 32.59
C ALA B 904 14.85 8.39 33.66
N VAL B 905 13.95 7.62 34.25
CA VAL B 905 13.10 8.08 35.35
C VAL B 905 13.24 7.06 36.47
N ASP B 906 13.90 7.46 37.55
CA ASP B 906 14.17 6.57 38.69
C ASP B 906 14.89 5.30 38.22
N GLY B 907 15.90 5.48 37.39
CA GLY B 907 16.71 4.37 36.91
C GLY B 907 16.24 3.75 35.61
N ARG B 908 14.94 3.48 35.51
CA ARG B 908 14.40 2.89 34.30
C ARG B 908 14.64 3.81 33.11
N MET B 909 15.06 3.21 31.99
CA MET B 909 15.20 3.97 30.76
C MET B 909 13.86 4.01 30.04
N LEU B 910 13.46 5.21 29.63
CA LEU B 910 12.14 5.44 29.07
C LEU B 910 12.25 6.16 27.73
N PHE B 911 11.29 5.89 26.86
CA PHE B 911 11.17 6.67 25.64
C PHE B 911 10.47 7.99 25.96
N PRO B 912 11.03 9.14 25.58
CA PRO B 912 10.44 10.42 25.99
C PRO B 912 8.98 10.51 25.58
N ALA B 913 8.18 11.13 26.46
CA ALA B 913 6.77 11.32 26.15
C ALA B 913 6.60 12.08 24.84
N THR B 914 7.39 13.11 24.63
CA THR B 914 7.44 13.81 23.34
C THR B 914 8.45 13.17 22.40
N GLY B 915 8.37 11.85 22.30
CA GLY B 915 9.16 11.11 21.34
C GLY B 915 8.25 10.42 20.34
N THR B 916 7.07 10.04 20.81
CA THR B 916 6.03 9.53 19.92
C THR B 916 5.43 10.65 19.08
N LEU B 917 5.53 11.90 19.54
CA LEU B 917 5.12 13.03 18.71
C LEU B 917 5.97 13.10 17.44
N VAL B 918 7.29 12.93 17.58
CA VAL B 918 8.17 12.95 16.42
C VAL B 918 7.88 11.75 15.52
N LEU B 919 7.67 10.57 16.11
CA LEU B 919 7.35 9.40 15.31
C LEU B 919 6.07 9.62 14.51
N ALA B 920 5.03 10.16 15.16
CA ALA B 920 3.83 10.51 14.43
C ALA B 920 4.11 11.63 13.42
N TRP B 921 4.93 12.60 13.81
CA TRP B 921 5.28 13.68 12.90
C TRP B 921 6.01 13.15 11.67
N LYS B 922 6.98 12.26 11.87
CA LYS B 922 7.70 11.69 10.75
C LYS B 922 6.83 10.78 9.91
N THR B 923 5.90 10.06 10.55
CA THR B 923 5.03 9.16 9.80
C THR B 923 4.08 9.93 8.89
N LEU B 924 3.46 11.00 9.41
CA LEU B 924 2.53 11.78 8.59
C LEU B 924 3.25 12.36 7.37
N ALA B 925 4.44 12.90 7.58
CA ALA B 925 5.20 13.43 6.46
C ALA B 925 5.52 12.34 5.45
N LYS B 926 5.84 11.15 5.93
CA LYS B 926 6.12 10.05 5.01
C LYS B 926 4.90 9.70 4.18
N LEU B 927 3.72 9.69 4.79
CA LEU B 927 2.50 9.43 4.03
C LEU B 927 2.30 10.49 2.96
N LYS B 928 2.51 11.76 3.31
CA LYS B 928 2.38 12.83 2.34
C LYS B 928 3.49 12.83 1.30
N GLY B 929 4.57 12.08 1.54
CA GLY B 929 5.68 12.04 0.61
C GLY B 929 6.66 13.20 0.75
N VAL B 930 6.38 14.14 1.63
CA VAL B 930 7.25 15.30 1.83
C VAL B 930 8.27 14.96 2.92
N GLU B 931 9.34 15.74 2.97
CA GLU B 931 10.33 15.59 4.03
C GLU B 931 9.76 16.11 5.34
N PHE B 932 10.03 15.38 6.42
CA PHE B 932 9.39 15.69 7.70
C PHE B 932 9.82 17.05 8.24
N GLU B 933 11.01 17.51 7.88
CA GLU B 933 11.49 18.82 8.34
C GLU B 933 10.98 19.97 7.48
N GLN B 934 10.16 19.69 6.47
CA GLN B 934 9.50 20.71 5.68
C GLN B 934 7.99 20.71 5.90
N LEU B 935 7.52 20.02 6.93
CA LEU B 935 6.09 19.89 7.20
C LEU B 935 5.78 20.47 8.56
N GLY B 936 4.76 21.33 8.63
CA GLY B 936 4.31 21.90 9.88
C GLY B 936 3.08 21.17 10.40
N VAL B 937 3.23 20.49 11.53
CA VAL B 937 2.17 19.64 12.07
C VAL B 937 1.62 20.27 13.34
N GLN B 938 0.49 19.72 13.80
CA GLN B 938 -0.12 20.14 15.06
C GLN B 938 -0.82 18.93 15.67
N MET B 939 -0.29 18.45 16.78
CA MET B 939 -0.88 17.32 17.50
C MET B 939 -1.77 17.85 18.61
N THR B 940 -2.99 17.35 18.68
CA THR B 940 -3.97 17.81 19.66
C THR B 940 -4.48 16.64 20.48
N ASN B 941 -4.62 16.86 21.79
CA ASN B 941 -5.13 15.85 22.71
C ASN B 941 -4.35 14.55 22.56
N VAL B 942 -3.04 14.64 22.77
CA VAL B 942 -2.16 13.48 22.69
C VAL B 942 -2.23 12.76 24.03
N GLN B 943 -2.76 11.54 24.03
CA GLN B 943 -2.87 10.71 25.23
C GLN B 943 -1.69 9.76 25.29
N ILE B 944 -1.02 9.73 26.44
CA ILE B 944 0.07 8.80 26.69
C ILE B 944 -0.48 7.71 27.60
N HIS B 945 -0.63 6.52 27.07
CA HIS B 945 -1.26 5.42 27.81
C HIS B 945 -0.25 4.57 28.56
N GLN B 946 0.95 4.39 28.03
CA GLN B 946 1.97 3.57 28.67
C GLN B 946 3.32 4.25 28.53
N ALA B 947 4.34 3.59 29.06
CA ALA B 947 5.73 4.03 28.93
C ALA B 947 6.48 2.99 28.12
N LEU B 948 7.11 3.44 27.03
CA LEU B 948 7.90 2.54 26.18
C LEU B 948 9.27 2.40 26.84
N PHE B 949 9.51 1.25 27.45
CA PHE B 949 10.74 1.02 28.20
C PHE B 949 11.85 0.64 27.24
N LEU B 950 12.82 1.53 27.05
CA LEU B 950 13.97 1.22 26.21
C LEU B 950 14.85 0.19 26.88
N ASN B 951 15.65 -0.50 26.08
CA ASN B 951 16.57 -1.50 26.59
C ASN B 951 17.92 -1.36 25.89
N PRO B 952 19.02 -1.22 26.63
CA PRO B 952 20.32 -1.03 25.98
C PRO B 952 20.69 -2.22 25.13
N GLY B 953 21.36 -1.94 24.00
CA GLY B 953 21.75 -3.02 23.10
C GLY B 953 20.58 -3.82 22.60
N GLY B 954 19.38 -3.24 22.56
CA GLY B 954 18.21 -3.93 22.09
C GLY B 954 17.52 -3.12 21.01
N LYS B 955 16.61 -3.80 20.31
CA LYS B 955 15.85 -3.20 19.21
C LYS B 955 14.39 -3.14 19.61
N THR B 956 13.80 -1.94 19.55
CA THR B 956 12.39 -1.73 19.86
C THR B 956 11.67 -1.36 18.57
N THR B 957 10.62 -2.10 18.25
CA THR B 957 9.82 -1.88 17.06
C THR B 957 8.45 -1.36 17.48
N VAL B 958 8.07 -0.18 16.97
CA VAL B 958 6.80 0.44 17.29
C VAL B 958 6.08 0.74 15.98
N SER B 959 4.76 0.53 15.98
CA SER B 959 3.94 0.75 14.80
C SER B 959 3.16 2.04 14.98
N VAL B 960 3.30 2.94 14.01
CA VAL B 960 2.55 4.20 13.97
C VAL B 960 1.50 4.08 12.88
N SER B 961 0.24 4.33 13.24
CA SER B 961 -0.88 4.25 12.32
C SER B 961 -1.59 5.61 12.32
N VAL B 962 -1.69 6.22 11.14
CA VAL B 962 -2.31 7.53 10.97
C VAL B 962 -3.48 7.38 10.01
N MET B 963 -4.64 7.90 10.40
CA MET B 963 -5.80 7.87 9.54
C MET B 963 -5.65 8.92 8.45
N PRO B 964 -5.81 8.57 7.16
CA PRO B 964 -5.46 9.50 6.09
C PRO B 964 -6.02 10.90 6.23
N ILE B 965 -7.34 11.05 6.33
CA ILE B 965 -7.96 12.36 6.21
C ILE B 965 -8.14 13.03 7.57
N THR B 966 -8.55 12.29 8.59
CA THR B 966 -8.88 12.90 9.88
C THR B 966 -7.65 13.12 10.76
N GLY B 967 -6.58 12.36 10.57
CA GLY B 967 -5.35 12.56 11.30
C GLY B 967 -5.22 11.77 12.59
N GLU B 968 -6.23 11.00 12.96
CA GLU B 968 -6.12 10.14 14.14
C GLU B 968 -4.90 9.24 14.02
N PHE B 969 -3.97 9.39 14.96
CA PHE B 969 -2.73 8.63 14.93
C PHE B 969 -2.65 7.72 16.16
N GLN B 970 -1.76 6.74 16.08
CA GLN B 970 -1.65 5.71 17.10
C GLN B 970 -0.23 5.17 17.08
N VAL B 971 0.55 5.46 18.12
CA VAL B 971 1.87 4.85 18.31
C VAL B 971 1.67 3.66 19.25
N ARG B 972 1.89 2.46 18.73
CA ARG B 972 1.54 1.24 19.43
C ARG B 972 2.69 0.24 19.28
N ASP B 973 3.20 -0.24 20.41
CA ASP B 973 4.26 -1.23 20.43
C ASP B 973 3.59 -2.59 20.59
N GLY B 974 3.80 -3.47 19.61
CA GLY B 974 3.08 -4.73 19.59
C GLY B 974 1.59 -4.50 19.46
N GLU B 975 0.83 -4.95 20.45
CA GLU B 975 -0.61 -4.74 20.49
C GLU B 975 -1.01 -3.68 21.51
N SER B 976 -0.04 -3.16 22.26
CA SER B 976 -0.29 -2.22 23.35
C SER B 976 -0.10 -0.79 22.87
N LEU B 977 -1.05 0.07 23.22
CA LEU B 977 -1.00 1.47 22.82
C LEU B 977 -0.05 2.25 23.73
N ILE B 978 0.83 3.05 23.13
CA ILE B 978 1.70 3.92 23.89
C ILE B 978 1.31 5.39 23.75
N SER B 979 0.69 5.78 22.64
CA SER B 979 0.32 7.17 22.43
C SER B 979 -0.85 7.21 21.46
N SER B 980 -1.74 8.19 21.66
CA SER B 980 -2.89 8.36 20.80
C SER B 980 -3.22 9.85 20.73
N GLY B 981 -3.85 10.24 19.63
CA GLY B 981 -4.19 11.64 19.45
C GLY B 981 -4.59 11.91 18.01
N VAL B 982 -4.54 13.19 17.63
CA VAL B 982 -4.87 13.62 16.29
C VAL B 982 -3.73 14.50 15.79
N ILE B 983 -3.15 14.14 14.65
CA ILE B 983 -2.07 14.89 14.03
C ILE B 983 -2.61 15.53 12.75
N THR B 984 -2.43 16.84 12.63
CA THR B 984 -2.92 17.59 11.49
C THR B 984 -1.80 18.46 10.95
N SER B 985 -1.58 18.40 9.64
CA SER B 985 -0.61 19.25 8.98
C SER B 985 -1.30 20.49 8.41
N SER B 986 -0.49 21.48 8.06
CA SER B 986 -1.02 22.71 7.48
C SER B 986 0.13 23.45 6.80
N GLU B 987 -0.24 24.42 5.96
CA GLU B 987 0.72 25.27 5.29
C GLU B 987 0.71 26.70 5.82
N GLY B 988 -0.30 27.09 6.60
CA GLY B 988 -0.34 28.40 7.22
C GLY B 988 0.43 28.43 8.54
N ARG B 989 0.27 29.54 9.25
CA ARG B 989 0.91 29.72 10.54
C ARG B 989 0.10 29.00 11.61
N LEU B 990 0.67 27.95 12.20
CA LEU B 990 0.02 27.23 13.28
C LEU B 990 0.41 27.75 14.65
N LEU B 991 1.64 28.21 14.82
CA LEU B 991 2.11 28.65 16.13
C LEU B 991 1.31 29.86 16.59
N GLU B 992 0.87 29.82 17.85
CA GLU B 992 0.15 30.96 18.41
C GLU B 992 1.11 32.04 18.89
N THR B 993 1.99 31.69 19.82
CA THR B 993 2.95 32.66 20.33
C THR B 993 3.94 33.06 19.24
N ASP B 994 4.51 34.25 19.40
CA ASP B 994 5.51 34.77 18.46
C ASP B 994 6.93 34.46 18.89
N GLN B 995 7.14 33.39 19.66
CA GLN B 995 8.48 33.10 20.17
C GLN B 995 9.44 32.73 19.06
N HIS B 996 8.95 32.11 17.98
CA HIS B 996 9.84 31.71 16.90
C HIS B 996 10.53 32.90 16.25
N MET B 997 10.00 34.11 16.44
CA MET B 997 10.64 35.30 15.91
C MET B 997 11.69 35.90 16.85
N LYS B 998 11.74 35.47 18.10
CA LYS B 998 12.74 35.99 19.02
C LYS B 998 14.13 35.47 18.64
N LYS B 999 15.10 36.37 18.63
CA LYS B 999 16.45 36.05 18.13
C LYS B 999 17.44 35.79 19.26
N GLY B 1000 17.64 36.78 20.14
CA GLY B 1000 18.65 36.69 21.17
C GLY B 1000 18.13 36.05 22.44
N SER B 1001 18.95 36.13 23.49
CA SER B 1001 18.60 35.64 24.81
C SER B 1001 18.50 36.84 25.75
N VAL B 1002 17.33 37.00 26.38
CA VAL B 1002 17.11 38.12 27.28
C VAL B 1002 17.89 37.98 28.57
N LEU B 1003 18.49 36.82 28.83
CA LEU B 1003 19.25 36.58 30.05
C LEU B 1003 20.73 36.92 29.84
N ASP B 1004 20.97 38.18 29.49
CA ASP B 1004 22.31 38.68 29.24
C ASP B 1004 22.60 39.82 30.20
N GLY B 1005 23.79 39.78 30.81
CA GLY B 1005 24.18 40.78 31.78
C GLY B 1005 23.64 40.58 33.17
N LYS B 1006 22.87 39.52 33.41
CA LYS B 1006 22.32 39.28 34.72
C LYS B 1006 23.39 38.71 35.66
N PRO B 1007 23.29 38.99 36.96
CA PRO B 1007 24.24 38.39 37.90
C PRO B 1007 24.08 36.88 37.97
N ASP B 1008 25.15 36.22 38.43
CA ASP B 1008 25.13 34.77 38.58
C ASP B 1008 24.15 34.30 39.65
N LYS B 1009 23.70 35.19 40.53
CA LYS B 1009 22.72 34.85 41.55
C LYS B 1009 21.28 35.08 41.10
N GLU B 1010 21.07 35.54 39.87
CA GLU B 1010 19.75 35.71 39.30
C GLU B 1010 19.54 34.81 38.09
N LEU B 1011 20.32 33.75 37.97
CA LEU B 1011 20.26 32.86 36.82
C LEU B 1011 20.36 31.40 37.27
N LEU B 1012 19.72 30.52 36.53
CA LEU B 1012 19.84 29.09 36.72
C LEU B 1012 20.66 28.51 35.57
N PHE B 1013 21.68 27.75 35.89
CA PHE B 1013 22.53 27.11 34.89
C PHE B 1013 22.18 25.62 34.81
N THR B 1014 22.75 24.96 33.80
CA THR B 1014 22.36 23.57 33.54
C THR B 1014 22.61 22.68 34.76
N LYS B 1015 23.67 22.94 35.52
CA LYS B 1015 23.88 22.18 36.75
C LYS B 1015 22.74 22.39 37.73
N GLU B 1016 22.30 23.63 37.89
CA GLU B 1016 21.24 23.93 38.85
C GLU B 1016 19.88 23.49 38.34
N ILE B 1017 19.64 23.64 37.04
CA ILE B 1017 18.35 23.25 36.48
C ILE B 1017 18.12 21.76 36.64
N TYR B 1018 19.14 20.96 36.34
CA TYR B 1018 18.99 19.51 36.34
C TYR B 1018 19.33 18.88 37.68
N ARG B 1019 19.75 19.67 38.66
CA ARG B 1019 19.71 19.22 40.05
C ARG B 1019 18.29 19.18 40.57
N GLU B 1020 17.46 20.13 40.14
CA GLU B 1020 16.06 20.13 40.56
C GLU B 1020 15.30 18.95 39.97
N PHE B 1021 15.52 18.67 38.67
CA PHE B 1021 14.86 17.53 38.04
C PHE B 1021 15.32 16.22 38.67
N LEU B 1022 16.62 16.09 38.93
CA LEU B 1022 17.13 14.85 39.52
C LEU B 1022 16.47 14.56 40.85
N LEU B 1023 16.26 15.60 41.67
CA LEU B 1023 15.59 15.42 42.95
C LEU B 1023 14.19 14.86 42.79
N ARG B 1024 13.56 15.07 41.63
CA ARG B 1024 12.22 14.56 41.37
C ARG B 1024 12.21 13.24 40.61
N GLY B 1025 13.39 12.67 40.33
CA GLY B 1025 13.48 11.39 39.67
C GLY B 1025 13.81 11.46 38.19
N TYR B 1026 13.73 12.63 37.57
CA TYR B 1026 14.05 12.76 36.14
C TYR B 1026 15.56 12.82 36.00
N GLU B 1027 16.15 11.73 35.50
CA GLU B 1027 17.59 11.65 35.29
C GLU B 1027 17.87 11.84 33.80
N TYR B 1028 18.37 13.00 33.43
CA TYR B 1028 18.68 13.33 32.05
C TYR B 1028 20.20 13.31 31.86
N GLY B 1029 20.65 12.58 30.84
CA GLY B 1029 22.05 12.60 30.48
C GLY B 1029 22.40 13.83 29.67
N ALA B 1030 23.68 13.92 29.30
CA ALA B 1030 24.17 15.11 28.62
C ALA B 1030 23.40 15.40 27.34
N ALA B 1031 22.84 14.37 26.70
CA ALA B 1031 22.11 14.58 25.46
C ALA B 1031 20.82 15.35 25.70
N PHE B 1032 20.12 15.05 26.79
CA PHE B 1032 18.81 15.63 27.08
C PHE B 1032 18.90 16.89 27.92
N GLN B 1033 20.10 17.35 28.25
CA GLN B 1033 20.26 18.56 29.06
C GLN B 1033 20.29 19.79 28.15
N GLY B 1034 19.11 20.12 27.62
CA GLY B 1034 19.02 21.17 26.63
C GLY B 1034 18.94 22.57 27.20
N ILE B 1035 18.29 22.75 28.33
CA ILE B 1035 18.13 24.08 28.91
C ILE B 1035 19.46 24.52 29.49
N GLN B 1036 20.16 25.40 28.77
CA GLN B 1036 21.49 25.82 29.17
C GLN B 1036 21.50 26.99 30.13
N ARG B 1037 20.37 27.67 30.31
CA ARG B 1037 20.30 28.80 31.23
C ARG B 1037 18.85 29.25 31.32
N ALA B 1038 18.48 29.79 32.49
CA ALA B 1038 17.11 30.21 32.72
C ALA B 1038 17.08 31.24 33.83
N SER B 1039 15.96 31.94 33.94
CA SER B 1039 15.73 32.90 34.99
C SER B 1039 15.18 32.20 36.24
N LEU B 1040 15.22 32.92 37.37
CA LEU B 1040 14.76 32.34 38.62
C LEU B 1040 13.31 31.87 38.51
N ASP B 1041 12.49 32.61 37.79
CA ASP B 1041 11.10 32.19 37.57
C ASP B 1041 10.99 31.06 36.57
N ALA B 1042 12.05 30.75 35.83
CA ALA B 1042 12.06 29.76 34.76
C ALA B 1042 11.19 30.19 33.59
N THR B 1043 10.79 31.45 33.53
CA THR B 1043 9.98 31.92 32.40
C THR B 1043 10.83 32.07 31.15
N ASP B 1044 12.04 32.61 31.29
CA ASP B 1044 12.96 32.77 30.17
C ASP B 1044 14.06 31.73 30.26
N THR B 1045 14.40 31.14 29.11
CA THR B 1045 15.39 30.08 29.08
C THR B 1045 16.16 30.14 27.77
N ASP B 1046 17.32 29.49 27.76
CA ASP B 1046 18.14 29.31 26.56
C ASP B 1046 18.17 27.83 26.25
N ILE B 1047 17.54 27.44 25.15
CA ILE B 1047 17.36 26.03 24.80
C ILE B 1047 18.34 25.68 23.69
N ARG B 1048 19.04 24.57 23.86
CA ARG B 1048 20.05 24.15 22.90
C ARG B 1048 19.41 23.45 21.72
N TRP B 1049 19.91 23.74 20.52
CA TRP B 1049 19.44 23.13 19.28
C TRP B 1049 20.58 22.31 18.68
N ASP B 1050 20.45 20.98 18.73
CA ASP B 1050 21.49 20.09 18.23
C ASP B 1050 21.02 19.22 17.07
N GLY B 1051 19.87 19.50 16.50
CA GLY B 1051 19.38 18.78 15.35
C GLY B 1051 18.66 17.48 15.66
N ARG B 1052 18.59 17.09 16.92
CA ARG B 1052 17.86 15.90 17.33
C ARG B 1052 16.51 16.34 17.89
N TRP B 1053 15.44 15.91 17.23
CA TRP B 1053 14.12 16.45 17.54
C TRP B 1053 13.51 15.84 18.79
N ILE B 1054 13.79 14.58 19.09
CA ILE B 1054 13.28 13.98 20.32
C ILE B 1054 13.88 14.70 21.53
N SER B 1055 15.16 15.04 21.47
CA SER B 1055 15.77 15.80 22.54
C SER B 1055 15.18 17.20 22.64
N TYR B 1056 15.04 17.88 21.49
CA TYR B 1056 14.56 19.26 21.53
C TYR B 1056 13.15 19.34 22.09
N LEU B 1057 12.25 18.46 21.64
CA LEU B 1057 10.89 18.49 22.16
C LEU B 1057 10.86 18.20 23.65
N ASP B 1058 11.67 17.27 24.12
CA ASP B 1058 11.72 16.99 25.55
C ASP B 1058 12.20 18.21 26.32
N THR B 1059 13.23 18.90 25.82
CA THR B 1059 13.74 20.07 26.52
C THR B 1059 12.75 21.23 26.50
N VAL B 1060 11.81 21.23 25.56
CA VAL B 1060 10.74 22.23 25.61
C VAL B 1060 9.65 21.81 26.58
N LEU B 1061 9.47 20.50 26.79
CA LEU B 1061 8.58 20.03 27.84
C LEU B 1061 9.20 20.20 29.23
N GLN B 1062 10.53 20.21 29.32
CA GLN B 1062 11.18 20.46 30.60
C GLN B 1062 10.86 21.86 31.11
N MET B 1063 10.66 22.82 30.21
CA MET B 1063 10.29 24.17 30.63
C MET B 1063 8.97 24.16 31.39
N TYR B 1064 7.98 23.41 30.89
CA TYR B 1064 6.74 23.26 31.64
C TYR B 1064 7.00 22.61 32.98
N LEU B 1065 7.81 21.55 33.01
CA LEU B 1065 8.14 20.89 34.27
C LEU B 1065 8.90 21.84 35.19
N LEU B 1066 9.82 22.63 34.64
CA LEU B 1066 10.54 23.60 35.44
C LEU B 1066 9.64 24.72 35.95
N SER B 1067 8.43 24.84 35.42
CA SER B 1067 7.48 25.87 35.85
C SER B 1067 6.55 25.40 36.95
N LYS B 1068 6.68 24.17 37.42
CA LYS B 1068 5.82 23.61 38.47
C LYS B 1068 6.72 23.04 39.56
N PRO B 1069 7.33 23.89 40.38
CA PRO B 1069 8.22 23.40 41.43
C PRO B 1069 7.48 22.48 42.40
N GLY B 1070 8.18 21.48 42.88
CA GLY B 1070 7.58 20.53 43.79
C GLY B 1070 8.55 19.44 44.16
N THR B 1071 8.02 18.38 44.76
CA THR B 1071 8.82 17.23 45.16
C THR B 1071 8.40 15.93 44.51
N HIS B 1072 7.16 15.81 44.07
CA HIS B 1072 6.66 14.56 43.51
C HIS B 1072 7.12 14.40 42.06
N GLN B 1073 6.98 13.19 41.55
CA GLN B 1073 7.29 12.86 40.17
C GLN B 1073 6.01 12.88 39.36
N ALA B 1074 5.94 13.74 38.35
CA ALA B 1074 4.76 13.92 37.53
C ALA B 1074 4.98 13.26 36.18
N LEU B 1075 4.10 12.32 35.83
CA LEU B 1075 4.17 11.63 34.56
C LEU B 1075 3.18 12.26 33.60
N PRO B 1076 3.61 12.83 32.47
CA PRO B 1076 2.65 13.42 31.53
C PRO B 1076 1.64 12.38 31.07
N THR B 1077 0.39 12.83 30.94
CA THR B 1077 -0.70 11.96 30.50
C THR B 1077 -1.54 12.56 29.39
N LEU B 1078 -1.44 13.86 29.11
CA LEU B 1078 -2.24 14.47 28.06
C LEU B 1078 -1.60 15.78 27.66
N LEU B 1079 -1.24 15.91 26.38
CA LEU B 1079 -0.74 17.14 25.81
C LEU B 1079 -1.84 17.70 24.92
N GLU B 1080 -2.48 18.78 25.36
CA GLU B 1080 -3.65 19.29 24.65
C GLU B 1080 -3.27 19.75 23.25
N SER B 1081 -2.13 20.39 23.09
CA SER B 1081 -1.69 20.85 21.77
C SER B 1081 -0.16 20.83 21.72
N VAL B 1082 0.36 20.41 20.58
CA VAL B 1082 1.80 20.42 20.31
C VAL B 1082 1.97 20.86 18.86
N THR B 1083 2.54 22.04 18.64
CA THR B 1083 2.73 22.60 17.31
C THR B 1083 4.22 22.58 16.98
N ILE B 1084 4.56 21.94 15.87
CA ILE B 1084 5.94 21.89 15.39
C ILE B 1084 5.94 22.49 13.99
N ASP B 1085 6.76 23.52 13.80
CA ASP B 1085 6.84 24.25 12.53
C ASP B 1085 8.32 24.38 12.15
N PRO B 1086 8.90 23.35 11.55
CA PRO B 1086 10.33 23.42 11.22
C PRO B 1086 10.68 24.53 10.26
N ARG B 1087 9.71 25.05 9.52
CA ARG B 1087 9.98 26.11 8.55
C ARG B 1087 10.53 27.35 9.24
N VAL B 1088 9.95 27.71 10.39
CA VAL B 1088 10.47 28.83 11.19
C VAL B 1088 11.57 28.38 12.13
N HIS B 1089 11.87 27.08 12.19
CA HIS B 1089 12.92 26.55 13.05
C HIS B 1089 14.27 26.61 12.35
N PRO B 1090 15.36 26.88 13.07
CA PRO B 1090 16.68 26.87 12.41
C PRO B 1090 17.00 25.50 11.86
N ALA B 1091 17.79 25.49 10.78
CA ALA B 1091 18.14 24.25 10.11
C ALA B 1091 19.11 23.45 10.98
N GLN B 1092 19.25 22.17 10.63
CA GLN B 1092 20.10 21.28 11.42
C GLN B 1092 21.53 21.83 11.43
N PRO B 1093 22.25 21.72 12.55
CA PRO B 1093 23.60 22.26 12.59
C PRO B 1093 24.48 21.56 11.57
N PRO B 1094 25.48 22.27 11.02
CA PRO B 1094 26.43 21.61 10.10
C PRO B 1094 26.98 20.31 10.66
N GLU B 1095 27.41 19.42 9.78
CA GLU B 1095 27.91 18.12 10.23
C GLU B 1095 29.13 18.29 11.12
N GLY B 1096 29.22 17.45 12.14
CA GLY B 1096 30.38 17.47 13.03
C GLY B 1096 30.46 18.69 13.92
N THR B 1097 29.35 19.38 14.13
CA THR B 1097 29.36 20.56 14.98
C THR B 1097 29.61 20.17 16.44
N THR B 1098 30.44 20.96 17.11
CA THR B 1098 30.74 20.76 18.53
C THR B 1098 30.00 21.74 19.43
N GLU B 1099 29.93 23.00 19.04
CA GLU B 1099 29.19 24.02 19.77
C GLU B 1099 27.88 24.27 19.04
N PHE B 1100 26.77 24.13 19.76
CA PHE B 1100 25.44 24.34 19.20
C PHE B 1100 24.86 25.67 19.66
N GLN B 1101 23.93 26.19 18.88
CA GLN B 1101 23.29 27.45 19.20
C GLN B 1101 22.21 27.24 20.26
N VAL B 1102 21.88 28.33 20.95
CA VAL B 1102 20.85 28.33 21.99
C VAL B 1102 19.70 29.18 21.49
N LEU B 1103 18.51 28.59 21.46
CA LEU B 1103 17.31 29.30 21.03
C LEU B 1103 16.54 29.81 22.24
N PRO B 1104 16.14 31.07 22.27
CA PRO B 1104 15.38 31.57 23.42
C PRO B 1104 14.07 30.80 23.57
N GLY B 1105 13.71 30.53 24.83
CA GLY B 1105 12.45 29.89 25.14
C GLY B 1105 11.70 30.70 26.16
N LYS B 1106 10.38 30.54 26.16
CA LYS B 1106 9.52 31.28 27.05
C LYS B 1106 8.39 30.39 27.55
N TRP B 1107 8.01 30.61 28.81
CA TRP B 1107 6.88 29.93 29.42
C TRP B 1107 5.77 30.93 29.69
N ASP B 1108 4.57 30.63 29.20
CA ASP B 1108 3.45 31.54 29.33
C ASP B 1108 2.46 31.01 30.36
N PRO B 1109 2.44 31.54 31.58
CA PRO B 1109 1.48 31.03 32.57
C PRO B 1109 0.04 31.33 32.22
N VAL B 1110 -0.22 32.44 31.52
CA VAL B 1110 -1.58 32.81 31.19
C VAL B 1110 -2.22 31.75 30.29
N LEU B 1111 -1.50 31.35 29.25
CA LEU B 1111 -1.99 30.36 28.30
C LEU B 1111 -1.40 28.97 28.53
N GLN B 1112 -0.40 28.84 29.39
CA GLN B 1112 0.23 27.55 29.68
C GLN B 1112 0.88 26.98 28.42
N ILE B 1113 1.72 27.80 27.78
CA ILE B 1113 2.41 27.42 26.56
C ILE B 1113 3.91 27.48 26.83
N ALA B 1114 4.60 26.38 26.54
CA ALA B 1114 6.06 26.33 26.57
C ALA B 1114 6.56 26.41 25.13
N ALA B 1115 7.09 27.57 24.76
CA ALA B 1115 7.46 27.86 23.37
C ALA B 1115 8.95 28.13 23.28
N ALA B 1116 9.60 27.48 22.33
CA ALA B 1116 11.01 27.73 22.04
C ALA B 1116 11.26 27.36 20.59
N GLY B 1117 11.78 28.31 19.81
CA GLY B 1117 11.97 28.06 18.40
C GLY B 1117 10.63 27.85 17.72
N GLY B 1118 10.55 26.81 16.89
CA GLY B 1118 9.35 26.53 16.14
C GLY B 1118 8.45 25.51 16.79
N VAL B 1119 8.64 25.27 18.09
CA VAL B 1119 7.86 24.28 18.83
C VAL B 1119 7.03 25.00 19.89
N GLU B 1120 5.88 24.41 20.20
CA GLU B 1120 4.98 24.96 21.20
C GLU B 1120 4.17 23.83 21.82
N ILE B 1121 4.27 23.68 23.15
CA ILE B 1121 3.53 22.69 23.91
C ILE B 1121 2.55 23.43 24.80
N ARG B 1122 1.28 23.05 24.74
CA ARG B 1122 0.21 23.76 25.43
C ARG B 1122 -0.53 22.82 26.36
N SER B 1123 -0.74 23.27 27.60
CA SER B 1123 -1.60 22.60 28.56
C SER B 1123 -1.27 21.11 28.68
N CYS B 1124 -0.05 20.84 29.16
CA CYS B 1124 0.34 19.47 29.45
C CYS B 1124 -0.17 19.06 30.82
N HIS B 1125 -0.86 17.93 30.88
CA HIS B 1125 -1.42 17.41 32.11
C HIS B 1125 -0.63 16.19 32.55
N SER B 1126 -0.31 16.13 33.85
CA SER B 1126 0.52 15.08 34.40
C SER B 1126 -0.21 14.38 35.54
N ILE B 1127 0.21 13.14 35.81
CA ILE B 1127 -0.36 12.32 36.86
C ILE B 1127 0.75 11.97 37.85
N ARG B 1128 0.46 12.12 39.14
CA ARG B 1128 1.44 11.78 40.16
C ARG B 1128 1.87 10.33 40.02
N ALA B 1129 3.18 10.09 40.10
CA ALA B 1129 3.75 8.76 39.98
C ALA B 1129 4.48 8.42 41.27
N SER B 1130 4.25 7.20 41.77
CA SER B 1130 4.97 6.73 42.94
C SER B 1130 6.44 6.57 42.59
N ARG B 1131 7.32 7.19 43.37
CA ARG B 1131 8.74 7.14 43.11
C ARG B 1131 9.29 5.79 43.53
N ARG B 1132 9.82 5.03 42.58
CA ARG B 1132 10.39 3.72 42.86
C ARG B 1132 11.83 3.86 43.31
N LEU B 1133 12.29 2.91 44.10
CA LEU B 1133 13.63 2.94 44.67
C LEU B 1133 14.60 2.28 43.71
N ASN B 1134 15.60 3.03 43.26
CA ASN B 1134 16.60 2.48 42.36
C ASN B 1134 17.35 1.33 43.00
N HIS B 1135 17.69 1.47 44.28
CA HIS B 1135 18.49 0.51 45.02
C HIS B 1135 17.61 -0.29 45.96
N ASP B 1136 18.23 -1.15 46.75
CA ASP B 1136 17.51 -1.91 47.78
C ASP B 1136 17.33 -1.05 49.02
N PRO B 1137 16.41 -1.44 49.91
CA PRO B 1137 16.07 -0.57 51.04
C PRO B 1137 17.29 -0.28 51.89
N PRO B 1138 17.36 0.91 52.48
CA PRO B 1138 18.50 1.24 53.33
C PRO B 1138 18.53 0.39 54.60
N ILE B 1139 19.74 0.24 55.14
CA ILE B 1139 19.96 -0.53 56.36
C ILE B 1139 20.06 0.47 57.51
N LEU B 1140 19.03 0.52 58.34
CA LEU B 1140 19.01 1.42 59.48
C LEU B 1140 19.53 0.70 60.72
N GLU B 1141 20.45 1.36 61.43
CA GLU B 1141 21.05 0.79 62.62
C GLU B 1141 20.99 1.82 63.74
N ASP B 1142 21.15 1.33 64.97
CA ASP B 1142 21.16 2.17 66.17
C ASP B 1142 22.57 2.13 66.74
N PHE B 1143 23.31 3.22 66.56
CA PHE B 1143 24.68 3.32 67.06
C PHE B 1143 24.63 3.48 68.57
N ALA B 1144 24.75 2.37 69.29
CA ALA B 1144 24.60 2.34 70.73
C ALA B 1144 25.77 1.60 71.36
N PHE B 1145 25.90 1.76 72.68
CA PHE B 1145 26.97 1.14 73.44
C PHE B 1145 26.55 -0.23 73.95
N ALA B 1146 27.48 -1.17 73.93
CA ALA B 1146 27.19 -2.55 74.32
C ALA B 1146 28.29 -3.09 75.24
N PRO B 1147 27.96 -3.54 76.44
CA PRO B 1147 29.00 -4.08 77.33
C PRO B 1147 29.57 -5.39 76.80
N TYR B 1148 30.78 -5.69 77.25
CA TYR B 1148 31.48 -6.90 76.82
C TYR B 1148 31.06 -8.12 77.65
N VAL B 1149 31.24 -8.05 78.96
CA VAL B 1149 31.09 -9.21 79.84
C VAL B 1149 29.92 -8.99 80.77
N ASP B 1150 29.13 -10.04 80.97
CA ASP B 1150 28.05 -10.06 81.95
C ASP B 1150 27.13 -8.84 81.81
N PRO B 1151 26.55 -8.62 80.63
CA PRO B 1151 25.67 -7.47 80.45
C PRO B 1151 24.46 -7.55 81.37
N ARG B 1152 24.04 -6.38 81.86
CA ARG B 1152 22.82 -6.29 82.65
C ARG B 1152 21.59 -6.37 81.75
N PRO B 1153 20.42 -6.64 82.32
CA PRO B 1153 19.22 -6.78 81.48
C PRO B 1153 18.91 -5.54 80.66
N SER B 1154 19.34 -4.36 81.09
CA SER B 1154 19.07 -3.13 80.37
C SER B 1154 20.06 -2.85 79.24
N ASP B 1155 21.12 -3.65 79.12
CA ASP B 1155 22.12 -3.43 78.09
C ASP B 1155 21.71 -4.14 76.80
N ARG B 1156 22.29 -3.67 75.69
CA ARG B 1156 21.94 -4.20 74.37
C ARG B 1156 22.68 -5.49 74.04
N SER B 1157 23.76 -5.82 74.74
CA SER B 1157 24.45 -7.08 74.54
C SER B 1157 23.91 -8.19 75.44
N ALA B 1158 22.89 -7.90 76.23
CA ALA B 1158 22.30 -8.91 77.10
C ALA B 1158 21.41 -9.86 76.30
N ALA B 1159 21.25 -11.07 76.82
CA ALA B 1159 20.38 -12.04 76.19
C ALA B 1159 18.94 -11.54 76.20
N ALA B 1160 18.22 -11.76 75.11
CA ALA B 1160 16.86 -11.27 74.95
C ALA B 1160 15.86 -12.26 75.55
N VAL B 1161 15.98 -12.46 76.86
CA VAL B 1161 15.11 -13.37 77.59
C VAL B 1161 13.92 -12.57 78.11
N THR B 1162 12.77 -12.75 77.50
CA THR B 1162 11.54 -12.12 77.96
C THR B 1162 10.93 -12.93 79.10
N PRO B 1163 10.01 -12.35 79.85
CA PRO B 1163 9.31 -13.13 80.88
C PRO B 1163 8.62 -14.35 80.31
N ALA B 1164 8.08 -14.26 79.09
CA ALA B 1164 7.44 -15.41 78.46
C ALA B 1164 8.45 -16.53 78.22
N LEU B 1165 9.65 -16.18 77.74
CA LEU B 1165 10.66 -17.21 77.48
C LEU B 1165 11.06 -17.93 78.77
N ARG B 1166 11.24 -17.17 79.85
CA ARG B 1166 11.60 -17.79 81.12
C ARG B 1166 10.53 -18.77 81.60
N ASP B 1167 9.29 -18.62 81.14
CA ASP B 1167 8.25 -19.59 81.45
C ASP B 1167 8.37 -20.82 80.56
N TYR B 1168 8.55 -20.61 79.25
CA TYR B 1168 8.74 -21.73 78.34
C TYR B 1168 9.95 -22.57 78.74
N ALA B 1169 11.01 -21.92 79.23
CA ALA B 1169 12.16 -22.65 79.72
C ALA B 1169 11.79 -23.52 80.91
N ASP B 1170 11.02 -22.96 81.85
CA ASP B 1170 10.60 -23.74 83.02
C ASP B 1170 9.66 -24.87 82.62
N ALA B 1171 8.72 -24.58 81.71
CA ALA B 1171 7.79 -25.62 81.26
C ALA B 1171 8.54 -26.76 80.60
N CYS B 1172 9.52 -26.44 79.74
CA CYS B 1172 10.33 -27.49 79.13
C CYS B 1172 11.13 -28.24 80.19
N PHE B 1173 11.66 -27.54 81.18
CA PHE B 1173 12.43 -28.20 82.22
C PHE B 1173 11.58 -29.22 82.98
N GLU B 1174 10.37 -28.82 83.37
CA GLU B 1174 9.48 -29.76 84.06
C GLU B 1174 9.09 -30.91 83.15
N PHE B 1175 8.75 -30.60 81.89
CA PHE B 1175 8.41 -31.66 80.94
C PHE B 1175 9.58 -32.60 80.73
N SER B 1176 10.79 -32.05 80.60
CA SER B 1176 11.98 -32.90 80.46
C SER B 1176 12.18 -33.75 81.70
N ARG B 1177 12.18 -33.12 82.89
CA ARG B 1177 12.47 -33.86 84.11
C ARG B 1177 11.53 -35.05 84.29
N GLN B 1178 10.23 -34.81 84.20
CA GLN B 1178 9.27 -35.88 84.44
C GLN B 1178 9.28 -36.90 83.31
N GLY B 1179 9.58 -36.47 82.08
CA GLY B 1179 9.68 -37.41 80.98
C GLY B 1179 10.75 -38.46 81.22
N MET B 1180 11.89 -38.04 81.78
CA MET B 1180 12.94 -39.00 82.11
C MET B 1180 12.46 -39.98 83.17
N LYS B 1181 11.73 -39.48 84.17
CA LYS B 1181 11.14 -40.37 85.16
C LYS B 1181 10.24 -41.40 84.48
N ARG B 1182 9.41 -40.96 83.54
CA ARG B 1182 8.58 -41.89 82.78
C ARG B 1182 9.44 -42.88 82.00
N TRP B 1183 10.54 -42.40 81.42
CA TRP B 1183 11.44 -43.28 80.68
C TRP B 1183 12.01 -44.37 81.59
N LEU B 1184 12.52 -43.99 82.75
CA LEU B 1184 13.19 -44.95 83.62
C LEU B 1184 12.22 -46.04 84.08
N GLU B 1185 11.06 -45.65 84.59
CA GLU B 1185 10.11 -46.64 85.08
C GLU B 1185 9.60 -47.54 83.97
N ASN B 1186 9.29 -46.96 82.81
CA ASN B 1186 8.76 -47.76 81.70
C ASN B 1186 9.84 -48.55 80.98
N ASP B 1187 11.11 -48.24 81.20
CA ASP B 1187 12.22 -48.94 80.54
C ASP B 1187 12.44 -50.29 81.24
N LYS B 1188 11.43 -51.16 81.09
CA LYS B 1188 11.50 -52.51 81.63
C LYS B 1188 12.26 -53.47 80.73
N ASN B 1189 12.52 -53.09 79.48
CA ASN B 1189 13.29 -53.91 78.56
C ASN B 1189 14.78 -53.55 78.56
N ASN B 1190 15.19 -52.55 79.33
CA ASN B 1190 16.59 -52.12 79.37
C ASN B 1190 17.11 -51.81 77.98
N VAL B 1191 16.29 -51.11 77.19
CA VAL B 1191 16.65 -50.73 75.83
C VAL B 1191 16.94 -49.24 75.82
N LEU B 1192 17.40 -48.71 76.94
CA LEU B 1192 17.66 -47.28 77.11
C LEU B 1192 19.10 -47.10 77.58
N PRO B 1193 20.08 -47.31 76.68
CA PRO B 1193 21.47 -47.03 77.02
C PRO B 1193 21.65 -45.67 77.67
N ASN B 1194 22.78 -45.47 78.34
CA ASN B 1194 23.02 -44.25 79.11
C ASN B 1194 21.99 -44.10 80.22
N LYS B 1195 21.44 -45.23 80.69
CA LYS B 1195 20.43 -45.19 81.73
C LYS B 1195 21.00 -44.57 83.00
N GLU B 1196 22.23 -44.92 83.36
CA GLU B 1196 22.88 -44.27 84.49
C GLU B 1196 23.00 -42.77 84.24
N GLU B 1197 23.28 -42.38 83.00
CA GLU B 1197 23.39 -40.97 82.66
C GLU B 1197 22.04 -40.28 82.82
N ILE B 1198 20.95 -40.94 82.41
CA ILE B 1198 19.62 -40.38 82.62
C ILE B 1198 19.31 -40.27 84.10
N LYS B 1199 19.65 -41.30 84.88
CA LYS B 1199 19.42 -41.25 86.32
C LYS B 1199 20.18 -40.08 86.95
N GLU B 1200 21.44 -39.89 86.56
CA GLU B 1200 22.19 -38.75 87.06
C GLU B 1200 21.49 -37.45 86.72
N ALA B 1201 21.09 -37.29 85.45
CA ALA B 1201 20.45 -36.05 85.03
C ALA B 1201 19.14 -35.84 85.79
N LEU B 1202 18.37 -36.91 86.00
CA LEU B 1202 17.14 -36.79 86.78
C LEU B 1202 17.44 -36.36 88.21
N ALA B 1203 18.51 -36.90 88.80
CA ALA B 1203 18.86 -36.56 90.16
C ALA B 1203 19.18 -35.06 90.29
N MET B 1204 19.97 -34.52 89.36
CA MET B 1204 20.35 -33.11 89.47
C MET B 1204 19.14 -32.21 89.30
N ALA B 1205 18.25 -32.56 88.37
CA ALA B 1205 17.02 -31.79 88.21
C ALA B 1205 16.22 -31.77 89.51
N ASN B 1206 16.15 -32.91 90.20
CA ASN B 1206 15.49 -32.96 91.49
C ASN B 1206 16.20 -32.08 92.51
N LYS B 1207 17.54 -32.06 92.47
CA LYS B 1207 18.30 -31.25 93.41
C LYS B 1207 17.92 -29.78 93.28
N HIS B 1208 17.83 -29.29 92.05
CA HIS B 1208 17.50 -27.89 91.78
C HIS B 1208 16.02 -27.69 91.46
N ALA B 1209 15.24 -28.76 91.47
CA ALA B 1209 13.80 -28.69 91.17
C ALA B 1209 13.14 -27.53 91.92
N ASN B 1217 2.11 -34.60 86.90
CA ASN B 1217 2.26 -35.81 86.10
C ASN B 1217 2.58 -35.46 84.65
N PHE B 1218 3.09 -36.45 83.91
CA PHE B 1218 3.49 -36.22 82.53
C PHE B 1218 2.34 -35.66 81.70
N ALA B 1219 1.10 -36.04 82.04
CA ALA B 1219 -0.05 -35.46 81.35
C ALA B 1219 -0.13 -33.96 81.60
N SER B 1220 0.10 -33.53 82.84
CA SER B 1220 0.08 -32.10 83.15
C SER B 1220 1.22 -31.38 82.44
N ALA B 1221 2.40 -31.99 82.40
CA ALA B 1221 3.54 -31.35 81.75
C ALA B 1221 3.22 -31.02 80.30
N LYS B 1222 2.66 -31.99 79.57
CA LYS B 1222 2.21 -31.70 78.20
C LYS B 1222 1.06 -30.71 78.20
N ALA B 1223 0.23 -30.72 79.25
CA ALA B 1223 -0.89 -29.78 79.32
C ALA B 1223 -0.38 -28.34 79.41
N THR B 1224 0.61 -28.10 80.28
CA THR B 1224 1.13 -26.75 80.44
C THR B 1224 1.73 -26.23 79.13
N LEU B 1225 2.57 -27.05 78.49
CA LEU B 1225 3.18 -26.63 77.23
C LEU B 1225 2.13 -26.40 76.16
N GLU B 1226 1.19 -27.35 76.03
CA GLU B 1226 0.15 -27.19 75.01
C GLU B 1226 -0.65 -25.92 75.23
N ALA B 1227 -0.91 -25.57 76.49
CA ALA B 1227 -1.57 -24.30 76.78
C ALA B 1227 -0.71 -23.13 76.31
N LEU B 1228 0.59 -23.19 76.57
CA LEU B 1228 1.49 -22.13 76.11
C LEU B 1228 1.52 -22.06 74.59
N VAL B 1229 1.61 -23.22 73.93
CA VAL B 1229 1.73 -23.22 72.47
C VAL B 1229 0.45 -22.76 71.81
N ASN B 1230 -0.68 -23.34 72.21
CA ASN B 1230 -1.95 -23.06 71.53
C ASN B 1230 -2.50 -21.68 71.87
N ASN B 1231 -1.96 -21.00 72.87
CA ASN B 1231 -2.43 -19.66 73.22
C ASN B 1231 -1.94 -18.64 72.20
N LYS B 1232 -2.80 -17.69 71.87
CA LYS B 1232 -2.52 -16.63 70.92
C LYS B 1232 -2.77 -15.26 71.55
N ASN B 1233 -2.23 -15.05 72.74
CA ASN B 1233 -2.43 -13.83 73.51
C ASN B 1233 -1.47 -12.71 73.11
N GLY B 1234 -0.91 -12.75 71.91
CA GLY B 1234 0.08 -11.76 71.52
C GLY B 1234 1.47 -12.08 72.01
N HIS B 1235 1.61 -12.34 73.31
CA HIS B 1235 2.87 -12.85 73.86
C HIS B 1235 3.00 -14.30 73.40
N ARG B 1236 3.76 -14.49 72.33
CA ARG B 1236 3.83 -15.79 71.66
C ARG B 1236 5.24 -15.97 71.13
N LEU B 1237 5.95 -16.97 71.65
CA LEU B 1237 7.28 -17.24 71.15
C LEU B 1237 7.20 -17.62 69.68
N PRO B 1238 8.23 -17.27 68.89
CA PRO B 1238 8.12 -17.52 67.44
C PRO B 1238 7.82 -18.97 67.10
N ASN B 1239 8.41 -19.91 67.83
CA ASN B 1239 8.12 -21.32 67.64
C ASN B 1239 8.52 -22.06 68.90
N HIS B 1240 7.97 -23.27 69.05
CA HIS B 1240 8.26 -24.12 70.21
C HIS B 1240 8.93 -25.38 69.68
N GLY B 1241 10.26 -25.34 69.60
CA GLY B 1241 11.02 -26.46 69.06
C GLY B 1241 11.42 -27.47 70.11
N LEU B 1242 11.84 -26.99 71.29
CA LEU B 1242 12.25 -27.90 72.35
C LEU B 1242 11.10 -28.79 72.78
N PHE B 1243 9.91 -28.22 72.94
CA PHE B 1243 8.73 -29.01 73.27
C PHE B 1243 8.43 -30.02 72.16
N GLU B 1244 8.41 -29.56 70.92
CA GLU B 1244 8.11 -30.46 69.80
C GLU B 1244 9.09 -31.61 69.75
N MET B 1245 10.39 -31.30 69.74
CA MET B 1245 11.42 -32.33 69.71
C MET B 1245 11.34 -33.25 70.92
N LEU B 1246 11.15 -32.69 72.11
CA LEU B 1246 11.06 -33.51 73.32
C LEU B 1246 9.89 -34.47 73.24
N ASP B 1247 8.75 -34.01 72.73
CA ASP B 1247 7.59 -34.89 72.62
C ASP B 1247 7.89 -36.11 71.78
N ILE B 1248 8.62 -35.93 70.68
CA ILE B 1248 9.00 -37.07 69.85
C ILE B 1248 9.93 -38.00 70.64
N ALA B 1249 10.82 -37.42 71.45
CA ALA B 1249 11.79 -38.24 72.19
C ALA B 1249 11.09 -39.17 73.16
N PHE B 1250 10.10 -38.67 73.90
CA PHE B 1250 9.45 -39.46 74.94
C PHE B 1250 8.28 -40.27 74.41
N SER B 1251 7.47 -39.69 73.52
CA SER B 1251 6.29 -40.38 73.02
C SER B 1251 6.65 -41.61 72.19
N GLU B 1252 7.88 -41.69 71.69
CA GLU B 1252 8.26 -42.83 70.85
C GLU B 1252 8.21 -44.12 71.68
N PRO B 1253 7.64 -45.20 71.13
CA PRO B 1253 7.55 -46.44 71.90
C PRO B 1253 8.92 -47.01 72.26
N LEU B 1254 8.97 -47.71 73.38
CA LEU B 1254 10.17 -48.40 73.83
C LEU B 1254 10.08 -49.85 73.36
N GLU B 1255 10.81 -50.17 72.30
CA GLU B 1255 10.76 -51.50 71.71
C GLU B 1255 12.04 -51.71 70.88
N GLY B 1256 12.05 -52.76 70.06
CA GLY B 1256 13.22 -53.04 69.26
C GLY B 1256 13.51 -51.95 68.25
N ASP B 1257 14.80 -51.78 67.95
CA ASP B 1257 15.25 -50.75 67.02
C ASP B 1257 14.73 -49.38 67.44
N TYR B 1258 14.77 -49.12 68.74
CA TYR B 1258 14.29 -47.84 69.27
C TYR B 1258 15.31 -46.73 69.07
N TRP B 1259 16.53 -46.94 69.60
CA TRP B 1259 17.52 -45.88 69.57
C TRP B 1259 17.98 -45.56 68.16
N ASP B 1260 18.04 -46.56 67.28
CA ASP B 1260 18.38 -46.28 65.88
C ASP B 1260 17.26 -45.52 65.20
N ARG B 1261 16.01 -45.91 65.44
CA ARG B 1261 14.89 -45.17 64.87
C ARG B 1261 14.75 -43.79 65.48
N LEU B 1262 14.84 -43.71 66.82
CA LEU B 1262 14.72 -42.43 67.48
C LEU B 1262 15.83 -41.47 67.07
N ARG B 1263 17.06 -41.96 67.03
CA ARG B 1263 18.16 -41.12 66.56
C ARG B 1263 17.84 -40.53 65.19
N MET B 1264 17.29 -41.34 64.29
CA MET B 1264 16.91 -40.86 62.97
C MET B 1264 15.76 -39.87 63.05
N LYS B 1265 14.82 -40.10 63.97
CA LYS B 1265 13.68 -39.18 64.11
C LYS B 1265 14.16 -37.80 64.52
N LEU B 1266 15.01 -37.73 65.55
CA LEU B 1266 15.50 -36.44 66.01
C LEU B 1266 16.40 -35.79 64.98
N HIS B 1267 17.16 -36.59 64.23
CA HIS B 1267 17.98 -36.04 63.16
C HIS B 1267 17.15 -35.56 61.98
N ASP B 1268 15.85 -35.87 61.92
CA ASP B 1268 14.99 -35.34 60.88
C ASP B 1268 14.29 -34.05 61.28
N VAL B 1269 14.26 -33.75 62.57
CA VAL B 1269 13.62 -32.53 63.07
C VAL B 1269 14.68 -31.64 63.73
N ARG B 1270 15.95 -31.96 63.50
CA ARG B 1270 17.05 -31.22 64.13
C ARG B 1270 16.83 -29.71 64.06
N THR B 1271 16.15 -29.24 63.02
CA THR B 1271 15.94 -27.80 62.87
C THR B 1271 15.24 -27.20 64.08
N TYR B 1272 14.39 -27.97 64.75
CA TYR B 1272 13.68 -27.43 65.91
C TYR B 1272 14.64 -26.95 66.98
N LEU B 1273 15.66 -27.76 67.30
CA LEU B 1273 16.63 -27.34 68.31
C LEU B 1273 17.39 -26.10 67.85
N TRP B 1274 17.76 -26.04 66.57
CA TRP B 1274 18.49 -24.89 66.07
C TRP B 1274 17.66 -23.62 66.18
N ASP B 1275 16.43 -23.65 65.65
CA ASP B 1275 15.56 -22.48 65.64
C ASP B 1275 14.55 -22.63 66.79
N ASP B 1276 15.02 -22.30 68.00
CA ASP B 1276 14.19 -22.34 69.19
C ASP B 1276 14.44 -21.07 69.99
N PRO B 1277 13.41 -20.51 70.63
CA PRO B 1277 13.63 -19.29 71.43
C PRO B 1277 14.74 -19.44 72.46
N ILE B 1278 14.82 -20.59 73.13
CA ILE B 1278 15.87 -20.79 74.12
C ILE B 1278 17.24 -20.76 73.45
N ILE B 1279 17.39 -21.44 72.32
CA ILE B 1279 18.67 -21.47 71.64
C ILE B 1279 18.93 -20.15 70.92
N ALA B 1280 17.88 -19.47 70.47
CA ALA B 1280 18.03 -18.23 69.71
C ALA B 1280 18.20 -17.01 70.61
N ALA B 1281 18.08 -17.15 71.92
CA ALA B 1281 18.27 -16.01 72.80
C ALA B 1281 19.67 -15.45 72.68
N LEU B 1282 20.68 -16.31 72.64
CA LEU B 1282 22.05 -15.89 72.44
C LEU B 1282 22.41 -15.70 70.98
N GLU B 1283 21.56 -16.15 70.05
CA GLU B 1283 21.76 -15.96 68.63
C GLU B 1283 20.98 -14.78 68.08
N SER B 1284 20.62 -13.83 68.94
CA SER B 1284 19.88 -12.67 68.51
C SER B 1284 20.74 -11.82 67.58
N PRO B 1285 20.12 -11.03 66.70
CA PRO B 1285 20.92 -10.20 65.78
C PRO B 1285 21.89 -9.28 66.49
N ASP B 1286 21.50 -8.75 67.65
CA ASP B 1286 22.37 -7.80 68.36
C ASP B 1286 23.66 -8.47 68.81
N ILE B 1287 23.57 -9.63 69.45
CA ILE B 1287 24.77 -10.28 69.97
C ILE B 1287 25.64 -10.80 68.83
N VAL B 1288 25.03 -11.39 67.81
CA VAL B 1288 25.80 -11.93 66.70
C VAL B 1288 26.58 -10.84 66.00
N LYS B 1289 25.94 -9.69 65.77
CA LYS B 1289 26.65 -8.56 65.16
C LYS B 1289 27.73 -8.02 66.10
N LEU B 1290 27.45 -7.98 67.40
CA LEU B 1290 28.44 -7.49 68.35
C LEU B 1290 29.70 -8.36 68.32
N VAL B 1291 29.53 -9.68 68.30
CA VAL B 1291 30.69 -10.57 68.30
C VAL B 1291 31.45 -10.48 66.99
N MET B 1292 30.73 -10.61 65.87
CA MET B 1292 31.41 -10.64 64.58
C MET B 1292 32.14 -9.33 64.31
N GLU B 1293 31.46 -8.21 64.51
CA GLU B 1293 32.09 -6.91 64.24
C GLU B 1293 33.18 -6.59 65.23
N THR B 1294 33.01 -6.94 66.51
CA THR B 1294 34.06 -6.70 67.48
C THR B 1294 35.33 -7.45 67.10
N VAL B 1295 35.18 -8.69 66.63
CA VAL B 1295 36.34 -9.43 66.14
C VAL B 1295 36.93 -8.73 64.92
N SER B 1296 36.07 -8.27 64.01
CA SER B 1296 36.55 -7.63 62.80
C SER B 1296 37.40 -6.40 63.11
N ASP B 1297 36.99 -5.61 64.11
CA ASP B 1297 37.75 -4.43 64.46
C ASP B 1297 39.15 -4.77 64.96
N ASN B 1298 39.38 -6.01 65.39
CA ASN B 1298 40.64 -6.39 65.99
C ASN B 1298 41.54 -7.24 65.10
N VAL B 1299 40.97 -7.95 64.12
CA VAL B 1299 41.80 -8.64 63.14
C VAL B 1299 42.41 -7.61 62.20
N ASN B 1300 43.73 -7.67 62.03
CA ASN B 1300 44.48 -6.65 61.31
C ASN B 1300 44.80 -7.08 59.87
N GLN B 1301 43.89 -7.82 59.25
CA GLN B 1301 44.03 -8.26 57.87
C GLN B 1301 42.96 -7.61 57.02
N GLN B 1302 42.90 -8.00 55.74
CA GLN B 1302 41.84 -7.57 54.85
C GLN B 1302 40.73 -8.58 54.72
N VAL B 1303 41.03 -9.87 54.88
CA VAL B 1303 40.05 -10.94 54.81
C VAL B 1303 39.91 -11.56 56.20
N MET B 1304 38.67 -11.65 56.67
CA MET B 1304 38.38 -12.24 57.97
C MET B 1304 38.18 -13.74 57.78
N GLU B 1305 39.01 -14.54 58.45
CA GLU B 1305 38.96 -15.98 58.33
C GLU B 1305 38.22 -16.56 59.53
N ILE B 1306 37.17 -17.33 59.26
CA ILE B 1306 36.36 -17.96 60.30
C ILE B 1306 36.39 -19.46 60.08
N LEU B 1307 36.23 -20.21 61.15
CA LEU B 1307 36.27 -21.68 61.09
C LEU B 1307 35.32 -22.22 62.15
N GLU B 1308 34.25 -22.85 61.69
CA GLU B 1308 33.22 -23.39 62.57
C GLU B 1308 33.42 -24.91 62.61
N VAL B 1309 34.07 -25.39 63.66
CA VAL B 1309 34.34 -26.81 63.80
C VAL B 1309 33.11 -27.50 64.38
N GLY B 1310 32.67 -28.56 63.72
CA GLY B 1310 31.47 -29.26 64.14
C GLY B 1310 30.21 -28.52 63.72
N ALA B 1311 30.04 -28.33 62.41
CA ALA B 1311 28.93 -27.57 61.88
C ALA B 1311 27.67 -28.40 61.67
N ALA B 1312 27.74 -29.71 61.85
CA ALA B 1312 26.57 -30.56 61.63
C ALA B 1312 25.69 -30.67 62.87
N ARG B 1313 26.27 -30.65 64.07
CA ARG B 1313 25.49 -30.76 65.30
C ARG B 1313 25.03 -29.38 65.78
N GLY B 1314 25.96 -28.49 66.06
CA GLY B 1314 25.64 -27.13 66.40
C GLY B 1314 26.09 -26.18 65.31
N PRO B 1315 25.16 -25.65 64.53
CA PRO B 1315 25.53 -24.69 63.48
C PRO B 1315 25.51 -23.25 63.95
N TYR B 1316 26.40 -22.46 63.35
CA TYR B 1316 26.45 -21.02 63.60
C TYR B 1316 26.47 -20.21 62.31
N TYR B 1317 26.92 -20.76 61.19
CA TYR B 1317 26.90 -20.03 59.93
C TYR B 1317 25.49 -19.56 59.59
N ARG B 1318 24.49 -20.39 59.87
CA ARG B 1318 23.11 -20.00 59.56
C ARG B 1318 22.67 -18.78 60.35
N GLN B 1319 23.40 -18.43 61.40
CA GLN B 1319 23.15 -17.21 62.18
C GLN B 1319 24.18 -16.13 61.94
N ALA B 1320 25.47 -16.48 61.92
CA ALA B 1320 26.50 -15.46 61.75
C ALA B 1320 26.40 -14.81 60.38
N ILE B 1321 26.12 -15.59 59.34
CA ILE B 1321 26.16 -15.09 57.97
C ILE B 1321 25.00 -14.11 57.74
N PRO B 1322 23.74 -14.52 57.93
CA PRO B 1322 22.63 -13.62 57.60
C PRO B 1322 22.44 -12.47 58.57
N LYS B 1323 23.01 -12.53 59.77
CA LYS B 1323 22.77 -11.51 60.78
C LYS B 1323 23.91 -10.52 60.94
N ALA B 1324 25.15 -10.96 60.80
CA ALA B 1324 26.30 -10.07 60.98
C ALA B 1324 27.22 -9.98 59.78
N LEU B 1325 27.57 -11.11 59.16
CA LEU B 1325 28.58 -11.09 58.11
C LEU B 1325 28.05 -10.59 56.78
N GLU B 1326 26.73 -10.58 56.59
CA GLU B 1326 26.15 -10.05 55.36
C GLU B 1326 26.10 -8.54 55.34
N TYR B 1327 26.42 -7.88 56.45
CA TYR B 1327 26.40 -6.43 56.53
C TYR B 1327 27.79 -5.82 56.37
N PHE B 1328 28.78 -6.62 56.00
CA PHE B 1328 30.16 -6.15 55.90
C PHE B 1328 30.36 -5.39 54.60
N SER B 1329 31.05 -4.26 54.70
CA SER B 1329 31.40 -3.43 53.55
C SER B 1329 32.88 -3.12 53.48
N ILE B 1330 33.52 -2.92 54.62
CA ILE B 1330 34.93 -2.53 54.64
C ILE B 1330 35.86 -3.73 54.75
N LYS B 1331 35.42 -4.80 55.41
CA LYS B 1331 36.25 -5.97 55.67
C LYS B 1331 35.64 -7.19 55.00
N ASP B 1332 36.46 -7.93 54.27
CA ASP B 1332 36.03 -9.19 53.68
C ASP B 1332 36.11 -10.30 54.71
N TRP B 1333 35.34 -11.36 54.47
CA TRP B 1333 35.29 -12.50 55.37
C TRP B 1333 35.35 -13.80 54.58
N GLN B 1334 35.85 -14.85 55.23
CA GLN B 1334 35.92 -16.18 54.64
C GLN B 1334 35.49 -17.18 55.69
N TYR B 1335 34.40 -17.88 55.43
CA TYR B 1335 33.81 -18.82 56.37
C TYR B 1335 34.11 -20.25 55.94
N THR B 1336 34.49 -21.08 56.90
CA THR B 1336 34.87 -22.47 56.63
C THR B 1336 34.20 -23.36 57.68
N VAL B 1337 33.20 -24.09 57.25
CA VAL B 1337 32.54 -25.07 58.10
C VAL B 1337 33.26 -26.41 57.95
N ALA B 1338 33.31 -27.17 59.04
CA ALA B 1338 34.00 -28.45 59.04
C ALA B 1338 33.24 -29.43 59.94
N ASP B 1339 33.40 -30.71 59.63
CA ASP B 1339 32.76 -31.77 60.40
C ASP B 1339 33.31 -33.11 59.90
N GLN B 1340 32.84 -34.19 60.52
CA GLN B 1340 33.22 -35.53 60.06
C GLN B 1340 32.74 -35.76 58.63
N GLY B 1341 31.51 -35.33 58.32
CA GLY B 1341 30.95 -35.50 57.01
C GLY B 1341 30.52 -34.19 56.35
N PHE B 1342 29.85 -34.32 55.22
CA PHE B 1342 29.38 -33.19 54.44
C PHE B 1342 28.26 -32.47 55.21
N VAL B 1343 28.33 -31.13 55.28
CA VAL B 1343 27.34 -30.36 56.02
C VAL B 1343 26.18 -30.09 55.06
N GLU B 1344 25.10 -30.85 55.22
CA GLU B 1344 23.99 -30.77 54.28
C GLU B 1344 23.36 -29.38 54.28
N ASP B 1345 23.17 -28.78 55.45
CA ASP B 1345 22.48 -27.51 55.54
C ASP B 1345 23.33 -26.34 55.07
N ALA B 1346 24.65 -26.51 54.98
CA ALA B 1346 25.55 -25.45 54.58
C ALA B 1346 25.73 -25.37 53.06
N ALA B 1347 25.00 -26.19 52.31
CA ALA B 1347 25.17 -26.19 50.85
C ALA B 1347 24.74 -24.88 50.23
N GLU B 1348 23.80 -24.17 50.86
CA GLU B 1348 23.25 -22.94 50.30
C GLU B 1348 23.90 -21.69 50.85
N PHE B 1349 24.94 -21.82 51.68
CA PHE B 1349 25.61 -20.67 52.27
C PHE B 1349 26.99 -20.48 51.67
N PRO B 1350 27.48 -19.23 51.58
CA PRO B 1350 28.83 -19.02 51.01
C PRO B 1350 29.93 -19.49 51.94
N VAL B 1351 30.02 -20.80 52.15
CA VAL B 1351 30.99 -21.38 53.06
C VAL B 1351 31.75 -22.50 52.37
N LYS B 1352 32.91 -22.82 52.90
CA LYS B 1352 33.74 -23.91 52.42
C LYS B 1352 33.65 -25.07 53.40
N MET B 1353 33.35 -26.25 52.88
CA MET B 1353 33.19 -27.44 53.68
C MET B 1353 34.46 -28.28 53.68
N MET B 1354 35.04 -28.45 54.85
CA MET B 1354 36.19 -29.30 55.04
C MET B 1354 35.74 -30.61 55.68
N GLN B 1355 36.70 -31.50 55.90
CA GLN B 1355 36.39 -32.84 56.39
C GLN B 1355 37.49 -33.30 57.34
N PHE B 1356 37.12 -33.56 58.58
CA PHE B 1356 37.98 -34.26 59.54
C PHE B 1356 37.15 -34.54 60.78
N ASP B 1357 37.77 -35.21 61.76
CA ASP B 1357 37.06 -35.63 62.95
C ASP B 1357 37.03 -34.50 63.96
N PRO B 1358 35.86 -33.95 64.31
CA PRO B 1358 35.82 -32.88 65.32
C PRO B 1358 35.83 -33.40 66.74
N LEU B 1359 35.32 -34.61 66.94
CA LEU B 1359 35.17 -35.18 68.28
C LEU B 1359 36.44 -35.82 68.80
N ASP B 1360 37.50 -35.89 68.00
CA ASP B 1360 38.72 -36.55 68.42
C ASP B 1360 39.93 -35.67 68.07
N PRO B 1361 40.56 -35.02 69.06
CA PRO B 1361 41.79 -34.28 68.78
C PRO B 1361 42.90 -35.22 68.36
N ALA B 1362 44.07 -34.67 68.06
CA ALA B 1362 45.27 -35.38 67.63
C ALA B 1362 45.14 -35.83 66.17
N ASN B 1363 43.99 -35.65 65.54
CA ASN B 1363 43.80 -35.96 64.12
C ASN B 1363 43.37 -34.72 63.34
N PHE B 1364 43.49 -33.55 63.94
CA PHE B 1364 43.17 -32.31 63.24
C PHE B 1364 44.20 -32.10 62.14
N PRO B 1365 43.80 -31.88 60.89
CA PRO B 1365 44.80 -31.72 59.83
C PRO B 1365 45.80 -30.63 60.16
N ALA B 1366 47.08 -30.92 59.89
CA ALA B 1366 48.14 -29.95 60.13
C ALA B 1366 48.00 -28.71 59.26
N GLU B 1367 47.20 -28.77 58.19
CA GLU B 1367 46.93 -27.60 57.36
C GLU B 1367 46.11 -26.54 58.07
N LEU B 1368 45.73 -26.76 59.32
CA LEU B 1368 44.92 -25.82 60.08
C LEU B 1368 45.72 -25.06 61.14
N THR B 1369 47.04 -25.01 60.99
CA THR B 1369 47.88 -24.24 61.91
C THR B 1369 47.90 -22.79 61.48
N GLU B 1370 47.53 -21.90 62.39
CA GLU B 1370 47.44 -20.47 62.09
C GLU B 1370 46.57 -20.23 60.86
N SER B 1371 45.37 -20.78 60.90
CA SER B 1371 44.49 -20.81 59.73
C SER B 1371 43.27 -19.92 59.83
N CYS B 1372 42.76 -19.67 61.04
CA CYS B 1372 41.51 -18.92 61.21
C CYS B 1372 41.70 -17.80 62.22
N ASP B 1373 41.16 -16.63 61.89
CA ASP B 1373 41.19 -15.52 62.84
C ASP B 1373 40.16 -15.72 63.94
N LEU B 1374 39.02 -16.33 63.63
CA LEU B 1374 37.98 -16.63 64.59
C LEU B 1374 37.63 -18.11 64.49
N LEU B 1375 37.55 -18.78 65.64
CA LEU B 1375 37.14 -20.17 65.71
C LEU B 1375 35.85 -20.27 66.50
N VAL B 1376 34.84 -20.90 65.91
CA VAL B 1376 33.53 -21.05 66.52
C VAL B 1376 33.33 -22.51 66.87
N LEU B 1377 32.99 -22.78 68.13
CA LEU B 1377 32.87 -24.12 68.66
C LEU B 1377 31.50 -24.32 69.30
N LYS B 1378 30.46 -23.95 68.58
CA LYS B 1378 29.09 -24.10 69.06
C LYS B 1378 28.80 -25.57 69.35
N TRP B 1379 28.60 -25.91 70.63
CA TRP B 1379 28.25 -27.27 71.04
C TRP B 1379 29.29 -28.27 70.54
N ASN B 1380 30.57 -27.95 70.74
CA ASN B 1380 31.66 -28.84 70.35
C ASN B 1380 32.48 -29.30 71.54
N LEU B 1381 32.91 -28.39 72.40
CA LEU B 1381 33.73 -28.77 73.55
C LEU B 1381 32.97 -29.62 74.56
N GLN B 1382 31.64 -29.66 74.48
CA GLN B 1382 30.87 -30.54 75.35
C GLN B 1382 30.85 -31.98 74.85
N MET B 1383 31.32 -32.23 73.63
CA MET B 1383 31.40 -33.56 73.07
C MET B 1383 32.80 -34.15 73.12
N GLN B 1384 33.78 -33.40 73.57
CA GLN B 1384 35.16 -33.86 73.62
C GLN B 1384 35.40 -34.65 74.90
N VAL B 1385 36.01 -35.83 74.77
CA VAL B 1385 36.32 -36.63 75.96
C VAL B 1385 37.40 -35.95 76.79
N ASP B 1386 38.41 -35.39 76.13
CA ASP B 1386 39.52 -34.71 76.80
C ASP B 1386 39.46 -33.23 76.45
N LEU B 1387 39.04 -32.41 77.41
CA LEU B 1387 38.90 -30.97 77.15
C LEU B 1387 40.25 -30.32 76.96
N ASP B 1388 41.20 -30.60 77.86
CA ASP B 1388 42.51 -29.94 77.78
C ASP B 1388 43.21 -30.26 76.47
N ALA B 1389 43.18 -31.53 76.05
CA ALA B 1389 43.79 -31.89 74.78
C ALA B 1389 43.08 -31.20 73.63
N ALA B 1390 41.75 -31.16 73.65
CA ALA B 1390 41.00 -30.50 72.59
C ALA B 1390 41.31 -29.02 72.53
N ILE B 1391 41.29 -28.36 73.69
CA ILE B 1391 41.54 -26.91 73.72
C ILE B 1391 42.97 -26.62 73.28
N THR B 1392 43.93 -27.43 73.73
CA THR B 1392 45.31 -27.22 73.33
C THR B 1392 45.47 -27.37 71.82
N GLU B 1393 44.84 -28.39 71.24
CA GLU B 1393 44.91 -28.56 69.79
C GLU B 1393 44.10 -27.50 69.07
N PHE B 1394 42.98 -27.07 69.65
CA PHE B 1394 42.18 -26.03 69.01
C PHE B 1394 42.91 -24.70 69.00
N SER B 1395 43.62 -24.38 70.10
CA SER B 1395 44.29 -23.09 70.20
C SER B 1395 45.37 -22.92 69.13
N LYS B 1396 45.83 -24.01 68.52
CA LYS B 1396 46.85 -23.88 67.48
C LYS B 1396 46.26 -23.33 66.19
N MET B 1397 44.99 -23.59 65.92
CA MET B 1397 44.36 -23.08 64.72
C MET B 1397 44.11 -21.57 64.78
N ILE B 1398 44.29 -20.95 65.93
CA ILE B 1398 44.06 -19.52 66.07
C ILE B 1398 45.31 -18.77 65.62
N LYS B 1399 45.12 -17.80 64.74
CA LYS B 1399 46.23 -16.95 64.34
C LYS B 1399 46.68 -16.09 65.51
N PRO B 1400 47.91 -15.57 65.47
CA PRO B 1400 48.36 -14.75 66.59
C PRO B 1400 47.52 -13.49 66.74
N GLY B 1401 46.76 -13.41 67.82
CA GLY B 1401 45.78 -12.36 67.99
C GLY B 1401 44.37 -12.74 67.60
N GLY B 1402 44.11 -14.01 67.28
CA GLY B 1402 42.78 -14.43 66.89
C GLY B 1402 41.86 -14.60 68.09
N PHE B 1403 40.61 -14.96 67.79
CA PHE B 1403 39.58 -15.11 68.80
C PHE B 1403 38.98 -16.51 68.73
N LEU B 1404 38.45 -16.94 69.87
CA LEU B 1404 37.78 -18.24 69.98
C LEU B 1404 36.40 -18.00 70.56
N LEU B 1405 35.37 -18.44 69.85
CA LEU B 1405 33.98 -18.29 70.26
C LEU B 1405 33.44 -19.65 70.65
N VAL B 1406 32.95 -19.76 71.88
CA VAL B 1406 32.46 -21.02 72.43
C VAL B 1406 31.05 -20.80 72.98
N LEU B 1407 30.12 -21.62 72.52
CA LEU B 1407 28.75 -21.63 73.02
C LEU B 1407 28.45 -22.99 73.61
N GLU B 1408 28.13 -23.04 74.90
CA GLU B 1408 27.88 -24.30 75.59
C GLU B 1408 26.78 -24.10 76.62
N ASN B 1409 26.13 -25.21 76.98
CA ASN B 1409 25.14 -25.18 78.04
C ASN B 1409 25.83 -24.94 79.38
N GLY B 1410 25.31 -23.99 80.14
CA GLY B 1410 25.94 -23.63 81.40
C GLY B 1410 24.98 -23.65 82.59
N THR B 1411 23.69 -23.68 82.30
CA THR B 1411 22.67 -23.72 83.35
C THR B 1411 21.57 -24.68 82.94
N ARG B 1412 20.90 -25.25 83.94
CA ARG B 1412 19.83 -26.21 83.71
C ARG B 1412 20.29 -27.30 82.74
N LEU B 1413 21.40 -27.93 83.10
CA LEU B 1413 22.05 -28.90 82.23
C LEU B 1413 21.21 -30.14 81.99
N SER B 1414 20.15 -30.36 82.77
CA SER B 1414 19.31 -31.53 82.65
C SER B 1414 18.10 -31.30 81.73
N THR B 1415 18.01 -30.13 81.10
CA THR B 1415 16.87 -29.82 80.24
C THR B 1415 17.03 -30.39 78.84
N PHE B 1416 18.16 -30.13 78.19
CA PHE B 1416 18.42 -30.66 76.86
C PHE B 1416 19.02 -32.06 76.88
N PHE B 1417 19.37 -32.59 78.05
CA PHE B 1417 20.00 -33.90 78.10
C PHE B 1417 19.16 -34.99 77.47
N PRO B 1418 17.84 -35.06 77.70
CA PRO B 1418 17.06 -36.16 77.11
C PRO B 1418 17.28 -36.31 75.62
N ILE B 1419 17.40 -35.19 74.91
CA ILE B 1419 17.66 -35.24 73.48
C ILE B 1419 19.08 -35.71 73.21
N LYS B 1420 20.04 -35.22 73.99
CA LYS B 1420 21.42 -35.65 73.86
C LYS B 1420 21.65 -37.08 74.31
N ALA B 1421 20.69 -37.65 75.06
CA ALA B 1421 20.82 -39.05 75.48
C ALA B 1421 20.67 -39.99 74.30
N ILE B 1422 19.76 -39.69 73.38
CA ILE B 1422 19.44 -40.59 72.28
C ILE B 1422 19.78 -39.91 70.95
N VAL B 1423 20.78 -39.04 70.96
CA VAL B 1423 21.28 -38.45 69.71
C VAL B 1423 22.80 -38.53 69.67
N SER B 1424 23.42 -38.80 70.82
CA SER B 1424 24.86 -38.87 70.95
C SER B 1424 25.28 -40.31 71.23
N ALA B 1425 26.44 -40.71 70.71
CA ALA B 1425 26.92 -42.07 70.84
C ALA B 1425 27.35 -42.39 72.26
N SER B 1426 28.36 -41.68 72.76
CA SER B 1426 28.97 -41.98 74.06
C SER B 1426 28.91 -40.72 74.92
N LEU B 1427 28.07 -40.74 75.95
CA LEU B 1427 28.09 -39.71 76.98
C LEU B 1427 29.21 -40.01 77.97
N GLY B 1428 30.43 -40.01 77.43
CA GLY B 1428 31.62 -40.21 78.23
C GLY B 1428 32.60 -39.08 78.03
N GLY B 1429 32.84 -38.30 79.08
CA GLY B 1429 33.82 -37.23 79.01
C GLY B 1429 34.58 -37.09 80.31
N LYS B 1430 35.90 -37.18 80.24
CA LYS B 1430 36.71 -37.07 81.43
C LYS B 1430 36.57 -35.67 82.02
N GLY B 1431 36.56 -35.58 83.35
CA GLY B 1431 36.47 -34.31 84.02
C GLY B 1431 37.82 -33.62 84.06
N GLY B 1432 38.18 -33.07 85.21
CA GLY B 1432 39.46 -32.43 85.36
C GLY B 1432 39.52 -31.55 86.60
N PRO B 1433 40.54 -30.69 86.67
CA PRO B 1433 40.67 -29.83 87.85
C PRO B 1433 39.45 -28.96 88.10
N GLU B 1434 38.76 -28.54 87.04
CA GLU B 1434 37.57 -27.70 87.19
C GLU B 1434 36.37 -28.48 87.73
N GLY B 1435 36.46 -29.80 87.81
CA GLY B 1435 35.40 -30.63 88.32
C GLY B 1435 35.19 -31.83 87.44
N ASP B 1436 34.04 -32.46 87.61
CA ASP B 1436 33.67 -33.63 86.81
C ASP B 1436 32.54 -33.24 85.89
N ARG B 1437 32.68 -33.55 84.60
CA ARG B 1437 31.65 -33.18 83.64
C ARG B 1437 30.31 -33.72 84.09
N ALA B 1438 29.30 -32.84 84.14
CA ALA B 1438 27.96 -33.28 84.43
C ALA B 1438 27.54 -34.36 83.44
N MET B 1439 26.79 -35.34 83.94
CA MET B 1439 26.59 -36.59 83.23
C MET B 1439 27.93 -37.09 82.69
N GLY B 1440 28.14 -36.97 81.37
CA GLY B 1440 29.46 -37.20 80.80
C GLY B 1440 29.73 -36.24 79.66
N CYS B 1441 28.89 -35.21 79.52
CA CYS B 1441 29.01 -34.34 78.36
C CYS B 1441 28.75 -32.87 78.67
N PHE B 1442 28.72 -32.43 79.92
CA PHE B 1442 28.31 -31.07 80.24
C PHE B 1442 29.17 -30.50 81.36
N TYR B 1443 29.55 -29.23 81.20
CA TYR B 1443 30.21 -28.46 82.24
C TYR B 1443 29.36 -27.26 82.59
N THR B 1444 29.35 -26.89 83.87
CA THR B 1444 28.60 -25.73 84.32
C THR B 1444 29.30 -24.44 83.92
N ASP B 1445 28.50 -23.38 83.74
CA ASP B 1445 29.05 -22.11 83.26
C ASP B 1445 30.26 -21.67 84.08
N ALA B 1446 30.15 -21.73 85.41
CA ALA B 1446 31.27 -21.33 86.26
C ALA B 1446 32.49 -22.19 85.97
N GLN B 1447 32.30 -23.50 85.80
CA GLN B 1447 33.41 -24.37 85.46
C GLN B 1447 33.94 -24.07 84.06
N TRP B 1448 33.05 -23.74 83.13
CA TRP B 1448 33.50 -23.40 81.77
C TRP B 1448 34.45 -22.20 81.80
N SER B 1449 34.09 -21.16 82.55
CA SER B 1449 34.94 -19.99 82.62
C SER B 1449 36.28 -20.31 83.28
N ALA B 1450 36.25 -21.05 84.38
CA ALA B 1450 37.50 -21.40 85.05
C ALA B 1450 38.38 -22.26 84.14
N LEU B 1451 37.79 -23.20 83.42
CA LEU B 1451 38.57 -24.06 82.54
C LEU B 1451 39.30 -23.23 81.48
N PHE B 1452 38.58 -22.30 80.85
CA PHE B 1452 39.20 -21.46 79.84
C PHE B 1452 40.29 -20.58 80.44
N ALA B 1453 40.04 -19.99 81.60
CA ALA B 1453 41.04 -19.13 82.23
C ALA B 1453 42.30 -19.91 82.58
N ARG B 1454 42.16 -21.21 82.89
CA ARG B 1454 43.32 -21.99 83.30
C ARG B 1454 44.34 -22.15 82.18
N HIS B 1455 43.90 -22.11 80.93
CA HIS B 1455 44.80 -22.25 79.79
C HIS B 1455 45.30 -20.92 79.27
N GLY B 1456 45.35 -19.90 80.12
CA GLY B 1456 45.84 -18.60 79.69
C GLY B 1456 45.00 -18.00 78.58
N PHE B 1457 43.69 -17.96 78.77
CA PHE B 1457 42.77 -17.34 77.83
C PHE B 1457 42.13 -16.13 78.49
N GLU B 1458 42.21 -14.98 77.80
CA GLU B 1458 41.59 -13.76 78.32
C GLU B 1458 40.13 -13.72 77.92
N GLN B 1459 39.26 -13.39 78.88
CA GLN B 1459 37.82 -13.35 78.65
C GLN B 1459 37.45 -12.01 78.03
N ILE B 1460 37.46 -11.97 76.70
CA ILE B 1460 37.09 -10.74 76.00
C ILE B 1460 35.62 -10.42 76.22
N MET B 1461 34.76 -11.43 76.09
CA MET B 1461 33.33 -11.22 76.27
C MET B 1461 32.73 -12.47 76.90
N HIS B 1462 31.63 -12.27 77.63
CA HIS B 1462 30.95 -13.37 78.30
C HIS B 1462 29.50 -12.96 78.51
N ILE B 1463 28.58 -13.61 77.80
CA ILE B 1463 27.16 -13.29 77.84
C ILE B 1463 26.41 -14.53 78.30
N PRO B 1464 26.12 -14.64 79.60
CA PRO B 1464 25.34 -15.79 80.08
C PRO B 1464 23.86 -15.61 79.78
N ASP B 1465 23.27 -16.58 79.10
CA ASP B 1465 21.84 -16.52 78.80
C ASP B 1465 21.03 -16.52 80.08
N GLY B 1466 21.42 -17.33 81.05
CA GLY B 1466 20.72 -17.45 82.32
C GLY B 1466 19.73 -18.60 82.35
N ILE B 1467 19.06 -18.86 81.23
CA ILE B 1467 18.10 -19.94 81.14
C ILE B 1467 18.69 -21.21 80.53
N ALA B 1468 19.77 -21.11 79.76
CA ALA B 1468 20.35 -22.29 79.12
C ALA B 1468 21.78 -22.04 78.65
N VAL B 1469 21.93 -21.64 77.39
CA VAL B 1469 23.26 -21.58 76.78
C VAL B 1469 24.06 -20.43 77.38
N SER B 1470 25.38 -20.48 77.16
CA SER B 1470 26.28 -19.40 77.53
C SER B 1470 27.28 -19.19 76.40
N MET B 1471 27.82 -17.99 76.31
CA MET B 1471 28.72 -17.61 75.24
C MET B 1471 29.99 -17.02 75.83
N PHE B 1472 31.14 -17.48 75.34
CA PHE B 1472 32.44 -16.94 75.71
C PHE B 1472 33.20 -16.58 74.45
N LEU B 1473 33.77 -15.39 74.42
CA LEU B 1473 34.70 -14.97 73.39
C LEU B 1473 36.06 -14.74 74.04
N LEU B 1474 37.07 -15.47 73.59
CA LEU B 1474 38.38 -15.48 74.23
C LEU B 1474 39.47 -15.25 73.20
N ARG B 1475 40.55 -14.61 73.64
CA ARG B 1475 41.76 -14.49 72.84
C ARG B 1475 42.96 -14.56 73.77
N LYS B 1476 44.09 -15.00 73.23
CA LYS B 1476 45.26 -15.23 74.05
C LYS B 1476 45.79 -13.91 74.61
N PRO B 1477 46.30 -13.90 75.84
CA PRO B 1477 46.85 -12.66 76.39
C PRO B 1477 48.01 -12.15 75.56
N PHE B 1478 48.16 -10.83 75.53
CA PHE B 1478 49.24 -10.17 74.80
C PHE B 1478 50.24 -9.64 75.82
N GLU B 1479 51.51 -10.01 75.64
CA GLU B 1479 52.57 -9.57 76.54
C GLU B 1479 53.47 -8.60 75.80
N PRO B 1480 53.37 -7.30 76.04
CA PRO B 1480 54.22 -6.35 75.30
C PRO B 1480 55.69 -6.57 75.59
N SER B 1481 56.51 -6.33 74.58
CA SER B 1481 57.96 -6.30 74.74
C SER B 1481 58.49 -4.88 74.87
N VAL B 1482 57.72 -3.89 74.46
CA VAL B 1482 58.08 -2.48 74.58
C VAL B 1482 56.93 -1.76 75.28
N ALA B 1483 57.27 -0.80 76.13
CA ALA B 1483 56.26 -0.13 76.93
C ALA B 1483 55.25 0.57 76.01
N PRO B 1484 53.95 0.44 76.26
CA PRO B 1484 52.97 1.12 75.40
C PRO B 1484 53.06 2.63 75.56
N ILE B 1485 52.70 3.33 74.48
CA ILE B 1485 52.71 4.79 74.44
C ILE B 1485 51.28 5.28 74.64
N ILE B 1486 51.11 6.20 75.59
CA ILE B 1486 49.80 6.77 75.92
C ILE B 1486 49.81 8.25 75.56
N ILE B 1487 48.81 8.67 74.77
CA ILE B 1487 48.60 10.07 74.44
C ILE B 1487 47.17 10.41 74.81
N ASN B 1488 47.00 11.48 75.59
CA ASN B 1488 45.68 11.91 76.02
C ASN B 1488 45.10 12.87 74.99
N VAL B 1489 43.90 12.55 74.50
CA VAL B 1489 43.26 13.33 73.44
C VAL B 1489 42.00 13.99 73.98
N ASP B 1490 41.98 14.29 75.28
CA ASP B 1490 40.81 14.90 75.88
C ASP B 1490 40.54 16.28 75.28
N ASP B 1491 41.58 17.07 75.06
CA ASP B 1491 41.39 18.45 74.62
C ASP B 1491 40.63 18.49 73.31
N LEU B 1492 39.60 19.35 73.26
CA LEU B 1492 38.83 19.55 72.05
C LEU B 1492 39.37 20.68 71.18
N GLU B 1493 40.36 21.42 71.67
CA GLU B 1493 41.08 22.39 70.83
C GLU B 1493 42.21 21.73 70.05
N CYS B 1494 42.44 20.43 70.27
CA CYS B 1494 43.45 19.68 69.52
C CYS B 1494 44.85 20.25 69.78
N SER B 1495 45.21 20.34 71.06
CA SER B 1495 46.56 20.68 71.47
C SER B 1495 47.50 19.47 71.42
N TRP B 1496 47.00 18.33 70.93
CA TRP B 1496 47.78 17.11 70.84
C TRP B 1496 48.02 16.69 69.39
N LEU B 1497 47.52 17.46 68.42
CA LEU B 1497 47.66 17.05 67.03
C LEU B 1497 49.12 16.87 66.63
N GLU B 1498 50.03 17.62 67.26
CA GLU B 1498 51.44 17.48 66.93
C GLU B 1498 52.02 16.21 67.51
N GLU B 1499 51.67 15.89 68.75
CA GLU B 1499 52.21 14.68 69.39
C GLU B 1499 51.72 13.42 68.69
N VAL B 1500 50.42 13.35 68.39
CA VAL B 1500 49.89 12.17 67.70
C VAL B 1500 50.52 12.03 66.33
N GLN B 1501 50.65 13.13 65.60
CA GLN B 1501 51.23 13.07 64.27
C GLN B 1501 52.65 12.53 64.31
N ALA B 1502 53.45 12.98 65.27
CA ALA B 1502 54.82 12.50 65.38
C ALA B 1502 54.85 11.01 65.72
N ARG B 1503 54.03 10.59 66.68
CA ARG B 1503 54.04 9.18 67.08
C ARG B 1503 53.35 8.30 66.06
N CYS B 1504 52.40 8.85 65.30
CA CYS B 1504 51.77 8.08 64.22
C CYS B 1504 52.72 7.90 63.04
N ALA B 1505 53.69 8.80 62.88
CA ALA B 1505 54.66 8.65 61.78
C ALA B 1505 55.65 7.52 62.05
N GLU B 1506 55.96 7.26 63.32
CA GLU B 1506 56.94 6.25 63.70
C GLU B 1506 56.30 4.90 63.97
N LEU B 1507 55.17 4.59 63.32
CA LEU B 1507 54.50 3.32 63.57
C LEU B 1507 55.10 2.20 62.73
N GLN B 1508 55.42 2.49 61.46
CA GLN B 1508 55.96 1.50 60.54
C GLN B 1508 57.48 1.39 60.63
N ASP B 1509 58.06 1.79 61.76
CA ASP B 1509 59.50 1.63 61.98
C ASP B 1509 59.80 1.12 63.39
N SER B 1510 58.81 0.59 64.09
CA SER B 1510 58.95 0.13 65.46
C SER B 1510 58.64 -1.36 65.55
N HIS B 1511 58.79 -1.92 66.74
CA HIS B 1511 58.56 -3.34 66.95
C HIS B 1511 57.09 -3.67 66.74
N LYS B 1512 56.82 -4.90 66.33
CA LYS B 1512 55.44 -5.33 66.08
C LYS B 1512 54.59 -5.29 67.35
N ASP B 1513 55.22 -5.29 68.52
CA ASP B 1513 54.50 -5.29 69.79
C ASP B 1513 54.31 -3.89 70.35
N SER B 1514 54.70 -2.85 69.61
CA SER B 1514 54.48 -1.48 70.06
C SER B 1514 53.05 -1.05 69.76
N ARG B 1515 52.46 -0.31 70.69
CA ARG B 1515 51.08 0.14 70.57
C ARG B 1515 50.98 1.63 70.88
N LEU B 1516 50.06 2.29 70.20
CA LEU B 1516 49.73 3.70 70.45
C LEU B 1516 48.34 3.74 71.05
N TRP B 1517 48.25 4.18 72.30
CA TRP B 1517 46.98 4.22 73.04
C TRP B 1517 46.51 5.67 73.10
N LEU B 1518 45.47 5.97 72.32
CA LEU B 1518 44.80 7.27 72.39
C LEU B 1518 43.75 7.17 73.48
N VAL B 1519 43.92 7.94 74.56
CA VAL B 1519 43.12 7.81 75.76
C VAL B 1519 42.34 9.10 75.97
N ALA B 1520 41.05 8.97 76.25
CA ALA B 1520 40.19 10.10 76.57
C ALA B 1520 39.43 9.77 77.84
N ASN B 1521 39.40 10.71 78.78
CA ASN B 1521 38.72 10.55 80.06
C ASN B 1521 37.52 11.47 80.19
N THR B 1522 36.92 11.85 79.07
CA THR B 1522 35.81 12.79 79.07
C THR B 1522 34.69 12.26 78.19
N GLU B 1523 33.45 12.63 78.54
CA GLU B 1523 32.30 12.22 77.74
C GLU B 1523 32.40 12.78 76.32
N LEU B 1524 32.83 14.03 76.19
CA LEU B 1524 32.98 14.67 74.89
C LEU B 1524 34.40 14.46 74.40
N SER B 1525 34.57 13.55 73.43
CA SER B 1525 35.86 13.30 72.82
C SER B 1525 35.65 12.44 71.59
N GLY B 1526 36.37 12.75 70.52
CA GLY B 1526 36.18 12.08 69.25
C GLY B 1526 37.19 10.97 69.00
N VAL B 1527 37.79 10.45 70.07
CA VAL B 1527 38.84 9.44 69.91
C VAL B 1527 38.30 8.22 69.17
N LEU B 1528 37.04 7.86 69.42
CA LEU B 1528 36.51 6.62 68.83
C LEU B 1528 36.42 6.72 67.32
N GLY B 1529 35.82 7.78 66.80
CA GLY B 1529 35.80 7.98 65.36
C GLY B 1529 37.10 8.49 64.79
N PHE B 1530 37.90 9.18 65.61
CA PHE B 1530 39.23 9.60 65.18
C PHE B 1530 40.12 8.42 64.88
N LEU B 1531 40.12 7.42 65.79
CA LEU B 1531 40.96 6.25 65.57
C LEU B 1531 40.54 5.50 64.32
N ARG B 1532 39.24 5.30 64.11
CA ARG B 1532 38.78 4.53 62.96
C ARG B 1532 39.36 5.07 61.67
N SER B 1533 39.46 6.40 61.54
CA SER B 1533 40.05 6.98 60.35
C SER B 1533 41.56 6.84 60.32
N LEU B 1534 42.22 6.91 61.48
CA LEU B 1534 43.66 6.67 61.51
C LEU B 1534 43.99 5.24 61.12
N VAL B 1535 43.17 4.28 61.55
CA VAL B 1535 43.41 2.88 61.19
C VAL B 1535 43.39 2.70 59.69
N TRP B 1536 42.67 3.57 58.97
CA TRP B 1536 42.57 3.41 57.52
C TRP B 1536 43.89 3.71 56.82
N GLU B 1537 44.82 4.42 57.47
CA GLU B 1537 46.09 4.74 56.86
C GLU B 1537 47.30 4.27 57.65
N PHE B 1538 47.12 3.78 58.88
CA PHE B 1538 48.20 3.27 59.69
C PHE B 1538 48.00 1.82 60.11
N GLY B 1539 46.92 1.18 59.70
CA GLY B 1539 46.65 -0.18 60.07
C GLY B 1539 46.23 -0.31 61.52
N SER B 1540 45.48 -1.38 61.79
CA SER B 1540 44.96 -1.64 63.13
C SER B 1540 45.94 -2.39 64.02
N GLU B 1541 47.16 -2.64 63.53
CA GLU B 1541 48.12 -3.42 64.30
C GLU B 1541 48.53 -2.72 65.59
N LYS B 1542 48.72 -1.40 65.55
CA LYS B 1542 49.29 -0.67 66.67
C LYS B 1542 48.41 0.42 67.24
N LEU B 1543 47.35 0.83 66.55
CA LEU B 1543 46.47 1.87 67.07
C LEU B 1543 45.43 1.26 68.00
N ARG B 1544 45.26 1.87 69.17
CA ARG B 1544 44.28 1.43 70.16
C ARG B 1544 43.70 2.63 70.87
N CYS B 1545 42.47 2.49 71.36
CA CYS B 1545 41.73 3.60 71.97
C CYS B 1545 41.16 3.18 73.30
N ILE B 1546 41.05 4.15 74.20
CA ILE B 1546 40.36 4.00 75.47
C ILE B 1546 39.56 5.27 75.72
N GLN B 1547 38.27 5.12 75.98
CA GLN B 1547 37.43 6.25 76.38
C GLN B 1547 36.69 5.89 77.66
N ILE B 1548 36.65 6.83 78.59
CA ILE B 1548 35.96 6.66 79.86
C ILE B 1548 34.92 7.77 79.95
N ASP B 1549 33.65 7.38 80.00
CA ASP B 1549 32.55 8.34 80.07
C ASP B 1549 32.38 8.77 81.51
N ASP B 1550 32.73 10.03 81.82
CA ASP B 1550 32.66 10.51 83.19
C ASP B 1550 31.23 10.48 83.72
N ALA B 1551 30.27 10.90 82.89
CA ALA B 1551 28.90 11.05 83.39
C ALA B 1551 28.33 9.72 83.86
N THR B 1552 28.56 8.65 83.10
CA THR B 1552 27.96 7.35 83.39
C THR B 1552 28.94 6.37 84.02
N ALA B 1553 30.20 6.75 84.21
CA ALA B 1553 31.13 5.88 84.90
C ALA B 1553 30.62 5.60 86.31
N GLY B 1554 30.67 4.32 86.70
CA GLY B 1554 30.15 3.90 87.97
C GLY B 1554 30.87 4.55 89.13
N PRO B 1555 30.51 4.16 90.35
CA PRO B 1555 31.20 4.71 91.54
C PRO B 1555 32.69 4.42 91.55
N ASN B 1556 33.15 3.39 90.85
CA ASN B 1556 34.56 3.05 90.79
C ASN B 1556 35.08 3.30 89.39
N PRO B 1557 35.33 4.56 89.01
CA PRO B 1557 35.78 4.83 87.64
C PRO B 1557 37.15 4.20 87.40
N PRO B 1558 37.42 3.75 86.17
CA PRO B 1558 38.74 3.22 85.87
C PRO B 1558 39.82 4.29 86.05
N LYS B 1559 41.06 3.83 86.18
CA LYS B 1559 42.19 4.69 86.45
C LYS B 1559 43.29 4.47 85.43
N ILE B 1560 42.92 4.51 84.14
CA ILE B 1560 43.87 4.31 83.07
C ILE B 1560 44.91 5.43 83.08
N SER B 1561 46.12 5.13 83.55
CA SER B 1561 47.19 6.12 83.57
C SER B 1561 48.51 5.37 83.62
N ALA B 1562 49.17 5.28 82.46
CA ALA B 1562 50.49 4.65 82.35
C ALA B 1562 50.53 3.33 83.10
N ASP B 1563 51.38 3.24 84.13
CA ASP B 1563 51.53 2.01 84.89
C ASP B 1563 50.45 1.93 85.97
N SER B 1564 49.22 1.72 85.52
CA SER B 1564 48.07 1.58 86.39
C SER B 1564 47.72 0.09 86.52
N ALA B 1565 46.63 -0.20 87.21
CA ALA B 1565 46.13 -1.56 87.34
C ALA B 1565 45.11 -1.89 86.26
N ASP B 1566 44.13 -1.00 86.07
CA ASP B 1566 43.12 -1.24 85.03
C ASP B 1566 43.75 -1.26 83.65
N PHE B 1567 44.72 -0.38 83.40
CA PHE B 1567 45.32 -0.31 82.07
C PHE B 1567 45.96 -1.63 81.68
N LYS B 1568 46.72 -2.23 82.60
CA LYS B 1568 47.40 -3.49 82.28
C LYS B 1568 46.40 -4.57 81.89
N GLU B 1569 45.25 -4.61 82.58
CA GLU B 1569 44.19 -5.52 82.15
C GLU B 1569 43.74 -5.22 80.74
N LEU B 1570 43.87 -3.97 80.28
CA LEU B 1570 43.51 -3.61 78.92
C LEU B 1570 44.66 -3.83 77.94
N VAL B 1571 45.91 -3.71 78.39
CA VAL B 1571 47.04 -4.01 77.50
C VAL B 1571 47.22 -5.51 77.29
N ARG B 1572 46.50 -6.34 78.03
CA ARG B 1572 46.55 -7.78 77.83
C ARG B 1572 45.53 -8.26 76.81
N LYS B 1573 44.34 -7.67 76.81
CA LYS B 1573 43.33 -8.02 75.81
C LYS B 1573 43.63 -7.39 74.45
N ASP B 1574 44.23 -6.20 74.43
CA ASP B 1574 44.51 -5.48 73.20
C ASP B 1574 43.29 -5.41 72.29
N LEU B 1575 42.24 -4.78 72.80
CA LEU B 1575 41.07 -4.50 71.99
C LEU B 1575 41.21 -3.10 71.39
N ALA B 1576 40.91 -3.00 70.09
CA ALA B 1576 41.12 -1.73 69.39
C ALA B 1576 40.37 -0.60 70.07
N TYR B 1577 39.11 -0.82 70.44
CA TYR B 1577 38.27 0.20 71.05
C TYR B 1577 37.80 -0.30 72.40
N ASN B 1578 38.11 0.46 73.45
CA ASN B 1578 37.64 0.18 74.80
C ASN B 1578 36.88 1.41 75.28
N VAL B 1579 35.62 1.21 75.65
CA VAL B 1579 34.76 2.30 76.11
C VAL B 1579 34.16 1.88 77.44
N PHE B 1580 34.41 2.68 78.48
CA PHE B 1580 33.82 2.46 79.79
C PHE B 1580 32.64 3.41 79.93
N LYS B 1581 31.43 2.87 79.80
CA LYS B 1581 30.22 3.65 79.90
C LYS B 1581 29.15 2.79 80.55
N ASN B 1582 28.31 3.42 81.37
CA ASN B 1582 27.27 2.73 82.14
C ASN B 1582 27.86 1.78 83.18
N GLY B 1583 29.14 1.92 83.50
CA GLY B 1583 29.77 1.13 84.54
C GLY B 1583 30.50 -0.10 84.06
N LYS B 1584 30.48 -0.40 82.76
CA LYS B 1584 31.12 -1.60 82.24
C LYS B 1584 31.90 -1.26 80.98
N TRP B 1585 32.98 -1.99 80.75
CA TRP B 1585 33.73 -1.85 79.51
C TRP B 1585 32.91 -2.42 78.35
N GLY B 1586 32.91 -1.70 77.25
CA GLY B 1586 32.18 -2.13 76.07
C GLY B 1586 32.65 -1.40 74.85
N THR B 1587 31.81 -1.41 73.81
CA THR B 1587 32.15 -0.78 72.56
C THR B 1587 30.88 -0.25 71.91
N TYR B 1588 31.06 0.72 71.00
CA TYR B 1588 29.95 1.29 70.26
C TYR B 1588 29.72 0.46 69.00
N ARG B 1589 28.50 -0.05 68.85
CA ARG B 1589 28.15 -0.88 67.71
C ARG B 1589 26.84 -0.39 67.10
N GLY B 1590 26.74 -0.53 65.78
CA GLY B 1590 25.51 -0.21 65.09
C GLY B 1590 24.59 -1.41 64.99
N PHE B 1591 23.53 -1.41 65.79
CA PHE B 1591 22.61 -2.55 65.84
C PHE B 1591 21.48 -2.31 64.84
N VAL B 1592 21.26 -3.29 63.96
CA VAL B 1592 20.30 -3.12 62.87
C VAL B 1592 18.89 -2.94 63.44
N ILE B 1593 18.12 -2.10 62.75
CA ILE B 1593 16.71 -1.89 63.09
C ILE B 1593 15.88 -2.66 62.08
N SER B 1594 15.04 -3.58 62.56
CA SER B 1594 14.23 -4.38 61.67
C SER B 1594 13.26 -3.48 60.90
N ASP B 1595 12.99 -3.87 59.65
CA ASP B 1595 12.04 -3.13 58.83
C ASP B 1595 10.68 -3.05 59.51
N ALA B 1596 10.31 -4.06 60.28
CA ALA B 1596 9.03 -4.04 60.97
C ALA B 1596 8.93 -2.89 61.96
N ASP B 1597 10.05 -2.50 62.57
CA ASP B 1597 10.02 -1.41 63.54
C ASP B 1597 9.79 -0.06 62.88
N ARG B 1598 10.09 0.08 61.59
CA ARG B 1598 9.85 1.35 60.93
CA ARG B 1598 9.84 1.33 60.89
C ARG B 1598 8.37 1.70 60.86
N GLN B 1599 7.49 0.69 60.88
CA GLN B 1599 6.05 0.91 60.89
C GLN B 1599 5.43 0.53 62.22
N LYS B 1600 6.24 0.44 63.28
CA LYS B 1600 5.71 0.15 64.61
C LYS B 1600 4.71 1.22 65.01
N GLU B 1601 3.57 0.80 65.52
CA GLU B 1601 2.50 1.70 65.93
C GLU B 1601 2.59 1.94 67.43
N ARG B 1602 2.44 3.19 67.83
CA ARG B 1602 2.49 3.61 69.23
C ARG B 1602 1.25 4.44 69.53
N PRO B 1603 0.85 4.51 70.79
CA PRO B 1603 -0.30 5.35 71.13
C PRO B 1603 -0.06 6.81 70.74
N SER B 1604 -1.11 7.45 70.23
CA SER B 1604 -1.03 8.85 69.82
C SER B 1604 -2.39 9.48 70.04
N GLU B 1605 -2.40 10.70 70.59
CA GLU B 1605 -3.66 11.35 70.91
C GLU B 1605 -4.43 11.70 69.64
N TYR B 1606 -3.74 12.22 68.62
CA TYR B 1606 -4.35 12.57 67.35
C TYR B 1606 -3.78 11.68 66.25
N VAL B 1607 -4.65 11.04 65.50
CA VAL B 1607 -4.25 10.19 64.38
C VAL B 1607 -5.21 10.41 63.22
N TYR B 1608 -4.78 9.99 62.04
CA TYR B 1608 -5.58 10.09 60.83
C TYR B 1608 -5.19 8.96 59.89
N ALA B 1609 -6.11 8.58 59.00
CA ALA B 1609 -5.92 7.43 58.15
C ALA B 1609 -5.31 7.85 56.82
N ASP B 1610 -4.22 7.18 56.43
CA ASP B 1610 -3.56 7.39 55.16
C ASP B 1610 -3.10 6.04 54.63
N TRP B 1611 -2.47 6.05 53.46
CA TRP B 1611 -1.97 4.84 52.83
C TRP B 1611 -0.46 4.83 52.84
N LEU B 1612 0.12 3.66 53.14
CA LEU B 1612 1.57 3.52 53.06
C LEU B 1612 2.04 3.55 51.62
N SER B 1613 1.32 2.88 50.73
CA SER B 1613 1.63 2.85 49.31
C SER B 1613 0.40 3.28 48.53
N ALA B 1614 0.56 4.30 47.68
CA ALA B 1614 -0.58 4.81 46.91
C ALA B 1614 -1.13 3.73 46.01
N GLY B 1615 -2.46 3.71 45.87
CA GLY B 1615 -3.14 2.75 45.03
C GLY B 1615 -3.41 1.41 45.68
N ASP B 1616 -3.01 1.21 46.94
CA ASP B 1616 -3.23 -0.03 47.66
C ASP B 1616 -4.19 0.24 48.81
N MET B 1617 -5.34 -0.41 48.79
CA MET B 1617 -6.28 -0.28 49.90
C MET B 1617 -5.94 -1.18 51.07
N SER B 1618 -5.02 -2.12 50.90
CA SER B 1618 -4.55 -2.95 52.00
C SER B 1618 -3.41 -2.30 52.77
N SER B 1619 -2.95 -1.13 52.33
CA SER B 1619 -1.87 -0.41 52.99
C SER B 1619 -2.38 0.72 53.87
N LEU B 1620 -3.69 0.82 54.07
CA LEU B 1620 -4.24 1.89 54.88
C LEU B 1620 -3.82 1.71 56.34
N ARG B 1621 -3.26 2.75 56.93
CA ARG B 1621 -2.85 2.75 58.32
C ARG B 1621 -3.29 4.05 58.97
N TRP B 1622 -3.03 4.17 60.26
CA TRP B 1622 -3.31 5.39 61.02
C TRP B 1622 -1.99 6.05 61.37
N PHE B 1623 -1.78 7.27 60.88
CA PHE B 1623 -0.56 8.03 61.13
C PHE B 1623 -0.85 9.14 62.12
N ASP B 1624 0.22 9.69 62.68
CA ASP B 1624 0.09 10.82 63.59
C ASP B 1624 -0.53 12.00 62.85
N SER B 1625 -1.48 12.67 63.51
CA SER B 1625 -2.11 13.80 62.86
C SER B 1625 -1.41 15.10 63.26
N PRO B 1626 -1.16 16.02 62.31
CA PRO B 1626 -0.54 17.29 62.67
C PRO B 1626 -1.40 18.15 63.59
N LEU B 1627 -2.65 17.75 63.84
CA LEU B 1627 -3.50 18.51 64.74
C LEU B 1627 -2.99 18.54 66.17
N LYS B 1628 -2.04 17.67 66.52
CA LYS B 1628 -1.42 17.78 67.83
C LYS B 1628 -0.79 19.16 68.02
N THR B 1629 -0.38 19.79 66.93
CA THR B 1629 0.11 21.16 66.97
C THR B 1629 -1.01 22.19 66.92
N GLY B 1630 -2.26 21.75 66.82
CA GLY B 1630 -3.41 22.62 66.75
C GLY B 1630 -3.88 22.93 65.35
N HIS B 1631 -2.97 22.99 64.38
CA HIS B 1631 -3.28 23.32 63.00
C HIS B 1631 -3.25 22.06 62.15
N ASN B 1632 -3.44 22.24 60.84
CA ASN B 1632 -3.53 21.14 59.90
C ASN B 1632 -2.56 21.40 58.76
N ASN B 1633 -1.81 20.37 58.37
CA ASN B 1633 -0.85 20.53 57.28
C ASN B 1633 -1.56 20.93 56.00
N GLY B 1634 -0.86 21.70 55.17
CA GLY B 1634 -1.40 22.12 53.89
C GLY B 1634 -2.01 23.51 53.94
N MET B 1635 -1.37 24.41 54.67
CA MET B 1635 -1.81 25.80 54.76
C MET B 1635 -1.06 26.70 53.78
N LEU B 1636 -0.68 26.17 52.63
CA LEU B 1636 0.17 26.85 51.67
C LEU B 1636 -0.60 27.11 50.38
N GLY B 1637 -0.35 28.26 49.76
CA GLY B 1637 -0.94 28.57 48.48
C GLY B 1637 -2.38 29.03 48.57
N SER B 1638 -3.28 28.34 47.87
CA SER B 1638 -4.68 28.74 47.86
C SER B 1638 -5.35 28.53 49.20
N LYS B 1639 -4.89 27.58 50.02
CA LYS B 1639 -5.45 27.40 51.34
C LYS B 1639 -5.16 28.59 52.26
N MET B 1640 -4.25 29.47 51.86
CA MET B 1640 -3.95 30.68 52.62
C MET B 1640 -4.91 31.82 52.32
N ALA B 1641 -5.65 31.74 51.20
CA ALA B 1641 -6.53 32.85 50.82
C ALA B 1641 -7.86 32.78 51.55
N HIS B 1642 -8.44 31.59 51.66
CA HIS B 1642 -9.74 31.43 52.32
C HIS B 1642 -9.53 31.29 53.82
N LYS B 1643 -9.84 32.35 54.56
CA LYS B 1643 -9.66 32.36 56.01
C LYS B 1643 -10.96 31.93 56.71
N LEU B 1644 -11.38 30.71 56.38
CA LEU B 1644 -12.62 30.18 56.93
C LEU B 1644 -12.51 30.04 58.45
N GLU B 1645 -13.62 30.31 59.14
CA GLU B 1645 -13.68 30.11 60.57
C GLU B 1645 -13.98 28.66 60.87
N THR B 1646 -13.11 28.00 61.64
CA THR B 1646 -13.17 26.57 61.85
C THR B 1646 -13.41 26.26 63.32
N GLU B 1647 -14.20 25.21 63.57
CA GLU B 1647 -14.46 24.70 64.90
C GLU B 1647 -13.79 23.35 65.05
N THR B 1648 -12.97 23.19 66.09
CA THR B 1648 -12.26 21.94 66.31
C THR B 1648 -13.19 20.93 66.97
N CYS B 1649 -13.45 19.83 66.27
CA CYS B 1649 -14.40 18.82 66.72
C CYS B 1649 -13.69 17.50 66.97
N SER B 1650 -14.13 16.79 68.01
CA SER B 1650 -13.61 15.47 68.33
C SER B 1650 -14.46 14.43 67.61
N VAL B 1651 -13.90 13.82 66.57
CA VAL B 1651 -14.67 12.90 65.74
C VAL B 1651 -15.00 11.65 66.54
N TYR B 1652 -16.26 11.23 66.48
CA TYR B 1652 -16.72 9.98 67.09
C TYR B 1652 -16.99 8.90 66.06
N TYR B 1653 -17.65 9.25 64.96
CA TYR B 1653 -17.89 8.35 63.86
C TYR B 1653 -17.48 9.04 62.57
N ALA B 1654 -16.94 8.26 61.63
CA ALA B 1654 -16.53 8.76 60.33
C ALA B 1654 -17.20 7.92 59.26
N GLY B 1655 -17.93 8.58 58.37
CA GLY B 1655 -18.60 7.87 57.29
C GLY B 1655 -17.64 7.64 56.12
N LEU B 1656 -17.73 6.44 55.56
CA LEU B 1656 -16.94 6.06 54.40
C LEU B 1656 -17.80 6.20 53.16
N ASN B 1657 -17.39 7.07 52.24
CA ASN B 1657 -18.07 7.27 50.98
C ASN B 1657 -17.29 6.56 49.87
N LEU B 1658 -17.89 6.51 48.69
CA LEU B 1658 -17.20 5.97 47.53
C LEU B 1658 -16.12 6.90 47.02
N ARG B 1659 -16.12 8.16 47.44
CA ARG B 1659 -15.05 9.08 47.07
C ARG B 1659 -13.73 8.64 47.69
N ASP B 1660 -13.77 8.12 48.92
CA ASP B 1660 -12.54 7.70 49.58
C ASP B 1660 -11.99 6.42 48.95
N ILE B 1661 -12.85 5.47 48.62
CA ILE B 1661 -12.40 4.23 48.01
C ILE B 1661 -11.74 4.51 46.66
N ILE B 1662 -12.33 5.40 45.88
CA ILE B 1662 -11.78 5.74 44.57
C ILE B 1662 -10.36 6.28 44.71
N LEU B 1663 -10.16 7.17 45.68
CA LEU B 1663 -8.82 7.71 45.92
C LEU B 1663 -7.89 6.65 46.51
N ALA B 1664 -8.40 5.85 47.44
CA ALA B 1664 -7.55 4.90 48.15
C ALA B 1664 -7.00 3.84 47.21
N ASN B 1665 -7.83 3.32 46.29
CA ASN B 1665 -7.44 2.22 45.42
C ASN B 1665 -6.75 2.70 44.16
N GLY B 1666 -6.45 3.99 44.03
CA GLY B 1666 -5.71 4.50 42.90
C GLY B 1666 -6.52 4.79 41.66
N THR B 1667 -7.84 4.62 41.71
CA THR B 1667 -8.65 4.93 40.55
C THR B 1667 -8.51 6.40 40.13
N ILE B 1668 -8.27 7.29 41.10
CA ILE B 1668 -8.09 8.71 40.84
C ILE B 1668 -6.95 9.22 41.70
N GLN B 1669 -6.13 10.09 41.14
CA GLN B 1669 -5.01 10.66 41.88
C GLN B 1669 -5.47 11.83 42.74
N ARG B 1670 -4.64 12.19 43.71
CA ARG B 1670 -4.94 13.30 44.59
C ARG B 1670 -5.05 14.62 43.84
N ASP B 1671 -4.45 14.71 42.66
CA ASP B 1671 -4.40 15.97 41.92
C ASP B 1671 -5.74 16.36 41.30
N ILE B 1672 -6.68 15.42 41.18
CA ILE B 1672 -8.00 15.78 40.66
C ILE B 1672 -8.83 16.53 41.69
N LEU B 1673 -8.50 16.41 42.97
CA LEU B 1673 -9.24 17.08 44.01
C LEU B 1673 -8.98 18.59 43.96
N PRO B 1674 -9.82 19.39 44.63
CA PRO B 1674 -9.57 20.83 44.69
C PRO B 1674 -8.12 21.12 45.05
N GLU B 1675 -7.58 22.19 44.44
CA GLU B 1675 -6.18 22.52 44.61
C GLU B 1675 -5.84 22.87 46.06
N GLU B 1676 -6.84 23.19 46.88
CA GLU B 1676 -6.59 23.51 48.28
C GLU B 1676 -6.15 22.31 49.10
N THR B 1677 -6.28 21.09 48.58
CA THR B 1677 -5.93 19.87 49.29
C THR B 1677 -4.61 19.27 48.84
N PHE B 1678 -3.85 19.98 48.00
CA PHE B 1678 -2.63 19.39 47.45
C PHE B 1678 -1.60 19.10 48.54
N PHE B 1679 -1.45 19.99 49.50
CA PHE B 1679 -0.45 19.85 50.54
C PHE B 1679 -1.02 19.28 51.84
N LYS B 1680 -2.28 18.86 51.84
CA LYS B 1680 -2.86 18.27 53.04
C LYS B 1680 -2.21 16.93 53.34
N GLU B 1681 -2.19 16.56 54.61
CA GLU B 1681 -1.57 15.31 55.02
C GLU B 1681 -2.27 14.11 54.39
N GLY B 1682 -3.59 14.18 54.23
CA GLY B 1682 -4.36 13.10 53.66
C GLY B 1682 -5.55 13.66 52.92
N VAL B 1683 -6.22 12.78 52.17
CA VAL B 1683 -7.34 13.18 51.34
C VAL B 1683 -8.52 12.24 51.55
N LEU B 1684 -8.51 11.48 52.64
CA LEU B 1684 -9.53 10.48 52.91
C LEU B 1684 -10.50 11.00 53.96
N GLY B 1685 -11.79 10.93 53.66
CA GLY B 1685 -12.82 11.28 54.62
C GLY B 1685 -13.26 12.72 54.54
N VAL B 1686 -14.57 12.96 54.51
CA VAL B 1686 -15.12 14.30 54.52
C VAL B 1686 -16.14 14.44 55.64
N GLU B 1687 -17.10 13.52 55.71
CA GLU B 1687 -18.15 13.60 56.70
C GLU B 1687 -17.72 12.96 58.02
N PHE B 1688 -18.44 13.31 59.09
CA PHE B 1688 -18.13 12.81 60.41
C PHE B 1688 -19.29 13.19 61.33
N SER B 1689 -19.24 12.68 62.55
CA SER B 1689 -20.19 13.03 63.60
C SER B 1689 -19.46 12.90 64.92
N GLY B 1690 -19.28 14.01 65.62
CA GLY B 1690 -18.50 14.03 66.85
C GLY B 1690 -19.00 15.08 67.80
N ARG B 1691 -18.07 15.76 68.45
CA ARG B 1691 -18.41 16.75 69.46
C ARG B 1691 -17.51 17.97 69.28
N ASN B 1692 -18.11 19.15 69.22
CA ASN B 1692 -17.33 20.37 69.07
C ASN B 1692 -16.62 20.70 70.38
N SER B 1693 -15.93 21.84 70.40
CA SER B 1693 -15.14 22.22 71.56
C SER B 1693 -16.00 22.45 72.79
N SER B 1694 -17.28 22.77 72.62
CA SER B 1694 -18.18 23.03 73.74
C SER B 1694 -18.86 21.77 74.26
N GLY B 1695 -18.59 20.61 73.68
CA GLY B 1695 -19.21 19.38 74.08
C GLY B 1695 -20.49 19.04 73.35
N LYS B 1696 -21.02 19.96 72.55
CA LYS B 1696 -22.25 19.69 71.82
C LYS B 1696 -22.02 18.58 70.79
N ARG B 1697 -23.09 17.84 70.52
CA ARG B 1697 -23.05 16.80 69.49
C ARG B 1697 -23.33 17.42 68.13
N VAL B 1698 -22.35 17.36 67.23
CA VAL B 1698 -22.46 17.97 65.92
C VAL B 1698 -22.05 16.97 64.85
N MET B 1699 -22.54 17.21 63.64
CA MET B 1699 -22.17 16.45 62.45
C MET B 1699 -21.99 17.41 61.30
N GLY B 1700 -21.08 17.08 60.39
CA GLY B 1700 -20.85 17.97 59.26
C GLY B 1700 -19.80 17.44 58.34
N LEU B 1701 -19.60 18.19 57.25
CA LEU B 1701 -18.60 17.90 56.24
C LEU B 1701 -17.43 18.88 56.38
N CYS B 1702 -16.22 18.36 56.27
CA CYS B 1702 -15.03 19.19 56.35
C CYS B 1702 -14.07 18.78 55.24
N PRO B 1703 -13.19 19.68 54.82
CA PRO B 1703 -12.14 19.29 53.90
C PRO B 1703 -11.30 18.19 54.52
N PRO B 1704 -10.78 17.26 53.71
CA PRO B 1704 -10.08 16.12 54.27
C PRO B 1704 -8.83 16.54 55.00
N PRO B 1705 -8.27 15.68 55.85
CA PRO B 1705 -8.75 14.33 56.20
C PRO B 1705 -9.79 14.34 57.30
N ALA B 1706 -11.02 13.93 57.03
CA ALA B 1706 -12.03 13.77 58.07
C ALA B 1706 -12.08 12.35 58.61
N LEU B 1707 -11.32 11.42 58.01
CA LEU B 1707 -11.15 10.09 58.58
C LEU B 1707 -10.04 10.13 59.63
N ALA B 1708 -10.29 10.95 60.65
CA ALA B 1708 -9.33 11.19 61.71
C ALA B 1708 -10.06 11.23 63.03
N THR B 1709 -9.32 11.49 64.11
CA THR B 1709 -9.90 11.59 65.44
C THR B 1709 -10.20 13.02 65.85
N THR B 1710 -9.58 14.00 65.21
CA THR B 1710 -9.90 15.41 65.41
C THR B 1710 -9.95 16.09 64.05
N VAL B 1711 -10.82 17.08 63.92
CA VAL B 1711 -11.01 17.82 62.67
C VAL B 1711 -11.12 19.29 62.99
N LYS B 1712 -10.96 20.11 61.96
CA LYS B 1712 -11.21 21.55 62.03
C LYS B 1712 -12.27 21.86 60.99
N CYS B 1713 -13.52 21.69 61.39
CA CYS B 1713 -14.65 21.83 60.48
C CYS B 1713 -15.11 23.28 60.42
N PRO B 1714 -15.25 23.86 59.23
CA PRO B 1714 -15.78 25.23 59.15
C PRO B 1714 -17.16 25.31 59.80
N VAL B 1715 -17.41 26.44 60.48
CA VAL B 1715 -18.67 26.60 61.20
C VAL B 1715 -19.86 26.64 60.24
N SER B 1716 -19.62 26.90 58.97
CA SER B 1716 -20.68 26.93 57.97
C SER B 1716 -20.99 25.55 57.39
N SER B 1717 -20.34 24.50 57.90
CA SER B 1717 -20.57 23.15 57.44
C SER B 1717 -20.98 22.21 58.57
N LEU B 1718 -21.27 22.74 59.76
CA LEU B 1718 -21.57 21.93 60.93
C LEU B 1718 -23.06 22.00 61.23
N TRP B 1719 -23.71 20.84 61.23
CA TRP B 1719 -25.08 20.72 61.68
C TRP B 1719 -25.10 20.16 63.10
N SER B 1720 -26.23 20.36 63.77
CA SER B 1720 -26.42 19.86 65.13
C SER B 1720 -27.24 18.58 65.08
N VAL B 1721 -26.77 17.55 65.78
CA VAL B 1721 -27.47 16.28 65.81
C VAL B 1721 -28.75 16.45 66.63
N PRO B 1722 -29.93 16.16 66.08
CA PRO B 1722 -31.14 16.24 66.90
C PRO B 1722 -31.06 15.27 68.06
N ASP B 1723 -31.76 15.60 69.14
CA ASP B 1723 -31.71 14.76 70.33
C ASP B 1723 -32.64 13.56 70.18
N GLN B 1724 -32.57 12.91 69.02
CA GLN B 1724 -33.19 11.61 68.79
C GLN B 1724 -32.28 10.67 68.03
N TRP B 1725 -31.20 11.16 67.42
CA TRP B 1725 -30.25 10.34 66.70
C TRP B 1725 -29.02 10.10 67.56
N THR B 1726 -28.55 8.86 67.61
CA THR B 1726 -27.24 8.61 68.16
C THR B 1726 -26.19 9.12 67.17
N LEU B 1727 -24.99 9.41 67.69
CA LEU B 1727 -23.92 9.89 66.83
C LEU B 1727 -23.60 8.88 65.73
N GLU B 1728 -23.93 7.61 65.94
CA GLU B 1728 -23.76 6.61 64.88
C GLU B 1728 -24.65 6.93 63.68
N GLU B 1729 -25.90 7.34 63.93
CA GLU B 1729 -26.80 7.65 62.83
C GLU B 1729 -26.45 8.99 62.19
N ALA B 1730 -25.95 9.94 62.97
CA ALA B 1730 -25.59 11.24 62.41
C ALA B 1730 -24.47 11.12 61.39
N ALA B 1731 -23.57 10.15 61.55
CA ALA B 1731 -22.43 10.01 60.65
C ALA B 1731 -22.85 9.63 59.24
N THR B 1732 -24.08 9.17 59.05
CA THR B 1732 -24.54 8.72 57.74
C THR B 1732 -25.23 9.81 56.94
N VAL B 1733 -25.70 10.87 57.60
CA VAL B 1733 -26.58 11.86 56.97
C VAL B 1733 -25.82 12.87 56.13
N PRO B 1734 -24.77 13.52 56.64
CA PRO B 1734 -24.30 14.77 55.99
C PRO B 1734 -24.00 14.64 54.50
N LEU B 1735 -23.09 13.75 54.11
CA LEU B 1735 -22.67 13.73 52.71
C LEU B 1735 -23.75 13.16 51.81
N ALA B 1736 -24.44 12.11 52.24
CA ALA B 1736 -25.43 11.47 51.38
C ALA B 1736 -26.53 12.44 51.00
N TYR B 1737 -27.02 13.22 51.96
CA TYR B 1737 -28.10 14.16 51.70
C TYR B 1737 -27.60 15.49 51.13
N ALA B 1738 -26.42 15.93 51.51
CA ALA B 1738 -25.86 17.14 50.90
C ALA B 1738 -25.64 16.93 49.41
N THR B 1739 -25.14 15.76 49.02
CA THR B 1739 -25.00 15.44 47.60
C THR B 1739 -26.37 15.33 46.94
N ALA B 1740 -27.33 14.70 47.61
CA ALA B 1740 -28.66 14.53 47.01
C ALA B 1740 -29.31 15.87 46.72
N TYR B 1741 -29.24 16.80 47.67
CA TYR B 1741 -29.81 18.12 47.43
C TYR B 1741 -29.07 18.85 46.32
N TYR B 1742 -27.75 18.72 46.29
CA TYR B 1742 -26.98 19.36 45.22
C TYR B 1742 -27.39 18.82 43.85
N CYS B 1743 -27.48 17.49 43.73
CA CYS B 1743 -27.83 16.89 42.45
C CYS B 1743 -29.24 17.27 42.02
N LEU B 1744 -30.19 17.25 42.94
CA LEU B 1744 -31.60 17.44 42.60
C LEU B 1744 -31.99 18.91 42.60
N VAL B 1745 -31.78 19.59 43.73
CA VAL B 1745 -32.32 20.95 43.90
C VAL B 1745 -31.36 22.04 43.48
N SER B 1746 -30.05 21.77 43.47
CA SER B 1746 -29.06 22.78 43.13
C SER B 1746 -28.57 22.70 41.70
N GLU B 1747 -28.38 21.50 41.18
CA GLU B 1747 -27.93 21.31 39.80
C GLU B 1747 -29.05 20.89 38.86
N GLY B 1748 -29.97 20.06 39.34
CA GLY B 1748 -31.08 19.60 38.51
C GLY B 1748 -32.28 20.52 38.54
N GLY B 1749 -32.37 21.35 39.58
CA GLY B 1749 -33.48 22.28 39.70
C GLY B 1749 -34.82 21.57 39.70
N VAL B 1750 -34.90 20.46 40.47
CA VAL B 1750 -36.12 19.67 40.47
C VAL B 1750 -37.30 20.51 40.90
N GLN B 1751 -38.44 20.32 40.23
CA GLN B 1751 -39.69 20.98 40.56
C GLN B 1751 -40.69 19.95 41.05
N LYS B 1752 -41.71 20.43 41.76
CA LYS B 1752 -42.73 19.54 42.28
C LYS B 1752 -43.39 18.78 41.14
N GLY B 1753 -43.53 17.46 41.31
CA GLY B 1753 -44.18 16.63 40.33
C GLY B 1753 -43.29 16.20 39.17
N ALA B 1754 -42.02 16.61 39.16
CA ALA B 1754 -41.14 16.25 38.07
C ALA B 1754 -40.78 14.76 38.14
N THR B 1755 -40.37 14.22 36.99
CA THR B 1755 -39.91 12.85 36.90
C THR B 1755 -38.38 12.82 37.01
N VAL B 1756 -37.87 11.98 37.89
CA VAL B 1756 -36.45 11.87 38.16
C VAL B 1756 -36.01 10.43 37.98
N PHE B 1757 -34.87 10.24 37.33
CA PHE B 1757 -34.27 8.92 37.15
C PHE B 1757 -32.98 8.88 37.96
N ILE B 1758 -32.91 7.96 38.91
CA ILE B 1758 -31.80 7.89 39.86
C ILE B 1758 -31.10 6.54 39.68
N HIS B 1759 -29.84 6.59 39.23
CA HIS B 1759 -29.05 5.37 39.13
C HIS B 1759 -28.64 4.89 40.51
N ALA B 1760 -28.49 3.57 40.63
CA ALA B 1760 -28.00 2.95 41.87
C ALA B 1760 -28.78 3.45 43.08
N GLY B 1761 -30.08 3.14 43.09
CA GLY B 1761 -30.94 3.59 44.16
C GLY B 1761 -30.55 3.05 45.53
N ALA B 1762 -29.78 1.96 45.57
CA ALA B 1762 -29.38 1.35 46.82
C ALA B 1762 -28.15 2.00 47.44
N SER B 1763 -27.44 2.85 46.69
CA SER B 1763 -26.30 3.55 47.25
C SER B 1763 -26.78 4.62 48.23
N VAL B 1764 -25.87 5.06 49.09
CA VAL B 1764 -26.21 6.07 50.08
C VAL B 1764 -26.68 7.35 49.40
N VAL B 1765 -25.96 7.78 48.36
CA VAL B 1765 -26.42 8.93 47.59
C VAL B 1765 -27.73 8.61 46.88
N GLY B 1766 -27.88 7.37 46.42
CA GLY B 1766 -29.14 6.98 45.80
C GLY B 1766 -30.29 7.01 46.79
N GLN B 1767 -30.09 6.46 47.99
CA GLN B 1767 -31.15 6.49 48.99
C GLN B 1767 -31.50 7.92 49.38
N ALA B 1768 -30.48 8.77 49.55
CA ALA B 1768 -30.75 10.16 49.85
C ALA B 1768 -31.49 10.85 48.72
N SER B 1769 -31.11 10.55 47.47
CA SER B 1769 -31.78 11.18 46.33
C SER B 1769 -33.25 10.81 46.28
N ILE B 1770 -33.58 9.54 46.56
CA ILE B 1770 -34.97 9.13 46.55
C ILE B 1770 -35.75 9.86 47.64
N ALA B 1771 -35.17 9.94 48.84
CA ALA B 1771 -35.86 10.63 49.93
C ALA B 1771 -36.10 12.10 49.60
N VAL B 1772 -35.09 12.77 49.04
CA VAL B 1772 -35.27 14.17 48.62
C VAL B 1772 -36.31 14.25 47.52
N ALA B 1773 -36.23 13.36 46.52
CA ALA B 1773 -37.18 13.41 45.42
C ALA B 1773 -38.60 13.17 45.90
N LEU B 1774 -38.79 12.19 46.80
CA LEU B 1774 -40.13 11.91 47.30
C LEU B 1774 -40.70 13.12 48.03
N SER B 1775 -39.87 13.81 48.82
CA SER B 1775 -40.34 15.01 49.50
C SER B 1775 -40.85 16.05 48.51
N TYR B 1776 -40.22 16.13 47.33
CA TYR B 1776 -40.67 17.03 46.28
C TYR B 1776 -41.85 16.47 45.49
N ASN B 1777 -42.39 15.32 45.90
CA ASN B 1777 -43.50 14.68 45.21
C ASN B 1777 -43.16 14.45 43.73
N CYS B 1778 -42.08 13.70 43.53
CA CYS B 1778 -41.60 13.39 42.19
C CYS B 1778 -41.99 11.97 41.80
N GLU B 1779 -41.92 11.70 40.50
CA GLU B 1779 -42.13 10.36 39.96
C GLU B 1779 -40.75 9.73 39.78
N ILE B 1780 -40.45 8.72 40.59
CA ILE B 1780 -39.09 8.20 40.75
C ILE B 1780 -38.94 6.91 39.95
N PHE B 1781 -37.91 6.86 39.12
CA PHE B 1781 -37.46 5.63 38.49
C PHE B 1781 -36.03 5.38 38.95
N THR B 1782 -35.77 4.20 39.48
CA THR B 1782 -34.48 3.89 40.07
C THR B 1782 -33.98 2.54 39.58
N LEU B 1783 -32.66 2.42 39.51
CA LEU B 1783 -32.00 1.20 39.05
C LEU B 1783 -31.56 0.40 40.26
N THR B 1784 -32.02 -0.86 40.34
CA THR B 1784 -31.66 -1.76 41.41
C THR B 1784 -30.94 -2.97 40.84
N LYS B 1785 -29.81 -3.33 41.44
CA LYS B 1785 -29.00 -4.43 40.92
C LYS B 1785 -29.77 -5.75 40.99
N ASN B 1786 -30.16 -6.17 42.18
CA ASN B 1786 -30.82 -7.44 42.40
C ASN B 1786 -32.15 -7.21 43.13
N SER B 1787 -32.82 -8.31 43.48
CA SER B 1787 -34.11 -8.19 44.15
C SER B 1787 -33.97 -7.74 45.59
N ASP B 1788 -32.84 -8.03 46.23
CA ASP B 1788 -32.64 -7.60 47.61
C ASP B 1788 -32.67 -6.08 47.71
N GLU B 1789 -31.99 -5.40 46.79
CA GLU B 1789 -32.00 -3.94 46.81
C GLU B 1789 -33.39 -3.39 46.59
N THR B 1790 -34.15 -3.99 45.66
CA THR B 1790 -35.52 -3.55 45.43
C THR B 1790 -36.37 -3.71 46.69
N ALA B 1791 -36.24 -4.86 47.36
CA ALA B 1791 -36.99 -5.06 48.60
C ALA B 1791 -36.59 -4.05 49.66
N LEU B 1792 -35.29 -3.80 49.80
CA LEU B 1792 -34.83 -2.85 50.81
C LEU B 1792 -35.42 -1.46 50.56
N LEU B 1793 -35.35 -0.99 49.32
CA LEU B 1793 -35.88 0.34 49.00
C LEU B 1793 -37.38 0.41 49.24
N LYS B 1794 -38.12 -0.63 48.83
CA LYS B 1794 -39.57 -0.61 49.01
C LYS B 1794 -39.94 -0.52 50.48
N SER B 1795 -39.27 -1.32 51.33
CA SER B 1795 -39.53 -1.24 52.77
C SER B 1795 -39.12 0.13 53.32
N MET B 1796 -37.97 0.64 52.88
CA MET B 1796 -37.50 1.93 53.37
C MET B 1796 -38.46 3.05 52.98
N TYR B 1797 -38.94 3.04 51.74
CA TYR B 1797 -39.85 4.06 51.23
C TYR B 1797 -41.15 3.39 50.80
N PRO B 1798 -42.19 3.39 51.63
CA PRO B 1798 -43.44 2.71 51.25
C PRO B 1798 -44.10 3.28 50.01
N GLN B 1799 -43.82 4.54 49.66
CA GLN B 1799 -44.43 5.14 48.48
C GLN B 1799 -43.94 4.52 47.18
N LEU B 1800 -42.86 3.76 47.21
CA LEU B 1800 -42.28 3.19 46.00
C LEU B 1800 -42.95 1.87 45.67
N ASN B 1801 -43.44 1.73 44.44
CA ASN B 1801 -44.06 0.52 43.95
C ASN B 1801 -43.14 -0.17 42.95
N ASP B 1802 -43.50 -1.39 42.57
CA ASP B 1802 -42.67 -2.17 41.67
C ASP B 1802 -42.50 -1.48 40.33
N ARG B 1803 -43.48 -0.66 39.92
CA ARG B 1803 -43.37 0.07 38.66
C ARG B 1803 -42.27 1.12 38.69
N ASN B 1804 -41.73 1.45 39.85
CA ASN B 1804 -40.71 2.48 39.97
C ASN B 1804 -39.29 1.91 39.93
N PHE B 1805 -39.13 0.61 39.68
CA PHE B 1805 -37.83 -0.04 39.77
C PHE B 1805 -37.47 -0.67 38.43
N CYS B 1806 -36.19 -0.54 38.08
CA CYS B 1806 -35.65 -1.19 36.89
C CYS B 1806 -34.39 -1.96 37.27
N SER B 1807 -33.67 -2.48 36.29
CA SER B 1807 -32.49 -3.31 36.53
C SER B 1807 -31.24 -2.62 36.00
N SER B 1808 -30.15 -2.75 36.74
CA SER B 1808 -28.86 -2.18 36.35
C SER B 1808 -28.04 -3.11 35.47
N GLU B 1809 -28.55 -4.31 35.17
CA GLU B 1809 -27.77 -5.28 34.42
C GLU B 1809 -27.72 -4.96 32.94
N ASP B 1810 -28.78 -4.37 32.38
CA ASP B 1810 -28.83 -4.09 30.95
C ASP B 1810 -29.63 -2.82 30.73
N CYS B 1811 -29.47 -2.24 29.54
CA CYS B 1811 -30.16 -1.01 29.20
C CYS B 1811 -31.56 -1.30 28.68
N SER B 1812 -32.33 -2.10 29.42
CA SER B 1812 -33.73 -2.32 29.11
C SER B 1812 -34.65 -1.30 29.78
N PHE B 1813 -34.11 -0.46 30.66
CA PHE B 1813 -34.92 0.57 31.30
C PHE B 1813 -35.30 1.69 30.34
N GLU B 1814 -34.52 1.89 29.27
CA GLU B 1814 -34.81 3.00 28.37
C GLU B 1814 -36.19 2.85 27.74
N LYS B 1815 -36.51 1.66 27.23
CA LYS B 1815 -37.84 1.44 26.68
C LYS B 1815 -38.91 1.55 27.74
N TYR B 1816 -38.65 0.98 28.92
CA TYR B 1816 -39.66 0.99 29.98
C TYR B 1816 -39.94 2.41 30.46
N ILE B 1817 -38.90 3.20 30.68
CA ILE B 1817 -39.09 4.56 31.18
C ILE B 1817 -39.72 5.43 30.11
N ARG B 1818 -39.28 5.29 28.86
CA ARG B 1818 -39.84 6.10 27.79
CA ARG B 1818 -39.84 6.11 27.80
C ARG B 1818 -41.33 5.81 27.62
N LYS B 1819 -41.71 4.53 27.68
CA LYS B 1819 -43.12 4.18 27.59
C LYS B 1819 -43.90 4.69 28.80
N GLU B 1820 -43.30 4.59 29.99
CA GLU B 1820 -44.01 4.98 31.20
C GLU B 1820 -44.17 6.48 31.31
N THR B 1821 -43.26 7.25 30.72
CA THR B 1821 -43.36 8.70 30.69
C THR B 1821 -44.11 9.23 29.48
N LYS B 1822 -44.67 8.34 28.65
CA LYS B 1822 -45.42 8.74 27.47
C LYS B 1822 -44.58 9.62 26.55
N GLY B 1823 -43.29 9.31 26.46
CA GLY B 1823 -42.39 10.02 25.57
C GLY B 1823 -41.91 11.35 26.08
N SER B 1824 -42.33 11.76 27.28
CA SER B 1824 -41.90 13.04 27.81
C SER B 1824 -40.46 13.01 28.30
N GLY B 1825 -40.00 11.85 28.78
CA GLY B 1825 -38.67 11.74 29.34
C GLY B 1825 -38.66 12.06 30.82
N VAL B 1826 -37.45 12.05 31.38
CA VAL B 1826 -37.23 12.29 32.80
C VAL B 1826 -36.58 13.66 32.97
N ASP B 1827 -37.07 14.44 33.92
CA ASP B 1827 -36.61 15.81 34.08
C ASP B 1827 -35.18 15.87 34.62
N VAL B 1828 -34.87 15.03 35.60
CA VAL B 1828 -33.54 15.02 36.21
C VAL B 1828 -33.00 13.59 36.17
N VAL B 1829 -31.76 13.45 35.73
CA VAL B 1829 -31.07 12.16 35.68
C VAL B 1829 -29.85 12.26 36.58
N ILE B 1830 -29.86 11.52 37.68
CA ILE B 1830 -28.69 11.40 38.55
C ILE B 1830 -27.94 10.16 38.07
N ASN B 1831 -26.88 10.36 37.31
CA ASN B 1831 -26.20 9.28 36.61
C ASN B 1831 -24.93 8.88 37.34
N THR B 1832 -24.81 7.58 37.60
CA THR B 1832 -23.58 6.99 38.13
C THR B 1832 -23.00 5.91 37.23
N LEU B 1833 -23.85 5.17 36.52
CA LEU B 1833 -23.36 4.17 35.59
C LEU B 1833 -22.70 4.83 34.39
N ARG B 1834 -21.89 4.05 33.68
CA ARG B 1834 -21.09 4.55 32.57
C ARG B 1834 -21.28 3.65 31.36
N GLY B 1835 -20.70 4.07 30.24
CA GLY B 1835 -20.81 3.30 29.01
C GLY B 1835 -22.18 3.42 28.38
N LYS B 1836 -22.71 2.31 27.87
CA LYS B 1836 -24.01 2.35 27.20
C LYS B 1836 -25.10 2.80 28.15
N PHE B 1837 -24.96 2.53 29.45
CA PHE B 1837 -25.95 3.00 30.41
C PHE B 1837 -25.98 4.53 30.44
N LEU B 1838 -24.81 5.17 30.40
CA LEU B 1838 -24.77 6.63 30.34
C LEU B 1838 -25.44 7.13 29.07
N LYS B 1839 -25.17 6.50 27.94
CA LYS B 1839 -25.77 6.95 26.68
C LYS B 1839 -27.28 6.81 26.72
N ALA B 1840 -27.77 5.67 27.20
CA ALA B 1840 -29.21 5.47 27.32
C ALA B 1840 -29.83 6.42 28.33
N SER B 1841 -29.08 6.88 29.33
CA SER B 1841 -29.63 7.79 30.31
C SER B 1841 -29.92 9.15 29.71
N ARG B 1842 -28.96 9.74 28.99
CA ARG B 1842 -29.25 11.04 28.40
CA ARG B 1842 -29.17 11.02 28.31
C ARG B 1842 -30.31 10.94 27.31
N ARG B 1843 -30.48 9.79 26.68
CA ARG B 1843 -31.53 9.64 25.67
C ARG B 1843 -32.92 9.70 26.28
N LEU B 1844 -33.04 9.57 27.60
CA LEU B 1844 -34.32 9.70 28.29
C LEU B 1844 -34.61 11.12 28.73
N LEU B 1845 -33.66 12.03 28.59
CA LEU B 1845 -33.87 13.40 29.05
C LEU B 1845 -35.03 14.05 28.31
N SER B 1846 -35.84 14.81 29.04
CA SER B 1846 -36.88 15.60 28.44
C SER B 1846 -36.25 16.79 27.72
N LYS B 1847 -37.09 17.67 27.17
CA LYS B 1847 -36.56 18.82 26.46
C LYS B 1847 -35.76 19.72 27.38
N LYS B 1848 -36.26 19.95 28.60
CA LYS B 1848 -35.57 20.74 29.60
C LYS B 1848 -34.93 19.87 30.68
N GLY B 1849 -34.73 18.58 30.42
CA GLY B 1849 -34.15 17.72 31.42
C GLY B 1849 -32.70 18.07 31.70
N LYS B 1850 -32.28 17.78 32.93
CA LYS B 1850 -30.91 18.01 33.36
C LYS B 1850 -30.23 16.67 33.62
N PHE B 1851 -28.97 16.56 33.22
CA PHE B 1851 -28.20 15.35 33.38
C PHE B 1851 -27.08 15.62 34.38
N VAL B 1852 -27.19 15.03 35.56
CA VAL B 1852 -26.21 15.17 36.62
C VAL B 1852 -25.38 13.90 36.65
N ASP B 1853 -24.19 13.95 36.07
CA ASP B 1853 -23.28 12.81 36.03
C ASP B 1853 -22.32 12.93 37.22
N ILE B 1854 -22.40 12.00 38.15
CA ILE B 1854 -21.58 12.00 39.35
C ILE B 1854 -20.73 10.75 39.47
N GLY B 1855 -20.59 9.98 38.40
CA GLY B 1855 -19.70 8.84 38.42
C GLY B 1855 -18.25 9.28 38.49
N PHE B 1856 -17.41 8.40 39.02
CA PHE B 1856 -16.00 8.73 39.22
C PHE B 1856 -15.09 8.14 38.15
N LYS B 1857 -15.50 7.07 37.48
CA LYS B 1857 -14.63 6.35 36.55
C LYS B 1857 -14.87 6.83 35.12
N VAL B 1858 -14.70 8.13 34.90
CA VAL B 1858 -14.96 8.70 33.59
C VAL B 1858 -13.94 8.21 32.57
N ASP B 1859 -14.36 8.15 31.31
CA ASP B 1859 -13.50 7.71 30.23
C ASP B 1859 -12.46 8.80 29.91
N SER B 1860 -11.52 8.45 29.03
CA SER B 1860 -10.51 9.42 28.61
C SER B 1860 -11.14 10.58 27.86
N ASN B 1861 -12.07 10.29 26.95
CA ASN B 1861 -12.73 11.36 26.21
C ASN B 1861 -13.50 12.28 27.15
N THR B 1862 -14.18 11.70 28.15
CA THR B 1862 -14.91 12.52 29.12
C THR B 1862 -13.97 13.45 29.87
N GLN B 1863 -12.81 12.94 30.29
CA GLN B 1863 -11.87 13.79 31.02
C GLN B 1863 -11.39 14.94 30.13
N ILE B 1864 -11.09 14.66 28.87
CA ILE B 1864 -10.67 15.72 27.96
C ILE B 1864 -11.79 16.75 27.83
N ALA B 1865 -13.04 16.29 27.81
CA ALA B 1865 -14.16 17.23 27.79
C ALA B 1865 -14.15 18.11 29.03
N TYR B 1866 -13.83 17.53 30.18
CA TYR B 1866 -13.71 18.35 31.39
C TYR B 1866 -12.58 19.36 31.25
N TYR B 1867 -11.42 18.93 30.73
CA TYR B 1867 -10.29 19.84 30.59
C TYR B 1867 -10.63 20.98 29.63
N THR B 1868 -11.25 20.66 28.51
CA THR B 1868 -11.58 21.65 27.49
C THR B 1868 -12.79 22.49 27.86
N ARG B 1869 -13.29 22.38 29.10
CA ARG B 1869 -14.44 23.13 29.57
C ARG B 1869 -15.72 22.76 28.83
N GLU B 1870 -15.68 21.70 28.02
CA GLU B 1870 -16.87 21.30 27.27
C GLU B 1870 -18.00 20.91 28.21
N HIS B 1871 -17.69 20.18 29.28
CA HIS B 1871 -18.66 19.75 30.26
C HIS B 1871 -18.18 20.12 31.65
N PRO B 1872 -19.09 20.34 32.60
CA PRO B 1872 -18.68 20.59 33.99
C PRO B 1872 -18.39 19.28 34.71
N ASP B 1873 -17.37 19.32 35.57
CA ASP B 1873 -16.99 18.16 36.37
C ASP B 1873 -17.71 18.28 37.72
N LEU B 1874 -18.77 17.49 37.88
CA LEU B 1874 -19.63 17.58 39.06
C LEU B 1874 -19.37 16.48 40.08
N ARG B 1875 -18.32 15.67 39.91
CA ARG B 1875 -18.08 14.55 40.80
C ARG B 1875 -17.21 14.93 41.99
N PHE B 1876 -16.52 16.07 41.95
CA PHE B 1876 -15.80 16.60 43.10
C PHE B 1876 -16.25 18.03 43.39
N GLN B 1877 -17.54 18.30 43.22
CA GLN B 1877 -18.07 19.63 43.49
C GLN B 1877 -18.39 19.81 44.97
N LEU B 1878 -18.94 18.79 45.62
CA LEU B 1878 -19.18 18.88 47.06
C LEU B 1878 -17.87 19.08 47.81
N ASP B 1879 -16.78 18.51 47.30
CA ASP B 1879 -15.47 18.76 47.91
C ASP B 1879 -14.99 20.17 47.62
N ALA B 1880 -15.31 20.72 46.45
CA ALA B 1880 -14.90 22.08 46.12
C ALA B 1880 -15.71 23.10 46.88
N LEU B 1881 -17.02 22.88 47.04
CA LEU B 1881 -17.84 23.79 47.81
C LEU B 1881 -17.42 23.84 49.27
N LEU B 1882 -16.82 22.76 49.78
CA LEU B 1882 -16.37 22.73 51.17
C LEU B 1882 -15.09 23.53 51.38
N GLU B 1883 -14.34 23.80 50.31
CA GLU B 1883 -13.15 24.64 50.45
C GLU B 1883 -13.53 26.12 50.45
N SER B 1884 -14.48 26.51 49.62
CA SER B 1884 -14.90 27.90 49.52
C SER B 1884 -15.96 28.25 50.58
N GLN B 1885 -16.95 27.39 50.76
CA GLN B 1885 -18.03 27.61 51.72
C GLN B 1885 -18.67 28.98 51.49
N GLY B 1886 -19.16 29.17 50.28
CA GLY B 1886 -19.73 30.43 49.86
C GLY B 1886 -21.24 30.34 49.66
N PRO B 1887 -21.77 31.26 48.86
CA PRO B 1887 -23.23 31.27 48.66
C PRO B 1887 -23.80 29.94 48.20
N GLU B 1888 -23.10 29.24 47.30
CA GLU B 1888 -23.63 27.97 46.80
C GLU B 1888 -23.69 26.92 47.91
N TRP B 1889 -22.66 26.86 48.75
CA TRP B 1889 -22.68 25.89 49.84
C TRP B 1889 -23.77 26.21 50.85
N THR B 1890 -23.83 27.46 51.30
CA THR B 1890 -24.82 27.83 52.31
C THR B 1890 -26.23 27.54 51.83
N ARG B 1891 -26.46 27.51 50.52
CA ARG B 1891 -27.74 27.04 50.01
C ARG B 1891 -27.94 25.57 50.32
N LEU B 1892 -26.91 24.75 50.16
CA LEU B 1892 -27.00 23.35 50.53
C LEU B 1892 -27.04 23.16 52.04
N PHE B 1893 -26.34 24.01 52.79
CA PHE B 1893 -26.40 23.91 54.24
C PHE B 1893 -27.82 24.14 54.75
N ASP B 1894 -28.50 25.14 54.20
CA ASP B 1894 -29.88 25.41 54.62
C ASP B 1894 -30.82 24.32 54.14
N LEU B 1895 -30.62 23.81 52.92
CA LEU B 1895 -31.50 22.78 52.40
C LEU B 1895 -31.44 21.53 53.28
N VAL B 1896 -30.24 21.10 53.65
CA VAL B 1896 -30.11 19.92 54.50
C VAL B 1896 -30.66 20.20 55.89
N GLN B 1897 -30.37 21.38 56.44
CA GLN B 1897 -30.89 21.71 57.76
C GLN B 1897 -32.41 21.73 57.76
N ALA B 1898 -33.02 22.31 56.73
CA ALA B 1898 -34.47 22.29 56.61
C ALA B 1898 -34.98 20.86 56.51
N GLY B 1899 -34.31 20.03 55.72
CA GLY B 1899 -34.73 18.65 55.58
C GLY B 1899 -34.71 17.90 56.91
N ILE B 1900 -33.70 18.16 57.73
CA ILE B 1900 -33.61 17.50 59.03
C ILE B 1900 -34.81 17.87 59.89
N HIS B 1901 -35.16 19.16 59.92
CA HIS B 1901 -36.28 19.61 60.73
C HIS B 1901 -37.60 19.04 60.21
N SER B 1902 -37.79 19.02 58.90
CA SER B 1902 -39.03 18.56 58.30
C SER B 1902 -39.14 17.04 58.23
N GLY B 1903 -38.10 16.32 58.64
CA GLY B 1903 -38.13 14.87 58.66
C GLY B 1903 -37.73 14.19 57.37
N VAL B 1904 -37.46 14.96 56.32
CA VAL B 1904 -37.00 14.36 55.07
C VAL B 1904 -35.65 13.68 55.27
N VAL B 1905 -34.73 14.34 55.98
CA VAL B 1905 -33.36 13.85 56.14
C VAL B 1905 -33.39 12.87 57.31
N LYS B 1906 -33.55 11.57 56.98
CA LYS B 1906 -33.50 10.53 58.00
C LYS B 1906 -32.20 9.75 57.89
N PRO B 1907 -31.67 9.23 58.99
CA PRO B 1907 -30.43 8.44 58.90
C PRO B 1907 -30.65 7.17 58.10
N LEU B 1908 -29.57 6.76 57.42
CA LEU B 1908 -29.60 5.55 56.61
C LEU B 1908 -29.10 4.37 57.42
N LYS B 1909 -29.41 3.16 56.94
CA LYS B 1909 -28.85 1.97 57.54
C LYS B 1909 -27.35 1.94 57.33
N ARG B 1910 -26.62 1.46 58.32
CA ARG B 1910 -25.16 1.53 58.28
C ARG B 1910 -24.56 0.30 58.94
N ALA B 1911 -23.31 0.03 58.57
CA ALA B 1911 -22.49 -1.00 59.21
C ALA B 1911 -21.29 -0.31 59.85
N VAL B 1912 -21.04 -0.62 61.12
CA VAL B 1912 -20.02 0.06 61.90
C VAL B 1912 -18.78 -0.82 61.96
N TYR B 1913 -17.65 -0.25 61.57
CA TYR B 1913 -16.37 -0.94 61.60
C TYR B 1913 -15.44 -0.24 62.59
N SER B 1914 -14.72 -1.02 63.37
CA SER B 1914 -13.77 -0.45 64.32
C SER B 1914 -12.64 0.24 63.57
N MET B 1915 -11.76 0.90 64.32
CA MET B 1915 -10.67 1.63 63.71
C MET B 1915 -9.59 0.71 63.15
N ASP B 1916 -9.49 -0.51 63.65
CA ASP B 1916 -8.47 -1.44 63.18
C ASP B 1916 -8.89 -2.20 61.93
N LYS B 1917 -10.19 -2.25 61.62
CA LYS B 1917 -10.69 -2.85 60.40
C LYS B 1917 -10.92 -1.81 59.31
N ILE B 1918 -10.16 -0.71 59.34
CA ILE B 1918 -10.29 0.31 58.31
C ILE B 1918 -10.08 -0.29 56.93
N VAL B 1919 -9.12 -1.20 56.81
CA VAL B 1919 -8.86 -1.85 55.52
C VAL B 1919 -10.08 -2.65 55.09
N ASP B 1920 -10.68 -3.41 56.00
CA ASP B 1920 -11.84 -4.22 55.63
C ASP B 1920 -13.03 -3.33 55.28
N ALA B 1921 -13.22 -2.23 56.01
CA ALA B 1921 -14.30 -1.32 55.67
C ALA B 1921 -14.15 -0.78 54.27
N PHE B 1922 -12.94 -0.41 53.88
CA PHE B 1922 -12.72 0.09 52.53
C PHE B 1922 -13.02 -0.98 51.49
N LYS B 1923 -12.59 -2.22 51.76
CA LYS B 1923 -12.91 -3.30 50.83
C LYS B 1923 -14.40 -3.54 50.74
N THR B 1924 -15.12 -3.44 51.86
CA THR B 1924 -16.57 -3.62 51.84
C THR B 1924 -17.23 -2.56 50.97
N VAL B 1925 -16.80 -1.31 51.08
CA VAL B 1925 -17.37 -0.25 50.26
C VAL B 1925 -17.08 -0.50 48.79
N GLU B 1926 -15.85 -0.90 48.46
CA GLU B 1926 -15.48 -1.09 47.06
C GLU B 1926 -16.33 -2.17 46.41
N ALA B 1927 -16.50 -3.30 47.10
CA ALA B 1927 -17.20 -4.43 46.49
C ALA B 1927 -18.65 -4.09 46.18
N GLU B 1928 -19.28 -3.31 47.04
CA GLU B 1928 -20.69 -2.94 46.86
C GLU B 1928 -21.58 -4.17 46.80
N ARG B 1929 -21.22 -5.20 47.58
CA ARG B 1929 -22.01 -6.42 47.61
C ARG B 1929 -23.35 -6.22 48.30
N GLU B 1930 -23.49 -5.18 49.12
CA GLU B 1930 -24.71 -4.99 49.88
C GLU B 1930 -24.88 -3.50 50.18
N ALA B 1931 -26.14 -3.08 50.22
CA ALA B 1931 -26.45 -1.69 50.48
C ALA B 1931 -26.14 -1.32 51.93
N GLY B 1932 -25.92 -0.03 52.15
CA GLY B 1932 -25.68 0.47 53.49
C GLY B 1932 -24.54 1.45 53.57
N LYS B 1933 -24.48 2.22 54.65
CA LYS B 1933 -23.40 3.16 54.89
C LYS B 1933 -22.36 2.48 55.76
N ILE B 1934 -21.09 2.61 55.38
CA ILE B 1934 -19.98 2.07 56.16
C ILE B 1934 -19.42 3.21 56.99
N VAL B 1935 -19.49 3.06 58.31
CA VAL B 1935 -19.16 4.12 59.25
C VAL B 1935 -18.08 3.59 60.19
N ILE B 1936 -16.93 4.25 60.21
CA ILE B 1936 -15.85 3.88 61.12
C ILE B 1936 -16.13 4.47 62.49
N LYS B 1937 -16.01 3.65 63.52
CA LYS B 1937 -16.27 4.08 64.89
C LYS B 1937 -14.96 4.51 65.53
N ILE B 1938 -14.77 5.82 65.67
CA ILE B 1938 -13.54 6.34 66.25
C ILE B 1938 -13.61 6.31 67.77
N ARG B 1939 -14.69 6.79 68.35
CA ARG B 1939 -14.86 6.88 69.78
C ARG B 1939 -16.21 6.30 70.17
N ASP B 1940 -16.41 6.12 71.48
CA ASP B 1940 -17.65 5.58 72.02
C ASP B 1940 -18.47 6.74 72.57
N GLU B 1941 -19.70 6.87 72.08
CA GLU B 1941 -20.55 7.98 72.48
C GLU B 1941 -20.91 7.86 73.96
N GLU B 1942 -20.76 8.97 74.69
CA GLU B 1942 -21.11 8.98 76.09
C GLU B 1942 -22.63 9.03 76.26
N ARG B 1943 -23.09 8.58 77.43
CA ARG B 1943 -24.53 8.56 77.69
C ARG B 1943 -25.12 9.96 77.73
N GLN B 1944 -24.35 10.94 78.19
CA GLN B 1944 -24.84 12.30 78.25
C GLN B 1944 -25.00 12.86 76.83
N LYS B 1945 -25.45 14.11 76.75
CA LYS B 1945 -25.62 14.80 75.47
C LYS B 1945 -24.76 16.05 75.33
N VAL B 1946 -24.27 16.61 76.43
CA VAL B 1946 -23.28 17.68 76.37
C VAL B 1946 -22.24 17.40 77.44
N CYS B 1947 -21.11 16.80 77.05
CA CYS B 1947 -20.07 16.41 78.00
C CYS B 1947 -18.71 16.44 77.31
N PRO B 1948 -17.65 16.82 78.01
CA PRO B 1948 -16.32 16.85 77.37
C PRO B 1948 -15.90 15.47 76.92
N THR B 1949 -15.17 15.44 75.80
CA THR B 1949 -14.65 14.18 75.27
C THR B 1949 -13.44 13.73 76.09
N PRO B 1950 -13.44 12.52 76.64
CA PRO B 1950 -12.26 12.05 77.37
C PRO B 1950 -11.03 12.02 76.46
N ARG B 1951 -9.87 12.31 77.04
CA ARG B 1951 -8.62 12.23 76.32
C ARG B 1951 -8.15 10.78 76.26
N THR B 1952 -7.88 10.30 75.05
CA THR B 1952 -7.44 8.92 74.85
C THR B 1952 -6.36 8.91 73.78
N SER B 1953 -5.68 7.77 73.67
CA SER B 1953 -4.60 7.58 72.72
C SER B 1953 -4.95 6.45 71.77
N PHE B 1954 -4.46 6.55 70.54
CA PHE B 1954 -4.73 5.56 69.52
C PHE B 1954 -3.42 5.05 68.94
N PRO B 1955 -3.32 3.77 68.60
CA PRO B 1955 -2.09 3.26 67.97
C PRO B 1955 -1.97 3.78 66.54
N ALA B 1956 -0.85 4.42 66.24
CA ALA B 1956 -0.65 5.00 64.93
C ALA B 1956 0.83 5.02 64.59
N ILE B 1957 1.13 5.01 63.29
CA ILE B 1957 2.50 5.07 62.81
C ILE B 1957 3.01 6.50 62.92
N HIS B 1958 4.33 6.64 63.02
CA HIS B 1958 4.94 7.95 63.17
C HIS B 1958 4.70 8.81 61.93
N ARG B 1959 4.60 10.12 62.15
CA ARG B 1959 4.63 11.09 61.06
C ARG B 1959 5.08 12.42 61.65
N THR B 1960 6.32 12.80 61.36
CA THR B 1960 6.87 14.02 61.93
C THR B 1960 6.12 15.24 61.41
N CYS B 1961 5.79 16.16 62.32
CA CYS B 1961 5.13 17.40 61.97
C CYS B 1961 5.74 18.54 62.76
N PHE B 1962 5.76 19.72 62.17
CA PHE B 1962 6.38 20.89 62.76
C PHE B 1962 5.32 21.94 63.06
N HIS B 1963 5.47 22.61 64.20
CA HIS B 1963 4.50 23.60 64.61
C HIS B 1963 4.57 24.80 63.68
N PRO B 1964 3.45 25.22 63.07
CA PRO B 1964 3.51 26.37 62.16
C PRO B 1964 3.66 27.71 62.87
N ASP B 1965 3.40 27.78 64.17
CA ASP B 1965 3.53 29.01 64.93
C ASP B 1965 4.90 29.18 65.56
N LYS B 1966 5.78 28.19 65.43
CA LYS B 1966 7.12 28.25 65.99
C LYS B 1966 8.14 28.48 64.88
N SER B 1967 9.29 29.03 65.26
CA SER B 1967 10.37 29.33 64.33
C SER B 1967 11.40 28.22 64.38
N HIS B 1968 11.81 27.75 63.21
CA HIS B 1968 12.78 26.66 63.10
C HIS B 1968 14.07 27.21 62.50
N ILE B 1969 15.18 26.93 63.16
CA ILE B 1969 16.49 27.45 62.76
C ILE B 1969 17.24 26.35 62.03
N LEU B 1970 17.69 26.64 60.81
CA LEU B 1970 18.43 25.69 59.98
C LEU B 1970 19.82 26.29 59.78
N VAL B 1971 20.74 25.97 60.68
CA VAL B 1971 22.11 26.44 60.54
C VAL B 1971 22.78 25.62 59.45
N GLY B 1972 23.32 26.31 58.44
CA GLY B 1972 23.81 25.62 57.27
C GLY B 1972 22.72 25.15 56.35
N GLY B 1973 21.50 25.65 56.51
CA GLY B 1973 20.38 25.27 55.68
C GLY B 1973 20.46 25.76 54.25
N MET B 1974 21.45 26.58 53.93
CA MET B 1974 21.59 27.13 52.58
C MET B 1974 22.59 26.29 51.77
N GLY B 1975 22.22 25.04 51.56
CA GLY B 1975 23.06 24.09 50.85
C GLY B 1975 22.24 23.04 50.17
N GLY B 1976 22.83 21.86 49.99
CA GLY B 1976 22.17 20.79 49.27
C GLY B 1976 21.10 20.10 50.09
N MET B 1977 21.50 19.43 51.17
CA MET B 1977 20.52 18.83 52.07
C MET B 1977 19.83 19.84 52.96
N GLY B 1978 20.44 21.01 53.17
CA GLY B 1978 19.79 22.02 53.97
C GLY B 1978 18.52 22.54 53.33
N LEU B 1979 18.58 22.86 52.04
CA LEU B 1979 17.43 23.43 51.36
C LEU B 1979 16.38 22.38 51.02
N GLU B 1980 16.81 21.16 50.70
CA GLU B 1980 15.85 20.11 50.41
C GLU B 1980 15.17 19.60 51.68
N THR B 1981 15.90 19.55 52.80
CA THR B 1981 15.26 19.22 54.07
C THR B 1981 14.30 20.32 54.49
N ALA B 1982 14.68 21.58 54.28
CA ALA B 1982 13.79 22.69 54.61
C ALA B 1982 12.47 22.58 53.85
N HIS B 1983 12.55 22.21 52.57
CA HIS B 1983 11.33 22.01 51.80
C HIS B 1983 10.48 20.90 52.39
N TRP B 1984 11.12 19.83 52.89
CA TRP B 1984 10.37 18.76 53.52
C TRP B 1984 9.62 19.25 54.75
N MET B 1985 10.26 20.08 55.57
CA MET B 1985 9.60 20.57 56.77
C MET B 1985 8.45 21.52 56.41
N VAL B 1986 8.60 22.29 55.34
CA VAL B 1986 7.53 23.19 54.93
C VAL B 1986 6.27 22.40 54.61
N LEU B 1987 6.42 21.23 54.01
CA LEU B 1987 5.26 20.40 53.71
C LEU B 1987 4.69 19.78 54.99
N ARG B 1988 5.52 19.54 55.99
CA ARG B 1988 5.08 18.86 57.21
C ARG B 1988 4.60 19.82 58.28
N GLY B 1989 4.57 21.12 58.01
CA GLY B 1989 3.98 22.07 58.95
C GLY B 1989 4.75 23.36 59.11
N ALA B 1990 6.08 23.31 58.96
CA ALA B 1990 6.89 24.49 59.21
C ALA B 1990 6.44 25.66 58.34
N LYS B 1991 6.35 26.83 58.96
CA LYS B 1991 6.04 28.05 58.22
C LYS B 1991 6.88 29.23 58.71
N LYS B 1992 7.96 28.97 59.45
CA LYS B 1992 8.82 30.02 59.97
C LYS B 1992 10.25 29.47 59.97
N LEU B 1993 10.98 29.75 58.89
CA LEU B 1993 12.33 29.25 58.69
C LEU B 1993 13.32 30.40 58.75
N ILE B 1994 14.42 30.20 59.46
CA ILE B 1994 15.51 31.17 59.56
C ILE B 1994 16.78 30.44 59.16
N LEU B 1995 17.18 30.59 57.91
CA LEU B 1995 18.32 29.87 57.35
C LEU B 1995 19.58 30.70 57.49
N THR B 1996 20.66 30.07 57.92
CA THR B 1996 21.93 30.77 58.18
C THR B 1996 23.03 30.16 57.30
N SER B 1997 23.91 31.04 56.81
CA SER B 1997 25.03 30.61 55.99
C SER B 1997 26.16 31.62 56.14
N ARG B 1998 27.35 31.22 55.71
CA ARG B 1998 28.50 32.11 55.79
C ARG B 1998 28.41 33.26 54.79
N TYR B 1999 27.58 33.13 53.75
CA TYR B 1999 27.51 34.11 52.69
C TYR B 1999 26.10 34.50 52.28
N GLY B 2000 25.08 33.78 52.75
CA GLY B 2000 23.72 34.07 52.33
C GLY B 2000 23.36 33.41 51.02
N ILE B 2001 22.58 34.09 50.19
CA ILE B 2001 22.21 33.59 48.87
C ILE B 2001 23.31 33.97 47.89
N THR B 2002 23.94 32.98 47.28
CA THR B 2002 25.02 33.20 46.34
C THR B 2002 24.83 32.54 44.98
N THR B 2003 23.77 31.74 44.81
CA THR B 2003 23.50 31.07 43.55
C THR B 2003 22.04 31.21 43.21
N GLY B 2004 21.72 30.99 41.93
CA GLY B 2004 20.34 31.04 41.49
C GLY B 2004 19.48 29.91 41.96
N TYR B 2005 20.09 28.78 42.35
CA TYR B 2005 19.32 27.69 42.92
C TYR B 2005 18.81 28.05 44.31
N GLN B 2006 19.67 28.64 45.14
CA GLN B 2006 19.24 29.08 46.46
C GLN B 2006 18.20 30.18 46.37
N ALA B 2007 18.42 31.16 45.47
CA ALA B 2007 17.47 32.25 45.33
C ALA B 2007 16.13 31.77 44.81
N ARG B 2008 16.12 30.75 43.94
CA ARG B 2008 14.87 30.23 43.43
C ARG B 2008 14.13 29.41 44.48
N LYS B 2009 14.84 28.63 45.29
CA LYS B 2009 14.19 27.86 46.34
C LYS B 2009 13.57 28.78 47.38
N ILE B 2010 14.32 29.79 47.84
CA ILE B 2010 13.81 30.69 48.86
C ILE B 2010 12.62 31.46 48.33
N ALA B 2011 12.66 31.88 47.06
CA ALA B 2011 11.49 32.53 46.46
C ALA B 2011 10.33 31.58 46.31
N PHE B 2012 10.57 30.26 46.37
CA PHE B 2012 9.48 29.30 46.33
C PHE B 2012 8.83 29.14 47.70
N PHE B 2013 9.64 29.08 48.76
CA PHE B 2013 9.10 29.02 50.11
C PHE B 2013 8.24 30.25 50.40
N LYS B 2014 8.75 31.43 50.06
CA LYS B 2014 8.02 32.65 50.36
C LYS B 2014 6.70 32.71 49.60
N GLN B 2015 6.69 32.26 48.35
CA GLN B 2015 5.44 32.23 47.59
C GLN B 2015 4.44 31.28 48.24
N LEU B 2016 4.90 30.13 48.72
CA LEU B 2016 4.00 29.18 49.38
C LEU B 2016 3.36 29.77 50.63
N GLY B 2017 3.97 30.78 51.24
CA GLY B 2017 3.43 31.39 52.43
C GLY B 2017 4.31 31.17 53.65
N VAL B 2018 5.59 30.92 53.41
CA VAL B 2018 6.54 30.63 54.47
C VAL B 2018 7.36 31.88 54.76
N GLU B 2019 7.52 32.21 56.04
CA GLU B 2019 8.26 33.40 56.46
C GLU B 2019 9.73 33.01 56.57
N VAL B 2020 10.46 33.18 55.49
CA VAL B 2020 11.87 32.80 55.44
C VAL B 2020 12.73 33.99 55.79
N GLU B 2021 13.92 33.71 56.33
CA GLU B 2021 14.90 34.74 56.62
C GLU B 2021 16.28 34.13 56.45
N VAL B 2022 17.12 34.76 55.65
CA VAL B 2022 18.46 34.26 55.34
C VAL B 2022 19.47 35.18 56.00
N LEU B 2023 20.33 34.62 56.83
CA LEU B 2023 21.36 35.36 57.54
C LEU B 2023 22.73 34.93 57.04
N ALA B 2024 23.54 35.92 56.67
CA ALA B 2024 24.90 35.66 56.19
C ALA B 2024 25.89 35.82 57.35
N LEU B 2025 25.86 34.82 58.25
CA LEU B 2025 26.76 34.81 59.38
C LEU B 2025 27.03 33.37 59.80
N SER B 2026 28.15 33.17 60.48
CA SER B 2026 28.57 31.86 60.98
C SER B 2026 28.39 31.84 62.50
N VAL B 2027 27.75 30.79 63.00
CA VAL B 2027 27.40 30.70 64.43
C VAL B 2027 28.60 30.07 65.13
N ASN B 2028 29.65 30.85 65.29
CA ASN B 2028 30.88 30.36 65.91
C ASN B 2028 31.28 31.14 67.16
N THR B 2029 30.54 32.17 67.54
CA THR B 2029 30.76 32.90 68.78
C THR B 2029 29.42 33.22 69.41
N ARG B 2030 29.43 33.48 70.71
CA ARG B 2030 28.18 33.73 71.41
C ARG B 2030 27.40 34.88 70.78
N LYS B 2031 28.10 35.89 70.25
CA LYS B 2031 27.41 36.98 69.58
C LYS B 2031 26.63 36.46 68.36
N ALA B 2032 27.26 35.62 67.55
CA ALA B 2032 26.57 35.07 66.39
C ALA B 2032 25.40 34.21 66.81
N ALA B 2033 25.58 33.39 67.85
CA ALA B 2033 24.48 32.55 68.32
C ALA B 2033 23.32 33.40 68.80
N ASP B 2034 23.60 34.49 69.52
CA ASP B 2034 22.54 35.36 69.99
C ASP B 2034 21.75 35.95 68.83
N LYS B 2035 22.45 36.43 67.80
CA LYS B 2035 21.75 37.05 66.67
C LYS B 2035 20.79 36.06 66.02
N VAL B 2036 21.23 34.81 65.81
CA VAL B 2036 20.37 33.83 65.17
C VAL B 2036 19.08 33.65 65.97
N PHE B 2037 19.19 33.57 67.29
CA PHE B 2037 18.02 33.35 68.13
C PHE B 2037 17.26 34.63 68.44
N GLU B 2038 17.86 35.80 68.25
CA GLU B 2038 17.09 37.03 68.27
C GLU B 2038 16.15 37.11 67.09
N HIS B 2039 16.63 36.73 65.90
CA HIS B 2039 15.78 36.70 64.72
C HIS B 2039 14.77 35.57 64.79
N ALA B 2040 15.14 34.43 65.38
CA ALA B 2040 14.20 33.32 65.48
C ALA B 2040 13.04 33.66 66.41
N LEU B 2041 13.35 34.16 67.61
CA LEU B 2041 12.29 34.52 68.54
C LEU B 2041 11.44 35.69 68.04
N LYS B 2042 12.02 36.55 67.19
CA LYS B 2042 11.22 37.62 66.59
C LYS B 2042 10.13 37.04 65.69
N MET B 2043 10.45 35.98 64.95
CA MET B 2043 9.46 35.34 64.09
C MET B 2043 8.47 34.50 64.89
N GLY B 2044 8.91 33.93 66.01
CA GLY B 2044 8.07 33.11 66.84
C GLY B 2044 8.89 32.26 67.79
N PRO B 2045 8.23 31.55 68.69
CA PRO B 2045 8.97 30.69 69.63
C PRO B 2045 9.81 29.68 68.86
N VAL B 2046 11.01 29.41 69.38
CA VAL B 2046 11.92 28.47 68.72
C VAL B 2046 11.38 27.06 68.94
N GLY B 2047 11.19 26.33 67.84
CA GLY B 2047 10.63 24.99 67.91
C GLY B 2047 11.48 23.96 67.21
N GLY B 2048 12.69 24.33 66.82
CA GLY B 2048 13.58 23.39 66.16
C GLY B 2048 14.90 24.02 65.75
N ILE B 2049 15.99 23.32 66.01
CA ILE B 2049 17.33 23.76 65.61
C ILE B 2049 17.96 22.65 64.79
N PHE B 2050 18.41 22.98 63.59
CA PHE B 2050 19.04 22.02 62.69
C PHE B 2050 20.44 22.52 62.35
N ASN B 2051 21.40 21.59 62.31
CA ASN B 2051 22.80 21.90 62.01
C ASN B 2051 23.26 20.98 60.88
N MET B 2052 23.06 21.43 59.65
CA MET B 2052 23.54 20.73 58.47
C MET B 2052 24.88 21.25 57.98
N ALA B 2053 25.47 22.23 58.68
CA ALA B 2053 26.71 22.83 58.23
C ALA B 2053 27.81 21.77 58.14
N MET B 2054 28.56 21.82 57.04
CA MET B 2054 29.75 20.99 56.88
C MET B 2054 30.86 21.84 56.26
N VAL B 2055 32.07 21.63 56.76
CA VAL B 2055 33.28 22.11 56.10
C VAL B 2055 34.27 20.95 56.10
N LEU B 2056 34.80 20.63 54.92
CA LEU B 2056 35.68 19.49 54.75
C LEU B 2056 37.02 19.95 54.18
N TYR B 2057 38.11 19.47 54.77
CA TYR B 2057 39.44 19.57 54.20
C TYR B 2057 40.06 18.18 54.25
N ASN B 2058 39.92 17.44 53.15
CA ASN B 2058 40.42 16.07 53.10
C ASN B 2058 41.92 16.09 52.81
N ASP B 2059 42.69 15.46 53.69
CA ASP B 2059 44.13 15.41 53.54
C ASP B 2059 44.69 14.30 54.40
N ASP B 2060 45.90 13.87 54.08
CA ASP B 2060 46.57 12.86 54.90
C ASP B 2060 46.86 13.44 56.27
N PHE B 2061 46.74 12.59 57.29
CA PHE B 2061 46.85 13.07 58.68
C PHE B 2061 48.19 13.73 58.94
N LEU B 2062 49.26 13.23 58.32
CA LEU B 2062 50.60 13.74 58.60
C LEU B 2062 50.92 15.03 57.86
N LYS B 2063 50.13 15.42 56.87
CA LYS B 2063 50.33 16.66 56.12
C LYS B 2063 49.29 17.71 56.51
N MET B 2064 48.93 17.75 57.78
CA MET B 2064 47.87 18.63 58.26
C MET B 2064 48.33 19.28 59.55
N ASN B 2065 48.25 20.60 59.62
CA ASN B 2065 48.57 21.34 60.83
C ASN B 2065 47.27 21.69 61.56
N ARG B 2066 47.40 22.35 62.70
CA ARG B 2066 46.23 22.65 63.51
C ARG B 2066 45.22 23.49 62.74
N GLU B 2067 45.68 24.52 62.03
CA GLU B 2067 44.77 25.34 61.26
C GLU B 2067 44.00 24.50 60.25
N GLN B 2068 44.64 23.46 59.70
CA GLN B 2068 44.00 22.59 58.72
C GLN B 2068 43.38 21.36 59.35
N PHE B 2069 43.61 21.10 60.63
CA PHE B 2069 42.92 20.02 61.34
C PHE B 2069 41.64 20.51 62.00
N LEU B 2070 41.59 21.78 62.40
CA LEU B 2070 40.41 22.37 63.02
C LEU B 2070 39.45 22.95 61.99
N LYS B 2071 39.65 22.63 60.70
CA LYS B 2071 38.75 23.15 59.68
C LYS B 2071 37.35 22.55 59.83
N PRO B 2072 37.16 21.24 59.79
CA PRO B 2072 35.82 20.68 59.95
C PRO B 2072 35.28 20.76 61.36
N LEU B 2073 36.09 21.13 62.34
CA LEU B 2073 35.70 21.11 63.74
C LEU B 2073 34.91 22.33 64.16
N GLU B 2074 34.76 23.33 63.29
CA GLU B 2074 33.95 24.49 63.65
C GLU B 2074 32.46 24.19 63.49
N SER B 2075 32.08 23.65 62.33
CA SER B 2075 30.67 23.35 62.08
C SER B 2075 30.16 22.17 62.87
N LYS B 2076 31.02 21.41 63.52
CA LYS B 2076 30.62 20.19 64.21
C LYS B 2076 30.97 20.18 65.69
N ILE B 2077 31.87 21.03 66.16
CA ILE B 2077 32.21 21.10 67.57
C ILE B 2077 31.96 22.47 68.18
N THR B 2078 31.94 23.54 67.38
CA THR B 2078 31.71 24.89 67.90
C THR B 2078 30.31 25.42 67.64
N MET B 2079 29.67 25.01 66.53
CA MET B 2079 28.28 25.36 66.28
C MET B 2079 27.30 24.43 66.96
N THR B 2080 27.77 23.29 67.47
CA THR B 2080 26.91 22.33 68.14
C THR B 2080 26.80 22.59 69.64
N MET B 2081 27.81 23.18 70.25
CA MET B 2081 27.76 23.54 71.66
C MET B 2081 27.34 24.99 71.88
N LEU B 2082 27.34 25.81 70.83
CA LEU B 2082 26.73 27.13 70.92
C LEU B 2082 25.24 27.09 70.60
N LEU B 2083 24.80 26.09 69.84
CA LEU B 2083 23.38 25.83 69.69
C LEU B 2083 22.82 24.95 70.80
N ASP B 2084 23.65 24.11 71.41
CA ASP B 2084 23.22 23.33 72.56
C ASP B 2084 23.16 24.17 73.82
N ASP B 2085 24.12 25.07 74.03
CA ASP B 2085 24.05 25.97 75.17
C ASP B 2085 22.83 26.87 75.09
N LYS B 2086 22.52 27.38 73.90
CA LYS B 2086 21.38 28.27 73.73
C LYS B 2086 20.06 27.53 73.79
N SER B 2087 20.03 26.24 73.50
CA SER B 2087 18.81 25.45 73.58
C SER B 2087 18.54 24.92 74.98
N ARG B 2088 19.51 25.00 75.89
CA ARG B 2088 19.34 24.58 77.27
C ARG B 2088 18.93 25.72 78.18
N GLU B 2089 18.74 26.93 77.64
CA GLU B 2089 18.35 28.09 78.40
C GLU B 2089 16.97 28.55 77.98
N LYS B 2090 16.30 29.25 78.90
CA LYS B 2090 14.98 29.78 78.59
C LYS B 2090 15.10 30.91 77.55
N PRO B 2091 14.07 31.12 76.73
CA PRO B 2091 12.80 30.37 76.64
C PRO B 2091 12.89 29.20 75.67
N VAL B 2092 14.08 28.94 75.10
CA VAL B 2092 14.20 27.92 74.08
C VAL B 2092 13.90 26.54 74.65
N ARG B 2093 14.32 26.29 75.88
CA ARG B 2093 14.23 24.93 76.43
C ARG B 2093 12.80 24.42 76.43
N ASP B 2094 11.84 25.25 76.84
CA ASP B 2094 10.47 24.79 76.93
C ASP B 2094 9.83 24.67 75.56
N THR B 2095 10.05 25.64 74.68
CA THR B 2095 9.38 25.64 73.37
C THR B 2095 10.02 24.66 72.40
N LEU B 2096 11.33 24.44 72.49
CA LEU B 2096 12.02 23.63 71.49
C LEU B 2096 11.43 22.22 71.43
N ASP B 2097 11.27 21.73 70.20
CA ASP B 2097 10.75 20.40 69.94
C ASP B 2097 11.76 19.47 69.28
N HIS B 2098 12.58 19.99 68.37
CA HIS B 2098 13.54 19.19 67.63
C HIS B 2098 14.94 19.80 67.76
N PHE B 2099 15.94 18.94 67.88
CA PHE B 2099 17.34 19.35 67.89
C PHE B 2099 18.09 18.32 67.05
N VAL B 2100 18.22 18.59 65.76
CA VAL B 2100 18.80 17.65 64.81
C VAL B 2100 20.21 18.10 64.46
N MET B 2101 21.18 17.22 64.67
CA MET B 2101 22.58 17.47 64.36
C MET B 2101 23.03 16.38 63.39
N PHE B 2102 23.11 16.74 62.11
CA PHE B 2102 23.48 15.76 61.09
C PHE B 2102 24.91 15.28 61.32
N SER B 2103 25.13 14.00 61.04
CA SER B 2103 26.44 13.37 61.19
C SER B 2103 26.74 12.57 59.93
N SER B 2104 27.87 11.86 59.95
CA SER B 2104 28.32 11.07 58.81
C SER B 2104 28.75 9.70 59.30
N LEU B 2105 28.68 8.72 58.39
CA LEU B 2105 29.06 7.35 58.73
C LEU B 2105 30.53 7.20 59.07
N ILE B 2106 31.33 8.24 58.89
CA ILE B 2106 32.75 8.14 59.21
C ILE B 2106 32.97 7.80 60.68
N VAL B 2107 32.02 8.14 61.54
CA VAL B 2107 32.14 7.81 62.97
C VAL B 2107 31.89 6.35 63.26
N SER B 2108 31.31 5.60 62.32
CA SER B 2108 31.03 4.19 62.50
C SER B 2108 31.89 3.27 61.64
N GLY B 2109 32.40 3.75 60.52
CA GLY B 2109 33.23 2.95 59.65
C GLY B 2109 34.58 3.57 59.39
N GLY B 2110 34.69 4.88 59.57
CA GLY B 2110 35.92 5.59 59.30
C GLY B 2110 36.13 5.80 57.81
N HIS B 2111 37.10 6.66 57.50
CA HIS B 2111 37.41 6.97 56.12
C HIS B 2111 38.87 7.39 56.01
N LEU B 2112 39.37 7.39 54.78
CA LEU B 2112 40.76 7.69 54.50
C LEU B 2112 40.92 9.19 54.24
N GLY B 2113 41.79 9.83 55.01
CA GLY B 2113 42.08 11.23 54.85
C GLY B 2113 41.18 12.16 55.64
N GLN B 2114 40.00 11.69 56.05
CA GLN B 2114 39.08 12.49 56.85
C GLN B 2114 39.21 12.15 58.32
N ALA B 2115 40.41 12.38 58.86
CA ALA B 2115 40.65 12.16 60.28
C ALA B 2115 40.20 13.34 61.13
N ASN B 2116 40.24 14.55 60.57
CA ASN B 2116 39.71 15.71 61.29
C ASN B 2116 38.19 15.72 61.27
N TYR B 2117 37.59 15.35 60.14
CA TYR B 2117 36.13 15.27 60.06
C TYR B 2117 35.59 14.21 61.00
N ALA B 2118 36.27 13.07 61.11
CA ALA B 2118 35.83 12.03 62.02
C ALA B 2118 35.84 12.51 63.45
N PHE B 2119 36.89 13.23 63.85
CA PHE B 2119 36.92 13.78 65.20
C PHE B 2119 35.76 14.73 65.43
N GLY B 2120 35.49 15.60 64.46
CA GLY B 2120 34.36 16.52 64.60
C GLY B 2120 33.03 15.81 64.64
N SER B 2121 32.83 14.82 63.78
CA SER B 2121 31.56 14.11 63.74
C SER B 2121 31.33 13.26 64.98
N THR B 2122 32.40 12.80 65.64
CA THR B 2122 32.23 12.00 66.85
C THR B 2122 31.92 12.88 68.05
N VAL B 2123 32.64 13.99 68.20
CA VAL B 2123 32.35 14.90 69.31
C VAL B 2123 30.93 15.44 69.19
N LEU B 2124 30.45 15.63 67.96
CA LEU B 2124 29.07 16.05 67.78
C LEU B 2124 28.11 15.00 68.32
N GLU B 2125 28.36 13.72 68.02
CA GLU B 2125 27.49 12.67 68.52
C GLU B 2125 27.55 12.57 70.04
N LYS B 2126 28.69 12.90 70.65
CA LYS B 2126 28.79 12.83 72.09
C LYS B 2126 28.02 13.96 72.77
N ILE B 2127 27.94 15.13 72.13
CA ILE B 2127 27.09 16.19 72.66
C ILE B 2127 25.63 15.76 72.58
N CYS B 2128 25.24 15.14 71.47
CA CYS B 2128 23.84 14.70 71.32
C CYS B 2128 23.50 13.60 72.32
N GLU B 2129 24.44 12.70 72.61
CA GLU B 2129 24.19 11.69 73.63
C GLU B 2129 24.09 12.30 75.02
N ARG B 2130 24.83 13.38 75.27
CA ARG B 2130 24.69 14.08 76.54
C ARG B 2130 23.31 14.72 76.66
N ARG B 2131 22.76 15.21 75.56
CA ARG B 2131 21.42 15.78 75.59
C ARG B 2131 20.39 14.74 75.98
N LYS B 2132 20.52 13.52 75.47
CA LYS B 2132 19.61 12.45 75.87
C LYS B 2132 19.74 12.16 77.36
N ARG B 2133 20.96 12.17 77.89
CA ARG B 2133 21.15 11.93 79.31
C ARG B 2133 20.38 12.93 80.15
N ASP B 2134 20.20 14.15 79.65
CA ASP B 2134 19.48 15.20 80.38
C ASP B 2134 18.01 15.27 80.01
N GLY B 2135 17.52 14.34 79.18
CA GLY B 2135 16.13 14.30 78.82
C GLY B 2135 15.70 15.30 77.77
N LEU B 2136 16.63 16.01 77.16
CA LEU B 2136 16.28 16.96 76.13
C LEU B 2136 16.07 16.26 74.79
N PRO B 2137 15.25 16.83 73.90
CA PRO B 2137 15.11 16.23 72.57
C PRO B 2137 16.43 16.30 71.81
N VAL B 2138 16.67 15.27 70.99
CA VAL B 2138 17.90 15.21 70.20
C VAL B 2138 17.73 14.16 69.13
N THR B 2139 18.28 14.43 67.94
CA THR B 2139 18.32 13.50 66.84
C THR B 2139 19.64 13.68 66.11
N THR B 2140 20.31 12.59 65.80
CA THR B 2140 21.63 12.63 65.15
C THR B 2140 21.66 11.64 64.00
N PRO B 2141 21.12 12.02 62.85
CA PRO B 2141 21.24 11.15 61.67
C PRO B 2141 22.70 10.95 61.29
N GLN B 2142 22.99 9.76 60.76
CA GLN B 2142 24.35 9.39 60.37
C GLN B 2142 24.27 8.77 58.98
N TRP B 2143 24.38 9.61 57.95
CA TRP B 2143 24.23 9.16 56.57
C TRP B 2143 25.56 8.70 56.00
N ALA B 2144 25.48 7.81 55.02
CA ALA B 2144 26.66 7.40 54.27
C ALA B 2144 26.85 8.29 53.03
N SER B 2145 25.86 8.31 52.15
CA SER B 2145 25.95 9.11 50.94
C SER B 2145 24.54 9.41 50.44
N ILE B 2146 24.38 10.58 49.83
CA ILE B 2146 23.09 11.07 49.35
C ILE B 2146 23.23 11.35 47.85
N ALA B 2147 22.27 10.87 47.08
CA ALA B 2147 22.41 10.87 45.63
C ALA B 2147 22.02 12.21 45.01
N ASP B 2148 20.75 12.60 45.16
CA ASP B 2148 20.22 13.69 44.34
C ASP B 2148 20.85 15.03 44.69
N VAL B 2149 21.06 15.30 45.98
CA VAL B 2149 21.59 16.59 46.40
C VAL B 2149 23.07 16.69 46.05
N THR B 2161 30.37 7.38 42.94
CA THR B 2161 29.10 6.70 43.19
C THR B 2161 29.24 5.73 44.35
N ILE B 2162 29.83 4.57 44.08
CA ILE B 2162 30.01 3.54 45.10
C ILE B 2162 31.26 3.87 45.90
N ILE B 2163 31.09 4.25 47.16
CA ILE B 2163 32.18 4.56 48.07
C ILE B 2163 32.12 3.56 49.22
N CYS B 2164 33.23 2.84 49.43
CA CYS B 2164 33.30 1.82 50.47
C CYS B 2164 32.23 0.75 50.28
N ARG B 2165 31.87 0.48 49.02
CA ARG B 2165 30.89 -0.56 48.70
C ARG B 2165 29.52 -0.21 49.27
N LYS B 2166 29.10 1.05 49.13
CA LYS B 2166 27.80 1.49 49.58
C LYS B 2166 27.19 2.41 48.53
N TYR B 2167 25.99 2.07 48.08
CA TYR B 2167 25.30 2.88 47.09
C TYR B 2167 24.73 4.13 47.76
N PRO B 2168 24.79 5.29 47.09
CA PRO B 2168 24.17 6.49 47.67
C PRO B 2168 22.66 6.42 47.58
N GLN B 2169 21.99 6.85 48.66
CA GLN B 2169 20.55 6.79 48.70
C GLN B 2169 19.94 7.94 47.88
N ARG B 2170 18.75 7.69 47.36
CA ARG B 2170 17.95 8.77 46.78
C ARG B 2170 17.40 9.64 47.90
N PHE B 2171 17.29 10.94 47.64
CA PHE B 2171 16.85 11.85 48.70
C PHE B 2171 15.44 11.53 49.15
N PHE B 2172 14.55 11.21 48.21
CA PHE B 2172 13.17 10.91 48.59
C PHE B 2172 13.11 9.74 49.57
N ASN B 2173 14.15 8.90 49.60
CA ASN B 2173 14.25 7.85 50.60
C ASN B 2173 15.02 8.29 51.84
N VAL B 2174 15.91 9.27 51.72
CA VAL B 2174 16.57 9.82 52.89
C VAL B 2174 15.55 10.49 53.81
N LEU B 2175 14.62 11.25 53.22
CA LEU B 2175 13.59 11.90 54.01
C LEU B 2175 12.61 10.90 54.61
N SER B 2176 12.44 9.74 53.97
CA SER B 2176 11.55 8.72 54.54
C SER B 2176 12.14 8.10 55.80
N VAL B 2177 13.45 7.81 55.79
CA VAL B 2177 14.09 7.32 56.99
C VAL B 2177 14.34 8.47 57.97
N PHE B 2178 14.59 9.67 57.46
CA PHE B 2178 14.75 10.82 58.35
C PHE B 2178 13.50 11.03 59.18
N ASP B 2179 12.32 10.90 58.57
CA ASP B 2179 11.08 11.02 59.31
C ASP B 2179 11.02 10.00 60.44
N PHE B 2180 11.46 8.77 60.17
CA PHE B 2180 11.54 7.76 61.22
C PHE B 2180 12.58 8.14 62.27
N MET B 2181 13.69 8.74 61.84
CA MET B 2181 14.74 9.10 62.78
C MET B 2181 14.22 10.10 63.81
N MET B 2182 13.47 11.11 63.36
CA MET B 2182 12.97 12.12 64.29
C MET B 2182 11.96 11.53 65.26
N SER B 2183 11.12 10.62 64.78
CA SER B 2183 10.09 10.00 65.62
C SER B 2183 10.60 8.66 66.15
N SER B 2184 11.64 8.74 66.98
CA SER B 2184 12.24 7.56 67.58
C SER B 2184 12.92 7.97 68.87
N ASP B 2185 13.24 6.97 69.69
CA ASP B 2185 13.82 7.21 71.00
C ASP B 2185 15.35 7.15 71.01
N ASN B 2186 15.96 6.45 70.05
CA ASN B 2186 17.41 6.39 69.99
C ASN B 2186 17.98 7.75 69.57
N VAL B 2187 19.26 7.95 69.87
CA VAL B 2187 19.93 9.22 69.58
C VAL B 2187 20.51 9.17 68.17
N VAL B 2188 21.43 8.26 67.93
CA VAL B 2188 22.14 8.16 66.66
C VAL B 2188 21.55 7.00 65.86
N THR B 2189 21.17 7.29 64.62
CA THR B 2189 20.66 6.26 63.70
C THR B 2189 21.54 6.26 62.46
N ILE B 2190 22.00 5.07 62.08
CA ILE B 2190 22.88 4.91 60.93
C ILE B 2190 22.04 4.47 59.75
N SER B 2191 22.11 5.22 58.65
CA SER B 2191 21.40 4.89 57.42
C SER B 2191 22.41 4.78 56.29
N TYR B 2192 22.44 3.62 55.65
CA TYR B 2192 23.30 3.40 54.49
C TYR B 2192 22.68 2.32 53.62
N VAL B 2193 23.02 2.34 52.33
CA VAL B 2193 22.50 1.38 51.37
C VAL B 2193 23.66 0.52 50.88
N LEU B 2194 23.45 -0.79 50.92
CA LEU B 2194 24.44 -1.75 50.47
C LEU B 2194 24.25 -2.06 49.00
N VAL B 2195 25.36 -2.15 48.26
CA VAL B 2195 25.27 -2.53 46.85
C VAL B 2195 24.69 -3.93 46.74
N GLU B 2196 25.10 -4.83 47.63
CA GLU B 2196 24.57 -6.18 47.69
C GLU B 2196 25.13 -6.83 48.95
N LYS B 2197 24.34 -7.72 49.54
CA LYS B 2197 24.77 -8.39 50.77
C LYS B 2197 26.11 -9.07 50.53
N SER B 2198 27.02 -8.90 51.48
CA SER B 2198 28.39 -9.38 51.29
C SER B 2198 28.40 -10.91 51.17
N MET B 2199 29.31 -11.40 50.33
CA MET B 2199 29.57 -12.83 50.20
C MET B 2199 31.04 -13.08 50.45
N GLY B 2200 31.35 -14.27 50.97
CA GLY B 2200 32.72 -14.58 51.33
C GLY B 2200 33.66 -14.51 50.13
N VAL B 2201 34.89 -14.10 50.40
CA VAL B 2201 35.91 -14.00 49.36
C VAL B 2201 36.05 -15.33 48.65
N GLU B 2206 40.54 -11.61 26.46
CA GLU B 2206 40.30 -12.46 25.29
C GLU B 2206 41.54 -12.51 24.41
N SER B 2207 41.90 -13.71 23.95
CA SER B 2207 43.07 -13.87 23.12
C SER B 2207 42.90 -13.17 21.78
N MET B 2208 43.98 -12.57 21.28
CA MET B 2208 43.92 -11.87 20.00
C MET B 2208 43.63 -12.84 18.86
N VAL B 2209 44.23 -14.03 18.89
CA VAL B 2209 44.09 -14.98 17.79
C VAL B 2209 42.63 -15.38 17.63
N ASP B 2210 41.96 -15.71 18.73
CA ASP B 2210 40.54 -16.03 18.68
C ASP B 2210 39.75 -14.87 18.09
N GLN B 2211 40.06 -13.65 18.54
CA GLN B 2211 39.36 -12.47 18.06
C GLN B 2211 39.50 -12.33 16.55
N VAL B 2212 40.74 -12.24 16.05
CA VAL B 2212 40.95 -11.99 14.63
C VAL B 2212 40.39 -13.14 13.80
N LEU B 2213 40.60 -14.37 14.26
CA LEU B 2213 40.04 -15.53 13.55
C LEU B 2213 38.53 -15.43 13.46
N ARG B 2214 37.87 -15.14 14.59
CA ARG B 2214 36.42 -14.97 14.57
C ARG B 2214 36.03 -13.81 13.66
N ALA B 2215 36.80 -12.73 13.67
CA ALA B 2215 36.48 -11.57 12.85
C ALA B 2215 36.54 -11.91 11.37
N VAL B 2216 37.60 -12.62 10.94
CA VAL B 2216 37.70 -13.01 9.54
C VAL B 2216 36.53 -13.88 9.15
N GLY B 2217 36.14 -14.83 10.01
CA GLY B 2217 35.00 -15.67 9.70
C GLY B 2217 33.73 -14.87 9.52
N LYS B 2218 33.50 -13.88 10.39
CA LYS B 2218 32.29 -13.08 10.30
C LYS B 2218 32.27 -12.24 9.04
N VAL B 2219 33.44 -11.74 8.61
CA VAL B 2219 33.51 -11.01 7.35
C VAL B 2219 32.96 -11.89 6.22
N LEU B 2220 33.30 -13.17 6.24
CA LEU B 2220 32.80 -14.10 5.25
C LEU B 2220 31.31 -14.39 5.43
N GLY B 2221 30.83 -14.42 6.67
CA GLY B 2221 29.44 -14.70 6.94
C GLY B 2221 29.22 -16.05 7.60
N ILE B 2222 30.16 -16.46 8.46
CA ILE B 2222 30.08 -17.72 9.19
C ILE B 2222 29.79 -17.38 10.64
N LYS B 2223 28.62 -17.81 11.13
CA LYS B 2223 28.25 -17.52 12.52
C LYS B 2223 29.19 -18.19 13.50
N ASP B 2224 29.55 -19.44 13.25
CA ASP B 2224 30.45 -20.21 14.11
C ASP B 2224 31.73 -20.49 13.34
N VAL B 2225 32.81 -19.78 13.69
CA VAL B 2225 34.07 -19.94 12.98
C VAL B 2225 34.63 -21.34 13.19
N SER B 2226 34.53 -21.87 14.42
CA SER B 2226 35.07 -23.19 14.70
C SER B 2226 34.33 -24.30 13.98
N SER B 2227 33.07 -24.06 13.57
CA SER B 2227 32.29 -25.11 12.95
C SER B 2227 32.90 -25.55 11.61
N VAL B 2228 33.35 -24.59 10.80
CA VAL B 2228 33.85 -24.94 9.47
C VAL B 2228 35.22 -25.60 9.59
N ASP B 2229 35.60 -26.32 8.54
CA ASP B 2229 36.87 -27.01 8.52
C ASP B 2229 38.03 -26.02 8.51
N GLY B 2230 39.12 -26.39 9.20
CA GLY B 2230 40.29 -25.57 9.28
C GLY B 2230 41.28 -25.73 8.14
N ASP B 2231 41.02 -26.65 7.21
CA ASP B 2231 41.89 -26.89 6.07
C ASP B 2231 41.24 -26.51 4.75
N LYS B 2232 40.09 -25.86 4.78
CA LYS B 2232 39.40 -25.44 3.57
C LYS B 2232 39.78 -24.00 3.25
N GLU B 2233 40.23 -23.77 2.02
CA GLU B 2233 40.67 -22.44 1.61
C GLU B 2233 39.48 -21.48 1.52
N PHE B 2234 39.79 -20.19 1.62
CA PHE B 2234 38.75 -19.18 1.54
C PHE B 2234 38.07 -19.17 0.19
N ILE B 2235 38.83 -19.39 -0.89
CA ILE B 2235 38.20 -19.44 -2.21
C ILE B 2235 37.18 -20.57 -2.26
N ASP B 2236 37.36 -21.61 -1.45
CA ASP B 2236 36.46 -22.74 -1.46
C ASP B 2236 35.12 -22.45 -0.79
N MET B 2237 35.04 -21.41 0.05
CA MET B 2237 33.79 -21.09 0.73
C MET B 2237 33.00 -20.00 0.04
N GLY B 2238 33.62 -19.21 -0.85
CA GLY B 2238 32.88 -18.26 -1.65
C GLY B 2238 33.44 -16.85 -1.74
N VAL B 2239 34.68 -16.63 -1.28
CA VAL B 2239 35.27 -15.30 -1.39
C VAL B 2239 35.29 -14.86 -2.84
N ASP B 2240 34.82 -13.64 -3.09
CA ASP B 2240 34.75 -13.11 -4.44
C ASP B 2240 35.30 -11.68 -4.49
O 4HH B 2241 35.24 -9.75 -2.52
C 4HH B 2241 36.28 -9.26 -3.01
CA 4HH B 2241 37.16 -10.17 -3.88
N 4HH B 2241 36.52 -11.51 -3.99
CB 4HH B 2241 37.40 -9.59 -5.26
OG 4HH B 2241 36.42 -8.55 -5.52
CJ 4HH B 2241 35.37 -5.35 -7.45
CK 4HH B 2241 34.89 -5.50 -8.89
CL1 4HH B 2241 34.18 -4.20 -9.29
CL2 4HH B 2241 33.89 -6.65 -8.96
CL3 4HH B 2241 35.70 -5.49 -11.31
CM 4HH B 2241 36.07 -5.73 -9.85
OM 4HH B 2241 36.61 -7.04 -9.71
NN 4HH B 2241 34.91 -6.38 -11.90
ON 4HH B 2241 36.14 -4.50 -11.89
P 4HH B 2241 36.60 -7.62 -6.82
O1P 4HH B 2241 36.48 -8.53 -8.00
O2P 4HH B 2241 37.84 -6.79 -6.63
O3P 4HH B 2241 35.33 -6.64 -6.76
CO 4HH B 2241 34.44 -6.23 -13.27
CP 4HH B 2241 34.82 -7.42 -14.14
CQ 4HH B 2241 34.03 -7.48 -15.43
CS 4HH B 2241 33.45 -6.39 -17.55
CT 4HH B 2241 32.57 -5.17 -17.65
NR 4HH B 2241 34.15 -6.46 -16.28
OR 4HH B 2241 33.30 -8.45 -15.66
SU 4HH B 2241 31.33 -5.07 -16.34
HA 4HH B 2241 38.04 -10.29 -3.43
HB3 4HH B 2241 37.32 -10.29 -5.94
HB2 4HH B 2241 38.30 -9.21 -5.31
HJ3 4HH B 2241 34.80 -4.71 -6.98
HJ2 4HH B 2241 36.29 -5.00 -7.43
HL13 4HH B 2241 33.77 -4.31 -10.16
HL12 4HH B 2241 34.82 -3.47 -9.31
HL11 4HH B 2241 33.49 -4.00 -8.64
HL21 4HH B 2241 33.46 -6.65 -9.84
HL23 4HH B 2241 33.21 -6.53 -8.28
HL22 4HH B 2241 34.34 -7.50 -8.82
HL3 4HH B 2241 36.77 -5.08 -9.61
HM 4HH B 2241 36.08 -7.61 -10.03
HN 4HH B 2241 34.67 -7.08 -11.47
HO2 4HH B 2241 34.82 -5.42 -13.66
HO3 4HH B 2241 33.46 -6.14 -13.28
HP3 4HH B 2241 34.68 -8.24 -13.63
HP2 4HH B 2241 35.76 -7.36 -14.36
HS2 4HH B 2241 34.10 -6.39 -18.28
HS3 4HH B 2241 32.89 -7.20 -17.66
HT3 4HH B 2241 32.11 -5.19 -18.52
HT2 4HH B 2241 33.14 -4.38 -17.62
HR 4HH B 2241 34.68 -5.81 -16.06
HU 4HH B 2241 30.77 -6.11 -16.58
N LEU B 2242 36.69 -8.02 -2.79
CA LEU B 2242 35.97 -7.11 -1.90
C LEU B 2242 35.99 -7.62 -0.46
N MET B 2243 35.47 -8.84 -0.25
CA MET B 2243 35.54 -9.44 1.08
C MET B 2243 36.97 -9.90 1.39
N SER B 2244 37.70 -10.39 0.40
CA SER B 2244 39.09 -10.78 0.63
C SER B 2244 39.93 -9.58 1.04
N VAL B 2245 39.75 -8.46 0.34
CA VAL B 2245 40.43 -7.22 0.74
C VAL B 2245 39.92 -6.76 2.09
N GLU B 2246 38.64 -6.99 2.39
CA GLU B 2246 38.11 -6.62 3.70
C GLU B 2246 38.82 -7.40 4.80
N ILE B 2247 39.01 -8.71 4.59
CA ILE B 2247 39.78 -9.50 5.56
C ILE B 2247 41.18 -8.94 5.69
N LYS B 2248 41.79 -8.57 4.57
CA LYS B 2248 43.15 -8.04 4.59
C LYS B 2248 43.21 -6.75 5.41
N GLN B 2249 42.23 -5.87 5.24
CA GLN B 2249 42.17 -4.68 6.10
C GLN B 2249 41.94 -5.08 7.55
N ALA B 2250 41.07 -6.06 7.79
CA ALA B 2250 40.78 -6.48 9.16
C ALA B 2250 42.05 -6.90 9.89
N LEU B 2251 42.91 -7.65 9.22
CA LEU B 2251 44.19 -8.04 9.79
C LEU B 2251 45.06 -6.82 10.05
N GLU B 2252 45.18 -5.95 9.05
CA GLU B 2252 45.96 -4.73 9.15
C GLU B 2252 45.63 -3.96 10.42
N ARG B 2253 44.34 -3.88 10.74
CA ARG B 2253 43.88 -3.11 11.89
C ARG B 2253 43.97 -3.91 13.19
N ASP B 2254 43.29 -5.06 13.24
CA ASP B 2254 43.23 -5.81 14.50
C ASP B 2254 44.61 -6.26 14.96
N ALA B 2255 45.44 -6.72 14.03
CA ALA B 2255 46.77 -7.22 14.34
C ALA B 2255 47.79 -6.54 13.43
N GLY B 2256 49.04 -6.97 13.56
CA GLY B 2256 50.14 -6.41 12.78
C GLY B 2256 50.33 -7.01 11.41
N LEU B 2257 49.49 -7.97 11.02
CA LEU B 2257 49.66 -8.61 9.72
C LEU B 2257 49.28 -7.66 8.59
N VAL B 2258 49.99 -7.77 7.48
CA VAL B 2258 49.69 -7.03 6.25
C VAL B 2258 49.76 -8.05 5.12
N ILE B 2259 48.60 -8.55 4.70
CA ILE B 2259 48.51 -9.64 3.73
C ILE B 2259 47.95 -9.10 2.43
N SER B 2260 48.53 -9.52 1.31
CA SER B 2260 48.03 -9.12 0.01
C SER B 2260 46.69 -9.79 -0.28
N THR B 2261 45.94 -9.20 -1.21
CA THR B 2261 44.62 -9.71 -1.54
C THR B 2261 44.71 -11.12 -2.14
N LYS B 2262 45.70 -11.34 -3.01
CA LYS B 2262 45.79 -12.63 -3.69
C LYS B 2262 46.02 -13.77 -2.69
N ASP B 2263 46.88 -13.54 -1.69
CA ASP B 2263 47.14 -14.59 -0.71
C ASP B 2263 45.98 -14.74 0.27
N THR B 2264 45.13 -13.72 0.38
CA THR B 2264 44.01 -13.80 1.31
C THR B 2264 43.04 -14.90 0.92
N GLN B 2265 42.92 -15.17 -0.38
CA GLN B 2265 41.94 -16.10 -0.92
C GLN B 2265 42.46 -17.53 -1.01
N LEU B 2266 43.76 -17.76 -0.73
CA LEU B 2266 44.36 -19.07 -0.82
C LEU B 2266 44.89 -19.54 0.53
N MET B 2267 44.37 -18.98 1.61
CA MET B 2267 44.86 -19.21 2.97
C MET B 2267 43.72 -19.71 3.83
N THR B 2268 44.02 -20.65 4.73
CA THR B 2268 43.01 -21.31 5.55
C THR B 2268 42.97 -20.71 6.96
N PHE B 2269 41.88 -21.00 7.67
CA PHE B 2269 41.71 -20.49 9.03
C PHE B 2269 42.87 -20.89 9.93
N ASN B 2270 43.35 -22.13 9.79
CA ASN B 2270 44.52 -22.56 10.54
C ASN B 2270 45.72 -21.69 10.19
N THR B 2271 45.88 -21.38 8.90
CA THR B 2271 46.99 -20.54 8.47
C THR B 2271 46.89 -19.14 9.06
N LEU B 2272 45.68 -18.58 9.10
CA LEU B 2272 45.50 -17.27 9.74
C LEU B 2272 45.97 -17.28 11.17
N ARG B 2273 45.48 -18.25 11.95
CA ARG B 2273 45.86 -18.32 13.35
C ARG B 2273 47.38 -18.42 13.49
N SER B 2274 48.01 -19.21 12.62
CA SER B 2274 49.46 -19.34 12.66
C SER B 2274 50.16 -18.01 12.43
N MET B 2275 49.71 -17.25 11.42
CA MET B 2275 50.37 -15.98 11.12
C MET B 2275 50.08 -14.93 12.19
N VAL B 2276 48.84 -14.86 12.69
CA VAL B 2276 48.56 -13.89 13.74
C VAL B 2276 49.35 -14.23 15.00
N LYS B 2277 49.64 -15.51 15.24
CA LYS B 2277 50.52 -15.86 16.34
C LYS B 2277 51.94 -15.37 16.07
N GLY B 2278 52.46 -15.63 14.89
CA GLY B 2278 53.83 -15.26 14.55
C GLY B 2278 54.06 -13.77 14.64
C8 MLC C . -0.13 21.82 -78.32
N9 MLC C . -1.13 22.47 -77.71
C4 MLC C . -1.85 23.13 -78.64
C5 MLC C . -1.28 22.89 -79.84
N7 MLC C . -0.22 22.09 -79.65
N3 MLC C . -2.93 23.92 -78.56
C2 MLC C . -3.45 24.47 -79.69
N1 MLC C . -2.88 24.24 -80.91
C6 MLC C . -1.81 23.46 -80.98
N6 MLC C . -1.47 23.44 -82.41
C1' MLC C . -1.33 22.40 -76.36
C2' MLC C . -0.52 23.47 -75.62
O2' MLC C . 0.88 23.01 -75.41
C3' MLC C . -1.17 23.58 -74.48
O3' MLC C . -0.79 22.50 -73.58
C4' MLC C . -2.75 23.43 -74.87
O4' MLC C . -2.82 22.76 -75.99
C5' MLC C . -3.36 24.81 -75.06
O5' MLC C . -4.51 24.73 -75.87
P1 MLC C . -5.89 24.05 -75.25
O11 MLC C . -6.85 25.15 -74.87
O12 MLC C . -5.58 23.24 -74.01
O6 MLC C . -6.60 23.07 -76.41
P2 MLC C . -7.71 23.66 -77.52
O21 MLC C . -7.37 25.09 -77.84
O22 MLC C . -9.09 23.58 -76.93
O7 MLC C . -7.66 22.74 -78.92
CPB MLC C . -7.20 21.39 -78.84
CPA MLC C . -8.04 20.49 -79.78
CP7 MLC C . -8.22 19.08 -79.11
CP9 MLC C . -7.35 20.37 -81.15
CP8 MLC C . -9.43 21.14 -79.98
OP3 MLC C . -9.48 19.02 -78.54
CP6 MLC C . -8.06 17.92 -80.11
OP2 MLC C . -7.09 17.25 -80.09
NP2 MLC C . -9.13 17.63 -81.08
CP5 MLC C . -8.99 16.50 -82.02
CP4 MLC C . -7.98 16.79 -83.14
CP3 MLC C . -7.60 15.43 -83.77
OP1 MLC C . -6.65 14.85 -83.37
NP1 MLC C . -8.41 14.85 -84.83
CP2 MLC C . -8.04 13.53 -85.42
CP1 MLC C . -7.71 13.66 -86.90
S MLC C . -6.03 14.35 -87.06
P3 MLC C . 0.50 22.74 -72.51
O31 MLC C . 0.15 22.15 -71.15
O32 MLC C . 0.77 24.23 -72.35
O33 MLC C . 1.73 22.06 -73.05
CM1 MLC C . -4.87 12.99 -86.71
CM2 MLC C . -3.96 12.45 -87.84
CM3 MLC C . -4.72 11.38 -88.63
OM2 MLC C . -4.81 12.52 -85.62
OM3 MLC C . -5.92 11.09 -88.31
OM4 MLC C . -4.17 10.78 -89.60
H8 MLC C . 0.52 21.29 -77.92
H2 MLC C . -4.19 25.03 -79.70
HN61 MLC C . -1.90 23.94 -82.96
HN62 MLC C . -0.86 22.92 -82.70
H1' MLC C . -1.10 21.53 -76.03
H2' MLC C . -0.54 24.31 -76.11
HO2 MLC C . 0.99 22.25 -75.78
H3' MLC C . -1.01 24.44 -74.07
H4' MLC C . -3.21 22.94 -74.16
H5'1 MLC C . -2.72 25.39 -75.47
H5'2 MLC C . -3.62 25.17 -74.19
HPB1 MLC C . -7.28 21.08 -77.93
HPB2 MLC C . -6.26 21.35 -79.11
HP7 MLC C . -7.56 18.98 -78.40
HP91 MLC C . -6.54 19.85 -81.07
HP92 MLC C . -7.11 21.27 -81.45
HP93 MLC C . -7.95 19.98 -81.78
HP81 MLC C . -10.02 20.52 -80.44
HP82 MLC C . -9.34 21.95 -80.51
HP83 MLC C . -9.82 21.37 -79.12
HP3 MLC C . -9.78 18.23 -78.62
HP2 MLC C . -9.84 18.10 -81.10
HP51 MLC C . -9.85 16.31 -82.41
HP52 MLC C . -8.70 15.72 -81.53
HP41 MLC C . -7.19 17.22 -82.77
HP42 MLC C . -8.38 17.37 -83.80
HP1 MLC C . -9.11 15.27 -85.12
HP21 MLC C . -8.79 12.93 -85.32
HP22 MLC C . -7.28 13.17 -84.95
HP11 MLC C . -8.36 14.22 -87.35
HP12 MLC C . -7.71 12.78 -87.31
HM21 MLC C . -3.16 12.07 -87.46
HM22 MLC C . -3.73 13.18 -88.43
PA NAP D . -57.00 6.42 -10.61
O1A NAP D . -57.26 6.62 -9.16
O2A NAP D . -57.38 7.46 -11.62
O5B NAP D . -57.65 4.98 -11.00
C5B NAP D . -58.95 4.93 -11.56
C4B NAP D . -59.92 4.76 -10.41
O4B NAP D . -61.24 5.18 -10.78
C3B NAP D . -60.03 3.30 -9.93
O3B NAP D . -59.35 3.05 -8.74
C2B NAP D . -61.55 3.07 -9.77
O2B NAP D . -61.74 2.78 -8.41
C1B NAP D . -62.19 4.41 -10.10
N9A NAP D . -63.44 4.29 -10.83
C8A NAP D . -63.78 3.66 -12.00
N7A NAP D . -65.04 3.78 -12.32
C5A NAP D . -65.58 4.52 -11.30
C6A NAP D . -66.87 4.99 -11.03
N6A NAP D . -67.91 4.76 -11.83
N1A NAP D . -67.06 5.69 -9.91
C2A NAP D . -66.04 5.93 -9.11
N3A NAP D . -64.78 5.54 -9.25
C4A NAP D . -64.61 4.84 -10.37
O3 NAP D . -55.41 6.13 -10.92
PN NAP D . -54.77 5.92 -12.43
O1N NAP D . -55.58 4.94 -13.19
O2N NAP D . -53.29 5.79 -12.23
O5D NAP D . -55.12 7.40 -13.08
C5D NAP D . -55.90 7.50 -14.23
C4D NAP D . -56.36 8.93 -14.53
O4D NAP D . -55.18 9.69 -14.87
C3D NAP D . -57.30 9.13 -15.70
O3D NAP D . -57.96 10.34 -15.53
C2D NAP D . -56.32 9.22 -16.88
O2D NAP D . -56.74 10.01 -17.96
C1D NAP D . -55.09 9.87 -16.23
N1N NAP D . -53.85 9.22 -16.74
C2N NAP D . -53.19 8.31 -16.02
C3N NAP D . -52.04 7.72 -16.50
C7N NAP D . -51.27 6.70 -15.72
O7N NAP D . -50.69 5.80 -16.31
N7N NAP D . -51.30 6.85 -14.39
C4N NAP D . -51.58 8.09 -17.77
C5N NAP D . -52.29 9.03 -18.49
C6N NAP D . -53.42 9.59 -17.96
P2B NAP D . -61.95 1.11 -8.02
O1X NAP D . -63.21 0.71 -8.77
O2X NAP D . -60.65 0.55 -8.58
O3X NAP D . -62.07 1.09 -6.50
H51A NAP D . -59.01 4.19 -12.19
H52A NAP D . -59.17 5.74 -12.05
H4B NAP D . -59.64 5.31 -9.67
H3B NAP D . -59.67 2.70 -10.60
HO3A NAP D . -59.70 3.57 -8.18
H2B NAP D . -61.87 2.35 -10.33
H1B NAP D . -62.43 4.88 -9.29
H8A NAP D . -63.15 3.21 -12.53
H61A NAP D . -67.96 4.02 -12.27
H62A NAP D . -68.55 5.34 -11.92
H2A NAP D . -66.22 6.42 -8.34
H51N NAP D . -55.43 7.18 -15.01
H52N NAP D . -56.67 6.93 -14.10
H4D NAP D . -56.73 9.33 -13.72
H3D NAP D . -57.92 8.38 -15.80
HO3N NAP D . -58.35 10.54 -16.26
H2D NAP D . -56.08 8.34 -17.18
HO2N NAP D . -56.08 10.43 -18.27
H1D NAP D . -55.01 10.80 -16.47
H2N NAP D . -53.54 8.10 -15.18
H71N NAP D . -51.71 7.49 -14.00
H72N NAP D . -50.87 6.30 -13.89
H4N NAP D . -50.81 7.70 -18.11
H5N NAP D . -52.01 9.30 -19.33
H6N NAP D . -53.93 10.22 -18.41
C8 MLC E . 49.97 -64.63 16.34
N9 MLC E . 49.44 -64.90 15.13
C4 MLC E . 50.00 -66.03 14.67
C5 MLC E . 50.89 -66.46 15.60
N7 MLC E . 50.87 -65.60 16.63
N3 MLC E . 49.84 -66.73 13.54
C2 MLC E . 50.56 -67.87 13.33
N1 MLC E . 51.44 -68.31 14.26
C6 MLC E . 51.61 -67.63 15.38
N6 MLC E . 52.62 -68.38 16.13
C1' MLC E . 48.50 -64.12 14.53
C2' MLC E . 47.17 -64.13 15.29
O2' MLC E . 46.22 -65.07 14.64
C3' MLC E . 46.72 -62.89 15.18
O3' MLC E . 45.99 -62.73 13.93
C4' MLC E . 48.05 -61.95 15.17
O4' MLC E . 48.97 -62.61 14.53
C5' MLC E . 48.51 -61.70 16.60
O5' MLC E . 47.91 -60.54 17.11
P1 MLC E . 48.58 -59.82 18.44
O11 MLC E . 47.97 -60.41 19.69
O12 MLC E . 48.32 -58.34 18.40
O6 MLC E . 50.24 -60.09 18.44
P2 MLC E . 51.00 -61.15 19.49
O21 MLC E . 50.01 -62.22 19.92
O22 MLC E . 51.48 -60.40 20.71
O7 MLC E . 52.30 -61.86 18.73
CPB MLC E . 52.79 -61.29 17.51
CPA MLC E . 54.35 -61.34 17.50
CP7 MLC E . 54.88 -60.08 16.76
CP9 MLC E . 54.79 -62.65 16.81
CP8 MLC E . 54.85 -61.34 18.97
OP3 MLC E . 54.91 -59.03 17.66
CP6 MLC E . 56.29 -60.24 16.16
OP2 MLC E . 56.57 -59.70 15.15
NP2 MLC E . 57.32 -61.07 16.83
CP5 MLC E . 58.66 -61.20 16.25
CP4 MLC E . 58.66 -61.85 14.86
CP3 MLC E . 59.86 -61.26 14.08
OP1 MLC E . 59.89 -60.10 13.84
NP1 MLC E . 60.96 -62.11 13.64
CP2 MLC E . 62.10 -61.47 12.92
CP1 MLC E . 62.75 -62.42 11.90
S MLC E . 61.53 -63.60 11.25
P3 MLC E . 44.77 -61.56 13.85
O31 MLC E . 43.46 -62.15 14.31
O32 MLC E . 44.63 -61.08 12.42
O33 MLC E . 45.14 -60.38 14.74
CM1 MLC E . 61.52 -63.44 9.42
CM2 MLC E . 62.15 -64.55 8.55
CM3 MLC E . 63.64 -64.22 8.34
OM2 MLC E . 61.02 -62.49 8.91
OM3 MLC E . 64.24 -63.45 9.16
OM4 MLC E . 64.27 -64.71 7.36
H8 MLC E . 49.75 -63.91 16.89
H2 MLC E . 50.49 -68.40 12.57
HN61 MLC E . 53.00 -69.07 15.78
HN62 MLC E . 52.84 -68.13 16.93
H1' MLC E . 48.37 -64.42 13.62
H2' MLC E . 47.30 -64.37 16.22
HO2 MLC E . 45.60 -64.64 14.25
H3' MLC E . 46.16 -62.67 15.93
H4' MLC E . 47.87 -61.12 14.73
H5'1 MLC E . 49.48 -61.58 16.61
H5'2 MLC E . 48.27 -62.45 17.17
HPB1 MLC E . 52.51 -60.37 17.46
HPB2 MLC E . 52.45 -61.78 16.75
HP7 MLC E . 54.26 -59.85 16.05
HP91 MLC E . 54.82 -62.51 15.84
HP92 MLC E . 54.14 -63.35 17.00
HP93 MLC E . 55.66 -62.91 17.13
HP81 MLC E . 55.80 -61.13 19.00
HP82 MLC E . 54.70 -62.22 19.36
HP83 MLC E . 54.36 -60.67 19.48
HP3 MLC E . 55.69 -58.70 17.69
HP2 MLC E . 57.14 -61.46 17.57
HP51 MLC E . 59.21 -61.74 16.85
HP52 MLC E . 59.07 -60.33 16.19
HP41 MLC E . 57.82 -61.63 14.39
HP42 MLC E . 58.75 -62.81 14.94
HP1 MLC E . 60.96 -62.94 13.80
HP21 MLC E . 62.77 -61.21 13.56
HP22 MLC E . 61.78 -60.69 12.44
HP11 MLC E . 63.48 -62.90 12.31
HP12 MLC E . 63.10 -61.89 11.16
HM21 MLC E . 61.71 -64.59 7.69
HM22 MLC E . 62.07 -65.40 9.00
PA NAP F . 24.26 21.41 53.55
O1A NAP F . 23.30 22.56 53.48
O2A NAP F . 24.26 20.46 54.71
O5B NAP F . 25.76 22.04 53.37
C5B NAP F . 26.37 22.72 54.44
C4B NAP F . 26.22 24.21 54.17
O4B NAP F . 26.28 24.93 55.41
C3B NAP F . 27.31 24.78 53.26
O3B NAP F . 26.92 24.89 51.92
C2B NAP F . 27.61 26.15 53.87
O2B NAP F . 26.96 27.08 53.09
C1B NAP F . 26.99 26.13 55.26
N9A NAP F . 27.95 26.34 56.34
C8A NAP F . 29.20 25.82 56.54
N7A NAP F . 29.77 26.25 57.63
C5A NAP F . 28.85 27.10 58.18
C6A NAP F . 28.86 27.88 59.34
N6A NAP F . 29.89 27.91 60.20
N1A NAP F . 27.77 28.62 59.61
C2A NAP F . 26.75 28.59 58.76
N3A NAP F . 26.63 27.90 57.64
C4A NAP F . 27.72 27.17 57.40
O3 NAP F . 24.16 20.43 52.24
PN NAP F . 25.09 19.11 51.95
O1N NAP F . 26.54 19.47 52.03
O2N NAP F . 24.50 18.43 50.76
O5D NAP F . 24.78 18.23 53.31
C5D NAP F . 25.76 18.01 54.29
C4D NAP F . 25.19 17.54 55.62
O4D NAP F . 24.53 16.29 55.38
C3D NAP F . 26.19 17.24 56.74
O3D NAP F . 25.50 17.37 57.95
C2D NAP F . 26.54 15.77 56.48
O2D NAP F . 26.84 15.01 57.61
C1D NAP F . 25.28 15.22 55.82
N1N NAP F . 25.67 14.36 54.66
C2N NAP F . 25.64 14.81 53.40
C3N NAP F . 26.01 14.00 52.34
C7N NAP F . 25.98 14.49 50.92
O7N NAP F . 26.79 14.04 50.13
N7N NAP F . 25.06 15.40 50.64
C4N NAP F . 26.40 12.70 52.62
C5N NAP F . 26.43 12.25 53.92
C6N NAP F . 26.05 13.10 54.93
P2B NAP F . 27.93 28.41 52.51
O1X NAP F . 28.65 28.89 53.76
O2X NAP F . 28.78 27.69 51.49
O3X NAP F . 26.91 29.40 51.95
H51A NAP F . 27.31 22.47 54.49
H52A NAP F . 25.96 22.49 55.30
H4B NAP F . 25.35 24.38 53.78
H3B NAP F . 28.09 24.20 53.28
HO3A NAP F . 26.45 25.59 51.90
H2B NAP F . 28.57 26.33 53.91
H1B NAP F . 26.36 26.87 55.36
H8A NAP F . 29.59 25.22 55.94
H61A NAP F . 30.69 27.97 59.91
H62A NAP F . 29.77 27.89 61.05
H2A NAP F . 26.03 29.12 58.99
H51N NAP F . 26.41 17.37 53.99
H52N NAP F . 26.21 18.87 54.41
H4D NAP F . 24.51 18.16 55.93
H3D NAP F . 26.97 17.82 56.68
HO3N NAP F . 26.02 17.10 58.57
H2D NAP F . 27.27 15.72 55.84
HO2N NAP F . 26.61 14.21 57.48
H1D NAP F . 24.78 14.64 56.42
H2N NAP F . 25.37 15.69 53.28
H71N NAP F . 24.49 15.71 51.22
H72N NAP F . 25.00 15.72 49.83
H4N NAP F . 26.66 12.13 51.92
H5N NAP F . 26.69 11.39 54.14
H6N NAP F . 26.06 12.85 55.83
#